data_7R1A
#
_entry.id   7R1A
#
_cell.length_a   1.00
_cell.length_b   1.00
_cell.length_c   1.00
_cell.angle_alpha   90.00
_cell.angle_beta   90.00
_cell.angle_gamma   90.00
#
_symmetry.space_group_name_H-M   'P 1'
#
loop_
_entity.id
_entity.type
_entity.pdbx_description
1 polymer 'Spike glycoprotein'
2 polymer 'Angiotensin-converting enzyme 2'
3 branched 2-acetamido-2-deoxy-beta-D-glucopyranose-(1-4)-2-acetamido-2-deoxy-beta-D-glucopyranose
4 non-polymer 2-acetamido-2-deoxy-beta-D-glucopyranose
5 non-polymer 'ZINC ION'
#
loop_
_entity_poly.entity_id
_entity_poly.type
_entity_poly.pdbx_seq_one_letter_code
_entity_poly.pdbx_strand_id
1 'polypeptide(L)'
;MGILPSPGMPALLSLVSLLSVLLMGCVAETGMFVFLVLLPLVSSQCVNLTTRTQLPPAYTNSFTRGVYYPDKVFRSSVLH
STQDLFLPFFSNVTWFHAISGTNGTKRFDNPVLPFNDGVYFASTEKSNIIRGWIFGTTLDSKTQSLLIVNNATNVVIKVC
EFQFCNDPFLGVYHKNNKSWMESEFRVYSSANNCTFEYVSQPFLMDLEGKQGNFKNLREFVFKNIDGYFKIYSKHTPINL
VRDLPQGFSALEPLVDLPIGINITRFQTLLALHRSYLTPGDSSSGWTAGAAAYYVGYLQPRTFLLKYNENGTITDAVDCA
LDPLSETKCTLKSFTVEKGIYQTSNFRVQPTESIVRFPNITNLCPFGEVFNATRFASVYAWNRKRISNCVADYSVLYNSA
SFSTFKCYGVSPTKLNDLCFTNVYADSFVIRGDEVRQIAPGQTGKIADYNYKLPDDFTGCVIAWNSNNLDSKVGGNYNYL
YRLFRKSNLKPFERDISTEIYQAGSTPCNGVEGFNCYFPLQSYGFQPTYGVGYQPYRVVVLSFELLHAPATVCGPKKSTN
LVKNKCVNFNFNGLTGTGVLTESNKKFLPFQQFGRDIDDTTDAVRDPQTLEILDITPCSFGGVSVITPGTNTSNQVAVLY
QGVNCTEVPVAIHADQLTPTWRVYSTGSNVFQTRAGCLIGAEHVNNSYECDIPIGAGICASYQTQTNSHRRARSVASQSI
IAYTMSLGAENSVAYSNNSIAIPINFTISVTTEILPVSMTKTSVDCTMYICGDSTECSNLLLQYGSFCTQLNRALTGIAV
EQDKNTQEVFAQVKQIYKTPPIKDFGGFNFSQILPDPSKPSKRSFIEDLLFNKVTLADAGFIKQYGDCLGDIAARDLICA
QKFNGLTVLPPLLTDEMIAQYTSALLAGTITSGWTFGAGAALQIPFAMQMAYRFNGIGVTQNVLYENQKLIANQFNSAIG
KIQDSLSSTASALGKLQDVVNQNAQALNTLVKQLSSNFGAISSVLNDILARLDPPEAEVQIDRLITGRLQSLQTYVTQQL
IRAAEIRASANLAATKMSECVLGQSKRVDFCGKGYHLMSFPQSAPHGVVFLHVTYVPAQEKNFTTAPAICHDGKAHFPRE
GVFVSNGTHWFVTQRNFYEPQIITTHNTFVSGNCDVVIGIVNNTVYDPLQPELDSFKEELDKYFKNHTSPDVDLGDISGI
NASVVNIQKEIDRLNEVAKNLNESLIDLQELGKYEQSGRENLYFQGGGGSGYIPEAPRDGQAYVRKDGEWVLLSTFLGHH
HHHH
;
A,B,C
2 'polypeptide(L)'
;METDTLLLWVLLLWVPGSTGSTIEEQAKTFLDKFNHEAEDLFYQSSLASWNYNTNITEENVQNMNNAGDKWSAFLKEQST
LAQMYPLQEIQNLTVKLQLQALQQNGSSVLSEDKSKRLNTILNTMSTIYSTGKVCNPDNPQECLLLEPGLNEIMANSLDY
NERLWAWESWRSEVGKQLRPLYEEYVVLKNEMARANHYEDYGDYWRGDYEVNGVDGYDYSRGQLIEDVEHTFEEIKPLYE
HLHAYVRAKLMNAYPSYISPIGCLPAHLLGDMWGRFWTNLYSLTVPFGQKPNIDVTDAMVDQAWDAQRIFKEAEKFFVSV
GLPNMTQGFWENSMLTDPGNVQKAVCHPTAWDLGKGDFRILMCTKVTMDDFLTAHHEMGHIQYDMAYAAQPFLLRNGANE
GFHEAVGEIMSLSAATPKHLKSIGLLSPDFQEDNETEINFLLKQALTIVGTLPFTYMLEKWRWMVFKGEIPKDQWMKKWW
EMKREIVGVVEPVPHDETYCDPASLFHVSNDYSFIRYYTRTLYQFQFQEALCQAAKHEGPLHKCDISNSTEAGQKLFNML
RLGKSEPWTLALENVVGAKNMNVRPLLNYFEPLFTWLKDQNKNSFVGWSTDWSPYADDYKDDDDKWSHPQFEKGGGSGGG
SGGSSAWSHPQFEK
;
D,E,F
#
# COMPACT_ATOMS: atom_id res chain seq x y z
N ALA A 58 26.14 -20.69 -53.24
CA ALA A 58 25.79 -22.09 -53.20
C ALA A 58 25.33 -22.51 -51.81
N TYR A 59 24.28 -23.32 -51.75
CA TYR A 59 23.72 -23.78 -50.47
C TYR A 59 24.46 -25.03 -50.01
N THR A 60 25.72 -24.84 -49.63
CA THR A 60 26.48 -25.93 -49.07
C THR A 60 25.97 -26.28 -47.68
N ASN A 61 26.32 -27.49 -47.23
CA ASN A 61 25.77 -28.05 -46.01
C ASN A 61 26.81 -28.01 -44.90
N SER A 62 26.41 -27.48 -43.74
CA SER A 62 27.31 -27.42 -42.59
C SER A 62 27.68 -28.82 -42.14
N PHE A 63 28.97 -29.00 -41.82
CA PHE A 63 29.51 -30.31 -41.47
C PHE A 63 30.24 -30.22 -40.14
N THR A 64 29.48 -30.38 -39.05
CA THR A 64 30.03 -30.50 -37.71
C THR A 64 31.00 -29.38 -37.37
N ARG A 65 30.51 -28.15 -37.48
CA ARG A 65 31.27 -26.97 -37.09
C ARG A 65 30.37 -25.98 -36.39
N GLY A 66 30.99 -25.06 -35.66
CA GLY A 66 30.24 -24.06 -34.93
C GLY A 66 29.98 -24.44 -33.49
N VAL A 67 31.03 -24.87 -32.79
CA VAL A 67 30.95 -25.20 -31.37
C VAL A 67 32.03 -24.41 -30.65
N TYR A 68 31.66 -23.76 -29.56
CA TYR A 68 32.57 -22.87 -28.84
C TYR A 68 32.38 -23.06 -27.35
N TYR A 69 33.48 -22.92 -26.60
CA TYR A 69 33.44 -22.98 -25.15
C TYR A 69 32.51 -21.88 -24.63
N PRO A 70 31.33 -22.23 -24.11
CA PRO A 70 30.38 -21.20 -23.72
C PRO A 70 30.63 -20.58 -22.36
N ASP A 71 31.46 -21.22 -21.52
CA ASP A 71 31.64 -20.78 -20.15
C ASP A 71 33.08 -20.93 -19.74
N LYS A 72 33.48 -20.15 -18.73
CA LYS A 72 34.84 -20.21 -18.18
C LYS A 72 34.86 -21.26 -17.08
N VAL A 73 34.95 -22.52 -17.48
CA VAL A 73 35.00 -23.65 -16.56
C VAL A 73 36.14 -24.57 -16.98
N PHE A 74 36.39 -25.57 -16.15
CA PHE A 74 37.35 -26.63 -16.46
C PHE A 74 36.74 -27.99 -16.21
N ARG A 75 35.54 -28.21 -16.72
CA ARG A 75 34.92 -29.52 -16.64
C ARG A 75 35.85 -30.55 -17.28
N SER A 76 36.18 -31.61 -16.55
CA SER A 76 37.23 -32.53 -16.96
C SER A 76 36.68 -33.95 -17.06
N SER A 77 36.88 -34.56 -18.22
CA SER A 77 36.60 -35.98 -18.46
C SER A 77 35.12 -36.34 -18.28
N VAL A 78 34.24 -35.35 -18.28
CA VAL A 78 32.81 -35.58 -18.09
C VAL A 78 32.05 -35.02 -19.27
N LEU A 79 30.83 -35.50 -19.44
CA LEU A 79 29.92 -34.97 -20.43
C LEU A 79 29.04 -33.90 -19.77
N HIS A 80 28.43 -33.07 -20.61
CA HIS A 80 27.72 -31.91 -20.10
C HIS A 80 26.79 -31.38 -21.18
N SER A 81 25.60 -30.94 -20.77
CA SER A 81 24.60 -30.41 -21.67
C SER A 81 24.34 -28.95 -21.35
N THR A 82 24.04 -28.16 -22.37
CA THR A 82 23.90 -26.72 -22.22
C THR A 82 22.74 -26.22 -23.06
N GLN A 83 22.27 -25.02 -22.70
CA GLN A 83 21.24 -24.30 -23.45
C GLN A 83 21.84 -22.98 -23.92
N ASP A 84 22.25 -22.93 -25.19
CA ASP A 84 22.87 -21.73 -25.72
C ASP A 84 22.72 -21.71 -27.23
N LEU A 85 23.07 -20.58 -27.82
CA LEU A 85 23.05 -20.44 -29.26
C LEU A 85 24.13 -21.30 -29.89
N PHE A 86 23.77 -22.06 -30.92
CA PHE A 86 24.74 -22.91 -31.60
C PHE A 86 24.40 -22.94 -33.08
N LEU A 87 25.33 -23.51 -33.86
CA LEU A 87 25.10 -23.71 -35.27
C LEU A 87 24.49 -25.09 -35.46
N PRO A 88 23.23 -25.20 -35.89
CA PRO A 88 22.63 -26.53 -36.06
C PRO A 88 23.42 -27.37 -37.06
N PHE A 89 23.60 -28.64 -36.72
CA PHE A 89 24.31 -29.54 -37.61
C PHE A 89 23.55 -29.73 -38.90
N PHE A 90 24.30 -29.85 -40.00
CA PHE A 90 23.73 -30.12 -41.33
C PHE A 90 22.69 -29.06 -41.70
N SER A 91 23.15 -27.82 -41.83
CA SER A 91 22.32 -26.72 -42.23
C SER A 91 22.81 -26.17 -43.57
N ASN A 92 21.87 -25.69 -44.37
CA ASN A 92 22.19 -25.11 -45.67
C ASN A 92 22.74 -23.70 -45.46
N VAL A 93 24.04 -23.54 -45.65
CA VAL A 93 24.68 -22.24 -45.56
C VAL A 93 25.05 -21.78 -46.97
N THR A 94 25.05 -20.48 -47.17
CA THR A 94 25.21 -19.90 -48.49
C THR A 94 26.67 -19.63 -48.79
N TRP A 95 27.10 -20.01 -49.99
CA TRP A 95 28.46 -19.74 -50.47
C TRP A 95 28.48 -18.39 -51.17
N PHE A 96 29.45 -17.57 -50.83
CA PHE A 96 29.68 -16.30 -51.51
C PHE A 96 31.14 -16.21 -51.93
N HIS A 97 31.35 -15.78 -53.17
CA HIS A 97 32.70 -15.70 -53.73
C HIS A 97 33.13 -14.25 -53.93
N PHE A 108 32.26 -11.49 -56.51
CA PHE A 108 33.23 -10.59 -55.89
C PHE A 108 32.53 -9.47 -55.12
N ASP A 109 31.39 -9.03 -55.63
CA ASP A 109 30.61 -8.02 -54.92
C ASP A 109 29.92 -8.64 -53.71
N ASN A 110 29.82 -7.86 -52.63
CA ASN A 110 29.15 -8.29 -51.41
C ASN A 110 28.05 -7.29 -51.07
N PRO A 111 26.78 -7.70 -51.06
CA PRO A 111 25.73 -6.80 -50.61
C PRO A 111 25.58 -6.81 -49.10
N VAL A 112 24.57 -6.11 -48.59
CA VAL A 112 24.30 -6.10 -47.16
C VAL A 112 23.62 -7.40 -46.77
N LEU A 113 24.15 -8.07 -45.73
CA LEU A 113 23.54 -9.30 -45.25
C LEU A 113 22.88 -9.06 -43.90
N PRO A 114 21.67 -9.60 -43.69
CA PRO A 114 20.95 -9.31 -42.46
C PRO A 114 21.54 -10.01 -41.25
N PHE A 115 22.19 -9.23 -40.39
CA PHE A 115 22.75 -9.78 -39.16
C PHE A 115 21.63 -10.23 -38.22
N ASN A 116 21.87 -11.33 -37.53
CA ASN A 116 20.95 -11.84 -36.53
C ASN A 116 21.74 -12.25 -35.29
N ASP A 117 21.02 -12.64 -34.24
CA ASP A 117 21.64 -13.12 -33.03
C ASP A 117 22.50 -14.34 -33.33
N GLY A 118 23.81 -14.18 -33.23
CA GLY A 118 24.73 -15.25 -33.58
C GLY A 118 24.96 -15.34 -35.07
N VAL A 119 26.20 -15.61 -35.46
CA VAL A 119 26.57 -15.70 -36.88
C VAL A 119 27.89 -16.44 -36.99
N TYR A 120 27.99 -17.29 -38.00
CA TYR A 120 29.21 -18.02 -38.32
C TYR A 120 29.94 -17.33 -39.45
N PHE A 121 31.25 -17.58 -39.53
CA PHE A 121 32.06 -17.03 -40.60
C PHE A 121 33.36 -17.80 -40.73
N ALA A 122 33.70 -18.19 -41.96
CA ALA A 122 34.95 -18.86 -42.24
C ALA A 122 35.37 -18.54 -43.66
N SER A 123 36.68 -18.49 -43.88
CA SER A 123 37.21 -18.13 -45.20
C SER A 123 38.63 -18.64 -45.33
N THR A 124 39.11 -18.68 -46.57
CA THR A 124 40.46 -19.11 -46.87
C THR A 124 40.92 -18.58 -48.22
N SER A 127 46.23 -15.31 -49.20
CA SER A 127 45.12 -14.45 -49.60
C SER A 127 45.14 -13.13 -48.83
N ASN A 128 44.71 -13.18 -47.57
CA ASN A 128 44.69 -12.02 -46.68
C ASN A 128 43.83 -10.89 -47.24
N ILE A 129 42.85 -11.23 -48.08
CA ILE A 129 41.98 -10.22 -48.66
C ILE A 129 41.07 -9.63 -47.58
N ILE A 130 40.62 -10.46 -46.64
CA ILE A 130 39.74 -9.99 -45.58
C ILE A 130 40.46 -8.93 -44.74
N ARG A 131 39.77 -7.84 -44.45
CA ARG A 131 40.32 -6.75 -43.68
C ARG A 131 39.54 -6.43 -42.41
N GLY A 132 38.23 -6.59 -42.42
CA GLY A 132 37.45 -6.29 -41.23
C GLY A 132 35.97 -6.51 -41.48
N TRP A 133 35.17 -5.98 -40.56
CA TRP A 133 33.72 -6.10 -40.62
C TRP A 133 33.10 -4.78 -40.22
N ILE A 134 31.83 -4.60 -40.60
CA ILE A 134 31.08 -3.43 -40.21
C ILE A 134 29.75 -3.90 -39.62
N PHE A 135 29.18 -3.10 -38.74
CA PHE A 135 27.93 -3.45 -38.07
C PHE A 135 27.12 -2.19 -37.83
N GLY A 136 25.81 -2.31 -37.96
CA GLY A 136 24.93 -1.19 -37.72
C GLY A 136 23.57 -1.43 -38.34
N THR A 137 22.72 -0.41 -38.19
CA THR A 137 21.37 -0.42 -38.74
C THR A 137 21.16 0.61 -39.83
N THR A 138 21.45 1.88 -39.54
CA THR A 138 21.31 2.94 -40.53
C THR A 138 22.58 3.19 -41.32
N LEU A 139 23.75 3.05 -40.68
CA LEU A 139 25.04 3.17 -41.35
C LEU A 139 25.23 4.55 -41.98
N ASP A 140 24.61 5.58 -41.41
CA ASP A 140 24.66 6.92 -41.96
C ASP A 140 24.96 7.95 -40.88
N SER A 141 25.79 7.58 -39.90
CA SER A 141 26.21 8.47 -38.82
C SER A 141 25.01 9.07 -38.09
N LYS A 142 23.99 8.25 -37.86
CA LYS A 142 22.82 8.65 -37.08
C LYS A 142 22.71 7.87 -35.78
N THR A 143 22.73 6.54 -35.85
CA THR A 143 22.80 5.68 -34.68
C THR A 143 24.20 5.08 -34.60
N GLN A 144 24.70 4.95 -33.37
CA GLN A 144 26.09 4.52 -33.18
C GLN A 144 26.32 3.16 -33.80
N SER A 145 27.43 3.03 -34.54
CA SER A 145 27.77 1.80 -35.24
C SER A 145 29.23 1.48 -35.00
N LEU A 146 29.54 0.19 -34.90
CA LEU A 146 30.90 -0.25 -34.61
C LEU A 146 31.65 -0.57 -35.89
N LEU A 147 32.94 -0.27 -35.90
CA LEU A 147 33.82 -0.58 -37.02
C LEU A 147 34.96 -1.45 -36.51
N ILE A 148 35.19 -2.57 -37.19
CA ILE A 148 36.36 -3.42 -36.95
C ILE A 148 37.05 -3.64 -38.29
N VAL A 149 38.36 -3.48 -38.31
CA VAL A 149 39.13 -3.60 -39.55
C VAL A 149 40.60 -3.78 -39.18
N ASN A 150 41.31 -4.55 -40.00
CA ASN A 150 42.74 -4.75 -39.82
C ASN A 150 43.48 -3.61 -40.52
N ASN A 151 44.06 -2.71 -39.73
CA ASN A 151 44.95 -1.69 -40.27
C ASN A 151 46.08 -2.34 -41.05
N ALA A 152 46.63 -1.57 -42.00
CA ALA A 152 47.77 -2.08 -42.76
C ALA A 152 48.96 -2.41 -41.86
N THR A 153 49.02 -1.79 -40.69
CA THR A 153 50.08 -2.06 -39.72
C THR A 153 49.57 -2.49 -38.36
N ASN A 154 48.25 -2.56 -38.16
CA ASN A 154 47.67 -2.80 -36.86
C ASN A 154 46.26 -3.37 -37.05
N VAL A 155 45.45 -3.35 -35.99
CA VAL A 155 44.04 -3.67 -36.08
C VAL A 155 43.26 -2.52 -35.44
N VAL A 156 42.24 -2.04 -36.13
CA VAL A 156 41.49 -0.86 -35.71
C VAL A 156 40.20 -1.30 -35.05
N ILE A 157 39.96 -0.81 -33.83
CA ILE A 157 38.75 -1.13 -33.07
C ILE A 157 38.15 0.21 -32.64
N LYS A 158 37.24 0.75 -33.45
CA LYS A 158 36.67 2.06 -33.21
C LYS A 158 35.15 1.96 -33.18
N VAL A 159 34.54 2.79 -32.35
CA VAL A 159 33.09 2.92 -32.28
C VAL A 159 32.77 4.38 -32.63
N CYS A 160 32.56 4.64 -33.92
CA CYS A 160 32.24 5.99 -34.39
C CYS A 160 31.29 5.85 -35.57
N GLU A 161 30.06 6.30 -35.40
CA GLU A 161 29.11 6.29 -36.50
C GLU A 161 29.63 7.12 -37.66
N PHE A 162 29.50 6.59 -38.87
CA PHE A 162 30.04 7.21 -40.06
C PHE A 162 28.98 7.29 -41.14
N GLN A 163 29.29 8.08 -42.18
CA GLN A 163 28.53 8.11 -43.41
C GLN A 163 29.24 7.17 -44.38
N PHE A 164 28.76 5.93 -44.45
CA PHE A 164 29.45 4.89 -45.18
C PHE A 164 29.21 5.00 -46.68
N CYS A 165 30.14 4.45 -47.45
CA CYS A 165 30.04 4.40 -48.89
C CYS A 165 29.29 3.13 -49.32
N ASN A 166 28.89 3.10 -50.59
CA ASN A 166 28.20 1.93 -51.11
C ASN A 166 29.12 0.71 -51.13
N ASP A 167 30.37 0.88 -51.55
CA ASP A 167 31.34 -0.20 -51.62
C ASP A 167 32.66 0.27 -51.03
N PRO A 168 32.73 0.43 -49.70
CA PRO A 168 33.99 0.82 -49.08
C PRO A 168 35.07 -0.24 -49.28
N PHE A 169 36.30 0.21 -49.45
CA PHE A 169 37.46 -0.65 -49.63
C PHE A 169 38.71 0.21 -49.58
N LEU A 170 39.87 -0.43 -49.70
CA LEU A 170 41.13 0.29 -49.77
C LEU A 170 41.90 -0.08 -51.03
N PHE A 185 41.67 6.22 -48.83
CA PHE A 185 40.74 5.89 -47.74
C PHE A 185 39.30 5.95 -48.20
N ARG A 186 38.92 5.00 -49.07
CA ARG A 186 37.55 4.90 -49.55
C ARG A 186 36.74 4.01 -48.61
N VAL A 187 36.48 4.56 -47.43
CA VAL A 187 35.78 3.81 -46.39
C VAL A 187 34.45 4.47 -46.07
N TYR A 188 34.49 5.70 -45.58
CA TYR A 188 33.28 6.41 -45.20
C TYR A 188 33.42 7.88 -45.54
N SER A 189 32.28 8.55 -45.69
CA SER A 189 32.28 9.95 -46.11
C SER A 189 32.78 10.86 -44.99
N SER A 190 32.29 10.68 -43.77
CA SER A 190 32.59 11.61 -42.70
C SER A 190 32.55 10.89 -41.36
N ALA A 191 33.19 11.51 -40.37
CA ALA A 191 33.25 10.99 -39.01
C ALA A 191 32.35 11.81 -38.11
N ASN A 192 31.36 11.16 -37.51
CA ASN A 192 30.43 11.82 -36.60
C ASN A 192 30.98 11.74 -35.18
N ASN A 193 30.12 12.03 -34.19
CA ASN A 193 30.50 11.91 -32.78
C ASN A 193 31.03 10.52 -32.47
N CYS A 194 31.82 10.39 -31.40
CA CYS A 194 32.47 9.14 -31.06
C CYS A 194 32.24 8.78 -29.60
N THR A 195 32.22 7.47 -29.33
CA THR A 195 32.00 6.94 -27.99
C THR A 195 33.19 6.17 -27.45
N PHE A 196 33.71 5.21 -28.20
CA PHE A 196 34.81 4.38 -27.73
C PHE A 196 35.75 4.05 -28.88
N GLU A 197 37.04 3.96 -28.55
CA GLU A 197 38.07 3.56 -29.51
C GLU A 197 39.04 2.62 -28.83
N TYR A 198 39.67 1.77 -29.64
CA TYR A 198 40.71 0.88 -29.15
C TYR A 198 41.66 0.58 -30.28
N VAL A 199 42.95 0.73 -30.03
CA VAL A 199 44.00 0.43 -31.00
C VAL A 199 44.74 -0.81 -30.52
N SER A 200 44.75 -1.85 -31.35
CA SER A 200 45.43 -3.08 -31.01
C SER A 200 46.94 -2.91 -31.17
N GLN A 201 47.67 -4.00 -30.94
CA GLN A 201 49.10 -3.99 -31.16
C GLN A 201 49.41 -3.93 -32.66
N PRO A 202 50.58 -3.39 -33.03
CA PRO A 202 50.91 -3.30 -34.46
C PRO A 202 50.99 -4.67 -35.13
N PHE A 203 50.08 -4.93 -36.07
CA PHE A 203 50.02 -6.19 -36.79
C PHE A 203 50.41 -5.93 -38.23
N LEU A 204 51.62 -6.32 -38.60
CA LEU A 204 52.12 -6.11 -39.95
C LEU A 204 51.75 -7.28 -40.86
N ASN A 216 45.02 -19.77 -44.76
CA ASN A 216 44.18 -20.95 -44.60
C ASN A 216 42.82 -20.59 -44.00
N LEU A 217 42.28 -21.48 -43.17
CA LEU A 217 40.92 -21.32 -42.64
C LEU A 217 40.98 -20.55 -41.33
N ARG A 218 40.40 -19.35 -41.33
CA ARG A 218 40.17 -18.58 -40.12
C ARG A 218 38.67 -18.54 -39.86
N GLU A 219 38.27 -18.92 -38.66
CA GLU A 219 36.87 -19.09 -38.32
C GLU A 219 36.45 -18.04 -37.31
N PHE A 220 35.27 -17.46 -37.52
CA PHE A 220 34.78 -16.39 -36.67
C PHE A 220 33.32 -16.62 -36.32
N VAL A 221 32.99 -16.46 -35.05
CA VAL A 221 31.62 -16.55 -34.56
C VAL A 221 31.38 -15.37 -33.63
N PHE A 222 30.29 -14.64 -33.87
CA PHE A 222 29.99 -13.42 -33.13
C PHE A 222 28.66 -13.55 -32.42
N LYS A 223 28.65 -13.28 -31.12
CA LYS A 223 27.43 -13.17 -30.34
C LYS A 223 27.33 -11.78 -29.75
N ASN A 224 26.12 -11.24 -29.71
CA ASN A 224 25.86 -9.92 -29.13
C ASN A 224 24.72 -10.06 -28.14
N ILE A 225 25.03 -9.89 -26.84
CA ILE A 225 24.04 -10.06 -25.79
C ILE A 225 24.32 -9.05 -24.69
N ASP A 226 23.29 -8.33 -24.27
CA ASP A 226 23.35 -7.41 -23.14
C ASP A 226 24.50 -6.42 -23.28
N GLY A 227 24.61 -5.84 -24.48
CA GLY A 227 25.65 -4.86 -24.72
C GLY A 227 27.05 -5.42 -24.71
N TYR A 228 27.21 -6.73 -24.85
CA TYR A 228 28.51 -7.37 -24.90
C TYR A 228 28.67 -8.05 -26.25
N PHE A 229 29.77 -7.74 -26.93
CA PHE A 229 30.11 -8.35 -28.20
C PHE A 229 31.19 -9.40 -27.95
N LYS A 230 30.91 -10.64 -28.34
CA LYS A 230 31.84 -11.75 -28.10
C LYS A 230 32.35 -12.25 -29.43
N ILE A 231 33.66 -12.47 -29.50
CA ILE A 231 34.34 -12.82 -30.75
C ILE A 231 35.14 -14.09 -30.51
N TYR A 232 34.95 -15.08 -31.38
CA TYR A 232 35.63 -16.37 -31.28
C TYR A 232 36.40 -16.65 -32.56
N SER A 233 37.65 -17.07 -32.41
CA SER A 233 38.49 -17.38 -33.55
C SER A 233 39.27 -18.65 -33.27
N LYS A 234 39.65 -19.34 -34.34
CA LYS A 234 40.44 -20.56 -34.23
C LYS A 234 41.28 -20.69 -35.48
N HIS A 235 42.59 -20.49 -35.35
CA HIS A 235 43.49 -20.68 -36.47
C HIS A 235 43.60 -22.16 -36.81
N THR A 236 43.67 -22.45 -38.11
CA THR A 236 43.67 -23.85 -38.51
C THR A 236 44.47 -24.05 -39.80
N PRO A 237 45.52 -24.88 -39.78
CA PRO A 237 46.20 -25.25 -41.03
C PRO A 237 45.38 -26.27 -41.79
N ILE A 238 45.19 -26.02 -43.09
CA ILE A 238 44.29 -26.82 -43.91
C ILE A 238 45.03 -27.28 -45.16
N ASN A 239 44.47 -28.31 -45.79
CA ASN A 239 44.97 -28.85 -47.04
C ASN A 239 43.93 -28.91 -48.15
N LEU A 240 42.64 -28.95 -47.80
CA LEU A 240 41.59 -29.02 -48.81
C LEU A 240 41.46 -27.70 -49.55
N VAL A 241 40.98 -27.78 -50.79
CA VAL A 241 40.76 -26.61 -51.62
C VAL A 241 39.27 -26.47 -51.88
N ARG A 242 38.46 -26.89 -50.92
CA ARG A 242 37.00 -26.90 -51.05
C ARG A 242 36.35 -26.20 -49.87
N ASP A 243 35.04 -26.38 -49.72
CA ASP A 243 34.32 -25.78 -48.62
C ASP A 243 34.64 -26.53 -47.33
N LEU A 244 33.89 -26.24 -46.27
CA LEU A 244 34.10 -26.74 -44.91
C LEU A 244 34.39 -28.24 -44.91
N PRO A 245 35.61 -28.64 -44.55
CA PRO A 245 35.93 -30.08 -44.50
C PRO A 245 35.29 -30.77 -43.31
N GLN A 246 35.45 -32.09 -43.23
CA GLN A 246 34.82 -32.89 -42.19
C GLN A 246 35.62 -32.89 -40.88
N GLY A 247 36.78 -32.24 -40.84
CA GLY A 247 37.52 -32.16 -39.60
C GLY A 247 36.76 -31.39 -38.53
N PHE A 248 36.98 -31.77 -37.29
CA PHE A 248 36.27 -31.19 -36.15
C PHE A 248 37.25 -30.41 -35.28
N SER A 249 36.85 -29.21 -34.88
CA SER A 249 37.72 -28.34 -34.12
C SER A 249 36.89 -27.48 -33.18
N ALA A 250 37.55 -26.94 -32.16
CA ALA A 250 36.90 -26.10 -31.18
C ALA A 250 37.06 -24.63 -31.52
N LEU A 251 36.29 -23.79 -30.83
CA LEU A 251 36.36 -22.33 -30.99
C LEU A 251 36.64 -21.69 -29.65
N GLU A 252 37.62 -20.80 -29.61
CA GLU A 252 38.05 -20.16 -28.38
C GLU A 252 37.62 -18.70 -28.35
N PRO A 253 37.36 -18.15 -27.16
CA PRO A 253 36.98 -16.74 -27.07
C PRO A 253 38.19 -15.82 -27.12
N LEU A 254 37.98 -14.62 -27.65
CA LEU A 254 39.06 -13.64 -27.76
C LEU A 254 38.81 -12.40 -26.91
N VAL A 255 37.72 -11.67 -27.14
CA VAL A 255 37.52 -10.35 -26.54
C VAL A 255 36.04 -10.15 -26.28
N ASP A 256 35.73 -9.50 -25.16
CA ASP A 256 34.39 -8.99 -24.89
C ASP A 256 34.39 -7.49 -25.11
N LEU A 257 33.37 -7.01 -25.83
CA LEU A 257 33.26 -5.58 -26.12
C LEU A 257 32.08 -5.00 -25.36
N PRO A 258 32.30 -4.19 -24.34
CA PRO A 258 31.22 -3.55 -23.58
C PRO A 258 30.69 -2.29 -24.25
N ILE A 259 30.39 -2.37 -25.54
CA ILE A 259 29.94 -1.20 -26.29
C ILE A 259 28.54 -0.80 -25.88
N GLY A 260 27.67 -1.76 -25.60
CA GLY A 260 26.29 -1.45 -25.24
C GLY A 260 25.49 -0.83 -26.37
N ILE A 261 25.61 -1.37 -27.58
CA ILE A 261 24.92 -0.81 -28.74
C ILE A 261 23.98 -1.86 -29.33
N ASN A 262 23.22 -1.47 -30.35
CA ASN A 262 22.28 -2.35 -31.02
C ASN A 262 22.71 -2.53 -32.47
N ILE A 263 22.72 -3.78 -32.93
CA ILE A 263 23.19 -4.12 -34.26
C ILE A 263 22.15 -4.98 -34.96
N THR A 264 21.90 -4.71 -36.24
CA THR A 264 20.90 -5.45 -36.99
C THR A 264 21.45 -5.92 -38.33
N ARG A 265 22.43 -5.20 -38.88
CA ARG A 265 22.98 -5.52 -40.18
C ARG A 265 24.49 -5.44 -40.13
N PHE A 266 25.13 -6.04 -41.13
CA PHE A 266 26.59 -6.09 -41.18
C PHE A 266 27.04 -6.27 -42.62
N GLN A 267 28.32 -6.00 -42.85
CA GLN A 267 28.91 -6.19 -44.18
C GLN A 267 30.40 -6.44 -44.05
N THR A 268 30.93 -7.25 -44.95
CA THR A 268 32.34 -7.61 -44.94
C THR A 268 33.18 -6.47 -45.51
N LEU A 269 34.39 -6.33 -44.97
CA LEU A 269 35.33 -5.29 -45.38
C LEU A 269 36.50 -5.92 -46.11
N LEU A 270 36.78 -5.42 -47.31
CA LEU A 270 37.88 -5.92 -48.14
C LEU A 270 38.65 -4.73 -48.71
N ALA A 271 39.59 -5.02 -49.60
CA ALA A 271 40.38 -3.98 -50.25
C ALA A 271 40.83 -4.48 -51.61
N LEU A 272 41.18 -3.53 -52.48
CA LEU A 272 41.61 -3.84 -53.84
C LEU A 272 43.03 -3.32 -54.06
N HIS A 273 43.85 -4.14 -54.71
CA HIS A 273 45.22 -3.77 -55.04
C HIS A 273 45.24 -3.06 -56.38
N ARG A 274 46.01 -1.97 -56.45
CA ARG A 274 46.14 -1.20 -57.68
C ARG A 274 47.58 -1.23 -58.18
N ALA A 291 38.11 -15.09 -54.41
CA ALA A 291 37.41 -14.79 -53.17
C ALA A 291 36.59 -15.99 -52.70
N ALA A 292 36.68 -16.30 -51.40
CA ALA A 292 35.98 -17.46 -50.85
C ALA A 292 35.73 -17.22 -49.37
N TYR A 293 34.46 -17.26 -48.98
CA TYR A 293 34.06 -17.12 -47.58
C TYR A 293 32.63 -17.64 -47.45
N TYR A 294 32.24 -17.93 -46.21
CA TYR A 294 30.93 -18.52 -45.95
C TYR A 294 30.29 -17.81 -44.76
N VAL A 295 28.97 -17.94 -44.69
CA VAL A 295 28.17 -17.35 -43.61
C VAL A 295 27.23 -18.41 -43.06
N GLY A 296 27.12 -18.46 -41.74
CA GLY A 296 26.20 -19.37 -41.08
C GLY A 296 25.46 -18.65 -39.97
N TYR A 297 24.22 -19.08 -39.74
CA TYR A 297 23.33 -18.43 -38.80
C TYR A 297 23.01 -19.36 -37.63
N LEU A 298 23.05 -18.81 -36.43
CA LEU A 298 22.87 -19.59 -35.21
C LEU A 298 21.39 -19.62 -34.80
N GLN A 299 21.11 -20.45 -33.80
CA GLN A 299 19.77 -20.54 -33.21
C GLN A 299 19.89 -21.30 -31.90
N PRO A 300 18.94 -21.12 -30.98
CA PRO A 300 19.00 -21.86 -29.72
C PRO A 300 18.76 -23.35 -29.94
N ARG A 301 19.56 -24.16 -29.25
CA ARG A 301 19.48 -25.61 -29.38
C ARG A 301 19.81 -26.23 -28.03
N THR A 302 19.98 -27.55 -28.04
CA THR A 302 20.35 -28.34 -26.86
C THR A 302 21.56 -29.18 -27.26
N PHE A 303 22.75 -28.64 -27.07
CA PHE A 303 23.97 -29.30 -27.51
C PHE A 303 24.63 -30.00 -26.34
N LEU A 304 24.87 -31.29 -26.50
CA LEU A 304 25.71 -32.02 -25.56
C LEU A 304 27.17 -31.72 -25.89
N LEU A 305 28.00 -31.72 -24.85
CA LEU A 305 29.42 -31.43 -25.00
C LEU A 305 30.23 -32.46 -24.24
N LYS A 306 31.34 -32.88 -24.84
CA LYS A 306 32.27 -33.83 -24.21
C LYS A 306 33.60 -33.13 -23.98
N TYR A 307 34.04 -33.10 -22.74
CA TYR A 307 35.33 -32.52 -22.39
C TYR A 307 36.28 -33.64 -21.97
N ASN A 308 37.48 -33.64 -22.53
CA ASN A 308 38.48 -34.65 -22.19
C ASN A 308 39.16 -34.24 -20.88
N GLU A 309 40.21 -34.98 -20.50
CA GLU A 309 40.94 -34.64 -19.28
C GLU A 309 41.70 -33.33 -19.44
N ASN A 310 42.30 -33.11 -20.63
CA ASN A 310 43.03 -31.87 -20.86
C ASN A 310 42.12 -30.66 -20.76
N GLY A 311 40.88 -30.78 -21.22
CA GLY A 311 39.94 -29.69 -21.24
C GLY A 311 39.46 -29.29 -22.62
N THR A 312 39.87 -29.99 -23.67
CA THR A 312 39.47 -29.66 -25.02
C THR A 312 38.21 -30.43 -25.39
N ILE A 313 37.38 -29.80 -26.22
CA ILE A 313 36.13 -30.39 -26.67
C ILE A 313 36.43 -31.34 -27.83
N THR A 314 36.70 -32.60 -27.51
CA THR A 314 37.09 -33.55 -28.55
C THR A 314 35.92 -33.94 -29.44
N ASP A 315 34.69 -33.92 -28.91
CA ASP A 315 33.53 -34.27 -29.72
C ASP A 315 32.28 -33.74 -29.03
N ALA A 316 31.22 -33.61 -29.82
CA ALA A 316 29.94 -33.12 -29.31
C ALA A 316 28.82 -33.77 -30.11
N VAL A 317 27.62 -33.76 -29.52
CA VAL A 317 26.45 -34.39 -30.12
C VAL A 317 25.29 -33.42 -30.04
N ASP A 318 24.62 -33.22 -31.18
CA ASP A 318 23.42 -32.41 -31.24
C ASP A 318 22.19 -33.24 -30.90
N CYS A 319 21.23 -32.61 -30.25
CA CYS A 319 19.95 -33.24 -29.96
C CYS A 319 18.90 -32.72 -30.93
N ALA A 320 17.75 -33.39 -30.95
CA ALA A 320 16.63 -33.05 -31.81
C ALA A 320 16.97 -33.15 -33.30
N LEU A 321 18.06 -33.83 -33.63
CA LEU A 321 18.44 -34.04 -35.03
C LEU A 321 17.86 -35.34 -35.57
N ASP A 322 18.03 -36.44 -34.84
CA ASP A 322 17.58 -37.75 -35.26
C ASP A 322 17.25 -38.54 -34.00
N PRO A 323 16.31 -39.49 -34.07
CA PRO A 323 15.94 -40.26 -32.87
C PRO A 323 17.14 -40.77 -32.08
N LEU A 324 18.12 -41.34 -32.77
CA LEU A 324 19.32 -41.82 -32.08
C LEU A 324 20.02 -40.68 -31.36
N SER A 325 20.03 -39.48 -31.95
CA SER A 325 20.65 -38.34 -31.29
C SER A 325 19.92 -38.00 -30.00
N GLU A 326 18.59 -38.02 -30.01
CA GLU A 326 17.85 -37.75 -28.78
C GLU A 326 18.10 -38.85 -27.75
N THR A 327 18.22 -40.10 -28.19
CA THR A 327 18.53 -41.18 -27.26
C THR A 327 19.85 -40.92 -26.57
N LYS A 328 20.88 -40.55 -27.33
CA LYS A 328 22.13 -40.14 -26.71
C LYS A 328 21.93 -38.94 -25.79
N CYS A 329 21.01 -38.05 -26.14
CA CYS A 329 20.79 -36.83 -25.37
C CYS A 329 20.25 -37.13 -23.99
N THR A 330 19.31 -38.07 -23.87
CA THR A 330 18.67 -38.30 -22.58
C THR A 330 19.61 -39.01 -21.61
N LEU A 331 20.31 -40.03 -22.07
CA LEU A 331 21.09 -40.88 -21.17
C LEU A 331 22.43 -40.27 -20.77
N LYS A 332 22.80 -39.12 -21.34
CA LYS A 332 24.08 -38.48 -21.08
C LYS A 332 25.23 -39.46 -21.35
N SER A 333 25.24 -39.99 -22.57
CA SER A 333 26.26 -40.93 -22.98
C SER A 333 26.44 -40.86 -24.48
N PHE A 334 27.64 -41.22 -24.93
CA PHE A 334 27.96 -41.28 -26.35
C PHE A 334 27.81 -42.69 -26.91
N THR A 335 27.34 -43.63 -26.10
CA THR A 335 27.14 -45.00 -26.52
C THR A 335 25.89 -45.52 -25.82
N VAL A 336 25.09 -46.31 -26.53
CA VAL A 336 23.84 -46.83 -26.01
C VAL A 336 23.80 -48.34 -26.20
N GLU A 337 23.41 -49.05 -25.15
CA GLU A 337 23.30 -50.49 -25.21
C GLU A 337 22.03 -50.91 -25.94
N LYS A 338 21.97 -52.18 -26.31
CA LYS A 338 20.79 -52.71 -26.96
C LYS A 338 19.57 -52.60 -26.04
N GLY A 339 18.42 -52.33 -26.65
CA GLY A 339 17.19 -52.27 -25.88
C GLY A 339 16.35 -51.05 -26.15
N ILE A 340 15.07 -51.12 -25.77
CA ILE A 340 14.17 -49.99 -25.97
C ILE A 340 14.50 -48.87 -24.99
N TYR A 341 14.11 -47.65 -25.36
CA TYR A 341 14.22 -46.50 -24.48
C TYR A 341 13.00 -45.62 -24.65
N GLN A 342 12.96 -44.53 -23.90
CA GLN A 342 11.81 -43.62 -23.90
C GLN A 342 12.34 -42.20 -23.86
N THR A 343 12.20 -41.48 -24.96
CA THR A 343 12.80 -40.15 -25.08
C THR A 343 11.83 -39.04 -24.69
N SER A 344 10.72 -38.92 -25.41
CA SER A 344 9.82 -37.80 -25.23
C SER A 344 8.38 -38.30 -25.38
N ASN A 345 7.45 -37.36 -25.43
CA ASN A 345 6.03 -37.66 -25.58
C ASN A 345 5.46 -36.92 -26.78
N PHE A 346 4.50 -37.55 -27.43
CA PHE A 346 3.87 -37.00 -28.62
C PHE A 346 2.54 -36.36 -28.28
N ARG A 347 2.29 -35.18 -28.85
CA ARG A 347 1.06 -34.45 -28.63
C ARG A 347 0.60 -33.84 -29.94
N VAL A 348 -0.71 -33.67 -30.08
CA VAL A 348 -1.32 -33.09 -31.27
C VAL A 348 -1.86 -31.71 -30.91
N GLN A 349 -1.50 -30.71 -31.70
CA GLN A 349 -2.05 -29.42 -31.34
C GLN A 349 -3.27 -29.09 -32.19
N PRO A 350 -4.30 -28.49 -31.60
CA PRO A 350 -5.44 -28.07 -32.40
C PRO A 350 -5.08 -26.90 -33.31
N THR A 351 -5.80 -26.80 -34.42
CA THR A 351 -5.54 -25.79 -35.42
C THR A 351 -6.63 -24.73 -35.52
N GLU A 352 -7.90 -25.13 -35.54
CA GLU A 352 -9.01 -24.19 -35.68
C GLU A 352 -9.61 -23.89 -34.32
N SER A 353 -10.61 -23.01 -34.31
CA SER A 353 -11.31 -22.64 -33.09
C SER A 353 -12.70 -22.16 -33.47
N ILE A 354 -13.72 -22.94 -33.12
CA ILE A 354 -15.09 -22.63 -33.49
C ILE A 354 -15.91 -22.39 -32.22
N VAL A 355 -16.80 -21.41 -32.29
CA VAL A 355 -17.68 -21.06 -31.18
C VAL A 355 -19.09 -20.90 -31.74
N ARG A 356 -20.03 -21.69 -31.24
CA ARG A 356 -21.42 -21.63 -31.70
C ARG A 356 -22.33 -21.26 -30.54
N PHE A 357 -23.23 -20.32 -30.79
CA PHE A 357 -24.15 -19.75 -29.81
C PHE A 357 -25.57 -19.86 -30.34
N PRO A 358 -26.56 -19.81 -29.46
CA PRO A 358 -27.95 -20.03 -29.89
C PRO A 358 -28.41 -19.00 -30.91
N ASN A 359 -29.56 -19.29 -31.51
CA ASN A 359 -30.09 -18.45 -32.57
C ASN A 359 -30.38 -17.04 -32.05
N ILE A 360 -30.23 -16.06 -32.93
CA ILE A 360 -30.40 -14.66 -32.58
C ILE A 360 -31.74 -14.20 -33.15
N THR A 361 -32.71 -13.94 -32.27
CA THR A 361 -34.05 -13.55 -32.71
C THR A 361 -34.69 -12.48 -31.84
N ASN A 362 -33.93 -11.82 -30.97
CA ASN A 362 -34.47 -10.85 -30.01
C ASN A 362 -34.32 -9.42 -30.50
N LEU A 363 -34.49 -9.19 -31.79
CA LEU A 363 -34.30 -7.86 -32.39
C LEU A 363 -35.02 -6.79 -31.58
N CYS A 364 -34.23 -5.86 -31.05
CA CYS A 364 -34.78 -4.84 -30.18
C CYS A 364 -35.62 -3.84 -30.98
N PRO A 365 -36.74 -3.37 -30.44
CA PRO A 365 -37.57 -2.42 -31.19
C PRO A 365 -36.93 -1.04 -31.28
N PHE A 366 -35.94 -0.91 -32.17
CA PHE A 366 -35.26 0.36 -32.36
C PHE A 366 -35.71 1.10 -33.61
N GLY A 367 -36.44 0.44 -34.50
CA GLY A 367 -36.95 1.13 -35.68
C GLY A 367 -37.91 2.24 -35.33
N GLU A 368 -38.85 1.96 -34.44
CA GLU A 368 -39.86 2.96 -34.07
C GLU A 368 -39.24 4.18 -33.41
N VAL A 369 -38.16 3.99 -32.65
CA VAL A 369 -37.50 5.13 -32.01
C VAL A 369 -36.98 6.09 -33.06
N PHE A 370 -36.35 5.57 -34.11
CA PHE A 370 -35.78 6.42 -35.15
C PHE A 370 -36.73 6.62 -36.33
N ASN A 371 -37.64 5.67 -36.57
CA ASN A 371 -38.75 5.90 -37.49
C ASN A 371 -39.99 6.25 -36.68
N ALA A 372 -39.98 7.46 -36.15
CA ALA A 372 -41.04 7.97 -35.29
C ALA A 372 -41.79 9.07 -36.01
N THR A 373 -43.13 8.96 -36.04
CA THR A 373 -43.94 9.97 -36.72
C THR A 373 -43.78 11.33 -36.06
N ARG A 374 -43.77 11.36 -34.72
CA ARG A 374 -43.66 12.61 -33.98
C ARG A 374 -42.61 12.48 -32.89
N PHE A 375 -41.96 13.60 -32.59
CA PHE A 375 -41.04 13.72 -31.47
C PHE A 375 -41.64 14.63 -30.41
N ALA A 376 -41.42 14.28 -29.15
CA ALA A 376 -41.91 15.10 -28.06
C ALA A 376 -41.18 16.45 -28.03
N SER A 377 -41.86 17.47 -27.51
CA SER A 377 -41.24 18.76 -27.37
C SER A 377 -40.09 18.71 -26.36
N VAL A 378 -39.10 19.58 -26.57
CA VAL A 378 -37.88 19.50 -25.78
C VAL A 378 -38.14 19.82 -24.31
N TYR A 379 -39.06 20.76 -24.04
CA TYR A 379 -39.32 21.11 -22.65
C TYR A 379 -39.95 19.95 -21.88
N ALA A 380 -40.67 19.06 -22.57
CA ALA A 380 -41.25 17.87 -21.98
C ALA A 380 -40.80 16.67 -22.81
N TRP A 381 -39.62 16.15 -22.50
CA TRP A 381 -39.06 15.04 -23.26
C TRP A 381 -39.67 13.72 -22.81
N ASN A 382 -39.77 12.79 -23.75
CA ASN A 382 -40.35 11.47 -23.49
C ASN A 382 -39.24 10.45 -23.29
N ARG A 383 -39.37 9.62 -22.27
CA ARG A 383 -38.38 8.61 -21.92
C ARG A 383 -38.94 7.22 -22.20
N LYS A 384 -38.11 6.38 -22.81
CA LYS A 384 -38.49 5.00 -23.13
C LYS A 384 -37.43 4.06 -22.60
N ARG A 385 -37.85 3.03 -21.88
CA ARG A 385 -36.96 2.01 -21.35
C ARG A 385 -37.17 0.69 -22.09
N ILE A 386 -36.07 -0.05 -22.25
CA ILE A 386 -36.10 -1.32 -22.96
C ILE A 386 -35.38 -2.37 -22.14
N SER A 387 -35.74 -3.64 -22.38
CA SER A 387 -35.11 -4.75 -21.71
C SER A 387 -35.38 -6.03 -22.50
N ASN A 388 -34.58 -7.05 -22.23
CA ASN A 388 -34.75 -8.38 -22.83
C ASN A 388 -34.72 -8.31 -24.35
N CYS A 389 -33.76 -7.56 -24.88
CA CYS A 389 -33.58 -7.41 -26.32
C CYS A 389 -32.10 -7.33 -26.64
N VAL A 390 -31.76 -7.67 -27.87
CA VAL A 390 -30.40 -7.54 -28.37
C VAL A 390 -30.34 -6.29 -29.25
N ALA A 391 -29.37 -5.43 -28.97
CA ALA A 391 -29.26 -4.14 -29.63
C ALA A 391 -28.21 -4.20 -30.72
N ASP A 392 -28.64 -3.96 -31.97
CA ASP A 392 -27.72 -3.93 -33.10
C ASP A 392 -27.10 -2.53 -33.17
N TYR A 393 -26.14 -2.30 -32.27
CA TYR A 393 -25.45 -1.02 -32.25
C TYR A 393 -24.69 -0.77 -33.55
N SER A 394 -24.29 -1.82 -34.24
CA SER A 394 -23.47 -1.66 -35.45
C SER A 394 -24.23 -0.92 -36.54
N VAL A 395 -25.44 -1.40 -36.87
CA VAL A 395 -26.18 -0.80 -37.98
C VAL A 395 -26.52 0.65 -37.69
N LEU A 396 -26.83 0.96 -36.43
CA LEU A 396 -27.03 2.36 -36.06
C LEU A 396 -25.74 3.15 -36.20
N TYR A 397 -24.62 2.56 -35.81
CA TYR A 397 -23.33 3.24 -35.93
C TYR A 397 -22.85 3.26 -37.38
N ASN A 398 -23.23 2.26 -38.18
CA ASN A 398 -22.83 2.18 -39.57
C ASN A 398 -23.87 2.78 -40.51
N SER A 399 -24.96 3.34 -39.98
CA SER A 399 -25.96 3.96 -40.84
C SER A 399 -25.39 5.18 -41.57
N ALA A 400 -24.56 5.97 -40.88
CA ALA A 400 -23.91 7.15 -41.43
C ALA A 400 -24.91 8.19 -41.93
N SER A 401 -26.16 8.12 -41.46
CA SER A 401 -27.19 9.08 -41.82
C SER A 401 -27.48 10.06 -40.69
N PHE A 402 -26.63 10.12 -39.67
CA PHE A 402 -26.84 10.96 -38.51
C PHE A 402 -25.74 12.01 -38.44
N SER A 403 -26.13 13.26 -38.21
CA SER A 403 -25.16 14.35 -38.13
C SER A 403 -24.20 14.16 -36.97
N THR A 404 -24.71 13.76 -35.81
CA THR A 404 -23.90 13.56 -34.62
C THR A 404 -24.23 12.21 -34.01
N PHE A 405 -23.18 11.47 -33.65
CA PHE A 405 -23.34 10.17 -33.00
C PHE A 405 -22.13 10.00 -32.07
N LYS A 406 -22.33 10.32 -30.80
CA LYS A 406 -21.26 10.30 -29.80
C LYS A 406 -21.67 9.44 -28.62
N CYS A 407 -20.74 8.64 -28.14
CA CYS A 407 -20.92 7.82 -26.94
C CYS A 407 -20.00 8.34 -25.85
N TYR A 408 -20.55 8.58 -24.68
CA TYR A 408 -19.82 9.20 -23.57
C TYR A 408 -19.41 8.13 -22.57
N GLY A 409 -18.10 7.97 -22.40
CA GLY A 409 -17.56 7.00 -21.47
C GLY A 409 -17.49 5.57 -21.99
N VAL A 410 -18.00 5.32 -23.20
CA VAL A 410 -18.04 3.99 -23.77
C VAL A 410 -17.62 4.08 -25.24
N SER A 411 -16.87 3.07 -25.70
CA SER A 411 -16.40 3.00 -27.08
C SER A 411 -17.46 2.37 -27.97
N PRO A 412 -17.82 3.01 -29.10
CA PRO A 412 -18.89 2.45 -29.94
C PRO A 412 -18.59 1.04 -30.43
N THR A 413 -17.33 0.74 -30.72
CA THR A 413 -16.98 -0.61 -31.17
C THR A 413 -17.15 -1.64 -30.06
N LYS A 414 -16.71 -1.31 -28.85
CA LYS A 414 -16.77 -2.30 -27.77
C LYS A 414 -18.18 -2.51 -27.27
N LEU A 415 -19.02 -1.47 -27.28
CA LEU A 415 -20.38 -1.62 -26.78
C LEU A 415 -21.28 -2.38 -27.73
N ASN A 416 -20.84 -2.59 -28.98
CA ASN A 416 -21.66 -3.33 -29.94
C ASN A 416 -21.96 -4.75 -29.47
N ASP A 417 -21.12 -5.31 -28.60
CA ASP A 417 -21.38 -6.60 -27.97
C ASP A 417 -21.05 -6.46 -26.49
N LEU A 418 -22.04 -6.03 -25.71
CA LEU A 418 -21.89 -5.88 -24.27
C LEU A 418 -23.25 -6.10 -23.61
N CYS A 419 -23.22 -6.44 -22.33
CA CYS A 419 -24.42 -6.75 -21.57
C CYS A 419 -24.68 -5.65 -20.54
N PHE A 420 -25.91 -5.14 -20.52
CA PHE A 420 -26.31 -4.10 -19.60
C PHE A 420 -27.59 -4.51 -18.89
N THR A 421 -27.81 -3.93 -17.70
CA THR A 421 -29.04 -4.23 -16.96
C THR A 421 -30.26 -3.67 -17.69
N ASN A 422 -30.21 -2.40 -18.08
CA ASN A 422 -31.33 -1.77 -18.78
C ASN A 422 -30.80 -0.62 -19.62
N VAL A 423 -31.60 -0.21 -20.60
CA VAL A 423 -31.26 0.88 -21.49
C VAL A 423 -32.45 1.84 -21.58
N TYR A 424 -32.16 3.14 -21.52
CA TYR A 424 -33.18 4.18 -21.61
C TYR A 424 -33.03 4.93 -22.92
N ALA A 425 -34.16 5.31 -23.51
CA ALA A 425 -34.20 6.04 -24.77
C ALA A 425 -35.05 7.29 -24.61
N ASP A 426 -34.60 8.39 -25.22
CA ASP A 426 -35.33 9.66 -25.19
C ASP A 426 -35.30 10.28 -26.57
N SER A 427 -36.37 10.98 -26.92
CA SER A 427 -36.47 11.64 -28.23
C SER A 427 -37.11 13.01 -28.05
N PHE A 428 -36.52 14.01 -28.71
CA PHE A 428 -37.08 15.36 -28.72
C PHE A 428 -36.48 16.11 -29.89
N VAL A 429 -37.08 17.27 -30.18
CA VAL A 429 -36.68 18.11 -31.31
C VAL A 429 -36.11 19.41 -30.76
N ILE A 430 -34.92 19.78 -31.23
CA ILE A 430 -34.30 21.05 -30.90
C ILE A 430 -33.83 21.70 -32.20
N ARG A 431 -33.50 22.99 -32.09
CA ARG A 431 -32.90 23.70 -33.21
C ARG A 431 -31.49 23.19 -33.45
N GLY A 432 -31.06 23.25 -34.72
CA GLY A 432 -29.74 22.78 -35.07
C GLY A 432 -28.64 23.52 -34.35
N ASP A 433 -28.88 24.78 -33.97
CA ASP A 433 -27.91 25.52 -33.18
C ASP A 433 -27.80 24.96 -31.77
N GLU A 434 -28.90 24.48 -31.21
CA GLU A 434 -28.93 23.98 -29.84
C GLU A 434 -28.39 22.56 -29.73
N VAL A 435 -27.87 21.99 -30.81
CA VAL A 435 -27.37 20.62 -30.76
C VAL A 435 -26.21 20.50 -29.78
N ARG A 436 -25.28 21.46 -29.81
CA ARG A 436 -24.12 21.40 -28.94
C ARG A 436 -24.49 21.50 -27.46
N GLN A 437 -25.65 22.08 -27.14
CA GLN A 437 -26.06 22.18 -25.75
C GLN A 437 -26.30 20.82 -25.12
N ILE A 438 -26.58 19.79 -25.92
CA ILE A 438 -26.90 18.45 -25.37
C ILE A 438 -25.58 17.73 -25.20
N ALA A 439 -24.95 17.98 -24.05
CA ALA A 439 -23.70 17.32 -23.69
C ALA A 439 -23.48 17.54 -22.20
N PRO A 440 -22.82 16.60 -21.52
CA PRO A 440 -22.54 16.80 -20.10
C PRO A 440 -21.65 18.01 -19.88
N GLY A 441 -21.94 18.76 -18.82
CA GLY A 441 -21.20 19.96 -18.51
C GLY A 441 -21.61 21.19 -19.29
N GLN A 442 -22.60 21.08 -20.18
CA GLN A 442 -23.05 22.21 -20.98
C GLN A 442 -24.08 23.03 -20.20
N THR A 443 -24.31 24.24 -20.69
CA THR A 443 -25.28 25.15 -20.10
C THR A 443 -25.98 25.92 -21.21
N GLY A 444 -27.29 26.05 -21.10
CA GLY A 444 -28.06 26.77 -22.09
C GLY A 444 -29.53 26.74 -21.72
N LYS A 445 -30.32 27.42 -22.55
CA LYS A 445 -31.76 27.47 -22.32
C LYS A 445 -32.36 26.08 -22.34
N ILE A 446 -31.97 25.26 -23.33
CA ILE A 446 -32.39 23.88 -23.36
C ILE A 446 -31.80 23.11 -22.18
N ALA A 447 -30.51 23.32 -21.90
CA ALA A 447 -29.84 22.58 -20.84
C ALA A 447 -30.41 22.88 -19.47
N ASP A 448 -30.71 24.15 -19.20
CA ASP A 448 -31.12 24.55 -17.86
C ASP A 448 -32.60 24.37 -17.59
N TYR A 449 -33.46 24.68 -18.58
CA TYR A 449 -34.90 24.73 -18.34
C TYR A 449 -35.68 23.68 -19.11
N ASN A 450 -35.07 23.00 -20.07
CA ASN A 450 -35.79 22.02 -20.90
C ASN A 450 -35.34 20.59 -20.68
N TYR A 451 -34.05 20.35 -20.55
CA TYR A 451 -33.53 18.99 -20.40
C TYR A 451 -32.12 19.07 -19.84
N LYS A 452 -31.89 18.35 -18.74
CA LYS A 452 -30.61 18.37 -18.06
C LYS A 452 -29.93 17.01 -18.16
N LEU A 453 -28.63 17.03 -18.45
CA LEU A 453 -27.83 15.83 -18.57
C LEU A 453 -26.88 15.72 -17.39
N PRO A 454 -26.89 14.61 -16.66
CA PRO A 454 -25.88 14.41 -15.61
C PRO A 454 -24.49 14.35 -16.23
N ASP A 455 -23.52 14.88 -15.49
CA ASP A 455 -22.16 14.95 -16.00
C ASP A 455 -21.57 13.55 -16.21
N ASP A 456 -21.85 12.62 -15.30
CA ASP A 456 -21.34 11.26 -15.40
C ASP A 456 -22.24 10.42 -16.30
N PHE A 457 -22.37 10.85 -17.55
CA PHE A 457 -23.19 10.14 -18.51
C PHE A 457 -22.55 8.81 -18.87
N THR A 458 -23.39 7.78 -19.01
CA THR A 458 -22.96 6.44 -19.33
C THR A 458 -23.70 5.89 -20.53
N GLY A 459 -23.94 6.75 -21.53
CA GLY A 459 -24.66 6.33 -22.71
C GLY A 459 -24.15 6.97 -23.99
N CYS A 460 -25.03 7.18 -24.95
CA CYS A 460 -24.66 7.75 -26.24
C CYS A 460 -25.69 8.79 -26.66
N VAL A 461 -25.27 9.68 -27.55
CA VAL A 461 -26.11 10.74 -28.09
C VAL A 461 -26.07 10.65 -29.61
N ILE A 462 -27.25 10.61 -30.23
CA ILE A 462 -27.38 10.54 -31.68
C ILE A 462 -28.19 11.74 -32.14
N ALA A 463 -27.67 12.44 -33.15
CA ALA A 463 -28.34 13.62 -33.69
C ALA A 463 -28.26 13.60 -35.21
N TRP A 464 -29.29 14.15 -35.85
CA TRP A 464 -29.37 14.23 -37.30
C TRP A 464 -30.34 15.34 -37.68
N ASN A 465 -30.22 15.82 -38.90
CA ASN A 465 -31.09 16.88 -39.38
C ASN A 465 -32.52 16.37 -39.54
N SER A 466 -33.48 17.25 -39.21
CA SER A 466 -34.89 16.92 -39.34
C SER A 466 -35.65 17.99 -40.13
N ASN A 467 -34.94 18.74 -40.99
CA ASN A 467 -35.57 19.85 -41.71
C ASN A 467 -36.72 19.36 -42.58
N ASN A 468 -36.54 18.23 -43.26
CA ASN A 468 -37.59 17.71 -44.13
C ASN A 468 -38.78 17.14 -43.36
N LEU A 469 -38.68 17.01 -42.05
CA LEU A 469 -39.72 16.38 -41.24
C LEU A 469 -40.64 17.40 -40.58
N ASP A 470 -40.07 18.31 -39.78
CA ASP A 470 -40.90 19.24 -39.02
C ASP A 470 -40.55 20.69 -39.31
N SER A 471 -40.37 21.04 -40.58
CA SER A 471 -40.19 22.42 -41.00
C SER A 471 -41.03 22.66 -42.24
N LYS A 472 -42.02 23.54 -42.14
CA LYS A 472 -42.97 23.77 -43.21
C LYS A 472 -43.00 25.25 -43.55
N VAL A 473 -43.54 25.54 -44.74
CA VAL A 473 -43.74 26.92 -45.15
C VAL A 473 -44.72 27.59 -44.20
N GLY A 474 -44.37 28.78 -43.74
CA GLY A 474 -45.16 29.47 -42.73
C GLY A 474 -44.78 29.15 -41.31
N GLY A 475 -43.82 28.25 -41.08
CA GLY A 475 -43.36 27.96 -39.74
C GLY A 475 -44.14 26.84 -39.07
N ASN A 476 -43.42 25.84 -38.57
CA ASN A 476 -44.03 24.73 -37.83
C ASN A 476 -43.94 25.06 -36.35
N TYR A 477 -45.07 25.48 -35.77
CA TYR A 477 -45.11 25.96 -34.39
C TYR A 477 -45.75 24.94 -33.45
N ASN A 478 -45.66 23.65 -33.77
CA ASN A 478 -46.21 22.61 -32.94
C ASN A 478 -45.27 22.16 -31.83
N TYR A 479 -44.07 22.73 -31.75
CA TYR A 479 -43.08 22.36 -30.76
C TYR A 479 -42.76 23.56 -29.89
N LEU A 480 -42.81 23.38 -28.59
CA LEU A 480 -42.55 24.43 -27.61
C LEU A 480 -41.21 24.21 -26.93
N TYR A 481 -40.75 25.25 -26.23
CA TYR A 481 -39.53 25.17 -25.46
C TYR A 481 -39.58 26.19 -24.34
N ARG A 482 -39.05 25.80 -23.18
CA ARG A 482 -39.05 26.66 -21.99
C ARG A 482 -37.95 27.70 -22.13
N LEU A 483 -38.33 28.98 -22.24
CA LEU A 483 -37.38 30.07 -22.27
C LEU A 483 -37.19 30.74 -20.92
N PHE A 484 -38.22 30.71 -20.06
CA PHE A 484 -38.16 31.32 -18.74
C PHE A 484 -38.50 30.28 -17.69
N ARG A 485 -37.68 30.19 -16.65
CA ARG A 485 -37.93 29.28 -15.54
C ARG A 485 -37.36 29.90 -14.27
N LYS A 486 -37.97 29.55 -13.14
CA LYS A 486 -37.54 30.09 -11.86
C LYS A 486 -36.12 29.67 -11.52
N SER A 487 -35.79 28.40 -11.79
CA SER A 487 -34.46 27.87 -11.47
C SER A 487 -34.04 26.94 -12.60
N ASN A 488 -32.99 26.18 -12.36
CA ASN A 488 -32.49 25.21 -13.34
C ASN A 488 -33.27 23.90 -13.20
N LEU A 489 -32.82 22.87 -13.90
CA LEU A 489 -33.45 21.56 -13.87
C LEU A 489 -32.45 20.52 -13.40
N LYS A 490 -32.91 19.61 -12.54
CA LYS A 490 -32.09 18.48 -12.14
C LYS A 490 -31.92 17.51 -13.31
N PRO A 491 -30.87 16.71 -13.32
CA PRO A 491 -30.70 15.72 -14.39
C PRO A 491 -31.90 14.79 -14.48
N PHE A 492 -32.37 14.57 -15.71
CA PHE A 492 -33.50 13.69 -15.99
C PHE A 492 -34.75 14.11 -15.22
N GLU A 493 -35.04 15.41 -15.27
CA GLU A 493 -36.23 15.97 -14.65
C GLU A 493 -37.13 16.55 -15.73
N ARG A 494 -38.43 16.23 -15.66
CA ARG A 494 -39.41 16.74 -16.59
C ARG A 494 -40.25 17.83 -15.91
N ASP A 495 -40.32 18.99 -16.55
CA ASP A 495 -41.12 20.11 -16.06
C ASP A 495 -42.13 20.50 -17.11
N ILE A 496 -43.41 20.57 -16.71
CA ILE A 496 -44.49 20.93 -17.63
C ILE A 496 -45.30 22.06 -17.02
N SER A 497 -44.72 22.79 -16.08
CA SER A 497 -45.42 23.89 -15.44
C SER A 497 -45.66 25.01 -16.44
N THR A 498 -46.88 25.58 -16.40
CA THR A 498 -47.28 26.65 -17.31
C THR A 498 -47.63 27.93 -16.57
N GLU A 499 -47.19 28.07 -15.33
CA GLU A 499 -47.46 29.29 -14.58
C GLU A 499 -46.74 30.47 -15.21
N ILE A 500 -47.41 31.61 -15.28
CA ILE A 500 -46.82 32.82 -15.85
C ILE A 500 -45.58 33.17 -15.04
N TYR A 501 -44.42 33.15 -15.70
CA TYR A 501 -43.17 33.48 -15.03
C TYR A 501 -43.16 34.96 -14.66
N GLN A 502 -42.77 35.26 -13.43
CA GLN A 502 -42.75 36.62 -12.91
C GLN A 502 -41.32 37.10 -12.80
N ALA A 503 -41.03 38.26 -13.39
CA ALA A 503 -39.69 38.82 -13.39
C ALA A 503 -39.45 39.74 -12.20
N GLY A 504 -40.33 40.72 -12.01
CA GLY A 504 -40.18 41.67 -10.93
C GLY A 504 -40.72 41.13 -9.62
N SER A 505 -40.71 42.02 -8.61
CA SER A 505 -41.21 41.63 -7.29
C SER A 505 -42.73 41.57 -7.25
N THR A 506 -43.41 42.33 -8.10
CA THR A 506 -44.87 42.36 -8.07
C THR A 506 -45.44 41.09 -8.69
N PRO A 507 -46.31 40.37 -7.99
CA PRO A 507 -46.96 39.20 -8.58
C PRO A 507 -48.09 39.60 -9.52
N CYS A 508 -48.33 38.73 -10.50
CA CYS A 508 -49.45 38.87 -11.42
C CYS A 508 -50.31 37.62 -11.32
N ASN A 509 -51.62 37.81 -11.15
CA ASN A 509 -52.56 36.71 -10.96
C ASN A 509 -52.83 36.02 -12.30
N GLY A 510 -51.78 35.39 -12.82
CA GLY A 510 -51.89 34.70 -14.09
C GLY A 510 -52.23 35.59 -15.27
N VAL A 511 -51.71 36.81 -15.27
CA VAL A 511 -51.96 37.76 -16.35
C VAL A 511 -50.62 38.22 -16.90
N GLU A 512 -50.49 38.19 -18.23
CA GLU A 512 -49.27 38.66 -18.87
C GLU A 512 -49.22 40.18 -18.83
N GLY A 513 -48.00 40.71 -18.73
CA GLY A 513 -47.82 42.15 -18.65
C GLY A 513 -46.41 42.50 -18.23
N PHE A 514 -46.28 43.66 -17.62
CA PHE A 514 -44.97 44.12 -17.15
C PHE A 514 -44.41 43.17 -16.09
N ASN A 515 -43.14 42.78 -16.29
CA ASN A 515 -42.44 41.90 -15.37
C ASN A 515 -43.15 40.55 -15.20
N CYS A 516 -43.86 40.11 -16.22
CA CYS A 516 -44.56 38.82 -16.21
C CYS A 516 -44.51 38.25 -17.61
N TYR A 517 -44.00 37.02 -17.73
CA TYR A 517 -43.77 36.42 -19.04
C TYR A 517 -44.23 34.97 -19.03
N PHE A 518 -44.55 34.46 -20.21
CA PHE A 518 -44.96 33.06 -20.34
C PHE A 518 -43.71 32.17 -20.40
N PRO A 519 -43.61 31.16 -19.54
CA PRO A 519 -42.38 30.36 -19.49
C PRO A 519 -42.07 29.62 -20.79
N LEU A 520 -43.09 29.22 -21.54
CA LEU A 520 -42.89 28.41 -22.74
C LEU A 520 -42.98 29.29 -23.99
N GLN A 521 -42.12 28.98 -24.96
CA GLN A 521 -42.11 29.68 -26.23
C GLN A 521 -42.21 28.66 -27.37
N SER A 522 -42.74 29.10 -28.49
CA SER A 522 -42.89 28.24 -29.66
C SER A 522 -41.68 28.35 -30.56
N TYR A 523 -41.46 27.30 -31.35
CA TYR A 523 -40.38 27.26 -32.32
C TYR A 523 -40.91 27.52 -33.73
N GLY A 524 -40.20 28.37 -34.47
CA GLY A 524 -40.48 28.59 -35.87
C GLY A 524 -39.51 27.80 -36.71
N PHE A 525 -40.04 27.05 -37.67
CA PHE A 525 -39.23 26.17 -38.51
C PHE A 525 -39.77 26.21 -39.93
N GLN A 526 -38.93 26.65 -40.86
CA GLN A 526 -39.26 26.71 -42.28
C GLN A 526 -38.11 26.12 -43.08
N PRO A 527 -38.38 25.62 -44.28
CA PRO A 527 -37.29 25.10 -45.12
C PRO A 527 -36.26 26.15 -45.49
N THR A 528 -36.62 27.43 -45.47
CA THR A 528 -35.70 28.51 -45.80
C THR A 528 -34.86 28.95 -44.61
N TYR A 529 -35.02 28.33 -43.45
CA TYR A 529 -34.26 28.72 -42.28
C TYR A 529 -32.79 28.33 -42.44
N GLY A 530 -31.96 28.92 -41.57
CA GLY A 530 -30.54 28.62 -41.61
C GLY A 530 -30.24 27.20 -41.18
N VAL A 531 -29.02 26.76 -41.51
CA VAL A 531 -28.61 25.39 -41.22
C VAL A 531 -28.68 25.10 -39.73
N GLY A 532 -28.13 26.01 -38.92
CA GLY A 532 -28.27 25.90 -37.48
C GLY A 532 -29.66 26.22 -36.99
N TYR A 533 -30.45 26.94 -37.79
CA TYR A 533 -31.82 27.26 -37.43
C TYR A 533 -32.81 26.16 -37.82
N GLN A 534 -32.37 25.17 -38.58
CA GLN A 534 -33.26 24.11 -39.03
C GLN A 534 -33.57 23.14 -37.89
N PRO A 535 -34.77 22.56 -37.87
CA PRO A 535 -35.12 21.62 -36.81
C PRO A 535 -34.31 20.34 -36.92
N TYR A 536 -34.00 19.76 -35.76
CA TYR A 536 -33.18 18.56 -35.66
C TYR A 536 -33.84 17.56 -34.73
N ARG A 537 -33.85 16.30 -35.14
CA ARG A 537 -34.36 15.21 -34.31
C ARG A 537 -33.19 14.53 -33.64
N VAL A 538 -33.21 14.49 -32.30
CA VAL A 538 -32.10 13.99 -31.50
C VAL A 538 -32.61 12.89 -30.59
N VAL A 539 -31.88 11.77 -30.56
CA VAL A 539 -32.17 10.65 -29.68
C VAL A 539 -30.96 10.40 -28.80
N VAL A 540 -31.18 10.32 -27.50
CA VAL A 540 -30.13 10.03 -26.53
C VAL A 540 -30.45 8.70 -25.86
N LEU A 541 -29.42 7.87 -25.70
CA LEU A 541 -29.56 6.54 -25.12
C LEU A 541 -28.73 6.46 -23.85
N SER A 542 -29.36 6.02 -22.76
CA SER A 542 -28.70 5.83 -21.48
C SER A 542 -28.73 4.37 -21.10
N PHE A 543 -27.64 3.89 -20.50
CA PHE A 543 -27.48 2.49 -20.14
C PHE A 543 -27.49 2.36 -18.62
N GLU A 544 -28.30 1.43 -18.13
CA GLU A 544 -28.45 1.17 -16.70
C GLU A 544 -27.73 -0.12 -16.33
N LEU A 545 -27.04 -0.10 -15.18
CA LEU A 545 -26.31 -1.26 -14.69
C LEU A 545 -26.54 -1.39 -13.19
N LEU A 546 -27.19 -2.48 -12.78
CA LEU A 546 -27.41 -2.75 -11.37
C LEU A 546 -27.02 -4.18 -11.03
N HIS A 547 -27.33 -4.62 -9.82
CA HIS A 547 -27.04 -5.99 -9.40
C HIS A 547 -28.08 -6.99 -9.90
N ALA A 548 -29.20 -6.50 -10.44
CA ALA A 548 -30.19 -7.40 -11.00
C ALA A 548 -29.62 -8.08 -12.25
N PRO A 549 -30.13 -9.26 -12.60
CA PRO A 549 -29.63 -9.96 -13.79
C PRO A 549 -29.81 -9.12 -15.05
N ALA A 550 -28.80 -9.16 -15.93
CA ALA A 550 -28.84 -8.38 -17.15
C ALA A 550 -29.92 -8.91 -18.10
N THR A 551 -30.46 -8.01 -18.90
CA THR A 551 -31.51 -8.35 -19.85
C THR A 551 -31.14 -8.06 -21.31
N VAL A 552 -30.31 -7.06 -21.57
CA VAL A 552 -29.96 -6.66 -22.92
C VAL A 552 -28.48 -6.95 -23.14
N CYS A 553 -28.18 -7.55 -24.30
CA CYS A 553 -26.81 -7.90 -24.62
C CYS A 553 -26.59 -7.73 -26.12
N GLY A 554 -25.33 -7.59 -26.50
CA GLY A 554 -24.96 -7.44 -27.89
C GLY A 554 -25.11 -8.74 -28.65
N PRO A 555 -25.31 -8.65 -29.97
CA PRO A 555 -25.48 -9.87 -30.77
C PRO A 555 -24.20 -10.68 -30.89
N LYS A 556 -24.15 -11.83 -30.22
CA LYS A 556 -22.97 -12.68 -30.28
C LYS A 556 -22.83 -13.28 -31.67
N LYS A 557 -21.61 -13.23 -32.22
CA LYS A 557 -21.36 -13.78 -33.54
C LYS A 557 -21.15 -15.28 -33.46
N SER A 558 -21.90 -16.04 -34.26
CA SER A 558 -21.85 -17.48 -34.25
C SER A 558 -20.97 -17.98 -35.40
N THR A 559 -19.98 -18.81 -35.06
CA THR A 559 -19.04 -19.32 -36.04
C THR A 559 -19.61 -20.59 -36.68
N ASN A 560 -18.78 -21.28 -37.45
CA ASN A 560 -19.20 -22.46 -38.19
C ASN A 560 -19.03 -23.70 -37.31
N LEU A 561 -19.24 -24.88 -37.90
CA LEU A 561 -19.11 -26.15 -37.19
C LEU A 561 -18.28 -27.11 -38.02
N VAL A 562 -17.32 -27.78 -37.38
CA VAL A 562 -16.43 -28.72 -38.03
C VAL A 562 -16.37 -29.99 -37.19
N LYS A 563 -16.00 -31.10 -37.84
CA LYS A 563 -15.95 -32.39 -37.17
C LYS A 563 -14.74 -33.18 -37.66
N ASN A 564 -14.42 -34.23 -36.90
CA ASN A 564 -13.37 -35.18 -37.26
C ASN A 564 -12.01 -34.49 -37.43
N LYS A 565 -11.73 -33.52 -36.57
CA LYS A 565 -10.45 -32.82 -36.61
C LYS A 565 -10.27 -32.13 -35.27
N CYS A 566 -9.24 -32.53 -34.52
CA CYS A 566 -9.09 -32.11 -33.14
C CYS A 566 -8.84 -30.60 -33.10
N VAL A 567 -9.85 -29.83 -32.69
CA VAL A 567 -9.79 -28.38 -32.70
C VAL A 567 -10.36 -27.82 -31.41
N ASN A 568 -9.97 -26.59 -31.10
CA ASN A 568 -10.52 -25.90 -29.95
C ASN A 568 -11.97 -25.54 -30.20
N PHE A 569 -12.74 -25.38 -29.12
CA PHE A 569 -14.17 -25.14 -29.22
C PHE A 569 -14.64 -24.33 -28.03
N ASN A 570 -15.86 -23.82 -28.14
CA ASN A 570 -16.53 -23.15 -27.02
C ASN A 570 -18.02 -23.14 -27.33
N PHE A 571 -18.81 -23.83 -26.52
CA PHE A 571 -20.25 -23.92 -26.70
C PHE A 571 -20.94 -23.28 -25.51
N ASN A 572 -21.59 -22.14 -25.73
CA ASN A 572 -22.40 -21.48 -24.71
C ASN A 572 -21.60 -21.16 -23.45
N GLY A 573 -20.30 -20.93 -23.61
CA GLY A 573 -19.42 -20.70 -22.49
C GLY A 573 -18.64 -21.91 -22.05
N LEU A 574 -19.08 -23.11 -22.41
CA LEU A 574 -18.35 -24.33 -22.12
C LEU A 574 -17.18 -24.44 -23.07
N THR A 575 -15.97 -24.35 -22.54
CA THR A 575 -14.76 -24.35 -23.35
C THR A 575 -14.14 -25.74 -23.37
N GLY A 576 -12.95 -25.84 -23.93
CA GLY A 576 -12.19 -27.08 -23.96
C GLY A 576 -11.68 -27.39 -25.35
N THR A 577 -11.01 -28.53 -25.45
CA THR A 577 -10.45 -29.01 -26.71
C THR A 577 -10.78 -30.49 -26.87
N GLY A 578 -10.84 -30.94 -28.13
CA GLY A 578 -11.13 -32.33 -28.39
C GLY A 578 -11.51 -32.54 -29.84
N VAL A 579 -12.17 -33.67 -30.09
CA VAL A 579 -12.61 -34.07 -31.42
C VAL A 579 -14.13 -34.14 -31.42
N LEU A 580 -14.75 -33.50 -32.39
CA LEU A 580 -16.20 -33.41 -32.46
C LEU A 580 -16.74 -34.46 -33.42
N THR A 581 -17.74 -35.21 -32.97
CA THR A 581 -18.37 -36.23 -33.80
C THR A 581 -19.76 -36.52 -33.26
N GLU A 582 -20.57 -37.16 -34.08
CA GLU A 582 -21.94 -37.47 -33.71
C GLU A 582 -21.97 -38.62 -32.69
N SER A 583 -23.13 -38.79 -32.07
CA SER A 583 -23.36 -39.86 -31.11
C SER A 583 -24.73 -40.46 -31.39
N ASN A 584 -25.18 -41.31 -30.47
CA ASN A 584 -26.47 -41.98 -30.60
C ASN A 584 -27.41 -41.71 -29.45
N LYS A 585 -26.88 -41.60 -28.23
CA LYS A 585 -27.73 -41.32 -27.07
C LYS A 585 -28.38 -39.96 -27.22
N LYS A 586 -29.63 -39.86 -26.79
CA LYS A 586 -30.43 -38.66 -26.94
C LYS A 586 -30.76 -38.08 -25.58
N PHE A 587 -30.49 -36.79 -25.42
CA PHE A 587 -30.83 -36.11 -24.17
C PHE A 587 -32.33 -35.92 -24.07
N LEU A 588 -32.78 -35.54 -22.89
CA LEU A 588 -34.12 -34.98 -22.81
C LEU A 588 -34.09 -33.54 -23.34
N PRO A 589 -35.20 -33.06 -23.89
CA PRO A 589 -35.15 -31.75 -24.56
C PRO A 589 -35.15 -30.58 -23.59
N PHE A 590 -34.37 -30.70 -22.52
CA PHE A 590 -34.08 -29.55 -21.67
C PHE A 590 -32.66 -29.58 -21.12
N GLN A 591 -31.83 -30.52 -21.56
CA GLN A 591 -30.51 -30.72 -20.99
C GLN A 591 -29.42 -30.42 -22.00
N GLN A 592 -28.30 -29.94 -21.49
CA GLN A 592 -27.07 -29.76 -22.26
C GLN A 592 -25.96 -30.54 -21.56
N PHE A 593 -24.73 -30.31 -22.01
CA PHE A 593 -23.54 -30.87 -21.36
C PHE A 593 -23.63 -32.40 -21.45
N GLY A 594 -23.38 -33.12 -20.36
CA GLY A 594 -23.27 -34.56 -20.40
C GLY A 594 -22.00 -35.00 -19.71
N ARG A 595 -22.10 -35.93 -18.76
CA ARG A 595 -20.94 -36.30 -17.96
C ARG A 595 -20.73 -37.81 -17.97
N ASP A 596 -19.83 -38.28 -17.12
CA ASP A 596 -19.50 -39.70 -17.04
C ASP A 596 -19.30 -40.06 -15.57
N ILE A 597 -18.72 -41.23 -15.33
CA ILE A 597 -18.39 -41.64 -13.97
C ILE A 597 -17.36 -40.69 -13.39
N ASP A 598 -16.41 -40.24 -14.20
CA ASP A 598 -15.38 -39.30 -13.78
C ASP A 598 -15.84 -37.85 -13.82
N ASP A 599 -17.16 -37.64 -13.84
CA ASP A 599 -17.81 -36.33 -13.83
C ASP A 599 -17.09 -35.29 -14.69
N THR A 600 -16.62 -35.71 -15.86
CA THR A 600 -16.01 -34.82 -16.83
C THR A 600 -16.85 -34.80 -18.10
N THR A 601 -16.77 -33.69 -18.83
CA THR A 601 -17.62 -33.51 -19.99
C THR A 601 -17.40 -34.61 -21.02
N ASP A 602 -18.51 -35.11 -21.56
CA ASP A 602 -18.48 -36.23 -22.50
C ASP A 602 -19.33 -36.00 -23.74
N ALA A 603 -20.32 -35.11 -23.70
CA ALA A 603 -21.16 -34.84 -24.86
C ALA A 603 -21.66 -33.41 -24.77
N VAL A 604 -22.25 -32.94 -25.86
CA VAL A 604 -22.77 -31.58 -25.92
C VAL A 604 -23.74 -31.49 -27.08
N ARG A 605 -24.75 -30.64 -26.93
CA ARG A 605 -25.74 -30.40 -27.99
C ARG A 605 -25.46 -29.06 -28.64
N ASP A 606 -25.31 -29.06 -29.95
CA ASP A 606 -25.02 -27.83 -30.67
C ASP A 606 -26.24 -26.93 -30.65
N PRO A 607 -26.16 -25.74 -30.06
CA PRO A 607 -27.39 -24.96 -29.85
C PRO A 607 -27.81 -24.14 -31.05
N GLN A 608 -27.71 -24.70 -32.24
CA GLN A 608 -28.42 -24.12 -33.38
C GLN A 608 -29.17 -25.18 -34.18
N THR A 609 -28.59 -26.37 -34.34
CA THR A 609 -29.24 -27.45 -35.06
C THR A 609 -29.89 -28.46 -34.14
N LEU A 610 -29.65 -28.34 -32.83
CA LEU A 610 -30.24 -29.23 -31.83
C LEU A 610 -29.94 -30.70 -32.14
N GLU A 611 -28.65 -31.00 -32.17
CA GLU A 611 -28.20 -32.37 -32.40
C GLU A 611 -27.11 -32.71 -31.41
N ILE A 612 -26.94 -34.01 -31.18
CA ILE A 612 -26.01 -34.51 -30.18
C ILE A 612 -24.62 -34.63 -30.78
N LEU A 613 -23.62 -34.19 -30.03
CA LEU A 613 -22.23 -34.33 -30.44
C LEU A 613 -21.44 -35.02 -29.34
N ASP A 614 -20.38 -35.69 -29.74
CA ASP A 614 -19.48 -36.38 -28.83
C ASP A 614 -18.13 -35.68 -28.81
N ILE A 615 -17.38 -35.92 -27.75
CA ILE A 615 -16.09 -35.28 -27.53
C ILE A 615 -15.06 -36.36 -27.21
N THR A 616 -13.80 -36.06 -27.52
CA THR A 616 -12.71 -37.00 -27.27
C THR A 616 -11.37 -36.28 -27.33
N PRO A 617 -10.51 -36.42 -26.33
CA PRO A 617 -9.20 -35.76 -26.36
C PRO A 617 -8.29 -36.41 -27.39
N CYS A 618 -7.25 -35.67 -27.76
CA CYS A 618 -6.34 -36.10 -28.82
C CYS A 618 -4.88 -35.93 -28.41
N SER A 619 -4.59 -36.04 -27.12
CA SER A 619 -3.26 -35.73 -26.59
C SER A 619 -2.59 -36.94 -25.94
N PHE A 620 -2.92 -38.14 -26.40
CA PHE A 620 -2.27 -39.33 -25.86
C PHE A 620 -0.92 -39.53 -26.53
N GLY A 621 -0.21 -40.56 -26.11
CA GLY A 621 0.97 -41.01 -26.82
C GLY A 621 2.31 -40.56 -26.27
N GLY A 622 3.12 -41.52 -25.85
CA GLY A 622 4.52 -41.28 -25.56
C GLY A 622 5.38 -41.78 -26.71
N VAL A 623 6.58 -41.23 -26.83
CA VAL A 623 7.49 -41.53 -27.92
C VAL A 623 8.57 -42.46 -27.40
N SER A 624 8.82 -43.55 -28.12
CA SER A 624 9.87 -44.50 -27.76
C SER A 624 10.62 -44.90 -29.01
N VAL A 625 11.87 -45.32 -28.81
CA VAL A 625 12.77 -45.65 -29.90
C VAL A 625 13.42 -46.99 -29.63
N ILE A 626 13.67 -47.75 -30.70
CA ILE A 626 14.25 -49.09 -30.61
C ILE A 626 15.61 -49.06 -31.28
N THR A 627 16.64 -49.53 -30.58
CA THR A 627 18.00 -49.48 -31.09
C THR A 627 18.65 -50.85 -30.95
N PRO A 628 19.23 -51.39 -32.02
CA PRO A 628 19.97 -52.65 -31.92
C PRO A 628 21.35 -52.51 -31.30
N GLY A 629 21.70 -51.31 -30.82
CA GLY A 629 22.99 -51.08 -30.20
C GLY A 629 23.91 -50.30 -31.10
N THR A 630 24.33 -49.11 -30.66
CA THR A 630 25.22 -48.29 -31.47
C THR A 630 26.58 -48.94 -31.68
N ASN A 631 26.90 -49.98 -30.92
CA ASN A 631 28.13 -50.73 -31.17
C ASN A 631 28.13 -51.30 -32.59
N THR A 632 26.97 -51.71 -33.09
CA THR A 632 26.81 -52.23 -34.44
C THR A 632 25.72 -51.45 -35.14
N SER A 633 26.10 -50.66 -36.14
CA SER A 633 25.17 -49.92 -36.99
C SER A 633 24.41 -48.85 -36.24
N ASN A 634 23.67 -48.02 -36.96
CA ASN A 634 22.95 -46.89 -36.37
C ASN A 634 21.48 -46.84 -36.73
N GLN A 635 21.00 -47.70 -37.62
CA GLN A 635 19.60 -47.64 -38.01
C GLN A 635 18.70 -47.94 -36.80
N VAL A 636 17.68 -47.10 -36.60
CA VAL A 636 16.76 -47.24 -35.49
C VAL A 636 15.34 -47.13 -36.00
N ALA A 637 14.40 -47.52 -35.16
CA ALA A 637 12.98 -47.43 -35.45
C ALA A 637 12.26 -46.74 -34.29
N VAL A 638 11.19 -46.03 -34.62
CA VAL A 638 10.46 -45.22 -33.66
C VAL A 638 9.12 -45.88 -33.38
N LEU A 639 8.73 -45.91 -32.11
CA LEU A 639 7.48 -46.51 -31.67
C LEU A 639 6.68 -45.47 -30.91
N TYR A 640 5.47 -45.18 -31.36
CA TYR A 640 4.54 -44.38 -30.60
C TYR A 640 3.70 -45.29 -29.70
N GLN A 641 3.07 -44.68 -28.69
CA GLN A 641 2.44 -45.48 -27.65
C GLN A 641 1.02 -45.93 -28.01
N GLY A 642 0.13 -44.97 -28.23
CA GLY A 642 -1.27 -45.34 -28.37
C GLY A 642 -1.98 -44.74 -29.57
N VAL A 643 -1.32 -43.85 -30.31
CA VAL A 643 -1.95 -43.23 -31.45
C VAL A 643 -2.20 -44.25 -32.56
N ASN A 644 -3.05 -43.88 -33.50
CA ASN A 644 -3.33 -44.71 -34.67
C ASN A 644 -2.62 -44.11 -35.87
N CYS A 645 -1.92 -44.97 -36.62
CA CYS A 645 -1.20 -44.52 -37.80
C CYS A 645 -1.67 -45.25 -39.04
N ASN A 669 7.55 -47.45 -44.42
CA ASN A 669 6.96 -48.71 -43.99
C ASN A 669 6.23 -48.54 -42.66
N VAL A 670 5.09 -47.87 -42.69
CA VAL A 670 4.27 -47.67 -41.51
C VAL A 670 3.48 -48.95 -41.25
N PHE A 671 3.85 -49.66 -40.19
CA PHE A 671 3.20 -50.91 -39.81
C PHE A 671 2.47 -50.70 -38.48
N GLN A 672 1.31 -51.34 -38.35
CA GLN A 672 0.41 -51.10 -37.23
C GLN A 672 0.52 -52.21 -36.19
N THR A 673 0.54 -51.82 -34.92
CA THR A 673 0.67 -52.73 -33.81
C THR A 673 -0.43 -52.44 -32.80
N ARG A 674 -0.83 -53.48 -32.06
CA ARG A 674 -1.83 -53.31 -31.01
C ARG A 674 -1.41 -52.27 -29.98
N ALA A 675 -0.11 -52.02 -29.82
CA ALA A 675 0.36 -51.09 -28.81
C ALA A 675 1.03 -49.87 -29.44
N GLY A 676 0.40 -49.30 -30.46
CA GLY A 676 0.93 -48.13 -31.14
C GLY A 676 1.29 -48.45 -32.58
N CYS A 677 1.73 -47.42 -33.29
CA CYS A 677 2.11 -47.56 -34.69
C CYS A 677 3.62 -47.58 -34.80
N LEU A 678 4.14 -48.57 -35.52
CA LEU A 678 5.58 -48.77 -35.68
C LEU A 678 6.03 -48.23 -37.02
N ILE A 679 7.04 -47.37 -37.01
CA ILE A 679 7.63 -46.84 -38.24
C ILE A 679 9.11 -47.18 -38.24
N GLY A 680 9.66 -47.32 -39.44
CA GLY A 680 11.06 -47.67 -39.57
C GLY A 680 11.37 -49.13 -39.34
N ALA A 681 10.36 -50.00 -39.30
CA ALA A 681 10.58 -51.42 -39.10
C ALA A 681 9.77 -52.20 -40.11
N GLU A 682 10.26 -53.41 -40.43
CA GLU A 682 9.67 -54.25 -41.46
C GLU A 682 9.02 -55.46 -40.82
N HIS A 683 7.75 -55.69 -41.13
CA HIS A 683 7.04 -56.83 -40.58
C HIS A 683 7.47 -58.12 -41.28
N VAL A 684 7.37 -59.23 -40.54
CA VAL A 684 7.65 -60.56 -41.07
C VAL A 684 6.56 -61.51 -40.59
N ASN A 685 6.58 -62.72 -41.14
CA ASN A 685 5.60 -63.74 -40.81
C ASN A 685 6.19 -64.90 -40.01
N ASN A 686 7.46 -64.85 -39.65
CA ASN A 686 8.11 -65.93 -38.93
C ASN A 686 7.79 -65.82 -37.44
N SER A 687 8.49 -66.59 -36.62
CA SER A 687 8.31 -66.55 -35.17
C SER A 687 9.53 -67.17 -34.51
N TYR A 688 10.16 -66.42 -33.62
CA TYR A 688 11.32 -66.89 -32.88
C TYR A 688 11.20 -66.43 -31.43
N GLU A 689 12.13 -66.90 -30.60
CA GLU A 689 12.33 -66.27 -29.31
C GLU A 689 12.88 -64.87 -29.57
N CYS A 690 12.39 -63.90 -28.82
CA CYS A 690 12.61 -62.51 -29.17
C CYS A 690 13.59 -61.82 -28.23
N ASP A 691 14.25 -60.79 -28.76
CA ASP A 691 15.33 -60.11 -28.09
C ASP A 691 14.87 -58.84 -27.37
N ILE A 692 14.20 -57.94 -28.08
CA ILE A 692 13.76 -56.68 -27.50
C ILE A 692 12.24 -56.66 -27.38
N PRO A 693 11.69 -56.83 -26.19
CA PRO A 693 10.23 -56.77 -26.05
C PRO A 693 9.70 -55.38 -26.33
N ILE A 694 8.47 -55.35 -26.84
CA ILE A 694 7.83 -54.09 -27.21
C ILE A 694 6.53 -53.93 -26.45
N GLY A 695 5.60 -54.86 -26.67
CA GLY A 695 4.30 -54.81 -26.02
C GLY A 695 3.27 -55.61 -26.79
N ALA A 696 2.25 -56.11 -26.09
CA ALA A 696 1.18 -56.87 -26.69
C ALA A 696 1.71 -58.04 -27.52
N GLY A 697 2.72 -58.71 -26.98
CA GLY A 697 3.28 -59.87 -27.66
C GLY A 697 3.93 -59.56 -28.99
N ILE A 698 4.69 -58.48 -29.05
CA ILE A 698 5.42 -58.10 -30.27
C ILE A 698 6.86 -57.82 -29.88
N CYS A 699 7.79 -58.37 -30.65
CA CYS A 699 9.20 -58.28 -30.33
C CYS A 699 10.00 -57.94 -31.57
N ALA A 700 11.01 -57.08 -31.40
CA ALA A 700 11.87 -56.65 -32.48
C ALA A 700 13.25 -57.29 -32.36
N SER A 701 13.98 -57.32 -33.48
CA SER A 701 15.31 -57.89 -33.51
C SER A 701 16.09 -57.25 -34.65
N TYR A 702 17.28 -57.78 -34.92
CA TYR A 702 18.15 -57.22 -35.95
C TYR A 702 18.57 -58.21 -37.03
N GLN A 703 18.45 -59.51 -36.79
CA GLN A 703 18.92 -60.49 -37.77
C GLN A 703 18.13 -60.40 -39.07
N THR A 704 18.84 -60.48 -40.19
CA THR A 704 18.22 -60.37 -41.50
C THR A 704 18.93 -61.26 -42.52
N SER A 717 22.54 -56.71 -46.92
CA SER A 717 22.45 -55.83 -45.75
C SER A 717 21.56 -56.43 -44.68
N GLN A 718 21.41 -55.71 -43.57
CA GLN A 718 20.57 -56.15 -42.47
C GLN A 718 19.77 -54.96 -41.96
N SER A 719 18.59 -55.25 -41.41
CA SER A 719 17.66 -54.22 -40.98
C SER A 719 17.02 -54.63 -39.66
N ILE A 720 15.94 -53.94 -39.31
CA ILE A 720 15.23 -54.16 -38.06
C ILE A 720 13.85 -54.72 -38.38
N ILE A 721 13.51 -55.84 -37.76
CA ILE A 721 12.26 -56.54 -38.04
C ILE A 721 11.47 -56.70 -36.75
N ALA A 722 10.16 -56.87 -36.90
CA ALA A 722 9.25 -57.09 -35.80
C ALA A 722 8.37 -58.28 -36.11
N TYR A 723 7.87 -58.93 -35.06
CA TYR A 723 7.10 -60.16 -35.23
C TYR A 723 6.43 -60.50 -33.91
N THR A 724 5.62 -61.55 -33.93
CA THR A 724 5.00 -62.09 -32.73
C THR A 724 5.93 -63.15 -32.15
N MET A 725 6.29 -62.99 -30.88
CA MET A 725 7.28 -63.86 -30.26
C MET A 725 6.76 -65.29 -30.18
N SER A 726 7.68 -66.24 -30.23
CA SER A 726 7.37 -67.66 -30.09
C SER A 726 7.85 -68.13 -28.73
N LEU A 727 6.95 -68.76 -27.97
CA LEU A 727 7.28 -69.19 -26.63
C LEU A 727 8.35 -70.28 -26.60
N GLY A 728 8.62 -70.91 -27.73
CA GLY A 728 9.64 -71.93 -27.80
C GLY A 728 9.29 -72.95 -28.86
N ALA A 729 10.00 -74.06 -28.83
CA ALA A 729 9.74 -75.15 -29.75
C ALA A 729 8.51 -75.93 -29.28
N GLU A 730 8.28 -77.09 -29.87
CA GLU A 730 7.16 -77.92 -29.47
C GLU A 730 7.48 -79.36 -29.82
N ASN A 731 7.47 -80.24 -28.81
CA ASN A 731 7.71 -81.66 -29.02
C ASN A 731 6.64 -82.47 -28.32
N SER A 732 6.03 -83.39 -29.06
CA SER A 732 5.09 -84.32 -28.46
C SER A 732 5.84 -85.38 -27.67
N VAL A 733 5.16 -85.95 -26.68
CA VAL A 733 5.72 -86.99 -25.83
C VAL A 733 4.98 -88.28 -26.13
N ALA A 734 5.74 -89.34 -26.41
CA ALA A 734 5.16 -90.62 -26.79
C ALA A 734 4.67 -91.36 -25.55
N TYR A 735 3.61 -90.84 -24.96
CA TYR A 735 3.06 -91.40 -23.75
C TYR A 735 2.14 -92.55 -24.10
N SER A 736 2.49 -93.76 -23.66
CA SER A 736 1.66 -94.94 -23.85
C SER A 736 1.50 -95.65 -22.52
N ASN A 737 0.40 -96.37 -22.38
CA ASN A 737 0.08 -96.95 -21.09
C ASN A 737 1.00 -98.09 -20.69
N ASN A 738 2.06 -98.38 -21.43
CA ASN A 738 3.02 -99.40 -21.00
C ASN A 738 4.47 -99.02 -21.30
N SER A 739 4.73 -97.81 -21.77
CA SER A 739 6.06 -97.39 -22.20
C SER A 739 6.67 -96.47 -21.15
N ILE A 740 7.90 -96.79 -20.74
CA ILE A 740 8.62 -96.02 -19.74
C ILE A 740 10.01 -95.72 -20.29
N ALA A 741 10.57 -94.59 -19.86
CA ALA A 741 11.91 -94.19 -20.26
C ALA A 741 12.81 -94.14 -19.05
N ILE A 742 14.09 -94.44 -19.25
CA ILE A 742 15.05 -94.51 -18.16
C ILE A 742 16.39 -93.93 -18.63
N PRO A 743 17.01 -93.04 -17.87
CA PRO A 743 18.32 -92.52 -18.27
C PRO A 743 19.39 -93.60 -18.18
N ILE A 744 20.44 -93.42 -18.98
CA ILE A 744 21.59 -94.32 -18.95
C ILE A 744 22.88 -93.60 -18.61
N ASN A 745 22.97 -92.29 -18.81
CA ASN A 745 24.17 -91.52 -18.53
C ASN A 745 23.78 -90.32 -17.70
N PHE A 746 24.75 -89.74 -17.01
CA PHE A 746 24.47 -88.62 -16.12
C PHE A 746 25.62 -87.65 -16.15
N THR A 747 25.29 -86.36 -16.24
CA THR A 747 26.29 -85.30 -16.18
C THR A 747 26.21 -84.60 -14.84
N ILE A 748 27.16 -83.72 -14.59
CA ILE A 748 27.17 -82.88 -13.41
C ILE A 748 27.42 -81.45 -13.85
N SER A 749 26.51 -80.56 -13.49
CA SER A 749 26.60 -79.16 -13.87
C SER A 749 26.79 -78.29 -12.64
N VAL A 750 27.11 -77.02 -12.89
CA VAL A 750 27.18 -76.01 -11.86
C VAL A 750 26.49 -74.75 -12.37
N THR A 751 26.03 -73.93 -11.42
CA THR A 751 25.24 -72.77 -11.77
C THR A 751 25.43 -71.70 -10.70
N THR A 752 25.55 -70.45 -11.14
CA THR A 752 25.70 -69.34 -10.23
C THR A 752 24.34 -68.72 -9.92
N GLU A 753 24.32 -67.86 -8.90
CA GLU A 753 23.09 -67.19 -8.51
C GLU A 753 23.47 -65.97 -7.67
N ILE A 754 23.14 -64.78 -8.16
CA ILE A 754 23.62 -63.53 -7.58
C ILE A 754 22.57 -62.99 -6.63
N LEU A 755 23.00 -62.49 -5.47
CA LEU A 755 22.05 -61.88 -4.53
C LEU A 755 22.66 -60.66 -3.87
N PRO A 756 21.96 -59.53 -3.85
CA PRO A 756 22.42 -58.40 -3.04
C PRO A 756 22.26 -58.70 -1.56
N VAL A 757 23.07 -58.03 -0.75
CA VAL A 757 23.04 -58.18 0.70
C VAL A 757 22.86 -56.84 1.40
N SER A 758 23.63 -55.84 0.99
CA SER A 758 23.51 -54.52 1.61
C SER A 758 23.87 -53.45 0.60
N MET A 759 23.38 -52.25 0.85
CA MET A 759 23.71 -51.08 0.05
C MET A 759 24.63 -50.17 0.86
N THR A 760 24.97 -49.03 0.28
CA THR A 760 25.95 -48.13 0.88
C THR A 760 25.32 -47.36 2.03
N LYS A 761 25.88 -47.52 3.23
CA LYS A 761 25.44 -46.75 4.38
C LYS A 761 25.63 -45.26 4.12
N THR A 762 24.64 -44.47 4.50
CA THR A 762 24.67 -43.03 4.25
C THR A 762 24.16 -42.28 5.46
N SER A 763 24.44 -40.98 5.47
CA SER A 763 23.92 -40.08 6.49
C SER A 763 23.91 -38.68 5.92
N VAL A 764 22.86 -37.92 6.20
CA VAL A 764 22.68 -36.57 5.68
C VAL A 764 22.29 -35.68 6.83
N ASP A 765 23.20 -34.81 7.25
CA ASP A 765 22.89 -33.86 8.32
C ASP A 765 21.83 -32.89 7.83
N CYS A 766 20.83 -32.64 8.66
CA CYS A 766 19.69 -31.85 8.25
C CYS A 766 20.05 -30.37 8.07
N THR A 767 20.49 -29.73 9.15
CA THR A 767 20.71 -28.28 9.11
C THR A 767 21.79 -27.91 8.10
N MET A 768 22.89 -28.67 8.07
CA MET A 768 23.99 -28.34 7.18
C MET A 768 23.56 -28.42 5.72
N TYR A 769 22.55 -29.23 5.41
CA TYR A 769 22.07 -29.31 4.03
C TYR A 769 21.09 -28.21 3.71
N ILE A 770 20.02 -28.10 4.50
CA ILE A 770 18.96 -27.15 4.20
C ILE A 770 19.52 -25.73 4.22
N CYS A 771 20.22 -25.38 5.29
CA CYS A 771 20.86 -24.08 5.41
C CYS A 771 22.35 -24.21 5.12
N GLY A 772 23.00 -23.06 4.94
CA GLY A 772 24.44 -23.01 4.80
C GLY A 772 25.08 -22.57 6.10
N ASP A 773 25.46 -21.30 6.16
CA ASP A 773 25.96 -20.69 7.39
C ASP A 773 25.06 -19.58 7.89
N SER A 774 23.93 -19.33 7.22
CA SER A 774 22.98 -18.31 7.64
C SER A 774 22.39 -18.63 9.01
N THR A 775 22.71 -17.82 10.02
CA THR A 775 22.17 -18.06 11.35
C THR A 775 20.65 -17.92 11.36
N GLU A 776 20.13 -16.90 10.69
CA GLU A 776 18.68 -16.70 10.64
C GLU A 776 17.98 -17.88 9.97
N CYS A 777 18.66 -18.55 9.04
CA CYS A 777 18.11 -19.76 8.47
C CYS A 777 17.89 -20.82 9.55
N SER A 778 18.86 -20.97 10.45
CA SER A 778 18.68 -21.88 11.57
C SER A 778 17.54 -21.43 12.47
N ASN A 779 17.41 -20.13 12.69
CA ASN A 779 16.33 -19.63 13.53
C ASN A 779 14.98 -19.98 12.93
N LEU A 780 14.84 -19.84 11.60
CA LEU A 780 13.61 -20.25 10.95
C LEU A 780 13.38 -21.76 11.06
N LEU A 781 14.43 -22.55 10.88
CA LEU A 781 14.29 -24.00 11.01
C LEU A 781 13.91 -24.42 12.42
N LEU A 782 14.23 -23.62 13.43
CA LEU A 782 13.78 -23.94 14.79
C LEU A 782 12.28 -23.89 14.96
N GLN A 783 11.53 -23.56 13.91
CA GLN A 783 10.08 -23.71 13.93
C GLN A 783 9.63 -25.07 13.44
N TYR A 784 10.55 -25.89 12.93
CA TYR A 784 10.27 -27.19 12.32
C TYR A 784 11.03 -28.29 13.02
N GLY A 785 11.33 -28.09 14.30
CA GLY A 785 12.42 -28.83 14.93
C GLY A 785 12.42 -30.35 14.81
N SER A 786 11.25 -30.97 14.99
CA SER A 786 11.22 -32.43 15.07
C SER A 786 11.59 -33.09 13.73
N PHE A 787 11.46 -32.36 12.62
CA PHE A 787 11.65 -32.95 11.31
C PHE A 787 13.08 -33.46 11.14
N CYS A 788 14.06 -32.63 11.50
CA CYS A 788 15.45 -33.03 11.32
C CYS A 788 15.80 -34.24 12.18
N THR A 789 15.32 -34.24 13.43
CA THR A 789 15.56 -35.39 14.30
C THR A 789 14.94 -36.66 13.71
N GLN A 790 13.72 -36.56 13.19
CA GLN A 790 13.08 -37.73 12.60
C GLN A 790 13.87 -38.25 11.41
N LEU A 791 14.32 -37.34 10.54
CA LEU A 791 15.08 -37.76 9.37
C LEU A 791 16.38 -38.44 9.76
N ASN A 792 17.10 -37.86 10.73
CA ASN A 792 18.35 -38.48 11.17
C ASN A 792 18.10 -39.84 11.80
N ARG A 793 17.02 -39.97 12.57
CA ARG A 793 16.70 -41.25 13.18
C ARG A 793 16.42 -42.30 12.11
N ALA A 794 15.67 -41.92 11.07
CA ALA A 794 15.39 -42.86 9.99
C ALA A 794 16.67 -43.31 9.29
N LEU A 795 17.57 -42.37 9.03
CA LEU A 795 18.81 -42.75 8.36
C LEU A 795 19.67 -43.67 9.24
N THR A 796 19.73 -43.39 10.54
CA THR A 796 20.46 -44.29 11.43
C THR A 796 19.84 -45.67 11.45
N GLY A 797 18.50 -45.74 11.44
CA GLY A 797 17.84 -47.03 11.38
C GLY A 797 18.20 -47.80 10.12
N ILE A 798 18.23 -47.11 8.98
CA ILE A 798 18.62 -47.78 7.74
C ILE A 798 20.05 -48.29 7.83
N ALA A 799 20.95 -47.49 8.39
CA ALA A 799 22.35 -47.93 8.50
C ALA A 799 22.47 -49.19 9.36
N VAL A 800 21.83 -49.18 10.53
CA VAL A 800 21.95 -50.35 11.39
C VAL A 800 21.27 -51.55 10.76
N GLU A 801 20.22 -51.34 9.97
CA GLU A 801 19.61 -52.45 9.26
C GLU A 801 20.57 -53.05 8.23
N GLN A 802 21.31 -52.20 7.53
CA GLN A 802 22.31 -52.71 6.59
C GLN A 802 23.34 -53.58 7.30
N ASP A 803 23.87 -53.08 8.43
CA ASP A 803 24.85 -53.87 9.14
C ASP A 803 24.25 -55.17 9.67
N LYS A 804 23.00 -55.12 10.12
CA LYS A 804 22.35 -56.32 10.61
C LYS A 804 22.21 -57.36 9.51
N ASN A 805 21.86 -56.92 8.30
CA ASN A 805 21.79 -57.85 7.17
C ASN A 805 23.13 -58.53 6.95
N THR A 806 24.19 -57.73 6.86
CA THR A 806 25.50 -58.32 6.58
C THR A 806 25.90 -59.29 7.69
N GLN A 807 25.54 -58.97 8.94
CA GLN A 807 25.85 -59.85 10.06
C GLN A 807 25.08 -61.16 9.95
N GLU A 808 23.78 -61.09 9.63
CA GLU A 808 22.95 -62.29 9.61
C GLU A 808 23.36 -63.23 8.50
N VAL A 809 23.67 -62.69 7.31
CA VAL A 809 23.83 -63.57 6.17
C VAL A 809 25.10 -64.41 6.23
N PHE A 810 26.11 -64.01 7.00
CA PHE A 810 27.42 -64.63 6.92
C PHE A 810 27.82 -65.41 8.16
N ALA A 811 27.80 -64.79 9.34
CA ALA A 811 28.37 -65.45 10.51
C ALA A 811 27.47 -66.57 11.01
N GLN A 812 27.41 -67.68 10.27
CA GLN A 812 26.63 -68.84 10.66
C GLN A 812 27.43 -69.82 11.52
N VAL A 813 28.71 -69.58 11.72
CA VAL A 813 29.56 -70.48 12.49
C VAL A 813 30.44 -69.67 13.43
N LYS A 814 30.64 -70.19 14.64
CA LYS A 814 31.46 -69.54 15.64
C LYS A 814 32.73 -70.33 15.93
N GLN A 815 33.28 -70.97 14.91
CA GLN A 815 34.51 -71.76 15.06
C GLN A 815 35.21 -71.73 13.70
N ILE A 816 36.13 -70.80 13.53
CA ILE A 816 36.80 -70.64 12.23
C ILE A 816 37.65 -71.87 11.96
N TYR A 817 37.29 -72.61 10.92
CA TYR A 817 38.02 -73.83 10.58
C TYR A 817 39.20 -73.50 9.67
N LYS A 818 39.91 -74.53 9.25
CA LYS A 818 41.12 -74.34 8.46
C LYS A 818 41.31 -75.53 7.52
N THR A 819 41.48 -75.23 6.24
CA THR A 819 41.72 -76.28 5.27
C THR A 819 43.08 -76.92 5.52
N PRO A 820 43.20 -78.24 5.38
CA PRO A 820 44.50 -78.88 5.56
C PRO A 820 45.44 -78.49 4.44
N PRO A 821 46.75 -78.53 4.66
CA PRO A 821 47.71 -78.23 3.58
C PRO A 821 47.59 -79.20 2.41
N ILE A 822 47.26 -80.46 2.67
CA ILE A 822 47.09 -81.43 1.59
C ILE A 822 45.83 -81.10 0.81
N LYS A 823 45.84 -81.44 -0.48
CA LYS A 823 44.69 -81.27 -1.36
C LYS A 823 44.22 -82.62 -1.90
N ASP A 824 44.20 -83.63 -1.04
CA ASP A 824 43.78 -84.99 -1.42
C ASP A 824 42.28 -85.11 -1.22
N PHE A 825 41.54 -84.62 -2.21
CA PHE A 825 40.08 -84.64 -2.20
C PHE A 825 39.52 -85.53 -3.31
N GLY A 826 40.15 -86.67 -3.53
CA GLY A 826 39.65 -87.60 -4.53
C GLY A 826 39.60 -87.03 -5.92
N GLY A 827 40.61 -86.27 -6.31
CA GLY A 827 40.68 -85.75 -7.66
C GLY A 827 39.86 -84.50 -7.93
N PHE A 828 39.25 -83.92 -6.91
CA PHE A 828 38.47 -82.68 -7.08
C PHE A 828 39.42 -81.52 -6.90
N ASN A 829 39.82 -80.89 -8.01
CA ASN A 829 40.85 -79.85 -8.00
C ASN A 829 40.25 -78.56 -7.41
N PHE A 830 40.16 -78.54 -6.08
CA PHE A 830 39.68 -77.36 -5.36
C PHE A 830 40.82 -76.35 -5.25
N SER A 831 41.03 -75.61 -6.34
CA SER A 831 42.07 -74.59 -6.36
C SER A 831 41.58 -73.22 -6.82
N GLN A 832 40.39 -73.12 -7.38
CA GLN A 832 39.86 -71.84 -7.82
C GLN A 832 39.02 -71.14 -6.76
N ILE A 833 38.76 -71.80 -5.63
CA ILE A 833 37.92 -71.20 -4.60
C ILE A 833 38.61 -71.32 -3.24
N LEU A 834 39.84 -71.69 -3.24
CA LEU A 834 40.45 -71.70 -1.92
C LEU A 834 41.37 -70.51 -1.76
N PRO A 835 41.53 -70.01 -0.54
CA PRO A 835 42.41 -68.87 -0.31
C PRO A 835 43.85 -69.17 -0.72
N ASP A 836 44.52 -68.16 -1.26
CA ASP A 836 45.90 -68.27 -1.70
C ASP A 836 46.80 -67.45 -0.80
N PRO A 837 47.85 -68.04 -0.23
CA PRO A 837 48.75 -67.26 0.63
C PRO A 837 49.52 -66.18 -0.10
N SER A 838 49.62 -66.26 -1.43
CA SER A 838 50.40 -65.30 -2.19
C SER A 838 49.85 -63.89 -2.02
N LYS A 839 48.56 -63.70 -2.28
CA LYS A 839 47.95 -62.40 -2.08
C LYS A 839 47.86 -62.07 -0.59
N PRO A 840 47.96 -60.78 -0.23
CA PRO A 840 47.88 -60.40 1.19
C PRO A 840 46.59 -60.85 1.83
N SER A 841 45.45 -60.39 1.29
CA SER A 841 44.17 -60.89 1.74
C SER A 841 43.99 -62.33 1.28
N LYS A 842 43.19 -63.08 2.04
CA LYS A 842 42.93 -64.46 1.71
C LYS A 842 41.86 -64.63 0.64
N ARG A 843 41.59 -63.57 -0.12
CA ARG A 843 40.64 -63.67 -1.23
C ARG A 843 41.11 -64.71 -2.24
N SER A 844 40.21 -65.61 -2.60
CA SER A 844 40.54 -66.65 -3.56
C SER A 844 40.50 -66.11 -4.98
N PHE A 845 40.74 -66.99 -5.94
CA PHE A 845 40.88 -66.55 -7.32
C PHE A 845 39.55 -66.05 -7.89
N ILE A 846 38.48 -66.82 -7.73
CA ILE A 846 37.20 -66.42 -8.30
C ILE A 846 36.66 -65.18 -7.60
N GLU A 847 36.85 -65.09 -6.29
CA GLU A 847 36.46 -63.85 -5.60
C GLU A 847 37.24 -62.67 -6.15
N ASP A 848 38.54 -62.84 -6.38
CA ASP A 848 39.36 -61.76 -6.91
C ASP A 848 38.86 -61.33 -8.28
N LEU A 849 38.57 -62.29 -9.15
CA LEU A 849 38.05 -61.97 -10.48
C LEU A 849 36.71 -61.24 -10.37
N LEU A 850 35.84 -61.71 -9.49
CA LEU A 850 34.53 -61.11 -9.33
C LEU A 850 34.60 -59.70 -8.78
N PHE A 851 35.60 -59.42 -7.95
CA PHE A 851 35.66 -58.13 -7.28
C PHE A 851 36.08 -57.00 -8.23
N ASN A 852 36.65 -57.33 -9.38
CA ASN A 852 37.13 -56.31 -10.30
C ASN A 852 36.10 -55.94 -11.37
N LYS A 853 35.19 -56.86 -11.70
CA LYS A 853 34.17 -56.55 -12.70
C LYS A 853 33.28 -55.40 -12.26
N VAL A 854 33.10 -55.23 -10.95
CA VAL A 854 32.24 -54.18 -10.42
C VAL A 854 33.07 -52.92 -10.21
N THR A 855 32.59 -51.81 -10.74
CA THR A 855 33.29 -50.54 -10.63
C THR A 855 32.40 -49.46 -10.02
N PHE A 883 30.44 -33.51 0.05
CA PHE A 883 30.63 -32.10 0.38
C PHE A 883 29.59 -31.59 1.36
N ASN A 884 28.39 -31.33 0.84
CA ASN A 884 27.35 -30.63 1.59
C ASN A 884 26.59 -31.64 2.47
N GLY A 885 27.23 -32.01 3.57
CA GLY A 885 26.60 -32.84 4.57
C GLY A 885 26.14 -34.20 4.08
N LEU A 886 27.02 -34.90 3.37
CA LEU A 886 26.71 -36.20 2.78
C LEU A 886 27.74 -37.23 3.22
N THR A 887 27.99 -37.30 4.52
CA THR A 887 28.97 -38.25 5.04
C THR A 887 28.54 -39.67 4.72
N VAL A 888 29.51 -40.51 4.44
CA VAL A 888 29.28 -41.91 4.11
C VAL A 888 29.97 -42.77 5.17
N LEU A 889 29.24 -43.66 5.75
CA LEU A 889 29.88 -44.44 6.79
C LEU A 889 30.38 -45.76 6.25
N PRO A 890 31.44 -46.32 6.82
CA PRO A 890 31.93 -47.62 6.38
C PRO A 890 31.30 -48.74 7.18
N PRO A 891 31.18 -49.92 6.60
CA PRO A 891 30.62 -51.05 7.36
C PRO A 891 31.57 -51.48 8.46
N LEU A 892 30.98 -51.94 9.57
CA LEU A 892 31.78 -52.36 10.71
C LEU A 892 32.29 -53.78 10.58
N LEU A 893 32.32 -54.31 9.36
CA LEU A 893 32.85 -55.64 9.09
C LEU A 893 33.57 -55.57 7.75
N THR A 894 34.88 -55.38 7.78
CA THR A 894 35.64 -55.12 6.57
C THR A 894 35.67 -56.36 5.68
N ASP A 895 35.98 -56.13 4.40
CA ASP A 895 35.88 -57.19 3.40
C ASP A 895 36.79 -58.36 3.72
N GLU A 896 37.94 -58.11 4.35
CA GLU A 896 38.84 -59.20 4.67
C GLU A 896 38.20 -60.18 5.63
N MET A 897 37.48 -59.68 6.63
CA MET A 897 36.78 -60.57 7.55
C MET A 897 35.66 -61.33 6.84
N ILE A 898 35.02 -60.70 5.85
CA ILE A 898 34.00 -61.39 5.08
C ILE A 898 34.62 -62.56 4.32
N ALA A 899 35.76 -62.33 3.67
CA ALA A 899 36.46 -63.41 3.01
C ALA A 899 36.89 -64.48 3.98
N GLN A 900 37.26 -64.10 5.20
CA GLN A 900 37.61 -65.08 6.22
C GLN A 900 36.42 -65.97 6.54
N TYR A 901 35.24 -65.38 6.73
CA TYR A 901 34.04 -66.17 6.98
C TYR A 901 33.76 -67.12 5.81
N THR A 902 33.89 -66.62 4.59
CA THR A 902 33.62 -67.46 3.43
C THR A 902 34.58 -68.64 3.37
N SER A 903 35.86 -68.39 3.65
CA SER A 903 36.84 -69.48 3.66
C SER A 903 36.52 -70.49 4.75
N ALA A 904 36.10 -70.02 5.92
CA ALA A 904 35.72 -70.94 6.99
C ALA A 904 34.57 -71.82 6.55
N LEU A 905 33.56 -71.22 5.90
CA LEU A 905 32.42 -72.00 5.43
C LEU A 905 32.85 -73.03 4.40
N LEU A 906 33.76 -72.66 3.49
CA LEU A 906 34.26 -73.61 2.50
C LEU A 906 34.97 -74.78 3.17
N ALA A 907 35.82 -74.49 4.15
CA ALA A 907 36.53 -75.55 4.84
C ALA A 907 35.55 -76.48 5.54
N GLY A 908 34.56 -75.91 6.22
CA GLY A 908 33.59 -76.72 6.91
C GLY A 908 32.80 -77.62 5.99
N THR A 909 32.34 -77.08 4.85
CA THR A 909 31.55 -77.88 3.94
C THR A 909 32.39 -78.84 3.10
N ILE A 910 33.70 -78.65 3.05
CA ILE A 910 34.56 -79.57 2.31
C ILE A 910 35.01 -80.74 3.17
N THR A 911 35.56 -80.47 4.35
CA THR A 911 36.10 -81.56 5.14
C THR A 911 35.01 -82.23 5.98
N SER A 912 34.31 -81.46 6.81
CA SER A 912 33.45 -82.01 7.84
C SER A 912 32.07 -82.38 7.34
N GLY A 913 31.90 -82.60 6.04
CA GLY A 913 30.60 -82.98 5.53
C GLY A 913 29.61 -81.86 5.76
N TRP A 914 28.52 -82.18 6.46
CA TRP A 914 27.54 -81.17 6.84
C TRP A 914 27.15 -81.22 8.30
N THR A 915 27.70 -82.15 9.07
CA THR A 915 27.37 -82.21 10.49
C THR A 915 27.83 -80.97 11.24
N PHE A 916 28.80 -80.22 10.70
CA PHE A 916 29.27 -79.03 11.37
C PHE A 916 28.21 -77.94 11.42
N GLY A 917 27.12 -78.08 10.67
CA GLY A 917 25.98 -77.21 10.85
C GLY A 917 25.11 -77.54 12.04
N ALA A 918 25.38 -78.66 12.71
CA ALA A 918 24.62 -79.11 13.88
C ALA A 918 25.62 -79.50 14.96
N GLY A 919 25.98 -78.55 15.80
CA GLY A 919 26.87 -78.82 16.91
C GLY A 919 28.33 -78.73 16.49
N ALA A 920 29.10 -79.77 16.82
CA ALA A 920 30.51 -79.79 16.51
C ALA A 920 30.74 -80.17 15.05
N ALA A 921 31.99 -80.17 14.63
CA ALA A 921 32.37 -80.55 13.28
C ALA A 921 32.96 -81.95 13.30
N LEU A 922 32.41 -82.84 12.46
CA LEU A 922 32.80 -84.24 12.43
C LEU A 922 33.49 -84.54 11.12
N GLN A 923 34.70 -85.08 11.21
CA GLN A 923 35.52 -85.31 10.02
C GLN A 923 35.11 -86.58 9.30
N ILE A 924 35.19 -86.55 7.97
CA ILE A 924 34.76 -87.66 7.14
C ILE A 924 35.38 -87.50 5.75
N PRO A 925 35.88 -88.56 5.13
CA PRO A 925 36.50 -88.42 3.80
C PRO A 925 35.50 -87.92 2.78
N PHE A 926 36.01 -87.14 1.82
CA PHE A 926 35.14 -86.46 0.87
C PHE A 926 34.37 -87.43 -0.01
N ALA A 927 35.04 -88.51 -0.45
CA ALA A 927 34.38 -89.46 -1.34
C ALA A 927 33.16 -90.08 -0.67
N MET A 928 33.29 -90.44 0.61
CA MET A 928 32.15 -91.00 1.32
C MET A 928 31.03 -89.98 1.45
N GLN A 929 31.37 -88.70 1.59
CA GLN A 929 30.32 -87.68 1.67
C GLN A 929 29.58 -87.54 0.35
N MET A 930 30.30 -87.55 -0.76
CA MET A 930 29.62 -87.48 -2.04
C MET A 930 28.75 -88.71 -2.24
N ALA A 931 29.20 -89.87 -1.77
CA ALA A 931 28.36 -91.06 -1.81
C ALA A 931 27.11 -90.88 -0.96
N TYR A 932 27.26 -90.27 0.22
CA TYR A 932 26.12 -89.94 1.05
C TYR A 932 25.08 -89.15 0.26
N ARG A 933 25.52 -88.08 -0.39
CA ARG A 933 24.58 -87.21 -1.07
C ARG A 933 23.96 -87.90 -2.28
N PHE A 934 24.74 -88.71 -3.00
CA PHE A 934 24.18 -89.49 -4.09
C PHE A 934 23.10 -90.43 -3.59
N ASN A 935 23.33 -91.05 -2.44
CA ASN A 935 22.26 -91.79 -1.79
C ASN A 935 21.09 -90.88 -1.47
N GLY A 936 21.37 -89.63 -1.12
CA GLY A 936 20.31 -88.71 -0.76
C GLY A 936 19.35 -88.45 -1.91
N ILE A 937 19.88 -88.21 -3.12
CA ILE A 937 18.99 -87.90 -4.23
C ILE A 937 18.35 -89.13 -4.85
N GLY A 938 18.60 -90.31 -4.32
CA GLY A 938 17.93 -91.50 -4.76
C GLY A 938 18.67 -92.37 -5.75
N VAL A 939 19.99 -92.45 -5.68
CA VAL A 939 20.77 -93.41 -6.45
C VAL A 939 21.77 -94.08 -5.52
N THR A 940 22.00 -95.37 -5.75
CA THR A 940 22.81 -96.16 -4.84
C THR A 940 24.28 -95.70 -4.89
N GLN A 941 25.02 -96.06 -3.85
CA GLN A 941 26.40 -95.59 -3.72
C GLN A 941 27.27 -96.09 -4.87
N ASN A 942 27.06 -97.34 -5.29
CA ASN A 942 27.95 -97.96 -6.26
C ASN A 942 28.10 -97.13 -7.52
N VAL A 943 27.05 -96.39 -7.90
CA VAL A 943 27.12 -95.55 -9.08
C VAL A 943 28.27 -94.54 -8.96
N LEU A 944 28.43 -93.95 -7.76
CA LEU A 944 29.50 -92.99 -7.57
C LEU A 944 30.87 -93.66 -7.58
N TYR A 945 31.01 -94.76 -6.83
CA TYR A 945 32.32 -95.41 -6.73
C TYR A 945 32.80 -95.94 -8.06
N GLU A 946 31.86 -96.35 -8.93
CA GLU A 946 32.28 -96.88 -10.23
C GLU A 946 32.71 -95.80 -11.20
N ASN A 947 32.55 -94.52 -10.86
CA ASN A 947 32.81 -93.47 -11.84
C ASN A 947 33.52 -92.26 -11.23
N GLN A 948 34.40 -92.49 -10.25
CA GLN A 948 35.06 -91.37 -9.58
C GLN A 948 35.81 -90.50 -10.57
N LYS A 949 36.57 -91.11 -11.48
CA LYS A 949 37.35 -90.33 -12.43
C LYS A 949 36.46 -89.50 -13.33
N LEU A 950 35.37 -90.09 -13.84
CA LEU A 950 34.48 -89.36 -14.72
C LEU A 950 33.84 -88.18 -14.00
N ILE A 951 33.37 -88.41 -12.77
CA ILE A 951 32.72 -87.36 -12.00
C ILE A 951 33.70 -86.23 -11.72
N ALA A 952 34.92 -86.59 -11.30
CA ALA A 952 35.91 -85.56 -10.99
C ALA A 952 36.27 -84.74 -12.23
N ASN A 953 36.45 -85.41 -13.37
CA ASN A 953 36.77 -84.69 -14.59
C ASN A 953 35.64 -83.75 -14.98
N GLN A 954 34.39 -84.21 -14.89
CA GLN A 954 33.27 -83.34 -15.23
C GLN A 954 33.19 -82.15 -14.29
N PHE A 955 33.40 -82.38 -12.99
CA PHE A 955 33.35 -81.28 -12.03
C PHE A 955 34.43 -80.24 -12.34
N ASN A 956 35.66 -80.71 -12.59
CA ASN A 956 36.74 -79.78 -12.89
C ASN A 956 36.47 -79.00 -14.17
N SER A 957 35.96 -79.69 -15.20
CA SER A 957 35.65 -79.00 -16.44
C SER A 957 34.56 -77.95 -16.21
N ALA A 958 33.57 -78.27 -15.39
CA ALA A 958 32.52 -77.29 -15.09
C ALA A 958 33.08 -76.08 -14.36
N ILE A 959 33.98 -76.32 -13.40
CA ILE A 959 34.59 -75.20 -12.68
C ILE A 959 35.36 -74.31 -13.65
N GLY A 960 36.13 -74.92 -14.54
CA GLY A 960 36.85 -74.13 -15.54
C GLY A 960 35.91 -73.37 -16.46
N LYS A 961 34.78 -73.98 -16.81
CA LYS A 961 33.79 -73.31 -17.64
C LYS A 961 33.24 -72.07 -16.95
N ILE A 962 32.94 -72.18 -15.66
CA ILE A 962 32.49 -71.01 -14.91
C ILE A 962 33.58 -69.95 -14.86
N GLN A 963 34.82 -70.37 -14.62
CA GLN A 963 35.93 -69.42 -14.59
C GLN A 963 36.01 -68.64 -15.90
N ASP A 964 35.85 -69.33 -17.01
CA ASP A 964 35.84 -68.65 -18.31
C ASP A 964 34.63 -67.73 -18.45
N SER A 965 33.45 -68.21 -18.05
CA SER A 965 32.22 -67.46 -18.27
C SER A 965 32.24 -66.15 -17.51
N LEU A 966 32.72 -66.17 -16.27
CA LEU A 966 32.74 -64.93 -15.48
C LEU A 966 33.80 -63.94 -15.95
N SER A 967 34.68 -64.35 -16.86
CA SER A 967 35.70 -63.45 -17.39
C SER A 967 35.17 -62.54 -18.49
N SER A 968 33.86 -62.47 -18.68
CA SER A 968 33.28 -61.59 -19.69
C SER A 968 31.83 -61.24 -19.34
N LEU A 973 26.44 -59.47 -13.96
CA LEU A 973 26.32 -59.00 -12.59
C LEU A 973 25.44 -57.76 -12.49
N GLY A 974 24.37 -57.75 -13.29
CA GLY A 974 23.48 -56.60 -13.26
C GLY A 974 22.83 -56.40 -11.90
N LYS A 975 22.42 -57.49 -11.26
CA LYS A 975 21.72 -57.38 -9.98
C LYS A 975 22.61 -56.78 -8.91
N LEU A 976 23.91 -56.96 -9.01
CA LEU A 976 24.84 -56.40 -8.03
C LEU A 976 25.31 -55.00 -8.38
N GLN A 977 24.97 -54.48 -9.55
CA GLN A 977 25.43 -53.17 -9.98
C GLN A 977 24.32 -52.14 -10.06
N ASP A 978 23.11 -52.55 -10.41
CA ASP A 978 22.00 -51.60 -10.47
C ASP A 978 21.71 -50.98 -9.11
N VAL A 979 22.06 -51.67 -8.02
CA VAL A 979 21.91 -51.08 -6.69
C VAL A 979 22.78 -49.85 -6.55
N VAL A 980 24.06 -49.98 -6.91
CA VAL A 980 24.98 -48.84 -6.86
C VAL A 980 24.51 -47.76 -7.83
N ASN A 981 24.03 -48.16 -9.00
CA ASN A 981 23.57 -47.18 -9.98
C ASN A 981 22.40 -46.37 -9.42
N GLN A 982 21.43 -47.04 -8.80
CA GLN A 982 20.28 -46.34 -8.25
C GLN A 982 20.69 -45.43 -7.10
N ASN A 983 21.61 -45.90 -6.24
CA ASN A 983 22.08 -45.03 -5.17
C ASN A 983 22.74 -43.77 -5.73
N ALA A 984 23.58 -43.94 -6.75
CA ALA A 984 24.22 -42.79 -7.36
C ALA A 984 23.20 -41.84 -7.96
N GLN A 985 22.19 -42.37 -8.64
CA GLN A 985 21.16 -41.52 -9.23
C GLN A 985 20.40 -40.76 -8.16
N ALA A 986 20.05 -41.42 -7.07
CA ALA A 986 19.29 -40.75 -6.01
C ALA A 986 20.11 -39.62 -5.41
N LEU A 987 21.37 -39.90 -5.05
CA LEU A 987 22.19 -38.86 -4.44
C LEU A 987 22.45 -37.71 -5.42
N ASN A 988 22.66 -38.04 -6.69
CA ASN A 988 22.89 -37.00 -7.70
C ASN A 988 21.68 -36.10 -7.85
N THR A 989 20.49 -36.69 -7.89
CA THR A 989 19.27 -35.88 -7.99
C THR A 989 19.08 -35.03 -6.75
N LEU A 990 19.40 -35.57 -5.57
CA LEU A 990 19.29 -34.76 -4.36
C LEU A 990 20.25 -33.58 -4.40
N VAL A 991 21.48 -33.81 -4.82
CA VAL A 991 22.47 -32.74 -4.85
C VAL A 991 22.07 -31.68 -5.87
N LYS A 992 21.75 -32.11 -7.10
CA LYS A 992 21.43 -31.16 -8.16
C LYS A 992 20.16 -30.38 -7.85
N GLN A 993 19.29 -30.90 -6.99
CA GLN A 993 18.08 -30.19 -6.63
C GLN A 993 18.38 -28.88 -5.91
N LEU A 994 19.58 -28.76 -5.32
CA LEU A 994 19.96 -27.52 -4.64
C LEU A 994 19.91 -26.32 -5.59
N SER A 995 20.20 -26.54 -6.87
CA SER A 995 20.34 -25.43 -7.81
C SER A 995 19.03 -24.68 -7.99
N SER A 996 17.92 -25.40 -8.05
CA SER A 996 16.63 -24.77 -8.37
C SER A 996 16.25 -23.76 -7.29
N ASN A 997 15.60 -22.69 -7.73
CA ASN A 997 15.18 -21.63 -6.83
C ASN A 997 13.89 -21.94 -6.08
N PHE A 998 13.22 -23.04 -6.42
CA PHE A 998 11.95 -23.41 -5.79
C PHE A 998 10.93 -22.28 -5.88
N GLY A 999 10.93 -21.58 -7.00
CA GLY A 999 10.01 -20.47 -7.19
C GLY A 999 10.39 -19.21 -6.45
N ALA A 1000 11.61 -19.12 -5.92
CA ALA A 1000 12.07 -17.91 -5.28
C ALA A 1000 12.74 -17.00 -6.31
N ILE A 1001 13.42 -15.96 -5.85
CA ILE A 1001 14.04 -15.01 -6.76
C ILE A 1001 15.44 -15.44 -7.18
N SER A 1002 16.15 -16.19 -6.32
CA SER A 1002 17.48 -16.68 -6.66
C SER A 1002 17.80 -17.87 -5.77
N SER A 1003 18.90 -18.55 -6.10
CA SER A 1003 19.26 -19.78 -5.41
C SER A 1003 19.98 -19.50 -4.10
N VAL A 1004 21.13 -18.82 -4.17
CA VAL A 1004 22.01 -18.69 -3.01
C VAL A 1004 21.35 -17.82 -1.95
N LEU A 1005 21.36 -18.30 -0.71
CA LEU A 1005 20.82 -17.53 0.40
C LEU A 1005 21.62 -16.26 0.65
N ASN A 1006 22.94 -16.33 0.47
CA ASN A 1006 23.79 -15.18 0.75
C ASN A 1006 23.43 -14.00 -0.13
N ASP A 1007 23.18 -14.25 -1.42
CA ASP A 1007 22.79 -13.17 -2.32
C ASP A 1007 21.46 -12.56 -1.90
N ILE A 1008 20.51 -13.40 -1.49
CA ILE A 1008 19.20 -12.89 -1.11
C ILE A 1008 19.30 -12.03 0.14
N LEU A 1009 20.00 -12.50 1.16
CA LEU A 1009 20.10 -11.73 2.40
C LEU A 1009 20.89 -10.45 2.19
N ALA A 1010 21.93 -10.50 1.36
CA ALA A 1010 22.76 -9.32 1.13
C ALA A 1010 22.05 -8.27 0.29
N ARG A 1011 20.96 -8.62 -0.40
CA ARG A 1011 20.28 -7.70 -1.29
C ARG A 1011 18.91 -7.27 -0.78
N LEU A 1012 18.38 -7.92 0.25
CA LEU A 1012 17.07 -7.57 0.78
C LEU A 1012 17.09 -7.64 2.30
N ASP A 1013 16.20 -6.88 2.93
CA ASP A 1013 16.07 -6.89 4.37
C ASP A 1013 15.22 -8.09 4.82
N PRO A 1014 15.35 -8.50 6.08
CA PRO A 1014 14.61 -9.67 6.58
C PRO A 1014 13.10 -9.56 6.36
N PRO A 1015 12.47 -8.40 6.61
CA PRO A 1015 11.00 -8.35 6.49
C PRO A 1015 10.47 -8.67 5.10
N GLU A 1016 11.28 -8.51 4.06
CA GLU A 1016 10.87 -8.91 2.71
C GLU A 1016 11.60 -10.13 2.18
N ALA A 1017 12.74 -10.50 2.78
CA ALA A 1017 13.48 -11.67 2.35
C ALA A 1017 13.03 -12.96 3.04
N GLU A 1018 12.28 -12.84 4.14
CA GLU A 1018 11.87 -14.04 4.86
C GLU A 1018 10.98 -14.94 4.01
N VAL A 1019 10.20 -14.37 3.10
CA VAL A 1019 9.34 -15.18 2.24
C VAL A 1019 10.18 -16.03 1.30
N GLN A 1020 11.19 -15.42 0.68
CA GLN A 1020 12.09 -16.20 -0.18
C GLN A 1020 12.81 -17.26 0.63
N ILE A 1021 13.25 -16.90 1.84
CA ILE A 1021 14.00 -17.85 2.67
C ILE A 1021 13.13 -19.05 3.00
N ASP A 1022 11.89 -18.83 3.46
CA ASP A 1022 11.08 -19.95 3.89
C ASP A 1022 10.56 -20.76 2.70
N ARG A 1023 10.39 -20.11 1.53
CA ARG A 1023 10.06 -20.88 0.34
C ARG A 1023 11.20 -21.84 -0.01
N LEU A 1024 12.44 -21.35 0.04
CA LEU A 1024 13.57 -22.25 -0.15
C LEU A 1024 13.58 -23.36 0.89
N ILE A 1025 13.26 -23.01 2.14
CA ILE A 1025 13.27 -24.00 3.21
C ILE A 1025 12.27 -25.11 2.91
N THR A 1026 11.08 -24.73 2.48
CA THR A 1026 10.07 -25.72 2.11
C THR A 1026 10.56 -26.60 0.97
N GLY A 1027 11.24 -26.00 -0.02
CA GLY A 1027 11.76 -26.81 -1.11
C GLY A 1027 12.76 -27.85 -0.63
N ARG A 1028 13.71 -27.44 0.20
CA ARG A 1028 14.71 -28.39 0.68
C ARG A 1028 14.06 -29.48 1.53
N LEU A 1029 13.08 -29.11 2.36
CA LEU A 1029 12.39 -30.11 3.17
C LEU A 1029 11.69 -31.12 2.29
N GLN A 1030 11.02 -30.67 1.23
CA GLN A 1030 10.36 -31.61 0.33
C GLN A 1030 11.35 -32.57 -0.30
N SER A 1031 12.50 -32.04 -0.74
CA SER A 1031 13.51 -32.90 -1.35
C SER A 1031 13.99 -33.96 -0.37
N LEU A 1032 14.29 -33.55 0.86
CA LEU A 1032 14.75 -34.53 1.85
C LEU A 1032 13.68 -35.57 2.14
N GLN A 1033 12.42 -35.13 2.26
CA GLN A 1033 11.36 -36.09 2.54
C GLN A 1033 11.26 -37.12 1.43
N THR A 1034 11.31 -36.67 0.18
CA THR A 1034 11.23 -37.60 -0.94
C THR A 1034 12.38 -38.59 -0.93
N TYR A 1035 13.60 -38.09 -0.73
CA TYR A 1035 14.77 -38.97 -0.75
C TYR A 1035 14.70 -39.99 0.38
N VAL A 1036 14.26 -39.55 1.56
CA VAL A 1036 14.17 -40.46 2.70
C VAL A 1036 13.15 -41.55 2.43
N THR A 1037 12.00 -41.20 1.86
CA THR A 1037 11.01 -42.22 1.56
C THR A 1037 11.54 -43.24 0.57
N GLN A 1038 12.22 -42.77 -0.49
CA GLN A 1038 12.80 -43.70 -1.45
C GLN A 1038 13.80 -44.62 -0.77
N GLN A 1039 14.64 -44.06 0.11
CA GLN A 1039 15.63 -44.90 0.79
C GLN A 1039 14.96 -45.94 1.67
N LEU A 1040 13.88 -45.57 2.36
CA LEU A 1040 13.20 -46.55 3.21
C LEU A 1040 12.66 -47.70 2.39
N ILE A 1041 12.03 -47.40 1.26
CA ILE A 1041 11.46 -48.48 0.45
C ILE A 1041 12.56 -49.38 -0.09
N ARG A 1042 13.64 -48.79 -0.61
CA ARG A 1042 14.73 -49.59 -1.12
C ARG A 1042 15.33 -50.46 -0.03
N ALA A 1043 15.45 -49.93 1.19
CA ALA A 1043 15.99 -50.70 2.29
C ALA A 1043 15.08 -51.87 2.64
N ALA A 1044 13.77 -51.67 2.59
CA ALA A 1044 12.87 -52.80 2.84
C ALA A 1044 13.07 -53.89 1.80
N GLU A 1045 13.18 -53.52 0.53
CA GLU A 1045 13.42 -54.52 -0.50
C GLU A 1045 14.74 -55.26 -0.25
N ILE A 1046 15.79 -54.51 0.09
CA ILE A 1046 17.10 -55.13 0.32
C ILE A 1046 17.03 -56.09 1.50
N ARG A 1047 16.29 -55.73 2.54
CA ARG A 1047 16.15 -56.63 3.68
C ARG A 1047 15.46 -57.92 3.27
N ALA A 1048 14.43 -57.82 2.42
CA ALA A 1048 13.79 -59.04 1.93
C ALA A 1048 14.78 -59.91 1.18
N SER A 1049 15.59 -59.30 0.32
CA SER A 1049 16.59 -60.07 -0.43
C SER A 1049 17.61 -60.70 0.51
N ALA A 1050 18.02 -59.99 1.56
CA ALA A 1050 19.01 -60.52 2.49
C ALA A 1050 18.44 -61.69 3.28
N ASN A 1051 17.17 -61.62 3.68
CA ASN A 1051 16.56 -62.76 4.36
C ASN A 1051 16.48 -63.98 3.44
N LEU A 1052 16.13 -63.76 2.18
CA LEU A 1052 16.17 -64.88 1.24
C LEU A 1052 17.57 -65.45 1.13
N ALA A 1053 18.58 -64.59 1.10
CA ALA A 1053 19.96 -65.05 1.03
C ALA A 1053 20.34 -65.88 2.25
N ALA A 1054 19.94 -65.43 3.43
CA ALA A 1054 20.23 -66.19 4.65
C ALA A 1054 19.58 -67.56 4.60
N THR A 1055 18.33 -67.61 4.14
CA THR A 1055 17.65 -68.90 4.04
C THR A 1055 18.37 -69.82 3.06
N LYS A 1056 18.78 -69.29 1.92
CA LYS A 1056 19.52 -70.12 0.96
C LYS A 1056 20.83 -70.59 1.54
N MET A 1057 21.51 -69.73 2.30
CA MET A 1057 22.78 -70.12 2.90
C MET A 1057 22.60 -71.24 3.90
N SER A 1058 21.54 -71.17 4.70
CA SER A 1058 21.34 -72.17 5.73
C SER A 1058 20.70 -73.45 5.22
N GLU A 1059 20.08 -73.43 4.03
CA GLU A 1059 19.43 -74.63 3.54
C GLU A 1059 20.11 -75.26 2.33
N CYS A 1060 21.06 -74.58 1.69
CA CYS A 1060 21.82 -75.16 0.60
C CYS A 1060 23.23 -75.56 1.02
N VAL A 1061 23.98 -74.63 1.62
CA VAL A 1061 25.36 -74.91 2.01
C VAL A 1061 25.42 -76.02 3.04
N LEU A 1062 24.61 -75.92 4.07
CA LEU A 1062 24.53 -76.96 5.09
C LEU A 1062 23.39 -77.91 4.75
N GLY A 1063 23.67 -79.19 4.82
CA GLY A 1063 22.66 -80.17 4.50
C GLY A 1063 22.35 -80.23 3.01
N GLN A 1064 21.25 -80.91 2.72
CA GLN A 1064 20.77 -81.06 1.36
C GLN A 1064 19.31 -80.64 1.32
N SER A 1065 18.87 -80.18 0.16
CA SER A 1065 17.52 -79.64 0.01
C SER A 1065 16.67 -80.53 -0.87
N LYS A 1066 15.51 -80.94 -0.36
CA LYS A 1066 14.50 -81.61 -1.16
C LYS A 1066 13.54 -80.64 -1.83
N ARG A 1067 13.60 -79.35 -1.48
CA ARG A 1067 12.75 -78.36 -2.13
C ARG A 1067 13.20 -78.21 -3.57
N VAL A 1068 12.41 -78.76 -4.49
CA VAL A 1068 12.82 -78.78 -5.89
C VAL A 1068 12.95 -77.36 -6.41
N ASP A 1069 13.97 -77.14 -7.23
CA ASP A 1069 14.23 -75.86 -7.88
C ASP A 1069 14.52 -74.74 -6.88
N PHE A 1070 14.99 -75.08 -5.68
CA PHE A 1070 15.44 -74.04 -4.76
C PHE A 1070 16.95 -73.83 -4.88
N CYS A 1071 17.72 -74.86 -4.57
CA CYS A 1071 19.18 -74.77 -4.66
C CYS A 1071 19.62 -75.23 -6.05
N GLY A 1072 19.38 -74.35 -7.02
CA GLY A 1072 19.80 -74.61 -8.38
C GLY A 1072 18.90 -75.55 -9.14
N LYS A 1073 18.81 -75.37 -10.46
CA LYS A 1073 17.95 -76.22 -11.28
C LYS A 1073 18.43 -77.65 -11.27
N GLY A 1074 17.50 -78.60 -11.21
CA GLY A 1074 17.84 -80.00 -11.15
C GLY A 1074 18.05 -80.47 -9.72
N TYR A 1075 18.42 -81.74 -9.60
CA TYR A 1075 18.70 -82.31 -8.30
C TYR A 1075 19.94 -81.66 -7.70
N HIS A 1076 19.98 -81.61 -6.37
CA HIS A 1076 21.00 -80.83 -5.66
C HIS A 1076 21.93 -81.74 -4.88
N LEU A 1077 23.22 -81.40 -4.89
CA LEU A 1077 24.26 -82.18 -4.22
C LEU A 1077 25.03 -81.39 -3.16
N MET A 1078 25.41 -80.15 -3.44
CA MET A 1078 26.17 -79.33 -2.51
C MET A 1078 26.15 -77.89 -3.02
N SER A 1079 26.94 -77.04 -2.37
CA SER A 1079 27.02 -75.63 -2.76
C SER A 1079 28.34 -75.08 -2.26
N PHE A 1080 28.72 -73.93 -2.80
CA PHE A 1080 29.95 -73.27 -2.39
C PHE A 1080 29.75 -71.76 -2.38
N PRO A 1081 29.65 -71.14 -1.23
CA PRO A 1081 29.47 -69.69 -1.18
C PRO A 1081 30.72 -68.96 -1.65
N GLN A 1082 30.52 -67.77 -2.20
CA GLN A 1082 31.62 -66.88 -2.55
C GLN A 1082 31.19 -65.46 -2.25
N SER A 1083 32.16 -64.62 -1.91
CA SER A 1083 31.88 -63.24 -1.57
C SER A 1083 31.85 -62.36 -2.82
N ALA A 1084 31.42 -61.13 -2.63
CA ALA A 1084 31.28 -60.16 -3.71
C ALA A 1084 31.04 -58.78 -3.12
N PRO A 1085 31.39 -57.70 -3.81
CA PRO A 1085 31.19 -56.37 -3.23
C PRO A 1085 29.71 -56.10 -3.01
N HIS A 1086 29.34 -55.94 -1.74
CA HIS A 1086 27.94 -55.73 -1.34
C HIS A 1086 27.04 -56.85 -1.82
N GLY A 1087 27.56 -58.07 -1.87
CA GLY A 1087 26.76 -59.16 -2.38
C GLY A 1087 27.30 -60.51 -1.94
N VAL A 1088 26.69 -61.55 -2.50
CA VAL A 1088 27.10 -62.92 -2.22
C VAL A 1088 26.77 -63.76 -3.45
N VAL A 1089 27.62 -64.75 -3.72
CA VAL A 1089 27.52 -65.53 -4.94
C VAL A 1089 27.65 -67.00 -4.59
N PHE A 1090 26.69 -67.80 -5.03
CA PHE A 1090 26.69 -69.23 -4.76
C PHE A 1090 27.07 -70.00 -6.01
N LEU A 1091 27.70 -71.16 -5.81
CA LEU A 1091 28.07 -72.06 -6.89
C LEU A 1091 27.42 -73.41 -6.61
N HIS A 1092 26.20 -73.59 -7.07
CA HIS A 1092 25.49 -74.83 -6.85
C HIS A 1092 26.06 -75.93 -7.72
N VAL A 1093 25.92 -77.17 -7.26
CA VAL A 1093 26.39 -78.35 -7.97
C VAL A 1093 25.21 -79.30 -8.12
N THR A 1094 24.77 -79.52 -9.36
CA THR A 1094 23.49 -80.16 -9.62
C THR A 1094 23.68 -81.41 -10.45
N TYR A 1095 23.17 -82.54 -9.95
CA TYR A 1095 23.06 -83.75 -10.75
C TYR A 1095 21.96 -83.58 -11.80
N VAL A 1096 22.26 -83.99 -13.03
CA VAL A 1096 21.30 -83.85 -14.13
C VAL A 1096 21.34 -85.10 -15.00
N PRO A 1097 20.19 -85.69 -15.34
CA PRO A 1097 20.19 -86.87 -16.20
C PRO A 1097 20.61 -86.56 -17.63
N ALA A 1098 20.67 -87.59 -18.47
CA ALA A 1098 21.20 -87.50 -19.82
C ALA A 1098 20.44 -88.51 -20.68
N GLN A 1099 21.06 -88.89 -21.80
CA GLN A 1099 20.45 -89.81 -22.78
C GLN A 1099 19.68 -90.94 -22.11
N GLU A 1100 18.52 -91.24 -22.66
CA GLU A 1100 17.60 -92.23 -22.11
C GLU A 1100 17.40 -93.37 -23.11
N LYS A 1101 16.47 -94.26 -22.80
CA LYS A 1101 16.20 -95.42 -23.64
C LYS A 1101 14.76 -95.85 -23.41
N ASN A 1102 14.05 -96.14 -24.51
CA ASN A 1102 12.68 -96.61 -24.39
C ASN A 1102 12.64 -98.00 -23.77
N PHE A 1103 11.54 -98.28 -23.06
CA PHE A 1103 11.35 -99.58 -22.45
C PHE A 1103 9.85 -99.86 -22.33
N THR A 1104 9.54 -101.13 -22.08
CA THR A 1104 8.18 -101.56 -21.78
C THR A 1104 8.10 -101.96 -20.32
N THR A 1105 6.95 -101.75 -19.71
CA THR A 1105 6.82 -102.02 -18.29
C THR A 1105 5.38 -102.33 -17.93
N ALA A 1106 5.21 -102.93 -16.75
CA ALA A 1106 3.92 -103.28 -16.20
C ALA A 1106 4.07 -103.29 -14.68
N PRO A 1107 3.09 -102.79 -13.95
CA PRO A 1107 3.27 -102.63 -12.50
C PRO A 1107 3.52 -103.93 -11.76
N ALA A 1108 2.61 -104.89 -11.87
CA ALA A 1108 2.65 -106.09 -11.06
C ALA A 1108 3.30 -107.24 -11.82
N ILE A 1109 3.65 -108.28 -11.06
CA ILE A 1109 4.18 -109.52 -11.61
C ILE A 1109 3.42 -110.68 -10.96
N CYS A 1110 2.88 -111.57 -11.78
CA CYS A 1110 2.12 -112.72 -11.29
C CYS A 1110 3.00 -113.96 -11.40
N HIS A 1111 3.21 -114.65 -10.27
CA HIS A 1111 4.07 -115.81 -10.22
C HIS A 1111 3.33 -117.10 -9.92
N ASP A 1112 2.60 -117.16 -8.81
CA ASP A 1112 1.82 -118.33 -8.42
C ASP A 1112 0.41 -117.93 -8.06
N GLY A 1113 -0.22 -117.12 -8.91
CA GLY A 1113 -1.52 -116.59 -8.57
C GLY A 1113 -1.48 -115.50 -7.52
N LYS A 1114 -0.30 -114.98 -7.20
CA LYS A 1114 -0.13 -113.92 -6.23
C LYS A 1114 0.72 -112.81 -6.83
N ALA A 1115 0.48 -111.60 -6.36
CA ALA A 1115 1.11 -110.43 -6.96
C ALA A 1115 2.58 -110.31 -6.53
N HIS A 1116 3.28 -109.37 -7.16
CA HIS A 1116 4.65 -109.06 -6.81
C HIS A 1116 4.90 -107.60 -7.16
N PHE A 1117 5.34 -106.81 -6.19
CA PHE A 1117 5.63 -105.41 -6.42
C PHE A 1117 7.06 -105.10 -6.00
N PRO A 1118 7.74 -104.23 -6.74
CA PRO A 1118 9.14 -103.94 -6.41
C PRO A 1118 9.27 -103.20 -5.09
N ARG A 1119 10.33 -103.52 -4.37
CA ARG A 1119 10.62 -102.77 -3.15
C ARG A 1119 11.09 -101.35 -3.48
N GLU A 1120 12.04 -101.23 -4.42
CA GLU A 1120 12.47 -99.92 -4.92
C GLU A 1120 12.80 -100.08 -6.39
N GLY A 1121 12.02 -99.44 -7.25
CA GLY A 1121 12.30 -99.43 -8.67
C GLY A 1121 11.08 -99.81 -9.47
N VAL A 1122 11.30 -100.11 -10.75
CA VAL A 1122 10.25 -100.51 -11.67
C VAL A 1122 10.70 -101.72 -12.47
N PHE A 1123 9.76 -102.28 -13.23
CA PHE A 1123 9.98 -103.50 -14.00
C PHE A 1123 10.15 -103.15 -15.47
N VAL A 1124 11.39 -102.89 -15.88
CA VAL A 1124 11.67 -102.59 -17.28
C VAL A 1124 11.76 -103.89 -18.07
N SER A 1125 11.50 -103.79 -19.37
CA SER A 1125 11.46 -104.94 -20.26
C SER A 1125 12.69 -104.96 -21.16
N ASN A 1126 13.43 -106.06 -21.10
CA ASN A 1126 14.47 -106.34 -22.09
C ASN A 1126 13.89 -106.46 -23.49
N GLY A 1127 12.59 -106.70 -23.59
CA GLY A 1127 11.97 -107.19 -24.80
C GLY A 1127 11.84 -108.69 -24.85
N THR A 1128 12.61 -109.41 -24.04
CA THR A 1128 12.56 -110.86 -23.87
C THR A 1128 12.48 -111.26 -22.41
N HIS A 1129 13.14 -110.55 -21.52
CA HIS A 1129 13.18 -110.85 -20.10
C HIS A 1129 12.59 -109.67 -19.32
N TRP A 1130 12.68 -109.75 -18.00
CA TRP A 1130 12.23 -108.68 -17.12
C TRP A 1130 13.31 -108.38 -16.10
N PHE A 1131 13.29 -107.14 -15.60
CA PHE A 1131 14.31 -106.68 -14.68
C PHE A 1131 13.69 -105.71 -13.69
N VAL A 1132 14.40 -105.47 -12.60
CA VAL A 1132 14.09 -104.40 -11.66
C VAL A 1132 15.31 -103.50 -11.55
N THR A 1133 15.10 -102.20 -11.67
CA THR A 1133 16.20 -101.25 -11.75
C THR A 1133 15.88 -100.02 -10.91
N GLN A 1134 16.93 -99.26 -10.60
CA GLN A 1134 16.75 -98.02 -9.87
C GLN A 1134 15.90 -97.05 -10.67
N ARG A 1135 15.31 -96.09 -9.96
CA ARG A 1135 14.36 -95.18 -10.58
C ARG A 1135 15.02 -94.10 -11.42
N ASN A 1136 16.34 -93.89 -11.28
CA ASN A 1136 17.00 -92.77 -11.93
C ASN A 1136 18.30 -93.15 -12.64
N PHE A 1137 18.65 -94.43 -12.70
CA PHE A 1137 19.87 -94.83 -13.38
C PHE A 1137 19.75 -96.30 -13.75
N TYR A 1138 19.88 -96.60 -15.04
CA TYR A 1138 19.66 -97.96 -15.53
C TYR A 1138 20.63 -98.95 -14.89
N GLU A 1139 20.11 -99.85 -14.07
CA GLU A 1139 20.88 -100.93 -13.48
C GLU A 1139 20.02 -102.18 -13.46
N PRO A 1140 20.14 -103.04 -14.46
CA PRO A 1140 19.33 -104.25 -14.49
C PRO A 1140 19.79 -105.26 -13.44
N GLN A 1141 18.82 -105.83 -12.74
CA GLN A 1141 19.06 -106.92 -11.79
C GLN A 1141 18.11 -108.06 -12.09
N ILE A 1142 18.32 -109.17 -11.37
CA ILE A 1142 17.49 -110.35 -11.51
C ILE A 1142 16.40 -110.31 -10.46
N ILE A 1143 15.15 -110.52 -10.89
CA ILE A 1143 14.00 -110.41 -10.00
C ILE A 1143 14.00 -111.57 -9.03
N THR A 1144 14.37 -111.31 -7.78
CA THR A 1144 14.35 -112.30 -6.73
C THR A 1144 13.26 -111.95 -5.72
N THR A 1145 13.20 -112.74 -4.65
CA THR A 1145 12.33 -112.41 -3.53
C THR A 1145 12.92 -111.33 -2.64
N HIS A 1146 14.18 -110.98 -2.84
CA HIS A 1146 14.83 -109.92 -2.07
C HIS A 1146 14.60 -108.54 -2.67
N ASN A 1147 13.87 -108.45 -3.78
CA ASN A 1147 13.54 -107.16 -4.37
C ASN A 1147 12.05 -106.90 -4.43
N THR A 1148 11.21 -107.87 -4.09
CA THR A 1148 9.76 -107.71 -4.20
C THR A 1148 9.09 -108.28 -2.97
N PHE A 1149 7.89 -107.80 -2.71
CA PHE A 1149 7.04 -108.33 -1.64
C PHE A 1149 5.63 -108.54 -2.20
N VAL A 1150 4.91 -109.49 -1.61
CA VAL A 1150 3.67 -109.98 -2.16
C VAL A 1150 2.49 -109.45 -1.34
N SER A 1151 1.36 -109.29 -2.01
CA SER A 1151 0.13 -108.87 -1.35
C SER A 1151 -1.04 -109.17 -2.28
N GLY A 1152 -1.92 -110.08 -1.85
CA GLY A 1152 -3.11 -110.39 -2.61
C GLY A 1152 -2.84 -111.29 -3.79
N ASN A 1153 -3.93 -111.67 -4.47
CA ASN A 1153 -3.86 -112.57 -5.61
C ASN A 1153 -3.61 -111.76 -6.88
N CYS A 1154 -3.75 -112.43 -8.03
CA CYS A 1154 -3.55 -111.80 -9.33
C CYS A 1154 -4.86 -111.40 -9.99
N ASP A 1155 -5.98 -111.48 -9.27
CA ASP A 1155 -7.30 -111.31 -9.86
C ASP A 1155 -7.85 -109.90 -9.73
N VAL A 1156 -7.09 -108.97 -9.18
CA VAL A 1156 -7.62 -107.63 -8.92
C VAL A 1156 -6.81 -106.52 -9.57
N VAL A 1157 -5.52 -106.72 -9.85
CA VAL A 1157 -4.71 -105.66 -10.41
C VAL A 1157 -5.15 -105.37 -11.85
N ILE A 1158 -5.09 -104.10 -12.24
CA ILE A 1158 -5.58 -103.72 -13.55
C ILE A 1158 -4.65 -104.20 -14.67
N GLY A 1159 -3.35 -104.27 -14.41
CA GLY A 1159 -2.42 -104.75 -15.40
C GLY A 1159 -1.35 -105.61 -14.79
N ILE A 1160 -0.96 -106.69 -15.46
CA ILE A 1160 -0.05 -107.67 -14.88
C ILE A 1160 0.57 -108.48 -16.01
N VAL A 1161 1.70 -109.12 -15.71
CA VAL A 1161 2.43 -109.93 -16.68
C VAL A 1161 2.83 -111.25 -16.04
N ASN A 1162 2.63 -112.34 -16.78
CA ASN A 1162 3.10 -113.65 -16.33
C ASN A 1162 4.62 -113.71 -16.38
N ASN A 1163 5.21 -114.25 -15.32
CA ASN A 1163 6.64 -114.51 -15.29
C ASN A 1163 6.94 -115.36 -14.06
N THR A 1164 8.23 -115.65 -13.86
CA THR A 1164 8.70 -116.47 -12.76
C THR A 1164 9.75 -115.72 -11.97
N VAL A 1165 9.63 -115.72 -10.65
CA VAL A 1165 10.57 -115.06 -9.76
C VAL A 1165 11.54 -116.11 -9.25
N TYR A 1166 12.83 -115.94 -9.58
CA TYR A 1166 13.84 -116.86 -9.06
C TYR A 1166 13.95 -116.72 -7.55
N ASP A 1167 14.30 -117.83 -6.90
CA ASP A 1167 14.47 -117.85 -5.46
C ASP A 1167 15.90 -118.21 -5.10
N PRO A 1168 16.52 -117.50 -4.17
CA PRO A 1168 17.92 -117.81 -3.82
C PRO A 1168 18.07 -119.10 -3.05
N LEU A 1169 17.07 -119.51 -2.27
CA LEU A 1169 17.24 -120.65 -1.38
C LEU A 1169 17.28 -121.97 -2.13
N GLN A 1170 16.53 -122.09 -3.23
CA GLN A 1170 16.40 -123.37 -3.91
C GLN A 1170 17.73 -123.94 -4.40
N PRO A 1171 18.57 -123.21 -5.13
CA PRO A 1171 19.86 -123.79 -5.53
C PRO A 1171 20.73 -124.19 -4.35
N GLU A 1172 20.67 -123.43 -3.26
CA GLU A 1172 21.45 -123.77 -2.07
C GLU A 1172 20.86 -124.95 -1.31
N LEU A 1173 19.61 -125.31 -1.59
CA LEU A 1173 18.95 -126.42 -0.91
C LEU A 1173 19.50 -127.78 -1.30
N ASP A 1174 20.56 -127.86 -2.10
CA ASP A 1174 21.12 -129.13 -2.53
C ASP A 1174 21.83 -129.83 -1.36
N SER B 21 2.43 48.93 27.53
CA SER B 21 1.86 48.59 26.24
C SER B 21 0.90 49.68 25.76
N THR B 22 0.01 49.31 24.84
CA THR B 22 -0.98 50.24 24.34
C THR B 22 -2.00 50.59 25.42
N ILE B 23 -2.61 51.76 25.28
CA ILE B 23 -3.59 52.22 26.27
C ILE B 23 -4.82 51.30 26.29
N GLU B 24 -5.19 50.74 25.14
CA GLU B 24 -6.36 49.88 25.08
C GLU B 24 -6.19 48.64 25.95
N GLU B 25 -5.02 48.01 25.89
CA GLU B 25 -4.78 46.81 26.70
C GLU B 25 -4.80 47.14 28.20
N GLN B 26 -4.19 48.27 28.58
CA GLN B 26 -4.21 48.68 29.97
C GLN B 26 -5.62 48.96 30.45
N ALA B 27 -6.44 49.61 29.60
CA ALA B 27 -7.82 49.87 29.96
C ALA B 27 -8.61 48.59 30.10
N LYS B 28 -8.38 47.62 29.22
CA LYS B 28 -9.05 46.33 29.34
C LYS B 28 -8.68 45.64 30.65
N THR B 29 -7.38 45.66 31.00
CA THR B 29 -6.96 45.05 32.26
C THR B 29 -7.59 45.75 33.45
N PHE B 30 -7.65 47.09 33.41
CA PHE B 30 -8.23 47.85 34.51
C PHE B 30 -9.72 47.54 34.67
N LEU B 31 -10.45 47.46 33.55
CA LEU B 31 -11.88 47.12 33.63
C LEU B 31 -12.07 45.70 34.13
N ASP B 32 -11.21 44.78 33.71
CA ASP B 32 -11.28 43.40 34.20
C ASP B 32 -11.06 43.35 35.70
N LYS B 33 -10.14 44.17 36.21
CA LYS B 33 -9.96 44.26 37.65
C LYS B 33 -11.18 44.86 38.34
N PHE B 34 -11.76 45.91 37.76
CA PHE B 34 -12.82 46.64 38.46
C PHE B 34 -14.09 45.81 38.57
N ASN B 35 -14.49 45.16 37.48
CA ASN B 35 -15.74 44.41 37.47
C ASN B 35 -15.79 43.41 38.61
N HIS B 36 -14.72 42.64 38.78
CA HIS B 36 -14.57 41.85 39.99
C HIS B 36 -14.30 42.80 41.16
N GLU B 37 -14.90 42.49 42.30
CA GLU B 37 -14.94 43.30 43.50
C GLU B 37 -15.88 44.51 43.34
N ALA B 38 -16.21 44.89 42.11
CA ALA B 38 -17.36 45.78 41.94
C ALA B 38 -18.65 44.99 42.15
N GLU B 39 -18.72 43.81 41.53
CA GLU B 39 -19.83 42.91 41.78
C GLU B 39 -19.90 42.53 43.26
N ASP B 40 -18.74 42.30 43.89
CA ASP B 40 -18.72 41.89 45.29
C ASP B 40 -19.26 42.98 46.19
N LEU B 41 -18.76 44.22 46.06
CA LEU B 41 -19.23 45.29 46.91
C LEU B 41 -20.69 45.62 46.63
N PHE B 42 -21.10 45.56 45.35
CA PHE B 42 -22.51 45.78 45.03
C PHE B 42 -23.41 44.73 45.66
N TYR B 43 -22.99 43.47 45.61
CA TYR B 43 -23.79 42.41 46.22
C TYR B 43 -23.87 42.59 47.74
N GLN B 44 -22.76 42.97 48.37
CA GLN B 44 -22.79 43.19 49.81
C GLN B 44 -23.72 44.32 50.18
N SER B 45 -23.65 45.44 49.45
CA SER B 45 -24.54 46.58 49.73
C SER B 45 -25.99 46.21 49.48
N SER B 46 -26.26 45.50 48.39
CA SER B 46 -27.64 45.11 48.08
C SER B 46 -28.19 44.16 49.14
N LEU B 47 -27.37 43.22 49.61
CA LEU B 47 -27.81 42.30 50.64
C LEU B 47 -28.10 43.04 51.94
N ALA B 48 -27.25 44.01 52.30
CA ALA B 48 -27.51 44.81 53.49
C ALA B 48 -28.81 45.60 53.36
N SER B 49 -29.03 46.20 52.19
CA SER B 49 -30.25 46.97 51.96
C SER B 49 -31.49 46.07 52.04
N TRP B 50 -31.41 44.88 51.44
CA TRP B 50 -32.53 43.94 51.51
C TRP B 50 -32.79 43.49 52.94
N ASN B 51 -31.72 43.24 53.69
CA ASN B 51 -31.88 42.83 55.09
C ASN B 51 -32.55 43.92 55.90
N TYR B 52 -32.18 45.18 55.66
CA TYR B 52 -32.84 46.28 56.35
C TYR B 52 -34.31 46.39 55.93
N ASN B 53 -34.60 46.29 54.63
CA ASN B 53 -35.96 46.49 54.16
C ASN B 53 -36.89 45.39 54.61
N THR B 54 -36.45 44.14 54.51
CA THR B 54 -37.29 43.01 54.89
C THR B 54 -37.43 42.89 56.41
N ASN B 55 -36.48 43.46 57.16
CA ASN B 55 -36.52 43.37 58.63
C ASN B 55 -35.97 44.69 59.17
N ILE B 56 -36.88 45.60 59.49
CA ILE B 56 -36.49 46.92 59.97
C ILE B 56 -36.19 46.87 61.45
N THR B 57 -35.03 47.40 61.83
CA THR B 57 -34.62 47.50 63.23
C THR B 57 -33.47 48.49 63.31
N GLU B 58 -33.07 48.81 64.54
CA GLU B 58 -31.99 49.76 64.74
C GLU B 58 -30.66 49.21 64.23
N GLU B 59 -30.42 47.91 64.42
CA GLU B 59 -29.12 47.34 64.11
C GLU B 59 -28.86 47.30 62.61
N ASN B 60 -29.88 47.01 61.81
CA ASN B 60 -29.69 46.86 60.37
C ASN B 60 -29.33 48.17 59.68
N VAL B 61 -29.77 49.30 60.25
CA VAL B 61 -29.51 50.59 59.64
C VAL B 61 -28.00 50.87 59.61
N GLN B 62 -27.30 50.51 60.68
CA GLN B 62 -25.86 50.70 60.74
C GLN B 62 -25.16 49.90 59.66
N ASN B 63 -25.55 48.63 59.49
CA ASN B 63 -24.95 47.81 58.46
C ASN B 63 -25.21 48.38 57.06
N MET B 64 -26.44 48.81 56.82
CA MET B 64 -26.79 49.39 55.52
C MET B 64 -25.96 50.62 55.23
N ASN B 65 -25.84 51.51 56.22
CA ASN B 65 -25.06 52.73 56.04
C ASN B 65 -23.59 52.44 55.81
N ASN B 66 -23.03 51.48 56.56
CA ASN B 66 -21.63 51.13 56.37
C ASN B 66 -21.39 50.56 54.97
N ALA B 67 -22.28 49.67 54.52
CA ALA B 67 -22.13 49.09 53.19
C ALA B 67 -22.23 50.17 52.11
N GLY B 68 -23.20 51.09 52.25
CA GLY B 68 -23.31 52.17 51.29
C GLY B 68 -22.09 53.07 51.26
N ASP B 69 -21.56 53.40 52.44
CA ASP B 69 -20.38 54.25 52.51
C ASP B 69 -19.17 53.56 51.88
N LYS B 70 -18.98 52.27 52.16
CA LYS B 70 -17.88 51.53 51.56
C LYS B 70 -17.99 51.49 50.05
N TRP B 71 -19.20 51.22 49.55
CA TRP B 71 -19.40 51.16 48.11
C TRP B 71 -19.14 52.51 47.46
N SER B 72 -19.62 53.60 48.08
CA SER B 72 -19.40 54.92 47.54
C SER B 72 -17.92 55.27 47.52
N ALA B 73 -17.19 54.96 48.60
CA ALA B 73 -15.76 55.25 48.65
C ALA B 73 -15.01 54.48 47.57
N PHE B 74 -15.37 53.20 47.40
CA PHE B 74 -14.72 52.40 46.37
C PHE B 74 -15.00 52.96 44.98
N LEU B 75 -16.25 53.39 44.74
CA LEU B 75 -16.60 53.96 43.43
C LEU B 75 -15.83 55.25 43.16
N LYS B 76 -15.72 56.13 44.17
CA LYS B 76 -14.97 57.36 43.98
C LYS B 76 -13.49 57.09 43.71
N GLU B 77 -12.91 56.15 44.47
CA GLU B 77 -11.50 55.82 44.25
C GLU B 77 -11.29 55.24 42.85
N GLN B 78 -12.21 54.39 42.40
CA GLN B 78 -12.06 53.80 41.07
C GLN B 78 -12.24 54.83 39.97
N SER B 79 -13.17 55.77 40.13
CA SER B 79 -13.29 56.85 39.15
C SER B 79 -12.03 57.70 39.12
N THR B 80 -11.46 57.99 40.30
CA THR B 80 -10.21 58.74 40.35
C THR B 80 -9.09 58.00 39.63
N LEU B 81 -9.02 56.68 39.82
CA LEU B 81 -7.99 55.90 39.13
C LEU B 81 -8.25 55.85 37.63
N ALA B 82 -9.51 55.76 37.22
CA ALA B 82 -9.84 55.68 35.80
C ALA B 82 -9.68 57.01 35.08
N GLN B 83 -9.60 58.12 35.83
CA GLN B 83 -9.38 59.41 35.19
C GLN B 83 -8.08 59.45 34.39
N MET B 84 -7.13 58.55 34.66
CA MET B 84 -5.82 58.62 34.02
C MET B 84 -5.89 58.33 32.53
N TYR B 85 -6.66 57.32 32.13
CA TYR B 85 -6.68 56.89 30.72
C TYR B 85 -7.34 57.92 29.82
N PRO B 86 -6.63 58.43 28.80
CA PRO B 86 -7.31 59.26 27.80
C PRO B 86 -8.32 58.45 27.01
N LEU B 87 -9.48 59.05 26.75
CA LEU B 87 -10.56 58.34 26.07
C LEU B 87 -10.34 58.24 24.57
N GLN B 88 -9.50 59.11 23.99
CA GLN B 88 -9.34 59.14 22.54
C GLN B 88 -8.65 57.87 22.03
N GLU B 89 -7.71 57.32 22.81
CA GLU B 89 -6.93 56.19 22.34
C GLU B 89 -7.78 54.93 22.16
N ILE B 90 -8.73 54.70 23.08
CA ILE B 90 -9.56 53.51 22.99
C ILE B 90 -10.42 53.58 21.73
N GLN B 91 -10.49 52.46 21.01
CA GLN B 91 -11.23 52.38 19.76
C GLN B 91 -12.05 51.10 19.71
N ASN B 92 -12.60 50.69 20.85
CA ASN B 92 -13.37 49.45 20.94
C ASN B 92 -14.87 49.67 20.92
N LEU B 93 -15.34 50.84 21.37
CA LEU B 93 -16.75 51.23 21.46
C LEU B 93 -17.52 50.46 22.51
N THR B 94 -16.87 49.59 23.27
CA THR B 94 -17.44 49.02 24.49
C THR B 94 -16.59 49.35 25.70
N VAL B 95 -15.28 49.16 25.59
CA VAL B 95 -14.37 49.70 26.61
C VAL B 95 -14.52 51.21 26.69
N LYS B 96 -14.71 51.88 25.54
CA LYS B 96 -14.95 53.31 25.55
C LYS B 96 -16.24 53.66 26.30
N LEU B 97 -17.30 52.88 26.09
CA LEU B 97 -18.56 53.14 26.80
C LEU B 97 -18.39 52.94 28.30
N GLN B 98 -17.71 51.87 28.70
CA GLN B 98 -17.48 51.62 30.12
C GLN B 98 -16.65 52.72 30.74
N LEU B 99 -15.61 53.19 30.04
CA LEU B 99 -14.81 54.30 30.56
C LEU B 99 -15.64 55.58 30.65
N GLN B 100 -16.47 55.85 29.64
CA GLN B 100 -17.32 57.04 29.68
C GLN B 100 -18.26 57.00 30.88
N ALA B 101 -18.81 55.82 31.17
CA ALA B 101 -19.63 55.67 32.36
C ALA B 101 -18.83 55.86 33.63
N LEU B 102 -17.60 55.32 33.65
CA LEU B 102 -16.80 55.34 34.88
C LEU B 102 -16.17 56.70 35.14
N GLN B 103 -15.69 57.38 34.10
CA GLN B 103 -15.15 58.73 34.27
C GLN B 103 -16.28 59.76 34.25
N GLN B 104 -17.11 59.69 35.30
CA GLN B 104 -18.15 60.66 35.58
C GLN B 104 -17.73 61.41 36.84
N ASN B 105 -16.89 62.43 36.65
CA ASN B 105 -16.40 63.22 37.77
C ASN B 105 -17.52 64.04 38.41
N GLY B 106 -18.35 64.69 37.60
CA GLY B 106 -19.60 65.23 38.09
C GLY B 106 -19.45 66.29 39.16
N SER B 107 -20.10 66.07 40.30
CA SER B 107 -20.26 67.07 41.34
C SER B 107 -19.00 67.31 42.17
N SER B 108 -17.98 66.46 42.04
CA SER B 108 -16.76 66.67 42.82
C SER B 108 -15.96 67.87 42.34
N VAL B 109 -16.30 68.43 41.17
CA VAL B 109 -15.62 69.64 40.70
C VAL B 109 -15.92 70.82 41.62
N LEU B 110 -17.09 70.82 42.26
CA LEU B 110 -17.44 71.89 43.18
C LEU B 110 -16.46 71.93 44.35
N SER B 111 -16.27 73.12 44.90
CA SER B 111 -15.43 73.29 46.07
C SER B 111 -16.08 72.62 47.28
N GLU B 112 -15.26 72.41 48.32
CA GLU B 112 -15.77 71.73 49.51
C GLU B 112 -16.90 72.52 50.16
N ASP B 113 -16.73 73.84 50.28
CA ASP B 113 -17.80 74.67 50.83
C ASP B 113 -19.02 74.65 49.94
N LYS B 114 -18.83 74.73 48.62
CA LYS B 114 -19.95 74.69 47.70
C LYS B 114 -20.66 73.35 47.74
N SER B 115 -19.91 72.25 47.82
CA SER B 115 -20.52 70.93 47.93
C SER B 115 -21.30 70.80 49.23
N LYS B 116 -20.75 71.31 50.33
CA LYS B 116 -21.46 71.29 51.61
C LYS B 116 -22.75 72.09 51.53
N ARG B 117 -22.69 73.27 50.90
CA ARG B 117 -23.88 74.11 50.78
C ARG B 117 -24.94 73.42 49.93
N LEU B 118 -24.53 72.79 48.82
CA LEU B 118 -25.49 72.10 47.97
C LEU B 118 -26.13 70.92 48.69
N ASN B 119 -25.33 70.15 49.42
CA ASN B 119 -25.87 69.03 50.18
C ASN B 119 -26.82 69.50 51.26
N THR B 120 -26.48 70.60 51.94
CA THR B 120 -27.38 71.16 52.95
C THR B 120 -28.67 71.63 52.33
N ILE B 121 -28.61 72.26 51.16
CA ILE B 121 -29.81 72.73 50.48
C ILE B 121 -30.71 71.55 50.13
N LEU B 122 -30.12 70.49 49.56
CA LEU B 122 -30.91 69.32 49.20
C LEU B 122 -31.53 68.67 50.44
N ASN B 123 -30.76 68.56 51.52
CA ASN B 123 -31.28 67.95 52.74
C ASN B 123 -32.41 68.78 53.34
N THR B 124 -32.26 70.11 53.33
CA THR B 124 -33.32 70.97 53.84
C THR B 124 -34.58 70.86 52.99
N MET B 125 -34.43 70.79 51.67
CA MET B 125 -35.59 70.59 50.80
C MET B 125 -36.29 69.28 51.13
N SER B 126 -35.53 68.19 51.25
CA SER B 126 -36.13 66.90 51.56
C SER B 126 -36.85 66.92 52.90
N THR B 127 -36.22 67.53 53.91
CA THR B 127 -36.81 67.58 55.24
C THR B 127 -38.09 68.43 55.25
N ILE B 128 -38.05 69.59 54.61
CA ILE B 128 -39.22 70.48 54.64
C ILE B 128 -40.37 69.88 53.86
N TYR B 129 -40.09 69.18 52.75
CA TYR B 129 -41.16 68.54 52.01
C TYR B 129 -41.72 67.34 52.77
N SER B 130 -40.84 66.58 53.43
CA SER B 130 -41.29 65.39 54.15
C SER B 130 -42.22 65.74 55.29
N THR B 131 -41.92 66.80 56.04
CA THR B 131 -42.71 67.22 57.18
C THR B 131 -43.34 68.57 56.87
N GLY B 132 -44.56 68.54 56.35
CA GLY B 132 -45.29 69.75 56.04
C GLY B 132 -46.69 69.76 56.62
N LYS B 133 -46.98 70.73 57.48
CA LYS B 133 -48.27 70.83 58.14
C LYS B 133 -48.95 72.13 57.73
N VAL B 134 -50.22 72.04 57.35
CA VAL B 134 -51.02 73.21 57.00
C VAL B 134 -51.98 73.61 58.11
N CYS B 135 -51.93 72.95 59.25
CA CYS B 135 -52.85 73.23 60.35
C CYS B 135 -52.61 74.61 60.94
N CYS B 143 -50.85 67.68 62.50
CA CYS B 143 -52.17 68.18 62.18
C CYS B 143 -52.33 68.37 60.68
N LEU B 144 -53.08 67.46 60.05
CA LEU B 144 -53.39 67.51 58.62
C LEU B 144 -52.11 67.50 57.78
N LEU B 145 -51.37 66.40 57.89
CA LEU B 145 -50.17 66.21 57.09
C LEU B 145 -50.56 65.84 55.66
N LEU B 146 -49.56 65.77 54.77
CA LEU B 146 -49.84 65.60 53.34
C LEU B 146 -50.48 64.26 53.06
N GLU B 147 -49.87 63.17 53.53
CA GLU B 147 -50.44 61.85 53.30
C GLU B 147 -51.59 61.54 54.27
N PRO B 148 -51.43 61.78 55.61
CA PRO B 148 -52.56 61.57 56.54
C PRO B 148 -53.86 62.22 56.08
N GLY B 149 -53.86 63.54 55.95
CA GLY B 149 -55.01 64.24 55.43
C GLY B 149 -54.60 64.83 54.10
N LEU B 150 -55.33 65.83 53.62
CA LEU B 150 -54.94 66.61 52.45
C LEU B 150 -55.18 65.78 51.21
N ASN B 151 -54.45 64.67 51.04
CA ASN B 151 -54.67 63.78 49.90
C ASN B 151 -56.12 63.34 49.79
N GLU B 152 -56.67 62.83 50.89
CA GLU B 152 -58.06 62.37 50.88
C GLU B 152 -59.02 63.52 50.67
N ILE B 153 -58.71 64.70 51.22
CA ILE B 153 -59.57 65.87 51.01
C ILE B 153 -59.58 66.26 49.53
N MET B 154 -58.41 66.29 48.90
CA MET B 154 -58.33 66.68 47.51
C MET B 154 -58.88 65.62 46.57
N ALA B 155 -59.03 64.38 47.04
CA ALA B 155 -59.56 63.32 46.20
C ALA B 155 -61.02 62.99 46.44
N ASN B 156 -61.61 63.39 47.58
CA ASN B 156 -62.97 62.97 47.91
C ASN B 156 -63.82 64.03 48.57
N SER B 157 -63.39 65.30 48.60
CA SER B 157 -64.19 66.33 49.26
C SER B 157 -65.46 66.64 48.47
N LEU B 158 -65.32 66.80 47.15
CA LEU B 158 -66.41 67.13 46.25
C LEU B 158 -66.98 68.51 46.58
N ASP B 159 -66.35 69.21 47.52
CA ASP B 159 -66.75 70.54 47.93
C ASP B 159 -65.74 71.55 47.42
N TYR B 160 -66.23 72.63 46.81
CA TYR B 160 -65.35 73.62 46.21
C TYR B 160 -64.49 74.31 47.26
N ASN B 161 -65.12 74.79 48.32
CA ASN B 161 -64.41 75.59 49.33
C ASN B 161 -63.33 74.77 50.02
N GLU B 162 -63.63 73.53 50.39
CA GLU B 162 -62.67 72.70 51.09
C GLU B 162 -61.45 72.42 50.22
N ARG B 163 -61.67 72.07 48.96
CA ARG B 163 -60.55 71.80 48.05
C ARG B 163 -59.73 73.04 47.82
N LEU B 164 -60.38 74.19 47.62
CA LEU B 164 -59.65 75.44 47.42
C LEU B 164 -58.82 75.78 48.64
N TRP B 165 -59.40 75.62 49.84
CA TRP B 165 -58.68 75.90 51.08
C TRP B 165 -57.46 75.00 51.21
N ALA B 166 -57.63 73.69 50.96
CA ALA B 166 -56.51 72.78 51.09
C ALA B 166 -55.40 73.11 50.08
N TRP B 167 -55.78 73.36 48.83
CA TRP B 167 -54.80 73.72 47.81
C TRP B 167 -54.02 74.97 48.19
N GLU B 168 -54.74 76.05 48.55
CA GLU B 168 -54.06 77.30 48.86
C GLU B 168 -53.22 77.18 50.11
N SER B 169 -53.70 76.44 51.13
CA SER B 169 -52.93 76.27 52.35
C SER B 169 -51.64 75.51 52.09
N TRP B 170 -51.71 74.40 51.34
CA TRP B 170 -50.49 73.66 51.05
C TRP B 170 -49.51 74.51 50.23
N ARG B 171 -50.03 75.24 49.24
CA ARG B 171 -49.17 76.12 48.46
C ARG B 171 -48.47 77.14 49.36
N SER B 172 -49.23 77.84 50.19
CA SER B 172 -48.66 78.89 51.03
C SER B 172 -47.66 78.34 52.02
N GLU B 173 -47.92 77.15 52.58
CA GLU B 173 -47.01 76.58 53.57
C GLU B 173 -45.72 76.05 52.94
N VAL B 174 -45.79 75.52 51.71
CA VAL B 174 -44.64 74.81 51.16
C VAL B 174 -43.90 75.64 50.12
N GLY B 175 -44.60 76.07 49.08
CA GLY B 175 -43.95 76.75 47.98
C GLY B 175 -43.38 78.10 48.36
N LYS B 176 -44.04 78.80 49.30
CA LYS B 176 -43.54 80.09 49.73
C LYS B 176 -42.21 79.95 50.46
N GLN B 177 -42.04 78.86 51.22
CA GLN B 177 -40.80 78.61 51.93
C GLN B 177 -39.73 77.94 51.09
N LEU B 178 -40.09 77.35 49.94
CA LEU B 178 -39.07 76.74 49.08
C LEU B 178 -38.52 77.66 48.00
N ARG B 179 -38.82 78.97 48.04
CA ARG B 179 -38.36 79.86 46.98
C ARG B 179 -36.85 80.09 46.99
N PRO B 180 -36.25 80.68 48.04
CA PRO B 180 -34.82 81.03 47.93
C PRO B 180 -33.92 79.80 47.94
N LEU B 181 -34.31 78.74 48.64
CA LEU B 181 -33.56 77.49 48.57
C LEU B 181 -33.52 76.98 47.12
N TYR B 182 -34.65 77.05 46.42
CA TYR B 182 -34.67 76.64 45.02
C TYR B 182 -33.80 77.55 44.16
N GLU B 183 -33.80 78.86 44.42
CA GLU B 183 -32.96 79.76 43.64
C GLU B 183 -31.48 79.42 43.82
N GLU B 184 -31.06 79.21 45.07
CA GLU B 184 -29.66 78.84 45.33
C GLU B 184 -29.32 77.49 44.73
N TYR B 185 -30.26 76.53 44.83
CA TYR B 185 -30.08 75.25 44.16
C TYR B 185 -29.85 75.44 42.66
N VAL B 186 -30.67 76.28 42.03
CA VAL B 186 -30.55 76.50 40.59
C VAL B 186 -29.17 77.05 40.26
N VAL B 187 -28.73 78.06 41.00
CA VAL B 187 -27.46 78.70 40.64
C VAL B 187 -26.28 77.75 40.86
N LEU B 188 -26.25 77.05 42.00
CA LEU B 188 -25.14 76.11 42.23
C LEU B 188 -25.16 74.96 41.23
N LYS B 189 -26.34 74.39 40.95
CA LYS B 189 -26.41 73.27 40.00
C LYS B 189 -26.03 73.72 38.60
N ASN B 190 -26.44 74.92 38.19
CA ASN B 190 -26.05 75.43 36.88
C ASN B 190 -24.54 75.60 36.80
N GLU B 191 -23.92 76.17 37.84
CA GLU B 191 -22.48 76.36 37.80
C GLU B 191 -21.76 75.02 37.79
N MET B 192 -22.25 74.05 38.56
CA MET B 192 -21.63 72.72 38.58
C MET B 192 -21.75 72.04 37.21
N ALA B 193 -22.92 72.17 36.56
CA ALA B 193 -23.09 71.59 35.24
C ALA B 193 -22.18 72.25 34.21
N ARG B 194 -22.02 73.58 34.29
CA ARG B 194 -21.09 74.27 33.40
C ARG B 194 -19.65 73.87 33.69
N ALA B 195 -19.34 73.48 34.93
CA ALA B 195 -17.99 73.03 35.26
C ALA B 195 -17.64 71.74 34.55
N ASN B 196 -18.66 70.94 34.18
CA ASN B 196 -18.45 69.63 33.56
C ASN B 196 -18.49 69.70 32.03
N HIS B 197 -18.15 70.84 31.44
CA HIS B 197 -18.16 71.03 29.99
C HIS B 197 -19.55 70.81 29.40
N TYR B 198 -20.57 71.22 30.16
CA TYR B 198 -21.94 71.21 29.68
C TYR B 198 -22.48 72.64 29.67
N GLU B 199 -23.43 72.90 28.77
CA GLU B 199 -23.99 74.24 28.67
C GLU B 199 -24.79 74.59 29.91
N ASP B 200 -25.72 73.72 30.30
CA ASP B 200 -26.62 73.96 31.42
C ASP B 200 -26.84 72.65 32.17
N TYR B 201 -27.65 72.71 33.22
CA TYR B 201 -28.04 71.50 33.94
C TYR B 201 -29.09 70.71 33.16
N GLY B 202 -29.96 71.41 32.43
CA GLY B 202 -30.90 70.72 31.55
C GLY B 202 -30.19 69.93 30.47
N ASP B 203 -29.09 70.47 29.94
CA ASP B 203 -28.29 69.73 28.97
C ASP B 203 -27.68 68.49 29.61
N TYR B 204 -27.24 68.61 30.86
CA TYR B 204 -26.70 67.46 31.59
C TYR B 204 -27.77 66.38 31.76
N TRP B 205 -28.99 66.78 32.09
CA TRP B 205 -30.08 65.81 32.16
C TRP B 205 -30.35 65.18 30.80
N ARG B 206 -30.34 65.98 29.73
CA ARG B 206 -30.59 65.49 28.39
C ARG B 206 -29.44 64.64 27.84
N GLY B 207 -28.29 64.62 28.53
CA GLY B 207 -27.18 63.82 28.06
C GLY B 207 -27.46 62.33 28.02
N ASP B 208 -28.50 61.87 28.70
CA ASP B 208 -28.86 60.46 28.66
C ASP B 208 -29.30 60.04 27.26
N TYR B 209 -30.12 60.86 26.60
CA TYR B 209 -30.56 60.58 25.24
C TYR B 209 -29.55 61.12 24.23
N GLU B 210 -28.37 60.48 24.24
CA GLU B 210 -27.29 60.87 23.35
C GLU B 210 -26.43 59.66 23.04
N VAL B 211 -26.28 59.35 21.76
CA VAL B 211 -25.41 58.28 21.30
C VAL B 211 -24.52 58.83 20.19
N ASN B 212 -23.21 58.61 20.32
CA ASN B 212 -22.22 59.15 19.40
C ASN B 212 -21.29 58.03 18.95
N GLY B 213 -20.64 58.26 17.80
CA GLY B 213 -19.64 57.35 17.28
C GLY B 213 -20.16 56.26 16.36
N VAL B 214 -21.47 56.15 16.17
CA VAL B 214 -22.07 55.15 15.30
C VAL B 214 -22.68 55.84 14.10
N ASP B 215 -22.26 55.45 12.91
CA ASP B 215 -22.78 56.06 11.69
C ASP B 215 -24.19 55.57 11.43
N GLY B 216 -25.10 56.51 11.16
CA GLY B 216 -26.48 56.19 10.89
C GLY B 216 -27.35 55.95 12.11
N TYR B 217 -26.77 56.01 13.31
CA TYR B 217 -27.52 55.79 14.54
C TYR B 217 -27.29 56.89 15.57
N ASP B 218 -26.55 57.93 15.23
CA ASP B 218 -26.18 58.95 16.19
C ASP B 218 -27.38 59.78 16.63
N TYR B 219 -27.24 60.42 17.80
CA TYR B 219 -28.27 61.28 18.35
C TYR B 219 -27.60 62.41 19.09
N SER B 220 -28.35 63.50 19.28
CA SER B 220 -27.80 64.70 19.88
C SER B 220 -28.73 65.20 20.99
N ARG B 221 -28.13 65.91 21.96
CA ARG B 221 -28.92 66.50 23.03
C ARG B 221 -29.83 67.61 22.52
N GLY B 222 -29.41 68.31 21.47
CA GLY B 222 -30.26 69.30 20.85
C GLY B 222 -31.36 68.73 19.97
N GLN B 223 -31.37 67.41 19.78
CA GLN B 223 -32.46 66.76 19.07
C GLN B 223 -33.62 66.46 20.00
N LEU B 224 -33.36 66.31 21.30
CA LEU B 224 -34.41 66.01 22.27
C LEU B 224 -35.27 67.22 22.61
N ILE B 225 -34.76 68.43 22.43
CA ILE B 225 -35.59 69.61 22.62
C ILE B 225 -36.69 69.63 21.56
N GLU B 226 -36.40 69.14 20.36
CA GLU B 226 -37.39 68.89 19.33
C GLU B 226 -37.80 67.42 19.47
N ASP B 227 -38.66 66.93 18.57
CA ASP B 227 -39.07 65.53 18.52
C ASP B 227 -39.99 65.18 19.69
N VAL B 228 -40.17 66.13 20.61
CA VAL B 228 -41.19 66.04 21.63
C VAL B 228 -42.31 67.04 21.37
N GLU B 229 -41.96 68.25 20.95
CA GLU B 229 -42.96 69.21 20.50
C GLU B 229 -43.73 68.68 19.30
N HIS B 230 -43.05 67.96 18.40
CA HIS B 230 -43.71 67.39 17.23
C HIS B 230 -44.80 66.41 17.65
N THR B 231 -44.45 65.48 18.56
CA THR B 231 -45.44 64.52 19.03
C THR B 231 -46.56 65.19 19.81
N PHE B 232 -46.24 66.23 20.58
CA PHE B 232 -47.30 66.91 21.33
C PHE B 232 -48.25 67.65 20.39
N GLU B 233 -47.71 68.25 19.32
CA GLU B 233 -48.56 68.85 18.29
C GLU B 233 -49.41 67.80 17.60
N GLU B 234 -48.87 66.59 17.41
CA GLU B 234 -49.65 65.50 16.83
C GLU B 234 -50.79 65.08 17.75
N ILE B 235 -50.55 65.05 19.05
CA ILE B 235 -51.51 64.49 20.00
C ILE B 235 -52.37 65.60 20.61
N LYS B 236 -52.18 66.83 20.15
CA LYS B 236 -52.97 67.94 20.66
C LYS B 236 -54.48 67.78 20.43
N PRO B 237 -54.97 67.42 19.23
CA PRO B 237 -56.43 67.35 19.04
C PRO B 237 -57.12 66.37 19.96
N LEU B 238 -56.52 65.22 20.22
CA LEU B 238 -57.14 64.23 21.11
C LEU B 238 -57.25 64.77 22.52
N TYR B 239 -56.20 65.44 23.01
CA TYR B 239 -56.26 66.04 24.34
C TYR B 239 -57.29 67.17 24.38
N GLU B 240 -57.40 67.93 23.29
CA GLU B 240 -58.42 68.98 23.24
C GLU B 240 -59.82 68.41 23.33
N HIS B 241 -60.09 67.33 22.58
CA HIS B 241 -61.40 66.69 22.65
C HIS B 241 -61.66 66.12 24.03
N LEU B 242 -60.65 65.48 24.64
CA LEU B 242 -60.83 64.91 25.96
C LEU B 242 -61.09 66.00 27.00
N HIS B 243 -60.35 67.11 26.93
CA HIS B 243 -60.56 68.21 27.86
C HIS B 243 -61.95 68.82 27.69
N ALA B 244 -62.40 68.98 26.44
CA ALA B 244 -63.73 69.50 26.21
C ALA B 244 -64.79 68.56 26.80
N TYR B 245 -64.63 67.25 26.59
CA TYR B 245 -65.59 66.29 27.14
C TYR B 245 -65.59 66.31 28.66
N VAL B 246 -64.40 66.35 29.27
CA VAL B 246 -64.32 66.36 30.74
C VAL B 246 -64.96 67.62 31.30
N ARG B 247 -64.69 68.77 30.69
CA ARG B 247 -65.31 70.01 31.16
C ARG B 247 -66.82 69.98 30.98
N ALA B 248 -67.30 69.43 29.85
CA ALA B 248 -68.74 69.34 29.63
C ALA B 248 -69.41 68.45 30.66
N LYS B 249 -68.79 67.31 30.98
CA LYS B 249 -69.37 66.41 31.97
C LYS B 249 -69.19 66.94 33.40
N LEU B 250 -68.21 67.82 33.62
CA LEU B 250 -67.96 68.36 34.94
C LEU B 250 -68.80 69.58 35.26
N MET B 251 -69.28 70.30 34.24
CA MET B 251 -70.14 71.46 34.51
C MET B 251 -71.47 71.05 35.14
N ASN B 252 -71.84 69.78 35.06
CA ASN B 252 -73.06 69.32 35.74
C ASN B 252 -72.94 69.52 37.25
N ALA B 253 -71.82 69.09 37.82
CA ALA B 253 -71.49 69.46 39.19
C ALA B 253 -70.83 70.83 39.20
N TYR B 254 -70.72 71.42 40.39
CA TYR B 254 -70.14 72.75 40.57
C TYR B 254 -70.81 73.74 39.61
N PRO B 255 -72.13 73.89 39.70
CA PRO B 255 -72.87 74.52 38.58
C PRO B 255 -72.45 75.95 38.27
N SER B 256 -72.07 76.74 39.27
CA SER B 256 -71.82 78.16 39.08
C SER B 256 -70.33 78.51 39.11
N TYR B 257 -69.44 77.52 39.00
CA TYR B 257 -68.01 77.76 39.07
C TYR B 257 -67.26 77.41 37.80
N ILE B 258 -67.93 76.87 36.79
CA ILE B 258 -67.30 76.47 35.54
C ILE B 258 -67.95 77.23 34.39
N SER B 259 -67.14 77.67 33.44
CA SER B 259 -67.61 78.37 32.26
C SER B 259 -67.57 77.45 31.04
N PRO B 260 -68.50 77.62 30.09
CA PRO B 260 -68.46 76.77 28.88
C PRO B 260 -67.18 76.97 28.08
N ILE B 261 -66.79 78.22 27.84
CA ILE B 261 -65.52 78.52 27.19
C ILE B 261 -64.56 79.03 28.25
N GLY B 262 -63.40 78.40 28.35
CA GLY B 262 -62.42 78.75 29.35
C GLY B 262 -61.61 77.53 29.75
N CYS B 263 -60.85 77.70 30.82
CA CYS B 263 -59.96 76.66 31.32
C CYS B 263 -60.53 76.03 32.59
N LEU B 264 -60.11 74.81 32.86
CA LEU B 264 -60.54 74.09 34.04
C LEU B 264 -59.84 74.65 35.28
N PRO B 265 -60.57 74.97 36.34
CA PRO B 265 -59.93 75.45 37.57
C PRO B 265 -58.95 74.43 38.11
N ALA B 266 -57.86 74.94 38.68
CA ALA B 266 -56.71 74.08 38.99
C ALA B 266 -57.04 73.03 40.04
N HIS B 267 -57.84 73.38 41.04
CA HIS B 267 -58.07 72.49 42.17
C HIS B 267 -59.18 71.47 41.91
N LEU B 268 -59.77 71.47 40.72
CA LEU B 268 -60.87 70.57 40.41
C LEU B 268 -60.46 69.42 39.47
N LEU B 269 -59.19 69.02 39.50
CA LEU B 269 -58.71 67.95 38.64
C LEU B 269 -58.56 66.62 39.38
N GLY B 270 -59.08 66.52 40.60
CA GLY B 270 -58.99 65.28 41.34
C GLY B 270 -57.65 64.99 41.95
N ASP B 271 -56.72 65.94 41.97
CA ASP B 271 -55.42 65.75 42.57
C ASP B 271 -54.89 67.09 43.05
N MET B 272 -53.90 67.02 43.96
CA MET B 272 -53.29 68.24 44.46
C MET B 272 -52.56 69.00 43.36
N TRP B 273 -51.86 68.28 42.48
CA TRP B 273 -51.16 68.88 41.36
C TRP B 273 -51.83 68.64 40.02
N GLY B 274 -52.82 67.76 39.96
CA GLY B 274 -53.46 67.45 38.70
C GLY B 274 -52.64 66.58 37.78
N ARG B 275 -51.70 65.81 38.34
CA ARG B 275 -50.84 64.98 37.51
C ARG B 275 -51.64 63.90 36.79
N PHE B 276 -52.58 63.26 37.48
CA PHE B 276 -53.44 62.26 36.88
C PHE B 276 -54.90 62.63 37.08
N TRP B 277 -55.75 62.14 36.17
CA TRP B 277 -57.18 62.43 36.18
C TRP B 277 -57.99 61.20 36.60
N THR B 278 -57.35 60.25 37.27
CA THR B 278 -58.02 59.01 37.64
C THR B 278 -59.19 59.25 38.58
N ASN B 279 -59.03 60.14 39.55
CA ASN B 279 -60.10 60.41 40.51
C ASN B 279 -61.31 61.04 39.84
N LEU B 280 -61.16 61.57 38.63
CA LEU B 280 -62.28 62.15 37.90
C LEU B 280 -63.17 61.10 37.26
N TYR B 281 -62.79 59.82 37.31
CA TYR B 281 -63.57 58.78 36.62
C TYR B 281 -64.96 58.65 37.22
N SER B 282 -65.07 58.72 38.56
CA SER B 282 -66.36 58.52 39.20
C SER B 282 -67.38 59.56 38.75
N LEU B 283 -66.93 60.79 38.48
CA LEU B 283 -67.83 61.82 37.99
C LEU B 283 -68.19 61.63 36.51
N THR B 284 -67.23 61.21 35.71
CA THR B 284 -67.39 61.13 34.26
C THR B 284 -67.30 59.67 33.81
N VAL B 285 -68.46 59.03 33.64
CA VAL B 285 -68.56 57.71 33.05
C VAL B 285 -69.49 57.81 31.85
N PRO B 286 -69.15 57.21 30.69
CA PRO B 286 -70.06 57.25 29.55
C PRO B 286 -71.31 56.43 29.77
N PHE B 287 -71.13 55.17 30.17
CA PHE B 287 -72.22 54.25 30.44
C PHE B 287 -72.05 53.73 31.86
N GLY B 288 -72.71 54.41 32.82
CA GLY B 288 -72.60 54.01 34.21
C GLY B 288 -73.38 52.77 34.58
N GLN B 289 -74.33 52.36 33.73
CA GLN B 289 -75.12 51.17 34.03
C GLN B 289 -74.26 49.91 34.01
N LYS B 290 -73.35 49.82 33.05
CA LYS B 290 -72.54 48.62 32.88
C LYS B 290 -71.41 48.58 33.90
N PRO B 291 -71.33 47.56 34.75
CA PRO B 291 -70.19 47.44 35.66
C PRO B 291 -68.90 47.15 34.90
N ASN B 292 -67.78 47.46 35.55
CA ASN B 292 -66.48 47.12 35.01
C ASN B 292 -66.12 45.68 35.38
N ILE B 293 -65.10 45.15 34.71
CA ILE B 293 -64.65 43.79 34.95
C ILE B 293 -63.82 43.77 36.22
N ASP B 294 -64.24 42.95 37.19
CA ASP B 294 -63.53 42.81 38.47
C ASP B 294 -63.65 41.36 38.91
N VAL B 295 -62.51 40.73 39.18
CA VAL B 295 -62.46 39.31 39.50
C VAL B 295 -61.98 39.07 40.93
N THR B 296 -62.09 40.06 41.81
CA THR B 296 -61.70 39.88 43.19
C THR B 296 -62.54 38.81 43.87
N ASP B 297 -63.86 38.86 43.64
CA ASP B 297 -64.73 37.83 44.20
C ASP B 297 -64.47 36.46 43.57
N ALA B 298 -64.13 36.43 42.29
CA ALA B 298 -63.76 35.17 41.65
C ALA B 298 -62.48 34.60 42.28
N MET B 299 -61.51 35.47 42.56
CA MET B 299 -60.28 35.03 43.21
C MET B 299 -60.57 34.51 44.62
N VAL B 300 -61.44 35.21 45.35
CA VAL B 300 -61.75 34.79 46.72
C VAL B 300 -62.50 33.47 46.72
N ASP B 301 -63.40 33.27 45.75
CA ASP B 301 -64.18 32.03 45.71
C ASP B 301 -63.28 30.82 45.49
N GLN B 302 -62.29 30.95 44.61
CA GLN B 302 -61.35 29.86 44.38
C GLN B 302 -60.24 29.80 45.41
N ALA B 303 -60.18 30.79 46.31
CA ALA B 303 -59.25 30.80 47.45
C ALA B 303 -57.79 30.71 46.98
N TRP B 304 -57.39 31.71 46.20
CA TRP B 304 -56.00 31.80 45.77
C TRP B 304 -55.12 32.15 46.97
N ASP B 305 -53.94 31.54 47.02
CA ASP B 305 -53.08 31.59 48.20
C ASP B 305 -51.93 32.57 48.07
N ALA B 306 -52.09 33.61 47.24
CA ALA B 306 -51.14 34.72 47.12
C ALA B 306 -49.83 34.28 46.49
N GLN B 307 -49.66 32.97 46.27
CA GLN B 307 -48.54 32.44 45.53
C GLN B 307 -48.95 31.90 44.16
N ARG B 308 -50.22 31.49 44.03
CA ARG B 308 -50.73 31.10 42.73
C ARG B 308 -50.76 32.28 41.75
N ILE B 309 -50.80 33.51 42.27
CA ILE B 309 -50.70 34.68 41.39
C ILE B 309 -49.33 34.72 40.71
N PHE B 310 -48.26 34.55 41.48
CA PHE B 310 -46.94 34.50 40.87
C PHE B 310 -46.77 33.26 40.02
N LYS B 311 -47.46 32.16 40.38
CA LYS B 311 -47.45 30.98 39.54
C LYS B 311 -48.07 31.25 38.18
N GLU B 312 -49.19 31.98 38.16
CA GLU B 312 -49.82 32.34 36.89
C GLU B 312 -48.95 33.30 36.10
N ALA B 313 -48.27 34.22 36.79
CA ALA B 313 -47.34 35.10 36.09
C ALA B 313 -46.20 34.32 35.45
N GLU B 314 -45.63 33.35 36.17
CA GLU B 314 -44.59 32.51 35.60
C GLU B 314 -45.12 31.69 34.44
N LYS B 315 -46.36 31.19 34.56
CA LYS B 315 -46.98 30.47 33.46
C LYS B 315 -47.12 31.36 32.23
N PHE B 316 -47.53 32.61 32.44
CA PHE B 316 -47.64 33.56 31.32
C PHE B 316 -46.29 33.76 30.65
N PHE B 317 -45.25 34.03 31.43
CA PHE B 317 -43.95 34.33 30.82
C PHE B 317 -43.33 33.09 30.19
N VAL B 318 -43.66 31.90 30.70
CA VAL B 318 -43.20 30.67 30.04
C VAL B 318 -43.95 30.46 28.73
N SER B 319 -45.27 30.66 28.73
CA SER B 319 -46.06 30.49 27.53
C SER B 319 -45.66 31.50 26.46
N VAL B 320 -45.21 32.68 26.87
CA VAL B 320 -44.69 33.65 25.91
C VAL B 320 -43.46 33.10 25.20
N GLY B 321 -42.58 32.46 25.95
CA GLY B 321 -41.38 31.90 25.37
C GLY B 321 -40.13 32.24 26.17
N LEU B 322 -40.31 33.03 27.22
CA LEU B 322 -39.21 33.41 28.08
C LEU B 322 -38.90 32.30 29.09
N PRO B 323 -37.66 32.23 29.59
CA PRO B 323 -37.27 31.09 30.43
C PRO B 323 -37.93 31.07 31.81
N ASN B 324 -37.57 30.06 32.60
CA ASN B 324 -38.14 29.85 33.92
C ASN B 324 -37.63 30.89 34.92
N MET B 325 -37.99 30.68 36.18
CA MET B 325 -37.48 31.47 37.29
C MET B 325 -36.44 30.66 38.06
N THR B 326 -35.50 31.38 38.67
CA THR B 326 -34.43 30.72 39.41
C THR B 326 -34.98 29.97 40.62
N GLN B 327 -34.26 28.93 41.02
CA GLN B 327 -34.69 28.12 42.15
C GLN B 327 -34.68 28.91 43.45
N GLY B 328 -33.69 29.79 43.64
CA GLY B 328 -33.64 30.59 44.84
C GLY B 328 -34.62 31.72 44.90
N PHE B 329 -35.28 32.03 43.77
CA PHE B 329 -36.28 33.09 43.76
C PHE B 329 -37.46 32.74 44.67
N TRP B 330 -37.91 31.49 44.64
CA TRP B 330 -39.12 31.12 45.36
C TRP B 330 -38.88 31.03 46.86
N GLU B 331 -37.64 30.80 47.29
CA GLU B 331 -37.33 30.64 48.71
C GLU B 331 -36.75 31.90 49.34
N ASN B 332 -35.85 32.60 48.64
CA ASN B 332 -35.22 33.78 49.20
C ASN B 332 -36.22 34.93 49.31
N SER B 333 -36.98 35.17 48.25
CA SER B 333 -37.91 36.29 48.21
C SER B 333 -39.09 36.05 49.14
N MET B 334 -39.63 37.14 49.66
CA MET B 334 -40.81 37.13 50.50
C MET B 334 -41.95 37.81 49.75
N LEU B 335 -43.12 37.16 49.72
CA LEU B 335 -44.24 37.60 48.89
C LEU B 335 -45.52 37.82 49.69
N THR B 336 -45.40 38.04 51.00
CA THR B 336 -46.56 38.31 51.84
C THR B 336 -46.08 39.04 53.08
N ASP B 337 -47.03 39.70 53.76
CA ASP B 337 -46.67 40.50 54.93
C ASP B 337 -46.06 39.59 55.99
N PRO B 338 -44.90 39.94 56.55
CA PRO B 338 -44.23 39.04 57.50
C PRO B 338 -45.05 38.74 58.74
N GLY B 339 -45.85 39.68 59.22
CA GLY B 339 -46.71 39.45 60.35
C GLY B 339 -46.64 40.61 61.33
N ASN B 340 -47.11 40.36 62.54
CA ASN B 340 -47.14 41.40 63.57
C ASN B 340 -45.80 41.53 64.28
N VAL B 341 -45.11 40.41 64.53
CA VAL B 341 -43.87 40.44 65.29
C VAL B 341 -42.77 41.12 64.48
N GLN B 342 -42.72 40.87 63.18
CA GLN B 342 -41.70 41.45 62.30
C GLN B 342 -42.34 42.51 61.43
N LYS B 343 -41.80 43.72 61.47
CA LYS B 343 -42.26 44.83 60.66
C LYS B 343 -41.37 44.98 59.43
N ALA B 344 -41.98 45.37 58.32
CA ALA B 344 -41.24 45.51 57.07
C ALA B 344 -42.01 46.42 56.12
N VAL B 345 -41.30 47.31 55.45
CA VAL B 345 -41.88 48.08 54.35
C VAL B 345 -41.89 47.19 53.11
N CYS B 346 -43.05 47.13 52.44
CA CYS B 346 -43.25 46.20 51.35
C CYS B 346 -43.89 46.90 50.15
N HIS B 347 -43.35 48.06 49.79
CA HIS B 347 -43.70 48.66 48.52
C HIS B 347 -43.24 47.74 47.39
N PRO B 348 -44.05 47.52 46.37
CA PRO B 348 -43.67 46.57 45.32
C PRO B 348 -42.33 46.95 44.69
N THR B 349 -41.42 45.99 44.63
CA THR B 349 -40.06 46.24 44.18
C THR B 349 -39.46 44.93 43.67
N ALA B 350 -38.71 45.03 42.57
CA ALA B 350 -37.97 43.90 42.02
C ALA B 350 -36.49 44.13 42.30
N TRP B 351 -35.84 43.12 42.90
CA TRP B 351 -34.47 43.25 43.35
C TRP B 351 -33.53 42.49 42.44
N ASP B 352 -32.45 43.16 42.01
CA ASP B 352 -31.35 42.55 41.27
C ASP B 352 -30.09 42.73 42.12
N LEU B 353 -29.87 41.79 43.05
CA LEU B 353 -28.73 41.89 43.95
C LEU B 353 -27.41 41.51 43.30
N GLY B 354 -27.44 40.92 42.11
CA GLY B 354 -26.23 40.42 41.48
C GLY B 354 -25.88 39.02 41.95
N LYS B 355 -24.84 38.47 41.34
CA LYS B 355 -24.35 37.12 41.65
C LYS B 355 -25.42 36.06 41.42
N GLY B 356 -26.30 36.28 40.45
CA GLY B 356 -27.38 35.34 40.18
C GLY B 356 -28.51 35.37 41.18
N ASP B 357 -28.74 36.50 41.83
CA ASP B 357 -29.77 36.63 42.86
C ASP B 357 -30.87 37.57 42.38
N PHE B 358 -32.10 37.06 42.37
CA PHE B 358 -33.28 37.85 42.02
C PHE B 358 -34.32 37.70 43.12
N ARG B 359 -34.97 38.81 43.47
CA ARG B 359 -35.96 38.80 44.54
C ARG B 359 -37.08 39.77 44.20
N ILE B 360 -38.22 39.58 44.87
CA ILE B 360 -39.38 40.45 44.73
C ILE B 360 -39.91 40.76 46.12
N LEU B 361 -40.17 42.04 46.38
CA LEU B 361 -40.66 42.52 47.67
C LEU B 361 -42.09 43.01 47.46
N MET B 362 -43.07 42.23 47.95
CA MET B 362 -44.47 42.55 47.72
C MET B 362 -45.32 42.03 48.87
N CYS B 363 -46.34 42.82 49.24
CA CYS B 363 -47.38 42.38 50.17
C CYS B 363 -48.59 41.94 49.36
N THR B 364 -48.51 40.74 48.82
CA THR B 364 -49.52 40.25 47.89
C THR B 364 -50.84 39.99 48.60
N LYS B 365 -51.93 40.50 48.02
CA LYS B 365 -53.28 40.21 48.46
C LYS B 365 -54.09 39.69 47.27
N VAL B 366 -55.29 39.19 47.57
CA VAL B 366 -56.13 38.55 46.54
C VAL B 366 -56.96 39.66 45.90
N THR B 367 -56.34 40.37 44.97
CA THR B 367 -57.01 41.43 44.22
C THR B 367 -56.47 41.45 42.80
N MET B 368 -57.26 42.04 41.89
CA MET B 368 -56.84 42.18 40.51
C MET B 368 -55.65 43.13 40.38
N ASP B 369 -55.64 44.20 41.18
CA ASP B 369 -54.50 45.12 41.15
C ASP B 369 -53.22 44.43 41.57
N ASP B 370 -53.29 43.57 42.59
CA ASP B 370 -52.12 42.80 42.98
C ASP B 370 -51.70 41.84 41.87
N PHE B 371 -52.67 41.27 41.15
CA PHE B 371 -52.34 40.41 40.01
C PHE B 371 -51.57 41.17 38.94
N LEU B 372 -52.07 42.36 38.57
CA LEU B 372 -51.42 43.14 37.52
C LEU B 372 -50.05 43.65 37.97
N THR B 373 -49.91 44.06 39.22
CA THR B 373 -48.61 44.53 39.67
C THR B 373 -47.63 43.38 39.84
N ALA B 374 -48.12 42.17 40.17
CA ALA B 374 -47.27 41.01 40.17
C ALA B 374 -46.76 40.70 38.77
N HIS B 375 -47.65 40.82 37.77
CA HIS B 375 -47.20 40.69 36.39
C HIS B 375 -46.15 41.75 36.05
N HIS B 376 -46.36 42.98 36.50
CA HIS B 376 -45.42 44.05 36.20
C HIS B 376 -44.04 43.75 36.79
N GLU B 377 -44.00 43.40 38.08
CA GLU B 377 -42.71 43.10 38.72
C GLU B 377 -42.07 41.85 38.15
N MET B 378 -42.88 40.86 37.76
CA MET B 378 -42.34 39.67 37.12
C MET B 378 -41.70 40.02 35.79
N GLY B 379 -42.32 40.93 35.03
CA GLY B 379 -41.69 41.42 33.82
C GLY B 379 -40.40 42.17 34.09
N HIS B 380 -40.37 42.94 35.19
CA HIS B 380 -39.15 43.63 35.57
C HIS B 380 -38.04 42.62 35.84
N ILE B 381 -38.37 41.54 36.56
CA ILE B 381 -37.40 40.49 36.86
C ILE B 381 -36.93 39.81 35.58
N GLN B 382 -37.87 39.55 34.66
CA GLN B 382 -37.50 38.94 33.38
C GLN B 382 -36.57 39.84 32.58
N TYR B 383 -36.79 41.15 32.62
CA TYR B 383 -35.87 42.09 31.97
C TYR B 383 -34.51 42.07 32.64
N ASP B 384 -34.49 41.96 33.98
CA ASP B 384 -33.23 41.91 34.70
C ASP B 384 -32.43 40.66 34.33
N MET B 385 -33.12 39.53 34.14
CA MET B 385 -32.43 38.29 33.80
C MET B 385 -31.80 38.33 32.41
N ALA B 386 -32.27 39.22 31.53
CA ALA B 386 -31.88 39.15 30.13
C ALA B 386 -30.41 39.48 29.94
N TYR B 387 -29.94 40.58 30.54
CA TYR B 387 -28.60 41.11 30.29
C TYR B 387 -27.61 40.75 31.40
N ALA B 388 -27.84 39.67 32.14
CA ALA B 388 -26.94 39.30 33.21
C ALA B 388 -25.55 38.92 32.71
N ALA B 389 -25.42 38.48 31.45
CA ALA B 389 -24.13 38.10 30.92
C ALA B 389 -23.28 39.32 30.54
N GLN B 390 -23.87 40.50 30.44
CA GLN B 390 -23.13 41.69 30.09
C GLN B 390 -22.23 42.11 31.25
N PRO B 391 -21.19 42.88 30.98
CA PRO B 391 -20.33 43.38 32.06
C PRO B 391 -21.13 44.22 33.05
N PHE B 392 -20.48 44.54 34.17
CA PHE B 392 -21.16 45.20 35.28
C PHE B 392 -21.65 46.59 34.88
N LEU B 393 -20.85 47.33 34.10
CA LEU B 393 -21.22 48.69 33.74
C LEU B 393 -22.36 48.76 32.73
N LEU B 394 -22.61 47.68 32.00
CA LEU B 394 -23.63 47.67 30.94
C LEU B 394 -24.85 46.84 31.33
N ARG B 395 -25.08 46.69 32.64
CA ARG B 395 -26.26 45.96 33.12
C ARG B 395 -27.37 46.94 33.45
N ASN B 396 -27.96 47.48 32.39
CA ASN B 396 -29.04 48.45 32.51
C ASN B 396 -29.82 48.47 31.20
N GLY B 397 -30.96 49.16 31.23
CA GLY B 397 -31.72 49.37 30.02
C GLY B 397 -31.00 50.28 29.04
N ALA B 398 -31.51 50.32 27.81
CA ALA B 398 -30.91 51.18 26.79
C ALA B 398 -30.98 52.65 27.20
N ASN B 399 -32.11 53.08 27.73
CA ASN B 399 -32.23 54.41 28.33
C ASN B 399 -33.15 54.29 29.55
N GLU B 400 -33.57 55.44 30.08
CA GLU B 400 -34.40 55.45 31.28
C GLU B 400 -35.85 55.07 31.00
N GLY B 401 -36.26 55.04 29.74
CA GLY B 401 -37.64 54.71 29.41
C GLY B 401 -37.88 53.31 28.90
N PHE B 402 -36.80 52.57 28.62
CA PHE B 402 -36.93 51.25 28.01
C PHE B 402 -37.35 50.17 29.01
N HIS B 403 -37.26 50.45 30.31
CA HIS B 403 -37.50 49.44 31.33
C HIS B 403 -38.94 49.42 31.83
N GLU B 404 -39.48 50.58 32.21
CA GLU B 404 -40.84 50.62 32.71
C GLU B 404 -41.83 50.22 31.63
N ALA B 405 -41.56 50.58 30.38
CA ALA B 405 -42.43 50.17 29.28
C ALA B 405 -42.45 48.67 29.12
N VAL B 406 -41.29 48.01 29.20
CA VAL B 406 -41.24 46.56 29.11
C VAL B 406 -41.99 45.92 30.27
N GLY B 407 -41.81 46.47 31.48
CA GLY B 407 -42.57 45.96 32.61
C GLY B 407 -44.07 46.14 32.46
N GLU B 408 -44.50 47.23 31.83
CA GLU B 408 -45.89 47.62 31.77
C GLU B 408 -46.65 46.91 30.65
N ILE B 409 -46.00 46.66 29.51
CA ILE B 409 -46.66 45.98 28.41
C ILE B 409 -47.12 44.59 28.84
N MET B 410 -46.43 43.99 29.81
CA MET B 410 -46.90 42.73 30.37
C MET B 410 -48.26 42.87 31.02
N SER B 411 -48.46 43.95 31.79
CA SER B 411 -49.75 44.19 32.41
C SER B 411 -50.82 44.53 31.37
N LEU B 412 -50.44 45.27 30.32
CA LEU B 412 -51.38 45.51 29.23
C LEU B 412 -51.82 44.20 28.59
N SER B 413 -50.89 43.27 28.37
CA SER B 413 -51.24 41.99 27.79
C SER B 413 -52.09 41.15 28.75
N ALA B 414 -51.81 41.22 30.05
CA ALA B 414 -52.50 40.40 31.03
C ALA B 414 -53.85 40.97 31.45
N ALA B 415 -54.13 42.24 31.14
CA ALA B 415 -55.38 42.85 31.53
C ALA B 415 -56.52 42.60 30.55
N THR B 416 -56.25 41.92 29.44
CA THR B 416 -57.27 41.69 28.43
C THR B 416 -58.34 40.72 28.95
N PRO B 417 -59.59 40.92 28.56
CA PRO B 417 -60.63 39.93 28.90
C PRO B 417 -60.36 38.54 28.34
N LYS B 418 -59.67 38.45 27.19
CA LYS B 418 -59.38 37.15 26.61
C LYS B 418 -58.49 36.32 27.52
N HIS B 419 -57.46 36.94 28.11
CA HIS B 419 -56.58 36.21 29.01
C HIS B 419 -57.31 35.75 30.26
N LEU B 420 -58.13 36.62 30.84
CA LEU B 420 -58.86 36.24 32.04
C LEU B 420 -59.89 35.16 31.74
N LYS B 421 -60.47 35.15 30.54
CA LYS B 421 -61.36 34.07 30.15
C LYS B 421 -60.59 32.78 29.93
N SER B 422 -59.36 32.87 29.40
CA SER B 422 -58.51 31.70 29.27
C SER B 422 -58.21 31.09 30.64
N ILE B 423 -57.93 31.94 31.64
CA ILE B 423 -57.83 31.45 33.01
C ILE B 423 -59.21 31.08 33.52
N GLY B 424 -59.25 30.22 34.53
CA GLY B 424 -60.51 29.79 35.09
C GLY B 424 -61.18 30.77 36.03
N LEU B 425 -60.55 31.90 36.32
CA LEU B 425 -61.13 32.87 37.25
C LEU B 425 -62.34 33.58 36.64
N LEU B 426 -62.30 33.89 35.36
CA LEU B 426 -63.41 34.58 34.72
C LEU B 426 -64.47 33.59 34.26
N SER B 427 -65.68 34.10 34.05
CA SER B 427 -66.79 33.25 33.64
C SER B 427 -66.51 32.66 32.26
N PRO B 428 -66.75 31.35 32.08
CA PRO B 428 -66.52 30.75 30.76
C PRO B 428 -67.37 31.34 29.66
N ASP B 429 -68.61 31.75 29.98
CA ASP B 429 -69.52 32.33 29.00
C ASP B 429 -69.70 33.82 29.36
N PHE B 430 -68.81 34.65 28.83
CA PHE B 430 -68.86 36.08 29.06
C PHE B 430 -69.09 36.78 27.73
N GLN B 431 -70.11 37.63 27.67
CA GLN B 431 -70.43 38.40 26.47
C GLN B 431 -70.13 39.87 26.76
N GLU B 432 -69.30 40.47 25.91
CA GLU B 432 -68.85 41.85 26.10
C GLU B 432 -69.53 42.76 25.07
N ASP B 433 -69.99 43.91 25.53
CA ASP B 433 -70.57 44.93 24.67
C ASP B 433 -69.59 46.10 24.52
N ASN B 434 -69.81 46.89 23.48
CA ASN B 434 -68.93 48.02 23.23
C ASN B 434 -69.07 49.12 24.27
N GLU B 435 -70.13 49.09 25.09
CA GLU B 435 -70.21 50.02 26.21
C GLU B 435 -69.08 49.76 27.21
N THR B 436 -68.81 48.49 27.51
CA THR B 436 -67.68 48.16 28.37
C THR B 436 -66.35 48.54 27.72
N GLU B 437 -66.26 48.39 26.39
CA GLU B 437 -65.06 48.82 25.68
C GLU B 437 -64.83 50.31 25.83
N ILE B 438 -65.89 51.11 25.68
CA ILE B 438 -65.77 52.56 25.84
C ILE B 438 -65.40 52.91 27.28
N ASN B 439 -66.03 52.23 28.25
CA ASN B 439 -65.71 52.48 29.66
C ASN B 439 -64.23 52.22 29.93
N PHE B 440 -63.74 51.06 29.50
CA PHE B 440 -62.34 50.71 29.72
C PHE B 440 -61.40 51.67 29.00
N LEU B 441 -61.72 52.04 27.76
CA LEU B 441 -60.86 52.93 27.01
C LEU B 441 -60.78 54.30 27.67
N LEU B 442 -61.91 54.83 28.12
CA LEU B 442 -61.88 56.12 28.80
C LEU B 442 -61.14 56.05 30.12
N LYS B 443 -61.35 54.95 30.87
CA LYS B 443 -60.67 54.79 32.16
C LYS B 443 -59.16 54.74 31.98
N GLN B 444 -58.69 54.03 30.95
CA GLN B 444 -57.25 54.00 30.69
C GLN B 444 -56.74 55.32 30.13
N ALA B 445 -57.56 56.01 29.33
CA ALA B 445 -57.10 57.26 28.73
C ALA B 445 -56.96 58.35 29.78
N LEU B 446 -57.85 58.38 30.76
CA LEU B 446 -57.81 59.43 31.78
C LEU B 446 -56.51 59.40 32.57
N THR B 447 -55.77 58.28 32.54
CA THR B 447 -54.45 58.18 33.13
C THR B 447 -53.32 58.25 32.13
N ILE B 448 -53.50 57.70 30.92
CA ILE B 448 -52.43 57.72 29.92
C ILE B 448 -52.28 59.11 29.30
N VAL B 449 -53.34 59.59 28.62
CA VAL B 449 -53.24 60.84 27.87
C VAL B 449 -53.56 62.06 28.73
N GLY B 450 -53.97 61.87 29.99
CA GLY B 450 -54.23 63.00 30.86
C GLY B 450 -53.01 63.61 31.50
N THR B 451 -51.88 62.89 31.49
CA THR B 451 -50.68 63.33 32.18
C THR B 451 -49.57 63.82 31.24
N LEU B 452 -49.67 63.54 29.94
CA LEU B 452 -48.61 63.95 29.02
C LEU B 452 -48.45 65.47 28.93
N PRO B 453 -49.50 66.28 28.74
CA PRO B 453 -49.29 67.73 28.71
C PRO B 453 -48.69 68.28 29.99
N PHE B 454 -49.08 67.73 31.15
CA PHE B 454 -48.52 68.19 32.41
C PHE B 454 -47.02 67.93 32.47
N THR B 455 -46.60 66.73 32.08
CA THR B 455 -45.17 66.40 32.06
C THR B 455 -44.43 67.30 31.08
N TYR B 456 -44.98 67.48 29.88
CA TYR B 456 -44.32 68.31 28.88
C TYR B 456 -44.16 69.74 29.36
N MET B 457 -45.22 70.31 29.95
CA MET B 457 -45.16 71.68 30.43
C MET B 457 -44.17 71.81 31.58
N LEU B 458 -44.18 70.87 32.53
CA LEU B 458 -43.29 70.96 33.67
C LEU B 458 -41.83 70.85 33.23
N GLU B 459 -41.53 69.90 32.35
CA GLU B 459 -40.16 69.73 31.89
C GLU B 459 -39.71 70.91 31.03
N LYS B 460 -40.59 71.46 30.21
CA LYS B 460 -40.22 72.63 29.42
C LYS B 460 -39.96 73.83 30.32
N TRP B 461 -40.78 74.01 31.35
CA TRP B 461 -40.56 75.11 32.28
C TRP B 461 -39.23 74.95 33.01
N ARG B 462 -38.92 73.74 33.48
CA ARG B 462 -37.64 73.52 34.15
C ARG B 462 -36.47 73.74 33.21
N TRP B 463 -36.60 73.29 31.96
CA TRP B 463 -35.54 73.48 30.98
C TRP B 463 -35.30 74.97 30.71
N MET B 464 -36.38 75.74 30.58
CA MET B 464 -36.22 77.18 30.36
C MET B 464 -35.64 77.88 31.58
N VAL B 465 -36.04 77.45 32.79
CA VAL B 465 -35.50 78.04 34.00
C VAL B 465 -34.00 77.78 34.11
N PHE B 466 -33.58 76.54 33.86
CA PHE B 466 -32.16 76.21 33.91
C PHE B 466 -31.39 76.91 32.79
N LYS B 467 -31.98 77.01 31.61
CA LYS B 467 -31.32 77.66 30.49
C LYS B 467 -31.10 79.14 30.74
N GLY B 468 -31.97 79.77 31.52
CA GLY B 468 -31.87 81.18 31.82
C GLY B 468 -32.76 82.07 30.98
N GLU B 469 -33.66 81.51 30.17
CA GLU B 469 -34.54 82.33 29.36
C GLU B 469 -35.56 83.09 30.20
N ILE B 470 -35.99 82.51 31.32
CA ILE B 470 -36.97 83.12 32.21
C ILE B 470 -36.21 83.82 33.33
N PRO B 471 -36.31 85.15 33.46
CA PRO B 471 -35.65 85.83 34.58
C PRO B 471 -36.27 85.41 35.91
N LYS B 472 -35.49 85.62 36.97
CA LYS B 472 -35.93 85.22 38.31
C LYS B 472 -37.17 85.97 38.76
N ASP B 473 -37.49 87.10 38.13
CA ASP B 473 -38.65 87.91 38.49
C ASP B 473 -39.90 87.48 37.73
N GLN B 474 -39.79 86.54 36.79
CA GLN B 474 -40.92 86.14 35.95
C GLN B 474 -41.17 84.64 36.01
N TRP B 475 -40.79 84.00 37.12
CA TRP B 475 -40.99 82.54 37.23
C TRP B 475 -42.47 82.19 37.27
N MET B 476 -43.22 82.82 38.17
CA MET B 476 -44.61 82.45 38.38
C MET B 476 -45.49 82.86 37.21
N LYS B 477 -45.23 84.03 36.65
CA LYS B 477 -46.02 84.51 35.52
C LYS B 477 -45.88 83.58 34.32
N LYS B 478 -44.65 83.20 33.99
CA LYS B 478 -44.44 82.26 32.88
C LYS B 478 -44.99 80.88 33.22
N TRP B 479 -44.86 80.44 34.47
CA TRP B 479 -45.40 79.14 34.85
C TRP B 479 -46.91 79.08 34.64
N TRP B 480 -47.63 80.09 35.13
CA TRP B 480 -49.08 80.07 34.97
C TRP B 480 -49.50 80.38 33.54
N GLU B 481 -48.72 81.14 32.79
CA GLU B 481 -49.02 81.32 31.37
C GLU B 481 -48.91 80.01 30.62
N MET B 482 -47.86 79.22 30.89
CA MET B 482 -47.76 77.90 30.28
C MET B 482 -48.89 76.99 30.73
N LYS B 483 -49.26 77.07 32.01
CA LYS B 483 -50.37 76.25 32.50
C LYS B 483 -51.66 76.58 31.77
N ARG B 484 -51.92 77.87 31.52
CA ARG B 484 -53.11 78.27 30.80
C ARG B 484 -53.04 77.85 29.33
N GLU B 485 -51.88 78.01 28.70
CA GLU B 485 -51.79 77.84 27.25
C GLU B 485 -51.70 76.38 26.84
N ILE B 486 -50.82 75.62 27.47
CA ILE B 486 -50.54 74.25 27.04
C ILE B 486 -51.49 73.25 27.67
N VAL B 487 -51.68 73.34 28.98
CA VAL B 487 -52.51 72.36 29.68
C VAL B 487 -53.98 72.75 29.67
N GLY B 488 -54.29 74.04 29.60
CA GLY B 488 -55.67 74.47 29.71
C GLY B 488 -56.19 74.47 31.12
N VAL B 489 -55.32 74.69 32.10
CA VAL B 489 -55.68 74.71 33.51
C VAL B 489 -55.37 76.10 34.06
N VAL B 490 -56.34 76.71 34.72
CA VAL B 490 -56.21 78.06 35.24
C VAL B 490 -56.24 78.01 36.76
N GLU B 491 -55.45 78.89 37.38
CA GLU B 491 -55.38 78.96 38.82
C GLU B 491 -56.64 79.62 39.38
N PRO B 492 -57.10 79.18 40.56
CA PRO B 492 -58.28 79.80 41.17
C PRO B 492 -57.99 81.18 41.75
N VAL B 493 -56.84 81.32 42.41
CA VAL B 493 -56.47 82.56 43.06
C VAL B 493 -55.09 83.01 42.58
N PRO B 494 -54.85 84.30 42.43
CA PRO B 494 -53.55 84.76 41.92
C PRO B 494 -52.43 84.46 42.90
N HIS B 495 -51.24 84.26 42.34
CA HIS B 495 -50.03 83.99 43.11
C HIS B 495 -48.97 85.02 42.73
N ASP B 496 -48.35 85.63 43.74
CA ASP B 496 -47.29 86.59 43.50
C ASP B 496 -45.98 85.84 43.25
N GLU B 497 -44.86 86.57 43.17
CA GLU B 497 -43.57 85.95 42.92
C GLU B 497 -42.98 85.30 44.15
N THR B 498 -43.55 85.54 45.34
CA THR B 498 -43.08 84.85 46.53
C THR B 498 -43.42 83.36 46.49
N TYR B 499 -44.54 83.02 45.87
CA TYR B 499 -44.94 81.62 45.76
C TYR B 499 -44.03 80.87 44.79
N CYS B 500 -43.80 79.60 45.09
CA CYS B 500 -43.09 78.68 44.19
C CYS B 500 -43.94 77.41 44.11
N ASP B 501 -44.93 77.43 43.23
CA ASP B 501 -45.82 76.27 43.09
C ASP B 501 -45.10 75.02 42.59
N PRO B 502 -44.25 75.08 41.56
CA PRO B 502 -43.61 73.84 41.08
C PRO B 502 -42.78 73.13 42.13
N ALA B 503 -42.21 73.87 43.09
CA ALA B 503 -41.41 73.24 44.13
C ALA B 503 -42.23 72.37 45.07
N SER B 504 -43.55 72.48 45.05
CA SER B 504 -44.39 71.65 45.91
C SER B 504 -44.36 70.18 45.48
N LEU B 505 -44.14 69.93 44.19
CA LEU B 505 -44.11 68.56 43.69
C LEU B 505 -42.90 67.82 44.25
N PHE B 506 -43.07 66.51 44.43
CA PHE B 506 -42.01 65.68 45.00
C PHE B 506 -40.76 65.66 44.12
N HIS B 507 -40.95 65.53 42.81
CA HIS B 507 -39.80 65.37 41.92
C HIS B 507 -38.97 66.65 41.82
N VAL B 508 -39.63 67.81 41.77
CA VAL B 508 -38.91 69.06 41.56
C VAL B 508 -38.01 69.38 42.74
N SER B 509 -38.53 69.26 43.97
CA SER B 509 -37.76 69.62 45.15
C SER B 509 -36.67 68.59 45.45
N ASN B 510 -36.85 67.34 45.03
CA ASN B 510 -35.94 66.26 45.39
C ASN B 510 -35.04 65.82 44.25
N ASP B 511 -34.83 66.69 43.25
CA ASP B 511 -33.83 66.46 42.19
C ASP B 511 -34.11 65.17 41.42
N TYR B 512 -35.22 65.18 40.70
CA TYR B 512 -35.60 64.05 39.86
C TYR B 512 -35.96 64.53 38.46
N SER B 513 -35.57 63.75 37.47
CA SER B 513 -35.91 64.01 36.07
C SER B 513 -37.35 63.57 35.79
N PHE B 514 -37.92 64.09 34.71
CA PHE B 514 -39.34 63.91 34.47
C PHE B 514 -39.73 63.56 33.03
N ILE B 515 -38.78 63.58 32.08
CA ILE B 515 -39.10 63.23 30.69
C ILE B 515 -39.22 61.73 30.49
N ARG B 516 -38.82 60.93 31.49
CA ARG B 516 -38.95 59.49 31.39
C ARG B 516 -40.41 59.08 31.31
N TYR B 517 -41.29 59.76 32.04
CA TYR B 517 -42.71 59.44 31.99
C TYR B 517 -43.33 59.83 30.66
N TYR B 518 -42.77 60.82 29.96
CA TYR B 518 -43.24 61.17 28.63
C TYR B 518 -42.79 60.13 27.61
N THR B 519 -41.53 59.72 27.67
CA THR B 519 -41.03 58.73 26.72
C THR B 519 -41.56 57.32 26.97
N ARG B 520 -41.95 57.03 28.21
CA ARG B 520 -42.34 55.67 28.59
C ARG B 520 -43.59 55.21 27.84
N THR B 521 -44.61 56.07 27.77
CA THR B 521 -45.84 55.65 27.12
C THR B 521 -45.64 55.44 25.62
N LEU B 522 -44.86 56.31 24.98
CA LEU B 522 -44.59 56.13 23.55
C LEU B 522 -43.85 54.83 23.30
N TYR B 523 -42.80 54.55 24.09
CA TYR B 523 -42.08 53.30 23.93
C TYR B 523 -42.99 52.10 24.21
N GLN B 524 -43.84 52.21 25.23
CA GLN B 524 -44.75 51.13 25.58
C GLN B 524 -45.70 50.81 24.43
N PHE B 525 -46.31 51.84 23.84
CA PHE B 525 -47.27 51.59 22.77
C PHE B 525 -46.59 51.12 21.50
N GLN B 526 -45.39 51.63 21.21
CA GLN B 526 -44.64 51.11 20.07
C GLN B 526 -44.33 49.62 20.25
N PHE B 527 -43.86 49.25 21.45
CA PHE B 527 -43.55 47.86 21.72
C PHE B 527 -44.80 46.99 21.65
N GLN B 528 -45.92 47.49 22.18
CA GLN B 528 -47.17 46.74 22.14
C GLN B 528 -47.62 46.52 20.70
N GLU B 529 -47.57 47.56 19.87
CA GLU B 529 -47.97 47.39 18.47
C GLU B 529 -47.05 46.42 17.75
N ALA B 530 -45.73 46.53 17.98
CA ALA B 530 -44.81 45.63 17.30
C ALA B 530 -45.03 44.19 17.71
N LEU B 531 -45.21 43.93 19.02
CA LEU B 531 -45.42 42.57 19.49
C LEU B 531 -46.78 42.02 19.06
N CYS B 532 -47.79 42.89 18.94
CA CYS B 532 -49.10 42.44 18.50
C CYS B 532 -49.14 42.14 17.01
N GLN B 533 -48.44 42.94 16.20
CA GLN B 533 -48.36 42.63 14.77
C GLN B 533 -47.47 41.43 14.51
N ALA B 534 -46.45 41.22 15.35
CA ALA B 534 -45.63 40.02 15.22
C ALA B 534 -46.41 38.76 15.57
N ALA B 535 -47.46 38.89 16.38
CA ALA B 535 -48.26 37.75 16.81
C ALA B 535 -49.43 37.45 15.87
N LYS B 536 -49.55 38.18 14.77
CA LYS B 536 -50.61 37.98 13.78
C LYS B 536 -51.99 38.09 14.42
N HIS B 537 -52.26 39.28 14.94
CA HIS B 537 -53.53 39.60 15.58
C HIS B 537 -54.36 40.48 14.67
N GLU B 538 -55.67 40.28 14.70
CA GLU B 538 -56.60 41.03 13.86
C GLU B 538 -57.63 41.74 14.75
N GLY B 539 -57.97 42.97 14.38
CA GLY B 539 -58.96 43.73 15.09
C GLY B 539 -58.38 44.88 15.88
N PRO B 540 -59.10 45.34 16.89
CA PRO B 540 -58.61 46.47 17.70
C PRO B 540 -57.35 46.10 18.47
N LEU B 541 -56.54 47.13 18.73
CA LEU B 541 -55.29 46.93 19.45
C LEU B 541 -55.51 46.71 20.94
N HIS B 542 -56.62 47.20 21.49
CA HIS B 542 -56.87 47.10 22.92
C HIS B 542 -57.44 45.76 23.35
N LYS B 543 -57.80 44.90 22.39
CA LYS B 543 -58.23 43.54 22.70
C LYS B 543 -57.14 42.51 22.42
N CYS B 544 -55.93 42.95 22.11
CA CYS B 544 -54.87 42.07 21.65
C CYS B 544 -54.15 41.41 22.81
N ASP B 545 -53.62 40.22 22.56
CA ASP B 545 -52.88 39.47 23.57
C ASP B 545 -51.74 38.75 22.89
N ILE B 546 -50.60 38.67 23.58
CA ILE B 546 -49.38 38.12 23.04
C ILE B 546 -49.03 36.77 23.66
N SER B 547 -49.97 36.17 24.40
CA SER B 547 -49.72 34.87 24.98
C SER B 547 -49.71 33.79 23.91
N ASN B 548 -49.00 32.69 24.19
CA ASN B 548 -48.88 31.55 23.28
C ASN B 548 -48.26 31.96 21.95
N SER B 549 -47.42 33.00 21.96
CA SER B 549 -46.76 33.50 20.75
C SER B 549 -45.25 33.43 20.98
N THR B 550 -44.60 32.45 20.35
CA THR B 550 -43.17 32.26 20.54
C THR B 550 -42.34 33.27 19.76
N GLU B 551 -42.78 33.63 18.56
CA GLU B 551 -41.99 34.54 17.72
C GLU B 551 -41.92 35.94 18.33
N ALA B 552 -43.03 36.42 18.90
CA ALA B 552 -43.00 37.71 19.59
C ALA B 552 -42.07 37.68 20.79
N GLY B 553 -42.09 36.58 21.55
CA GLY B 553 -41.17 36.45 22.67
C GLY B 553 -39.72 36.44 22.21
N GLN B 554 -39.43 35.78 21.10
CA GLN B 554 -38.06 35.78 20.58
C GLN B 554 -37.64 37.17 20.13
N LYS B 555 -38.54 37.90 19.44
CA LYS B 555 -38.23 39.25 19.01
C LYS B 555 -37.96 40.15 20.21
N LEU B 556 -38.78 40.02 21.27
CA LEU B 556 -38.57 40.81 22.48
C LEU B 556 -37.24 40.45 23.14
N PHE B 557 -36.95 39.15 23.25
CA PHE B 557 -35.73 38.71 23.91
C PHE B 557 -34.49 39.13 23.13
N ASN B 558 -34.61 39.31 21.81
CA ASN B 558 -33.49 39.82 21.03
C ASN B 558 -33.08 41.20 21.50
N MET B 559 -34.04 42.07 21.79
CA MET B 559 -33.75 43.39 22.33
C MET B 559 -33.37 43.34 23.80
N LEU B 560 -34.03 42.47 24.58
CA LEU B 560 -33.80 42.42 26.02
C LEU B 560 -32.36 42.04 26.36
N ARG B 561 -31.79 41.09 25.61
CA ARG B 561 -30.46 40.59 25.92
C ARG B 561 -29.35 41.59 25.62
N LEU B 562 -29.66 42.70 24.92
CA LEU B 562 -28.63 43.66 24.56
C LEU B 562 -28.11 44.43 25.77
N GLY B 563 -29.02 44.85 26.65
CA GLY B 563 -28.60 45.71 27.74
C GLY B 563 -28.28 47.11 27.24
N LYS B 564 -27.23 47.71 27.81
CA LYS B 564 -26.77 49.02 27.41
C LYS B 564 -25.58 48.96 26.46
N SER B 565 -25.25 47.78 25.94
CA SER B 565 -24.08 47.65 25.07
C SER B 565 -24.26 48.43 23.78
N GLU B 566 -25.46 48.41 23.20
CA GLU B 566 -25.73 49.04 21.92
C GLU B 566 -26.58 50.29 22.09
N PRO B 567 -26.49 51.25 21.15
CA PRO B 567 -27.32 52.45 21.25
C PRO B 567 -28.80 52.13 21.26
N TRP B 568 -29.56 52.96 22.00
CA TRP B 568 -30.98 52.73 22.16
C TRP B 568 -31.74 52.82 20.85
N THR B 569 -31.21 53.54 19.85
CA THR B 569 -31.86 53.58 18.55
C THR B 569 -31.89 52.20 17.91
N LEU B 570 -30.77 51.48 17.95
CA LEU B 570 -30.74 50.14 17.37
C LEU B 570 -31.63 49.19 18.16
N ALA B 571 -31.68 49.34 19.48
CA ALA B 571 -32.58 48.52 20.29
C ALA B 571 -34.04 48.78 19.94
N LEU B 572 -34.39 50.05 19.71
CA LEU B 572 -35.75 50.38 19.29
C LEU B 572 -36.06 49.80 17.91
N GLU B 573 -35.08 49.85 17.01
CA GLU B 573 -35.25 49.30 15.68
C GLU B 573 -35.40 47.78 15.71
N ASN B 574 -34.74 47.11 16.65
CA ASN B 574 -34.78 45.66 16.71
C ASN B 574 -36.16 45.10 17.00
N VAL B 575 -37.07 45.93 17.52
CA VAL B 575 -38.44 45.51 17.81
C VAL B 575 -39.44 46.26 16.93
N VAL B 576 -39.51 47.57 17.06
CA VAL B 576 -40.47 48.36 16.29
C VAL B 576 -40.08 48.39 14.82
N GLY B 577 -38.79 48.59 14.54
CA GLY B 577 -38.33 48.79 13.18
C GLY B 577 -38.05 50.23 12.81
N ALA B 578 -38.31 51.18 13.70
CA ALA B 578 -38.05 52.59 13.46
C ALA B 578 -36.99 53.07 14.44
N LYS B 579 -36.09 53.92 13.94
CA LYS B 579 -34.98 54.39 14.77
C LYS B 579 -35.48 55.30 15.89
N ASN B 580 -36.34 56.24 15.57
CA ASN B 580 -36.85 57.22 16.52
C ASN B 580 -38.24 56.83 17.00
N MET B 581 -38.63 57.40 18.14
CA MET B 581 -39.93 57.11 18.71
C MET B 581 -41.04 57.73 17.87
N ASN B 582 -42.17 57.02 17.77
CA ASN B 582 -43.33 57.47 17.03
C ASN B 582 -44.57 57.32 17.89
N VAL B 583 -45.51 58.25 17.74
CA VAL B 583 -46.70 58.28 18.57
C VAL B 583 -47.95 57.82 17.81
N ARG B 584 -47.82 57.50 16.52
CA ARG B 584 -48.96 56.95 15.78
C ARG B 584 -49.60 55.73 16.45
N PRO B 585 -48.84 54.76 16.99
CA PRO B 585 -49.51 53.65 17.70
C PRO B 585 -50.36 54.11 18.87
N LEU B 586 -49.96 55.18 19.56
CA LEU B 586 -50.76 55.69 20.66
C LEU B 586 -52.13 56.16 20.18
N LEU B 587 -52.18 56.87 19.05
CA LEU B 587 -53.45 57.31 18.50
C LEU B 587 -54.25 56.13 17.94
N ASN B 588 -53.56 55.14 17.37
CA ASN B 588 -54.25 53.95 16.89
C ASN B 588 -54.90 53.18 18.04
N TYR B 589 -54.27 53.17 19.21
CA TYR B 589 -54.87 52.52 20.37
C TYR B 589 -56.17 53.19 20.77
N PHE B 590 -56.21 54.53 20.74
CA PHE B 590 -57.35 55.30 21.23
C PHE B 590 -58.23 55.82 20.09
N GLU B 591 -58.35 55.05 19.00
CA GLU B 591 -59.09 55.50 17.83
C GLU B 591 -60.60 55.40 18.01
N PRO B 592 -61.16 54.26 18.44
CA PRO B 592 -62.61 54.23 18.69
C PRO B 592 -63.04 55.24 19.75
N LEU B 593 -62.23 55.43 20.78
CA LEU B 593 -62.54 56.44 21.79
C LEU B 593 -62.52 57.84 21.18
N PHE B 594 -61.56 58.12 20.29
CA PHE B 594 -61.52 59.40 19.61
C PHE B 594 -62.76 59.62 18.76
N THR B 595 -63.19 58.59 18.03
CA THR B 595 -64.40 58.71 17.23
C THR B 595 -65.62 58.96 18.10
N TRP B 596 -65.73 58.24 19.22
CA TRP B 596 -66.87 58.44 20.12
C TRP B 596 -66.86 59.85 20.72
N LEU B 597 -65.68 60.36 21.08
CA LEU B 597 -65.58 61.71 21.60
C LEU B 597 -65.97 62.75 20.55
N LYS B 598 -65.52 62.54 19.30
CA LYS B 598 -65.90 63.44 18.22
C LYS B 598 -67.42 63.44 18.01
N ASP B 599 -68.03 62.25 18.08
CA ASP B 599 -69.49 62.17 17.99
C ASP B 599 -70.15 62.90 19.15
N GLN B 600 -69.62 62.72 20.36
CA GLN B 600 -70.21 63.33 21.55
C GLN B 600 -70.02 64.84 21.56
N ASN B 601 -68.84 65.31 21.13
CA ASN B 601 -68.49 66.72 21.21
C ASN B 601 -68.81 67.49 19.95
N LYS B 602 -69.61 66.91 19.04
CA LYS B 602 -70.00 67.62 17.82
C LYS B 602 -70.80 68.88 18.13
N ASN B 603 -71.46 68.95 19.28
CA ASN B 603 -72.27 70.10 19.66
C ASN B 603 -71.56 71.05 20.62
N SER B 604 -70.80 70.52 21.57
CA SER B 604 -70.14 71.34 22.57
C SER B 604 -68.93 72.06 21.97
N PHE B 605 -68.50 73.11 22.66
CA PHE B 605 -67.32 73.86 22.24
C PHE B 605 -66.07 73.02 22.45
N VAL B 606 -65.11 73.18 21.53
CA VAL B 606 -63.81 72.52 21.61
C VAL B 606 -62.74 73.60 21.68
N GLY B 607 -61.88 73.52 22.67
CA GLY B 607 -60.87 74.53 22.91
C GLY B 607 -61.17 75.37 24.15
N TRP B 608 -60.18 76.16 24.53
CA TRP B 608 -60.26 76.98 25.73
C TRP B 608 -59.79 78.39 25.43
N SER B 609 -60.26 79.33 26.24
CA SER B 609 -59.88 80.74 26.14
C SER B 609 -59.01 81.11 27.33
N THR B 610 -57.84 81.69 27.05
CA THR B 610 -56.89 82.00 28.10
C THR B 610 -57.35 83.18 28.95
N ASP B 611 -58.14 84.09 28.37
CA ASP B 611 -58.49 85.32 29.06
C ASP B 611 -59.30 85.07 30.33
N TRP B 612 -60.24 84.12 30.27
CA TRP B 612 -61.13 83.88 31.40
C TRP B 612 -60.37 83.40 32.62
N SER B 613 -60.71 83.96 33.77
CA SER B 613 -60.11 83.60 35.05
C SER B 613 -61.21 83.47 36.09
N PRO B 614 -61.02 82.60 37.10
CA PRO B 614 -62.04 82.45 38.15
C PRO B 614 -62.32 83.74 38.91
N TYR B 615 -61.32 84.58 39.10
CA TYR B 615 -61.50 85.84 39.83
C TYR B 615 -61.87 86.97 38.89
N SER C 21 -37.05 42.59 -8.31
CA SER C 21 -35.61 42.58 -8.14
C SER C 21 -34.99 43.88 -8.63
N THR C 22 -33.70 43.85 -8.93
CA THR C 22 -33.01 45.01 -9.45
C THR C 22 -33.50 45.35 -10.86
N ILE C 23 -33.36 46.62 -11.23
CA ILE C 23 -33.80 47.07 -12.54
C ILE C 23 -33.00 46.40 -13.65
N GLU C 24 -31.71 46.12 -13.40
CA GLU C 24 -30.88 45.51 -14.43
C GLU C 24 -31.39 44.13 -14.83
N GLU C 25 -31.78 43.31 -13.84
CA GLU C 25 -32.28 41.98 -14.14
C GLU C 25 -33.59 42.04 -14.92
N GLN C 26 -34.49 42.95 -14.53
CA GLN C 26 -35.75 43.12 -15.24
C GLN C 26 -35.51 43.57 -16.67
N ALA C 27 -34.55 44.48 -16.88
CA ALA C 27 -34.23 44.94 -18.23
C ALA C 27 -33.65 43.80 -19.06
N LYS C 28 -32.79 42.98 -18.45
CA LYS C 28 -32.26 41.83 -19.17
C LYS C 28 -33.37 40.87 -19.59
N THR C 29 -34.31 40.59 -18.68
CA THR C 29 -35.42 39.71 -19.01
C THR C 29 -36.28 40.30 -20.13
N PHE C 30 -36.53 41.61 -20.07
CA PHE C 30 -37.34 42.26 -21.09
C PHE C 30 -36.66 42.21 -22.46
N LEU C 31 -35.34 42.45 -22.50
CA LEU C 31 -34.63 42.37 -23.78
C LEU C 31 -34.61 40.94 -24.31
N ASP C 32 -34.47 39.96 -23.40
CA ASP C 32 -34.50 38.57 -23.81
C ASP C 32 -35.86 38.22 -24.41
N LYS C 33 -36.93 38.76 -23.84
CA LYS C 33 -38.25 38.56 -24.44
C LYS C 33 -38.37 39.25 -25.80
N PHE C 34 -37.84 40.47 -25.91
CA PHE C 34 -38.08 41.26 -27.13
C PHE C 34 -37.35 40.65 -28.32
N ASN C 35 -36.08 40.28 -28.14
CA ASN C 35 -35.27 39.79 -29.25
C ASN C 35 -35.97 38.63 -29.95
N HIS C 36 -36.45 37.66 -29.18
CA HIS C 36 -37.35 36.67 -29.74
C HIS C 36 -38.68 37.34 -30.06
N GLU C 37 -39.26 36.95 -31.18
CA GLU C 37 -40.45 37.54 -31.79
C GLU C 37 -40.13 38.89 -32.43
N ALA C 38 -39.03 39.54 -32.03
CA ALA C 38 -38.53 40.64 -32.87
C ALA C 38 -37.88 40.07 -34.12
N GLU C 39 -37.04 39.05 -33.94
CA GLU C 39 -36.49 38.33 -35.08
C GLU C 39 -37.60 37.73 -35.93
N ASP C 40 -38.64 37.19 -35.28
CA ASP C 40 -39.72 36.55 -36.03
C ASP C 40 -40.47 37.55 -36.90
N LEU C 41 -40.90 38.68 -36.30
CA LEU C 41 -41.64 39.65 -37.09
C LEU C 41 -40.75 40.28 -38.16
N PHE C 42 -39.48 40.52 -37.84
CA PHE C 42 -38.56 41.05 -38.86
C PHE C 42 -38.40 40.08 -40.02
N TYR C 43 -38.26 38.78 -39.73
CA TYR C 43 -38.13 37.81 -40.79
C TYR C 43 -39.38 37.73 -41.64
N GLN C 44 -40.56 37.79 -41.00
CA GLN C 44 -41.81 37.77 -41.77
C GLN C 44 -41.91 38.98 -42.68
N SER C 45 -41.61 40.17 -42.17
CA SER C 45 -41.68 41.38 -42.98
C SER C 45 -40.66 41.33 -44.12
N SER C 46 -39.44 40.88 -43.83
CA SER C 46 -38.41 40.80 -44.86
C SER C 46 -38.79 39.80 -45.94
N LEU C 47 -39.36 38.66 -45.55
CA LEU C 47 -39.79 37.67 -46.54
C LEU C 47 -40.91 38.22 -47.40
N ALA C 48 -41.86 38.94 -46.80
CA ALA C 48 -42.93 39.56 -47.59
C ALA C 48 -42.35 40.58 -48.57
N SER C 49 -41.41 41.40 -48.11
CA SER C 49 -40.81 42.40 -48.99
C SER C 49 -40.05 41.75 -50.14
N TRP C 50 -39.30 40.68 -49.84
CA TRP C 50 -38.57 39.97 -50.89
C TRP C 50 -39.53 39.32 -51.88
N ASN C 51 -40.63 38.76 -51.38
CA ASN C 51 -41.62 38.15 -52.27
C ASN C 51 -42.23 39.20 -53.20
N TYR C 52 -42.50 40.39 -52.68
CA TYR C 52 -43.02 41.45 -53.53
C TYR C 52 -41.98 41.90 -54.55
N ASN C 53 -40.73 42.08 -54.12
CA ASN C 53 -39.70 42.61 -55.01
C ASN C 53 -39.34 41.62 -56.12
N THR C 54 -39.18 40.34 -55.77
CA THR C 54 -38.83 39.34 -56.76
C THR C 54 -39.98 39.00 -57.68
N ASN C 55 -41.22 39.25 -57.23
CA ASN C 55 -42.41 38.91 -58.03
C ASN C 55 -43.45 40.00 -57.76
N ILE C 56 -43.49 40.99 -58.65
CA ILE C 56 -44.39 42.13 -58.47
C ILE C 56 -45.76 41.76 -59.00
N THR C 57 -46.79 42.00 -58.18
CA THR C 57 -48.17 41.78 -58.56
C THR C 57 -49.05 42.52 -57.56
N GLU C 58 -50.35 42.54 -57.84
CA GLU C 58 -51.29 43.24 -56.96
C GLU C 58 -51.38 42.55 -55.60
N GLU C 59 -51.34 41.22 -55.59
CA GLU C 59 -51.60 40.48 -54.35
C GLU C 59 -50.47 40.66 -53.35
N ASN C 60 -49.22 40.71 -53.82
CA ASN C 60 -48.07 40.76 -52.91
C ASN C 60 -48.00 42.09 -52.16
N VAL C 61 -48.52 43.16 -52.76
CA VAL C 61 -48.45 44.48 -52.12
C VAL C 61 -49.24 44.47 -50.81
N GLN C 62 -50.40 43.81 -50.81
CA GLN C 62 -51.21 43.73 -49.59
C GLN C 62 -50.46 43.01 -48.49
N ASN C 63 -49.81 41.88 -48.81
CA ASN C 63 -49.05 41.15 -47.81
C ASN C 63 -47.90 41.98 -47.28
N MET C 64 -47.19 42.67 -48.17
CA MET C 64 -46.07 43.51 -47.74
C MET C 64 -46.54 44.62 -46.80
N ASN C 65 -47.64 45.28 -47.16
CA ASN C 65 -48.16 46.36 -46.32
C ASN C 65 -48.62 45.84 -44.97
N ASN C 66 -49.30 44.68 -44.95
CA ASN C 66 -49.75 44.12 -43.68
C ASN C 66 -48.57 43.77 -42.80
N ALA C 67 -47.54 43.14 -43.37
CA ALA C 67 -46.36 42.79 -42.58
C ALA C 67 -45.67 44.04 -42.03
N GLY C 68 -45.53 45.07 -42.87
CA GLY C 68 -44.92 46.30 -42.39
C GLY C 68 -45.72 46.96 -41.27
N ASP C 69 -47.05 46.98 -41.42
CA ASP C 69 -47.90 47.58 -40.39
C ASP C 69 -47.80 46.81 -39.09
N LYS C 70 -47.83 45.47 -39.16
CA LYS C 70 -47.70 44.66 -37.96
C LYS C 70 -46.36 44.90 -37.27
N TRP C 71 -45.28 44.93 -38.05
CA TRP C 71 -43.96 45.16 -37.47
C TRP C 71 -43.88 46.53 -36.82
N SER C 72 -44.43 47.56 -37.48
CA SER C 72 -44.40 48.91 -36.92
C SER C 72 -45.20 48.98 -35.62
N ALA C 73 -46.38 48.36 -35.61
CA ALA C 73 -47.20 48.38 -34.39
C ALA C 73 -46.48 47.68 -33.25
N PHE C 74 -45.86 46.53 -33.54
CA PHE C 74 -45.12 45.81 -32.50
C PHE C 74 -43.96 46.66 -31.99
N LEU C 75 -43.25 47.34 -32.88
CA LEU C 75 -42.12 48.17 -32.46
C LEU C 75 -42.58 49.33 -31.58
N LYS C 76 -43.69 49.98 -31.95
CA LYS C 76 -44.20 51.08 -31.14
C LYS C 76 -44.64 50.59 -29.76
N GLU C 77 -45.33 49.44 -29.72
CA GLU C 77 -45.76 48.91 -28.43
C GLU C 77 -44.57 48.55 -27.55
N GLN C 78 -43.53 47.96 -28.16
CA GLN C 78 -42.35 47.60 -27.38
C GLN C 78 -41.59 48.82 -26.89
N SER C 79 -41.50 49.88 -27.70
CA SER C 79 -40.88 51.11 -27.22
C SER C 79 -41.68 51.70 -26.07
N THR C 80 -43.02 51.68 -26.19
CA THR C 80 -43.86 52.18 -25.10
C THR C 80 -43.63 51.37 -23.82
N LEU C 81 -43.50 50.05 -23.95
CA LEU C 81 -43.26 49.23 -22.76
C LEU C 81 -41.86 49.48 -22.20
N ALA C 82 -40.87 49.70 -23.07
CA ALA C 82 -39.50 49.92 -22.61
C ALA C 82 -39.30 51.30 -22.02
N GLN C 83 -40.23 52.23 -22.26
CA GLN C 83 -40.12 53.55 -21.65
C GLN C 83 -40.10 53.51 -20.12
N MET C 84 -40.59 52.41 -19.52
CA MET C 84 -40.71 52.35 -18.07
C MET C 84 -39.36 52.32 -17.37
N TYR C 85 -38.40 51.57 -17.87
CA TYR C 85 -37.12 51.38 -17.19
C TYR C 85 -36.29 52.66 -17.20
N PRO C 86 -35.89 53.20 -16.05
CA PRO C 86 -34.93 54.30 -16.04
C PRO C 86 -33.57 53.83 -16.53
N LEU C 87 -32.93 54.67 -17.35
CA LEU C 87 -31.66 54.29 -17.95
C LEU C 87 -30.49 54.41 -16.99
N GLN C 88 -30.64 55.20 -15.92
CA GLN C 88 -29.51 55.44 -15.02
C GLN C 88 -29.12 54.18 -14.26
N GLU C 89 -30.10 53.35 -13.91
CA GLU C 89 -29.82 52.18 -13.06
C GLU C 89 -28.96 51.16 -13.78
N ILE C 90 -29.19 50.94 -15.07
CA ILE C 90 -28.42 49.96 -15.82
C ILE C 90 -26.97 50.39 -15.89
N GLN C 91 -26.06 49.44 -15.64
CA GLN C 91 -24.62 49.72 -15.63
C GLN C 91 -23.87 48.63 -16.37
N ASN C 92 -24.45 48.14 -17.47
CA ASN C 92 -23.85 47.07 -18.25
C ASN C 92 -23.14 47.56 -19.51
N LEU C 93 -23.57 48.70 -20.06
CA LEU C 93 -23.04 49.32 -21.27
C LEU C 93 -23.35 48.52 -22.54
N THR C 94 -24.10 47.44 -22.44
CA THR C 94 -24.70 46.78 -23.60
C THR C 94 -26.20 46.74 -23.49
N VAL C 95 -26.73 46.33 -22.33
CA VAL C 95 -28.15 46.52 -22.05
C VAL C 95 -28.51 48.00 -22.13
N LYS C 96 -27.61 48.87 -21.64
CA LYS C 96 -27.84 50.30 -21.76
C LYS C 96 -27.92 50.74 -23.22
N LEU C 97 -27.03 50.23 -24.07
CA LEU C 97 -27.07 50.58 -25.48
C LEU C 97 -28.35 50.09 -26.14
N GLN C 98 -28.76 48.86 -25.83
CA GLN C 98 -30.00 48.33 -26.41
C GLN C 98 -31.21 49.15 -25.95
N LEU C 99 -31.23 49.54 -24.67
CA LEU C 99 -32.32 50.37 -24.19
C LEU C 99 -32.31 51.75 -24.85
N GLN C 100 -31.13 52.34 -25.01
CA GLN C 100 -31.02 53.64 -25.67
C GLN C 100 -31.54 53.55 -27.10
N ALA C 101 -31.23 52.47 -27.80
CA ALA C 101 -31.78 52.28 -29.14
C ALA C 101 -33.29 52.09 -29.10
N LEU C 102 -33.79 51.34 -28.11
CA LEU C 102 -35.21 51.00 -28.07
C LEU C 102 -36.06 52.16 -27.59
N GLN C 103 -35.60 52.91 -26.58
CA GLN C 103 -36.33 54.10 -26.11
C GLN C 103 -36.00 55.30 -27.01
N GLN C 104 -36.46 55.20 -28.26
CA GLN C 104 -36.40 56.29 -29.22
C GLN C 104 -37.85 56.71 -29.48
N ASN C 105 -38.34 57.59 -28.60
CA ASN C 105 -39.72 58.07 -28.72
C ASN C 105 -39.89 58.95 -29.95
N GLY C 106 -38.96 59.87 -30.19
CA GLY C 106 -38.88 60.55 -31.48
C GLY C 106 -40.11 61.37 -31.83
N SER C 107 -40.68 61.06 -33.00
CA SER C 107 -41.70 61.89 -33.60
C SER C 107 -43.08 61.75 -32.97
N SER C 108 -43.27 60.76 -32.08
CA SER C 108 -44.57 60.61 -31.43
C SER C 108 -44.86 61.72 -30.43
N VAL C 109 -43.85 62.52 -30.06
CA VAL C 109 -44.08 63.64 -29.16
C VAL C 109 -44.98 64.68 -29.81
N LEU C 110 -44.94 64.79 -31.14
CA LEU C 110 -45.80 65.73 -31.85
C LEU C 110 -47.27 65.40 -31.63
N SER C 111 -48.10 66.43 -31.68
CA SER C 111 -49.54 66.22 -31.56
C SER C 111 -50.07 65.48 -32.79
N GLU C 112 -51.28 64.95 -32.66
CA GLU C 112 -51.88 64.19 -33.76
C GLU C 112 -52.05 65.04 -35.00
N ASP C 113 -52.54 66.27 -34.83
CA ASP C 113 -52.67 67.17 -35.96
C ASP C 113 -51.31 67.54 -36.55
N LYS C 114 -50.33 67.80 -35.68
CA LYS C 114 -48.99 68.12 -36.17
C LYS C 114 -48.36 66.95 -36.89
N SER C 115 -48.53 65.74 -36.35
CA SER C 115 -48.01 64.55 -37.02
C SER C 115 -48.67 64.34 -38.37
N LYS C 116 -49.99 64.54 -38.44
CA LYS C 116 -50.69 64.42 -39.71
C LYS C 116 -50.19 65.46 -40.71
N ARG C 117 -49.99 66.70 -40.26
CA ARG C 117 -49.49 67.74 -41.15
C ARG C 117 -48.09 67.41 -41.65
N LEU C 118 -47.21 66.92 -40.77
CA LEU C 118 -45.86 66.57 -41.19
C LEU C 118 -45.86 65.42 -42.19
N ASN C 119 -46.68 64.40 -41.94
CA ASN C 119 -46.78 63.28 -42.86
C ASN C 119 -47.32 63.73 -44.21
N THR C 120 -48.33 64.62 -44.20
CA THR C 120 -48.87 65.15 -45.45
C THR C 120 -47.81 65.95 -46.21
N ILE C 121 -47.02 66.75 -45.49
CA ILE C 121 -45.97 67.53 -46.13
C ILE C 121 -44.94 66.62 -46.79
N LEU C 122 -44.51 65.58 -46.06
CA LEU C 122 -43.54 64.64 -46.62
C LEU C 122 -44.11 63.91 -47.84
N ASN C 123 -45.37 63.49 -47.76
CA ASN C 123 -45.98 62.78 -48.87
C ASN C 123 -46.13 63.69 -50.09
N THR C 124 -46.51 64.96 -49.87
CA THR C 124 -46.61 65.89 -50.98
C THR C 124 -45.25 66.15 -51.61
N MET C 125 -44.21 66.28 -50.80
CA MET C 125 -42.86 66.44 -51.34
C MET C 125 -42.48 65.25 -52.21
N SER C 126 -42.69 64.04 -51.69
CA SER C 126 -42.33 62.85 -52.45
C SER C 126 -43.11 62.77 -53.76
N THR C 127 -44.42 63.07 -53.71
CA THR C 127 -45.24 63.00 -54.91
C THR C 127 -44.83 64.04 -55.94
N ILE C 128 -44.59 65.29 -55.51
CA ILE C 128 -44.25 66.35 -56.45
C ILE C 128 -42.88 66.10 -57.06
N TYR C 129 -41.93 65.57 -56.28
CA TYR C 129 -40.62 65.27 -56.85
C TYR C 129 -40.69 64.07 -57.80
N SER C 130 -41.50 63.06 -57.45
CA SER C 130 -41.58 61.87 -58.28
C SER C 130 -42.17 62.18 -59.66
N THR C 131 -43.19 63.02 -59.71
CA THR C 131 -43.86 63.38 -60.96
C THR C 131 -43.61 64.86 -61.25
N GLY C 132 -42.56 65.14 -62.01
CA GLY C 132 -42.24 66.50 -62.39
C GLY C 132 -42.03 66.65 -63.88
N LYS C 133 -42.84 67.49 -64.51
CA LYS C 133 -42.77 67.72 -65.95
C LYS C 133 -42.40 69.18 -66.22
N VAL C 134 -41.43 69.38 -67.12
CA VAL C 134 -41.03 70.72 -67.53
C VAL C 134 -41.57 71.09 -68.89
N CYS C 135 -42.39 70.25 -69.50
CA CYS C 135 -42.93 70.49 -70.84
C CYS C 135 -43.88 71.69 -70.85
N CYS C 143 -44.39 64.38 -70.62
CA CYS C 143 -43.58 65.17 -71.55
C CYS C 143 -42.29 65.63 -70.89
N LEU C 144 -41.18 65.00 -71.26
CA LEU C 144 -39.84 65.34 -70.77
C LEU C 144 -39.77 65.25 -69.23
N LEU C 145 -39.97 64.03 -68.74
CA LEU C 145 -39.84 63.77 -67.32
C LEU C 145 -38.36 63.73 -66.93
N LEU C 146 -38.11 63.64 -65.62
CA LEU C 146 -36.73 63.77 -65.12
C LEU C 146 -35.85 62.63 -65.61
N GLU C 147 -36.29 61.37 -65.41
CA GLU C 147 -35.49 60.24 -65.85
C GLU C 147 -35.67 59.99 -67.36
N PRO C 148 -36.92 59.95 -67.92
CA PRO C 148 -37.09 59.81 -69.37
C PRO C 148 -36.22 60.74 -70.19
N GLY C 149 -36.43 62.04 -70.03
CA GLY C 149 -35.60 63.02 -70.70
C GLY C 149 -34.83 63.74 -69.61
N LEU C 150 -34.30 64.93 -69.92
CA LEU C 150 -33.72 65.82 -68.92
C LEU C 150 -32.35 65.25 -68.53
N ASN C 151 -32.31 64.09 -67.89
CA ASN C 151 -31.04 63.46 -67.54
C ASN C 151 -30.12 63.32 -68.75
N GLU C 152 -30.64 62.72 -69.83
CA GLU C 152 -29.84 62.53 -71.03
C GLU C 152 -29.45 63.86 -71.66
N ILE C 153 -30.34 64.86 -71.61
CA ILE C 153 -30.03 66.18 -72.15
C ILE C 153 -28.89 66.81 -71.36
N MET C 154 -28.95 66.74 -70.03
CA MET C 154 -27.92 67.34 -69.20
C MET C 154 -26.61 66.57 -69.26
N ALA C 155 -26.63 65.32 -69.72
CA ALA C 155 -25.41 64.53 -69.79
C ALA C 155 -24.81 64.44 -71.19
N ASN C 156 -25.57 64.74 -72.25
CA ASN C 156 -25.07 64.51 -73.60
C ASN C 156 -25.46 65.58 -74.61
N SER C 157 -25.99 66.73 -74.18
CA SER C 157 -26.40 67.75 -75.15
C SER C 157 -25.18 68.42 -75.78
N LEU C 158 -24.19 68.77 -74.96
CA LEU C 158 -22.97 69.45 -75.40
C LEU C 158 -23.30 70.83 -75.95
N ASP C 159 -24.56 71.24 -75.87
CA ASP C 159 -25.03 72.53 -76.34
C ASP C 159 -25.35 73.41 -75.14
N TYR C 160 -24.85 74.65 -75.16
CA TYR C 160 -25.02 75.55 -74.03
C TYR C 160 -26.49 75.89 -73.81
N ASN C 161 -27.19 76.28 -74.87
CA ASN C 161 -28.56 76.75 -74.74
C ASN C 161 -29.49 75.65 -74.24
N GLU C 162 -29.33 74.44 -74.77
CA GLU C 162 -30.21 73.34 -74.37
C GLU C 162 -30.03 72.99 -72.90
N ARG C 163 -28.78 72.91 -72.45
CA ARG C 163 -28.50 72.60 -71.05
C ARG C 163 -29.01 73.70 -70.13
N LEU C 164 -28.80 74.96 -70.51
CA LEU C 164 -29.29 76.07 -69.70
C LEU C 164 -30.81 76.05 -69.62
N TRP C 165 -31.48 75.79 -70.74
CA TRP C 165 -32.94 75.72 -70.76
C TRP C 165 -33.44 74.60 -69.86
N ALA C 166 -32.83 73.41 -69.95
CA ALA C 166 -33.27 72.30 -69.12
C ALA C 166 -33.06 72.59 -67.65
N TRP C 167 -31.89 73.13 -67.29
CA TRP C 167 -31.60 73.47 -65.90
C TRP C 167 -32.61 74.47 -65.36
N GLU C 168 -32.82 75.58 -66.07
CA GLU C 168 -33.71 76.62 -65.58
C GLU C 168 -35.16 76.13 -65.54
N SER C 169 -35.58 75.34 -66.52
CA SER C 169 -36.94 74.82 -66.52
C SER C 169 -37.17 73.89 -65.33
N TRP C 170 -36.25 72.96 -65.08
CA TRP C 170 -36.43 72.07 -63.93
C TRP C 170 -36.44 72.86 -62.63
N ARG C 171 -35.53 73.83 -62.50
CA ARG C 171 -35.52 74.66 -61.30
C ARG C 171 -36.86 75.36 -61.11
N SER C 172 -37.34 76.05 -62.15
CA SER C 172 -38.58 76.82 -62.02
C SER C 172 -39.78 75.92 -61.73
N GLU C 173 -39.81 74.73 -62.32
CA GLU C 173 -40.96 73.85 -62.10
C GLU C 173 -40.94 73.21 -60.72
N VAL C 174 -39.76 72.92 -60.17
CA VAL C 174 -39.69 72.11 -58.95
C VAL C 174 -39.40 72.95 -57.71
N GLY C 175 -38.27 73.67 -57.74
CA GLY C 175 -37.85 74.41 -56.56
C GLY C 175 -38.77 75.55 -56.20
N LYS C 176 -39.40 76.18 -57.19
CA LYS C 176 -40.31 77.28 -56.91
C LYS C 176 -41.55 76.76 -56.17
N GLN C 177 -42.00 75.55 -56.49
CA GLN C 177 -43.16 74.96 -55.85
C GLN C 177 -42.82 74.27 -54.53
N LEU C 178 -41.55 73.96 -54.27
CA LEU C 178 -41.17 73.33 -53.00
C LEU C 178 -40.77 74.32 -51.91
N ARG C 179 -40.96 75.61 -52.10
CA ARG C 179 -40.52 76.58 -51.09
C ARG C 179 -41.34 76.53 -49.79
N PRO C 180 -42.65 76.81 -49.80
CA PRO C 180 -43.35 76.90 -48.50
C PRO C 180 -43.51 75.56 -47.81
N LEU C 181 -43.64 74.48 -48.59
CA LEU C 181 -43.65 73.16 -48.00
C LEU C 181 -42.35 72.89 -47.25
N TYR C 182 -41.23 73.30 -47.83
CA TYR C 182 -39.95 73.13 -47.15
C TYR C 182 -39.87 74.01 -45.89
N GLU C 183 -40.41 75.23 -45.95
CA GLU C 183 -40.38 76.07 -44.75
C GLU C 183 -41.19 75.45 -43.62
N GLU C 184 -42.40 74.96 -43.93
CA GLU C 184 -43.20 74.32 -42.90
C GLU C 184 -42.55 73.03 -42.40
N TYR C 185 -41.94 72.26 -43.30
CA TYR C 185 -41.16 71.11 -42.88
C TYR C 185 -40.07 71.49 -41.90
N VAL C 186 -39.34 72.57 -42.20
CA VAL C 186 -38.25 73.00 -41.33
C VAL C 186 -38.79 73.35 -39.95
N VAL C 187 -39.87 74.13 -39.90
CA VAL C 187 -40.35 74.58 -38.59
C VAL C 187 -40.89 73.41 -37.76
N LEU C 188 -41.69 72.52 -38.37
CA LEU C 188 -42.20 71.37 -37.63
C LEU C 188 -41.08 70.43 -37.19
N LYS C 189 -40.12 70.14 -38.08
CA LYS C 189 -39.03 69.24 -37.72
C LYS C 189 -38.16 69.84 -36.63
N ASN C 190 -37.90 71.14 -36.69
CA ASN C 190 -37.12 71.79 -35.64
C ASN C 190 -37.84 71.71 -34.30
N GLU C 191 -39.15 71.97 -34.28
CA GLU C 191 -39.88 71.90 -33.03
C GLU C 191 -39.91 70.46 -32.50
N MET C 192 -40.08 69.48 -33.38
CA MET C 192 -40.07 68.08 -32.96
C MET C 192 -38.71 67.68 -32.39
N ALA C 193 -37.63 68.12 -33.02
CA ALA C 193 -36.30 67.82 -32.52
C ALA C 193 -36.05 68.47 -31.17
N ARG C 194 -36.50 69.71 -30.99
CA ARG C 194 -36.39 70.36 -29.69
C ARG C 194 -37.25 69.66 -28.64
N ALA C 195 -38.34 69.03 -29.05
CA ALA C 195 -39.18 68.29 -28.11
C ALA C 195 -38.44 67.09 -27.53
N ASN C 196 -37.45 66.57 -28.25
CA ASN C 196 -36.72 65.38 -27.82
C ASN C 196 -35.44 65.70 -27.07
N HIS C 197 -35.39 66.85 -26.39
CA HIS C 197 -34.21 67.28 -25.62
C HIS C 197 -32.98 67.42 -26.52
N TYR C 198 -33.20 67.87 -27.75
CA TYR C 198 -32.12 68.20 -28.67
C TYR C 198 -32.19 69.69 -29.02
N GLU C 199 -31.03 70.26 -29.33
CA GLU C 199 -30.99 71.68 -29.68
C GLU C 199 -31.72 71.95 -30.99
N ASP C 200 -31.38 71.20 -32.03
CA ASP C 200 -31.92 71.41 -33.37
C ASP C 200 -32.13 70.05 -34.03
N TYR C 201 -32.62 70.08 -35.27
CA TYR C 201 -32.73 68.85 -36.05
C TYR C 201 -31.38 68.41 -36.59
N GLY C 202 -30.51 69.37 -36.91
CA GLY C 202 -29.15 69.02 -37.29
C GLY C 202 -28.40 68.31 -36.17
N ASP C 203 -28.63 68.73 -34.92
CA ASP C 203 -28.04 68.03 -33.79
C ASP C 203 -28.58 66.61 -33.69
N TYR C 204 -29.88 66.43 -33.96
CA TYR C 204 -30.46 65.10 -33.95
C TYR C 204 -29.83 64.21 -35.02
N TRP C 205 -29.59 64.77 -36.21
CA TRP C 205 -28.87 64.02 -37.24
C TRP C 205 -27.46 63.68 -36.80
N ARG C 206 -26.76 64.65 -36.18
CA ARG C 206 -25.40 64.44 -35.72
C ARG C 206 -25.32 63.51 -34.52
N GLY C 207 -26.44 63.16 -33.89
CA GLY C 207 -26.42 62.26 -32.75
C GLY C 207 -25.88 60.88 -33.07
N ASP C 208 -25.83 60.51 -34.36
CA ASP C 208 -25.27 59.21 -34.72
C ASP C 208 -23.79 59.13 -34.39
N TYR C 209 -23.03 60.18 -34.68
CA TYR C 209 -21.60 60.22 -34.37
C TYR C 209 -21.40 60.73 -32.95
N GLU C 210 -21.82 59.90 -32.00
CA GLU C 210 -21.71 60.24 -30.58
C GLU C 210 -21.59 58.96 -29.78
N VAL C 211 -20.52 58.84 -29.00
CA VAL C 211 -20.31 57.73 -28.09
C VAL C 211 -19.96 58.30 -26.71
N ASN C 212 -20.67 57.83 -25.68
CA ASN C 212 -20.51 58.32 -24.32
C ASN C 212 -20.32 57.15 -23.37
N GLY C 213 -19.74 57.45 -22.21
CA GLY C 213 -19.58 56.48 -21.15
C GLY C 213 -18.30 55.67 -21.18
N VAL C 214 -17.46 55.84 -22.20
CA VAL C 214 -16.21 55.11 -22.32
C VAL C 214 -15.07 56.12 -22.17
N ASP C 215 -14.18 55.86 -21.21
CA ASP C 215 -13.05 56.76 -20.98
C ASP C 215 -12.02 56.59 -22.07
N GLY C 216 -11.58 57.70 -22.65
CA GLY C 216 -10.58 57.68 -23.70
C GLY C 216 -11.12 57.41 -25.09
N TYR C 217 -12.43 57.15 -25.22
CA TYR C 217 -13.03 56.86 -26.52
C TYR C 217 -14.27 57.70 -26.78
N ASP C 218 -14.59 58.65 -25.90
CA ASP C 218 -15.84 59.40 -26.02
C ASP C 218 -15.79 60.35 -27.23
N TYR C 219 -16.99 60.73 -27.67
CA TYR C 219 -17.15 61.65 -28.78
C TYR C 219 -18.37 62.51 -28.52
N SER C 220 -18.42 63.67 -29.18
CA SER C 220 -19.49 64.64 -28.96
C SER C 220 -20.07 65.09 -30.28
N ARG C 221 -21.34 65.50 -30.24
CA ARG C 221 -21.99 66.04 -31.43
C ARG C 221 -21.39 67.36 -31.87
N GLY C 222 -20.87 68.15 -30.92
CA GLY C 222 -20.18 69.36 -31.25
C GLY C 222 -18.76 69.16 -31.76
N GLN C 223 -18.28 67.92 -31.75
CA GLN C 223 -17.00 67.61 -32.35
C GLN C 223 -17.12 67.37 -33.85
N LEU C 224 -18.31 66.94 -34.32
CA LEU C 224 -18.52 66.68 -35.73
C LEU C 224 -18.66 67.95 -36.56
N ILE C 225 -19.06 69.06 -35.95
CA ILE C 225 -19.08 70.33 -36.69
C ILE C 225 -17.67 70.73 -37.06
N GLU C 226 -16.69 70.40 -36.22
CA GLU C 226 -15.27 70.51 -36.54
C GLU C 226 -14.84 69.14 -37.05
N ASP C 227 -13.55 68.97 -37.35
CA ASP C 227 -12.96 67.69 -37.77
C ASP C 227 -13.41 67.33 -39.18
N VAL C 228 -14.31 68.12 -39.75
CA VAL C 228 -14.65 68.05 -41.16
C VAL C 228 -14.10 69.26 -41.92
N GLU C 229 -14.22 70.44 -41.31
CA GLU C 229 -13.58 71.64 -41.86
C GLU C 229 -12.07 71.46 -41.92
N HIS C 230 -11.49 70.81 -40.92
CA HIS C 230 -10.04 70.56 -40.92
C HIS C 230 -9.62 69.73 -42.12
N THR C 231 -10.32 68.62 -42.37
CA THR C 231 -9.99 67.78 -43.51
C THR C 231 -10.26 68.51 -44.83
N PHE C 232 -11.31 69.33 -44.89
CA PHE C 232 -11.57 70.05 -46.13
C PHE C 232 -10.49 71.10 -46.40
N GLU C 233 -10.01 71.76 -45.35
CA GLU C 233 -8.87 72.67 -45.50
C GLU C 233 -7.62 71.92 -45.93
N GLU C 234 -7.44 70.69 -45.44
CA GLU C 234 -6.32 69.88 -45.87
C GLU C 234 -6.42 69.52 -47.35
N ILE C 235 -7.62 69.22 -47.83
CA ILE C 235 -7.80 68.70 -49.18
C ILE C 235 -8.16 69.81 -50.16
N LYS C 236 -8.15 71.05 -49.67
CA LYS C 236 -8.45 72.19 -50.54
C LYS C 236 -7.47 72.34 -51.70
N PRO C 237 -6.15 72.28 -51.52
CA PRO C 237 -5.24 72.53 -52.67
C PRO C 237 -5.43 71.54 -53.81
N LEU C 238 -5.68 70.26 -53.50
CA LEU C 238 -5.88 69.27 -54.56
C LEU C 238 -7.13 69.58 -55.36
N TYR C 239 -8.23 69.93 -54.67
CA TYR C 239 -9.44 70.32 -55.38
C TYR C 239 -9.24 71.57 -56.20
N GLU C 240 -8.46 72.53 -55.68
CA GLU C 240 -8.16 73.74 -56.44
C GLU C 240 -7.40 73.41 -57.72
N HIS C 241 -6.39 72.55 -57.62
CA HIS C 241 -5.64 72.14 -58.82
C HIS C 241 -6.53 71.41 -59.80
N LEU C 242 -7.38 70.51 -59.30
CA LEU C 242 -8.27 69.76 -60.20
C LEU C 242 -9.26 70.69 -60.88
N HIS C 243 -9.83 71.65 -60.14
CA HIS C 243 -10.77 72.59 -60.73
C HIS C 243 -10.09 73.45 -61.78
N ALA C 244 -8.87 73.90 -61.50
CA ALA C 244 -8.14 74.69 -62.49
C ALA C 244 -7.87 73.87 -63.75
N TYR C 245 -7.48 72.61 -63.59
CA TYR C 245 -7.22 71.77 -64.76
C TYR C 245 -8.50 71.51 -65.55
N VAL C 246 -9.61 71.23 -64.85
CA VAL C 246 -10.87 70.98 -65.55
C VAL C 246 -11.33 72.22 -66.31
N ARG C 247 -11.21 73.40 -65.69
CA ARG C 247 -11.61 74.62 -66.38
C ARG C 247 -10.70 74.89 -67.57
N ALA C 248 -9.40 74.64 -67.42
CA ALA C 248 -8.48 74.86 -68.54
C ALA C 248 -8.79 73.94 -69.70
N LYS C 249 -9.07 72.66 -69.42
CA LYS C 249 -9.42 71.73 -70.49
C LYS C 249 -10.82 71.97 -71.04
N LEU C 250 -11.70 72.60 -70.27
CA LEU C 250 -13.07 72.85 -70.71
C LEU C 250 -13.20 74.14 -71.52
N MET C 251 -12.29 75.10 -71.34
CA MET C 251 -12.37 76.32 -72.13
C MET C 251 -12.14 76.07 -73.63
N ASN C 252 -11.57 74.91 -73.99
CA ASN C 252 -11.43 74.58 -75.40
C ASN C 252 -12.80 74.50 -76.08
N ALA C 253 -13.73 73.77 -75.46
CA ALA C 253 -15.13 73.83 -75.86
C ALA C 253 -15.80 75.04 -75.21
N TYR C 254 -16.98 75.39 -75.71
CA TYR C 254 -17.73 76.54 -75.23
C TYR C 254 -16.84 77.78 -75.23
N PRO C 255 -16.29 78.16 -76.38
CA PRO C 255 -15.15 79.09 -76.39
C PRO C 255 -15.44 80.45 -75.77
N SER C 256 -16.65 80.97 -75.92
CA SER C 256 -16.96 82.34 -75.50
C SER C 256 -17.80 82.40 -74.24
N TYR C 257 -17.92 81.31 -73.49
CA TYR C 257 -18.74 81.27 -72.30
C TYR C 257 -17.96 81.00 -71.02
N ILE C 258 -16.66 80.77 -71.10
CA ILE C 258 -15.84 80.49 -69.93
C ILE C 258 -14.74 81.54 -69.84
N SER C 259 -14.44 81.98 -68.62
CA SER C 259 -13.39 82.95 -68.35
C SER C 259 -12.18 82.26 -67.74
N PRO C 260 -10.97 82.75 -68.04
CA PRO C 260 -9.78 82.13 -67.42
C PRO C 260 -9.78 82.23 -65.90
N ILE C 261 -10.07 83.41 -65.35
CA ILE C 261 -10.23 83.58 -63.92
C ILE C 261 -11.72 83.73 -63.61
N GLY C 262 -12.22 82.89 -62.73
CA GLY C 262 -13.62 82.87 -62.39
C GLY C 262 -14.07 81.48 -62.01
N CYS C 263 -15.38 81.32 -61.89
CA CYS C 263 -15.99 80.07 -61.48
C CYS C 263 -16.61 79.35 -62.66
N LEU C 264 -16.76 78.04 -62.52
CA LEU C 264 -17.37 77.23 -63.56
C LEU C 264 -18.87 77.43 -63.58
N PRO C 265 -19.47 77.69 -64.74
CA PRO C 265 -20.93 77.83 -64.80
C PRO C 265 -21.63 76.56 -64.32
N ALA C 266 -22.77 76.75 -63.65
CA ALA C 266 -23.39 75.68 -62.89
C ALA C 266 -23.84 74.53 -63.78
N HIS C 267 -24.37 74.84 -64.97
CA HIS C 267 -24.98 73.82 -65.82
C HIS C 267 -23.97 73.09 -66.69
N LEU C 268 -22.68 73.40 -66.57
CA LEU C 268 -21.66 72.77 -67.41
C LEU C 268 -20.82 71.76 -66.64
N LEU C 269 -21.37 71.14 -65.60
CA LEU C 269 -20.63 70.16 -64.82
C LEU C 269 -21.00 68.72 -65.16
N GLY C 270 -21.74 68.50 -66.24
CA GLY C 270 -22.11 67.16 -66.65
C GLY C 270 -23.22 66.52 -65.84
N ASP C 271 -23.91 67.28 -65.00
CA ASP C 271 -25.01 66.75 -64.21
C ASP C 271 -26.00 67.87 -63.93
N MET C 272 -27.22 67.47 -63.57
CA MET C 272 -28.25 68.46 -63.23
C MET C 272 -27.87 69.25 -61.98
N TRP C 273 -27.31 68.58 -60.99
CA TRP C 273 -26.87 69.23 -59.76
C TRP C 273 -25.36 69.34 -59.65
N GLY C 274 -24.60 68.68 -60.51
CA GLY C 274 -23.15 68.71 -60.43
C GLY C 274 -22.59 67.88 -59.30
N ARG C 275 -23.34 66.87 -58.85
CA ARG C 275 -22.87 66.04 -57.73
C ARG C 275 -21.61 65.28 -58.11
N PHE C 276 -21.57 64.71 -59.30
CA PHE C 276 -20.40 63.99 -59.79
C PHE C 276 -19.94 64.58 -61.11
N TRP C 277 -18.64 64.42 -61.38
CA TRP C 277 -18.00 64.95 -62.58
C TRP C 277 -17.67 63.84 -63.58
N THR C 278 -18.32 62.69 -63.45
CA THR C 278 -17.99 61.54 -64.29
C THR C 278 -18.25 61.83 -65.77
N ASN C 279 -19.36 62.50 -66.08
CA ASN C 279 -19.69 62.78 -67.47
C ASN C 279 -18.68 63.72 -68.12
N LEU C 280 -17.88 64.42 -67.32
CA LEU C 280 -16.85 65.31 -67.85
C LEU C 280 -15.63 64.57 -68.35
N TYR C 281 -15.54 63.25 -68.12
CA TYR C 281 -14.35 62.50 -68.50
C TYR C 281 -14.12 62.51 -70.00
N SER C 282 -15.20 62.38 -70.78
CA SER C 282 -15.05 62.31 -72.23
C SER C 282 -14.41 63.58 -72.79
N LEU C 283 -14.70 64.73 -72.19
CA LEU C 283 -14.10 65.99 -72.64
C LEU C 283 -12.65 66.11 -72.18
N THR C 284 -12.35 65.67 -70.97
CA THR C 284 -11.03 65.87 -70.35
C THR C 284 -10.35 64.51 -70.14
N VAL C 285 -9.49 64.14 -71.08
CA VAL C 285 -8.63 62.98 -70.94
C VAL C 285 -7.18 63.45 -71.09
N PRO C 286 -6.26 63.01 -70.25
CA PRO C 286 -4.85 63.41 -70.41
C PRO C 286 -4.22 62.79 -71.64
N PHE C 287 -4.35 61.47 -71.78
CA PHE C 287 -3.80 60.73 -72.92
C PHE C 287 -4.96 59.96 -73.55
N GLY C 288 -5.58 60.56 -74.56
CA GLY C 288 -6.71 59.93 -75.22
C GLY C 288 -6.33 58.80 -76.16
N GLN C 289 -5.06 58.72 -76.56
CA GLN C 289 -4.64 57.66 -77.47
C GLN C 289 -4.73 56.29 -76.81
N LYS C 290 -4.37 56.19 -75.53
CA LYS C 290 -4.33 54.92 -74.84
C LYS C 290 -5.74 54.50 -74.41
N PRO C 291 -6.24 53.35 -74.86
CA PRO C 291 -7.54 52.88 -74.37
C PRO C 291 -7.47 52.49 -72.90
N ASN C 292 -8.65 52.48 -72.27
CA ASN C 292 -8.75 52.01 -70.90
C ASN C 292 -8.89 50.48 -70.88
N ILE C 293 -8.72 49.91 -69.69
CA ILE C 293 -8.81 48.46 -69.53
C ILE C 293 -10.29 48.07 -69.49
N ASP C 294 -10.69 47.19 -70.41
CA ASP C 294 -12.06 46.71 -70.49
C ASP C 294 -12.03 45.25 -70.92
N VAL C 295 -12.67 44.39 -70.13
CA VAL C 295 -12.62 42.95 -70.35
C VAL C 295 -13.99 42.38 -70.70
N THR C 296 -14.90 43.23 -71.19
CA THR C 296 -16.21 42.74 -71.59
C THR C 296 -16.10 41.73 -72.74
N ASP C 297 -15.27 42.05 -73.73
CA ASP C 297 -15.05 41.12 -74.84
C ASP C 297 -14.34 39.86 -74.38
N ALA C 298 -13.42 39.99 -73.41
CA ALA C 298 -12.78 38.80 -72.85
C ALA C 298 -13.80 37.92 -72.13
N MET C 299 -14.72 38.53 -71.38
CA MET C 299 -15.77 37.77 -70.72
C MET C 299 -16.67 37.08 -71.74
N VAL C 300 -17.03 37.79 -72.82
CA VAL C 300 -17.91 37.21 -73.82
C VAL C 300 -17.22 36.06 -74.55
N ASP C 301 -15.92 36.19 -74.82
CA ASP C 301 -15.20 35.14 -75.54
C ASP C 301 -15.18 33.85 -74.74
N GLN C 302 -14.96 33.95 -73.43
CA GLN C 302 -14.97 32.76 -72.59
C GLN C 302 -16.38 32.32 -72.18
N ALA C 303 -17.40 33.11 -72.53
CA ALA C 303 -18.80 32.76 -72.34
C ALA C 303 -19.11 32.49 -70.86
N TRP C 304 -18.90 33.52 -70.05
CA TRP C 304 -19.25 33.44 -68.64
C TRP C 304 -20.77 33.41 -68.50
N ASP C 305 -21.25 32.60 -67.56
CA ASP C 305 -22.67 32.28 -67.43
C ASP C 305 -23.37 33.05 -66.33
N ALA C 306 -22.85 34.23 -65.96
CA ALA C 306 -23.48 35.15 -65.01
C ALA C 306 -23.50 34.60 -63.59
N GLN C 307 -23.08 33.34 -63.44
CA GLN C 307 -22.89 32.74 -62.13
C GLN C 307 -21.42 32.54 -61.79
N ARG C 308 -20.58 32.38 -62.83
CA ARG C 308 -19.15 32.33 -62.61
C ARG C 308 -18.61 33.64 -62.05
N ILE C 309 -19.31 34.75 -62.26
CA ILE C 309 -18.91 36.01 -61.65
C ILE C 309 -19.03 35.93 -60.13
N PHE C 310 -20.16 35.43 -59.63
CA PHE C 310 -20.29 35.25 -58.19
C PHE C 310 -19.37 34.15 -57.70
N LYS C 311 -19.07 33.17 -58.53
CA LYS C 311 -18.09 32.15 -58.17
C LYS C 311 -16.70 32.76 -57.97
N GLU C 312 -16.31 33.67 -58.86
CA GLU C 312 -15.03 34.36 -58.71
C GLU C 312 -15.03 35.26 -57.49
N ALA C 313 -16.16 35.91 -57.20
CA ALA C 313 -16.25 36.72 -56.00
C ALA C 313 -16.07 35.87 -54.74
N GLU C 314 -16.74 34.71 -54.71
CA GLU C 314 -16.58 33.80 -53.58
C GLU C 314 -15.15 33.30 -53.49
N LYS C 315 -14.51 33.02 -54.63
CA LYS C 315 -13.12 32.62 -54.63
C LYS C 315 -12.24 33.72 -54.04
N PHE C 316 -12.50 34.97 -54.41
CA PHE C 316 -11.75 36.09 -53.86
C PHE C 316 -11.89 36.16 -52.35
N PHE C 317 -13.13 36.11 -51.85
CA PHE C 317 -13.35 36.26 -50.42
C PHE C 317 -12.82 35.06 -49.64
N VAL C 318 -12.80 33.88 -50.25
CA VAL C 318 -12.17 32.71 -49.61
C VAL C 318 -10.66 32.87 -49.57
N SER C 319 -10.07 33.30 -50.69
CA SER C 319 -8.62 33.49 -50.74
C SER C 319 -8.17 34.58 -49.77
N VAL C 320 -9.02 35.58 -49.53
CA VAL C 320 -8.71 36.59 -48.52
C VAL C 320 -8.59 35.96 -47.14
N GLY C 321 -9.49 35.03 -46.82
CA GLY C 321 -9.47 34.37 -45.53
C GLY C 321 -10.83 34.34 -44.87
N LEU C 322 -11.82 34.96 -45.52
CA LEU C 322 -13.18 34.98 -45.01
C LEU C 322 -13.89 33.68 -45.36
N PRO C 323 -14.92 33.30 -44.58
CA PRO C 323 -15.54 31.98 -44.76
C PRO C 323 -16.36 31.84 -46.03
N ASN C 324 -16.96 30.67 -46.20
CA ASN C 324 -17.72 30.34 -47.40
C ASN C 324 -19.06 31.08 -47.41
N MET C 325 -19.89 30.74 -48.39
CA MET C 325 -21.25 31.22 -48.48
C MET C 325 -22.21 30.12 -48.06
N THR C 326 -23.37 30.53 -47.54
CA THR C 326 -24.35 29.58 -47.05
C THR C 326 -24.91 28.75 -48.20
N GLN C 327 -25.36 27.54 -47.86
CA GLN C 327 -25.89 26.64 -48.88
C GLN C 327 -27.17 27.18 -49.50
N GLY C 328 -28.03 27.82 -48.69
CA GLY C 328 -29.25 28.38 -49.22
C GLY C 328 -29.08 29.64 -50.02
N PHE C 329 -27.90 30.25 -49.97
CA PHE C 329 -27.64 31.45 -50.74
C PHE C 329 -27.74 31.19 -52.24
N TRP C 330 -27.18 30.06 -52.69
CA TRP C 330 -27.11 29.79 -54.12
C TRP C 330 -28.45 29.40 -54.71
N GLU C 331 -29.37 28.88 -53.90
CA GLU C 331 -30.67 28.44 -54.38
C GLU C 331 -31.78 29.43 -54.13
N ASN C 332 -31.82 30.07 -52.95
CA ASN C 332 -32.88 31.01 -52.63
C ASN C 332 -32.75 32.28 -53.46
N SER C 333 -31.54 32.83 -53.54
CA SER C 333 -31.33 34.09 -54.23
C SER C 333 -31.46 33.92 -55.74
N MET C 334 -31.89 34.98 -56.40
CA MET C 334 -32.00 35.04 -57.85
C MET C 334 -30.97 36.03 -58.38
N LEU C 335 -30.21 35.61 -59.40
CA LEU C 335 -29.07 36.39 -59.88
C LEU C 335 -29.16 36.69 -61.38
N THR C 336 -30.36 36.67 -61.94
CA THR C 336 -30.55 37.00 -63.35
C THR C 336 -32.00 37.40 -63.56
N ASP C 337 -32.26 38.09 -64.66
CA ASP C 337 -33.60 38.60 -64.92
C ASP C 337 -34.58 37.43 -65.02
N PRO C 338 -35.70 37.47 -64.30
CA PRO C 338 -36.61 36.32 -64.29
C PRO C 338 -37.17 35.95 -65.65
N GLY C 339 -37.39 36.93 -66.51
CA GLY C 339 -37.87 36.66 -67.85
C GLY C 339 -39.00 37.61 -68.22
N ASN C 340 -39.72 37.24 -69.28
CA ASN C 340 -40.81 38.08 -69.77
C ASN C 340 -42.09 37.85 -68.99
N VAL C 341 -42.37 36.59 -68.62
CA VAL C 341 -43.63 36.28 -67.96
C VAL C 341 -43.66 36.87 -66.56
N GLN C 342 -42.54 36.84 -65.85
CA GLN C 342 -42.45 37.36 -64.49
C GLN C 342 -41.66 38.66 -64.51
N LYS C 343 -42.25 39.72 -63.99
CA LYS C 343 -41.60 41.03 -63.88
C LYS C 343 -41.06 41.21 -62.47
N ALA C 344 -39.92 41.89 -62.37
CA ALA C 344 -39.29 42.12 -61.09
C ALA C 344 -38.33 43.29 -61.19
N VAL C 345 -38.33 44.14 -60.18
CA VAL C 345 -37.31 45.18 -60.05
C VAL C 345 -36.06 44.54 -59.46
N CYS C 346 -34.91 44.80 -60.10
CA CYS C 346 -33.67 44.12 -59.76
C CYS C 346 -32.53 45.11 -59.63
N HIS C 347 -32.77 46.21 -58.92
CA HIS C 347 -31.68 47.08 -58.51
C HIS C 347 -30.75 46.29 -57.58
N PRO C 348 -29.43 46.39 -57.75
CA PRO C 348 -28.52 45.58 -56.94
C PRO C 348 -28.75 45.82 -55.45
N THR C 349 -28.93 44.73 -54.71
CA THR C 349 -29.27 44.80 -53.30
C THR C 349 -28.84 43.52 -52.61
N ALA C 350 -28.31 43.66 -51.40
CA ALA C 350 -27.95 42.53 -50.55
C ALA C 350 -28.97 42.44 -49.42
N TRP C 351 -29.55 41.25 -49.25
CA TRP C 351 -30.63 41.04 -48.31
C TRP C 351 -30.16 40.29 -47.08
N ASP C 352 -30.49 40.82 -45.91
CA ASP C 352 -30.27 40.16 -44.62
C ASP C 352 -31.65 39.96 -43.99
N LEU C 353 -32.30 38.85 -44.34
CA LEU C 353 -33.65 38.58 -43.84
C LEU C 353 -33.66 38.09 -42.40
N GLY C 354 -32.52 37.73 -41.84
CA GLY C 354 -32.47 37.14 -40.52
C GLY C 354 -32.70 35.64 -40.57
N LYS C 355 -32.58 35.02 -39.39
CA LYS C 355 -32.75 33.57 -39.22
C LYS C 355 -31.78 32.78 -40.09
N GLY C 356 -30.58 33.32 -40.31
CA GLY C 356 -29.60 32.65 -41.15
C GLY C 356 -29.88 32.71 -42.63
N ASP C 357 -30.59 33.74 -43.10
CA ASP C 357 -30.97 33.87 -44.50
C ASP C 357 -30.25 35.05 -45.13
N PHE C 358 -29.51 34.79 -46.21
CA PHE C 358 -28.82 35.82 -46.97
C PHE C 358 -29.18 35.68 -48.44
N ARG C 359 -29.42 36.81 -49.09
CA ARG C 359 -29.82 36.79 -50.50
C ARG C 359 -29.22 38.00 -51.20
N ILE C 360 -29.17 37.91 -52.53
CA ILE C 360 -28.69 38.99 -53.39
C ILE C 360 -29.65 39.15 -54.55
N LEU C 361 -30.06 40.38 -54.82
CA LEU C 361 -31.00 40.71 -55.89
C LEU C 361 -30.24 41.48 -56.96
N MET C 362 -29.98 40.83 -58.09
CA MET C 362 -29.17 41.43 -59.15
C MET C 362 -29.58 40.88 -60.50
N CYS C 363 -29.58 41.76 -61.51
CA CYS C 363 -29.73 41.37 -62.91
C CYS C 363 -28.35 41.31 -63.54
N THR C 364 -27.65 40.21 -63.27
CA THR C 364 -26.25 40.08 -63.67
C THR C 364 -26.13 39.95 -65.19
N LYS C 365 -25.23 40.73 -65.78
CA LYS C 365 -24.86 40.62 -67.18
C LYS C 365 -23.35 40.47 -67.27
N VAL C 366 -22.88 40.15 -68.48
CA VAL C 366 -21.45 39.86 -68.70
C VAL C 366 -20.77 41.20 -69.00
N THR C 367 -20.47 41.94 -67.93
CA THR C 367 -19.77 43.20 -68.05
C THR C 367 -18.85 43.37 -66.84
N MET C 368 -17.85 44.24 -67.00
CA MET C 368 -16.93 44.53 -65.90
C MET C 368 -17.64 45.26 -64.76
N ASP C 369 -18.57 46.16 -65.10
CA ASP C 369 -19.33 46.86 -64.07
C ASP C 369 -20.15 45.88 -63.23
N ASP C 370 -20.77 44.89 -63.89
CA ASP C 370 -21.48 43.86 -63.16
C ASP C 370 -20.53 43.05 -62.27
N PHE C 371 -19.32 42.78 -62.75
CA PHE C 371 -18.32 42.09 -61.95
C PHE C 371 -17.99 42.88 -60.68
N LEU C 372 -17.72 44.18 -60.83
CA LEU C 372 -17.35 45.00 -59.67
C LEU C 372 -18.51 45.16 -58.71
N THR C 373 -19.74 45.33 -59.22
CA THR C 373 -20.87 45.47 -58.31
C THR C 373 -21.23 44.14 -57.66
N ALA C 374 -20.96 43.02 -58.32
CA ALA C 374 -21.11 41.72 -57.67
C ALA C 374 -20.11 41.58 -56.54
N HIS C 375 -18.87 42.02 -56.76
CA HIS C 375 -17.90 42.06 -55.67
C HIS C 375 -18.39 42.95 -54.53
N HIS C 376 -18.96 44.11 -54.86
CA HIS C 376 -19.44 45.02 -53.83
C HIS C 376 -20.54 44.39 -52.99
N GLU C 377 -21.56 43.82 -53.64
CA GLU C 377 -22.65 43.19 -52.91
C GLU C 377 -22.19 41.96 -52.15
N MET C 378 -21.23 41.21 -52.71
CA MET C 378 -20.68 40.07 -51.98
C MET C 378 -19.96 40.51 -50.72
N GLY C 379 -19.24 41.64 -50.79
CA GLY C 379 -18.66 42.20 -49.58
C GLY C 379 -19.72 42.65 -48.59
N HIS C 380 -20.82 43.21 -49.08
CA HIS C 380 -21.92 43.59 -48.20
C HIS C 380 -22.45 42.36 -47.46
N ILE C 381 -22.63 41.26 -48.19
CA ILE C 381 -23.10 40.02 -47.59
C ILE C 381 -22.10 39.49 -46.58
N GLN C 382 -20.80 39.56 -46.90
CA GLN C 382 -19.77 39.13 -45.96
C GLN C 382 -19.79 39.97 -44.70
N TYR C 383 -20.03 41.27 -44.82
CA TYR C 383 -20.16 42.12 -43.63
C TYR C 383 -21.39 41.73 -42.83
N ASP C 384 -22.49 41.40 -43.51
CA ASP C 384 -23.70 41.00 -42.82
C ASP C 384 -23.49 39.71 -42.04
N MET C 385 -22.72 38.78 -42.59
CA MET C 385 -22.48 37.50 -41.91
C MET C 385 -21.64 37.68 -40.65
N ALA C 386 -20.89 38.76 -40.54
CA ALA C 386 -19.89 38.87 -39.47
C ALA C 386 -20.54 38.96 -38.10
N TYR C 387 -21.54 39.83 -37.94
CA TYR C 387 -22.12 40.14 -36.64
C TYR C 387 -23.46 39.44 -36.40
N ALA C 388 -23.69 38.30 -37.05
CA ALA C 388 -24.95 37.58 -36.87
C ALA C 388 -25.12 37.05 -35.46
N ALA C 389 -24.03 36.82 -34.72
CA ALA C 389 -24.14 36.32 -33.36
C ALA C 389 -24.53 37.40 -32.36
N GLN C 390 -24.43 38.67 -32.73
CA GLN C 390 -24.80 39.75 -31.85
C GLN C 390 -26.31 39.80 -31.67
N PRO C 391 -26.79 40.40 -30.58
CA PRO C 391 -28.24 40.55 -30.39
C PRO C 391 -28.88 41.33 -31.53
N PHE C 392 -30.21 41.33 -31.54
CA PHE C 392 -30.95 41.91 -32.65
C PHE C 392 -30.71 43.41 -32.76
N LEU C 393 -30.62 44.11 -31.63
CA LEU C 393 -30.48 45.56 -31.67
C LEU C 393 -29.08 46.01 -32.10
N LEU C 394 -28.09 45.14 -32.00
CA LEU C 394 -26.70 45.48 -32.32
C LEU C 394 -26.23 44.84 -33.62
N ARG C 395 -27.16 44.51 -34.51
CA ARG C 395 -26.80 43.93 -35.80
C ARG C 395 -26.76 45.03 -36.86
N ASN C 396 -25.71 45.84 -36.78
CA ASN C 396 -25.52 46.96 -37.69
C ASN C 396 -24.05 47.34 -37.67
N GLY C 397 -23.67 48.21 -38.60
CA GLY C 397 -22.33 48.75 -38.59
C GLY C 397 -22.10 49.67 -37.41
N ALA C 398 -20.82 50.01 -37.21
CA ALA C 398 -20.47 50.92 -36.11
C ALA C 398 -21.14 52.27 -36.28
N ASN C 399 -21.12 52.82 -37.49
CA ASN C 399 -21.88 54.01 -37.82
C ASN C 399 -22.42 53.85 -39.23
N GLU C 400 -22.92 54.95 -39.80
CA GLU C 400 -23.52 54.90 -41.13
C GLU C 400 -22.48 54.85 -42.24
N GLY C 401 -21.20 55.11 -41.94
CA GLY C 401 -20.17 55.11 -42.96
C GLY C 401 -19.30 53.87 -42.99
N PHE C 402 -19.41 53.01 -41.97
CA PHE C 402 -18.52 51.86 -41.86
C PHE C 402 -18.90 50.72 -42.80
N HIS C 403 -20.09 50.76 -43.39
CA HIS C 403 -20.58 49.65 -44.19
C HIS C 403 -20.28 49.79 -45.68
N GLU C 404 -20.61 50.95 -46.26
CA GLU C 404 -20.36 51.15 -47.68
C GLU C 404 -18.87 51.12 -47.99
N ALA C 405 -18.05 51.64 -47.07
CA ALA C 405 -16.61 51.60 -47.26
C ALA C 405 -16.10 50.17 -47.30
N VAL C 406 -16.58 49.31 -46.40
CA VAL C 406 -16.18 47.91 -46.40
C VAL C 406 -16.63 47.22 -47.69
N GLY C 407 -17.86 47.52 -48.14
CA GLY C 407 -18.31 46.97 -49.40
C GLY C 407 -17.48 47.43 -50.58
N GLU C 408 -17.00 48.68 -50.54
CA GLU C 408 -16.36 49.32 -51.68
C GLU C 408 -14.88 48.96 -51.78
N ILE C 409 -14.19 48.81 -50.64
CA ILE C 409 -12.77 48.45 -50.68
C ILE C 409 -12.57 47.12 -51.39
N MET C 410 -13.58 46.24 -51.36
CA MET C 410 -13.51 45.00 -52.12
C MET C 410 -13.42 45.29 -53.61
N SER C 411 -14.23 46.24 -54.11
CA SER C 411 -14.16 46.59 -55.52
C SER C 411 -12.84 47.29 -55.86
N LEU C 412 -12.34 48.11 -54.94
CA LEU C 412 -11.01 48.71 -55.15
C LEU C 412 -9.94 47.62 -55.28
N SER C 413 -10.00 46.59 -54.43
CA SER C 413 -9.04 45.52 -54.52
C SER C 413 -9.21 44.70 -55.79
N ALA C 414 -10.46 44.48 -56.23
CA ALA C 414 -10.73 43.64 -57.39
C ALA C 414 -10.56 44.37 -58.71
N ALA C 415 -10.45 45.70 -58.71
CA ALA C 415 -10.32 46.47 -59.94
C ALA C 415 -8.87 46.58 -60.40
N THR C 416 -7.92 46.07 -59.64
CA THR C 416 -6.52 46.21 -60.00
C THR C 416 -6.19 45.37 -61.23
N PRO C 417 -5.28 45.86 -62.09
CA PRO C 417 -4.82 45.03 -63.21
C PRO C 417 -4.15 43.74 -62.78
N LYS C 418 -3.51 43.72 -61.61
CA LYS C 418 -2.86 42.51 -61.14
C LYS C 418 -3.86 41.39 -60.91
N HIS C 419 -5.02 41.70 -60.30
CA HIS C 419 -6.02 40.67 -60.07
C HIS C 419 -6.60 40.15 -61.38
N LEU C 420 -6.89 41.05 -62.33
CA LEU C 420 -7.43 40.61 -63.61
C LEU C 420 -6.42 39.79 -64.39
N LYS C 421 -5.13 40.10 -64.24
CA LYS C 421 -4.10 39.28 -64.88
C LYS C 421 -3.99 37.92 -64.20
N SER C 422 -4.17 37.89 -62.87
CA SER C 422 -4.20 36.61 -62.16
C SER C 422 -5.35 35.74 -62.65
N ILE C 423 -6.52 36.34 -62.87
CA ILE C 423 -7.60 35.61 -63.54
C ILE C 423 -7.26 35.42 -65.01
N GLY C 424 -7.88 34.42 -65.62
CA GLY C 424 -7.62 34.12 -67.02
C GLY C 424 -8.30 35.03 -68.02
N LEU C 425 -9.14 35.97 -67.55
CA LEU C 425 -9.85 36.86 -68.46
C LEU C 425 -8.93 37.86 -69.13
N LEU C 426 -7.94 38.38 -68.41
CA LEU C 426 -7.02 39.35 -68.97
C LEU C 426 -5.88 38.67 -69.71
N SER C 427 -5.23 39.42 -70.58
CA SER C 427 -4.13 38.87 -71.37
C SER C 427 -2.97 38.47 -70.45
N PRO C 428 -2.39 37.29 -70.64
CA PRO C 428 -1.26 36.89 -69.79
C PRO C 428 -0.05 37.81 -69.91
N ASP C 429 0.19 38.37 -71.09
CA ASP C 429 1.32 39.26 -71.32
C ASP C 429 0.76 40.67 -71.56
N PHE C 430 0.55 41.41 -70.48
CA PHE C 430 0.04 42.77 -70.54
C PHE C 430 1.10 43.72 -69.99
N GLN C 431 1.46 44.72 -70.78
CA GLN C 431 2.42 45.74 -70.38
C GLN C 431 1.68 47.05 -70.18
N GLU C 432 1.84 47.63 -68.98
CA GLU C 432 1.14 48.86 -68.60
C GLU C 432 2.10 50.03 -68.58
N ASP C 433 1.68 51.15 -69.14
CA ASP C 433 2.43 52.40 -69.12
C ASP C 433 1.79 53.37 -68.14
N ASN C 434 2.58 54.36 -67.71
CA ASN C 434 2.08 55.34 -66.76
C ASN C 434 1.01 56.25 -67.35
N GLU C 435 0.87 56.28 -68.68
CA GLU C 435 -0.26 56.99 -69.28
C GLU C 435 -1.58 56.37 -68.86
N THR C 436 -1.67 55.04 -68.87
CA THR C 436 -2.87 54.36 -68.38
C THR C 436 -3.06 54.61 -66.89
N GLU C 437 -1.97 54.66 -66.12
CA GLU C 437 -2.07 54.99 -64.70
C GLU C 437 -2.68 56.38 -64.50
N ILE C 438 -2.21 57.37 -65.26
CA ILE C 438 -2.75 58.72 -65.14
C ILE C 438 -4.22 58.73 -65.56
N ASN C 439 -4.56 58.03 -66.64
CA ASN C 439 -5.95 57.97 -67.09
C ASN C 439 -6.85 57.40 -66.00
N PHE C 440 -6.45 56.26 -65.43
CA PHE C 440 -7.25 55.64 -64.38
C PHE C 440 -7.35 56.52 -63.15
N LEU C 441 -6.24 57.15 -62.74
CA LEU C 441 -6.25 57.98 -61.55
C LEU C 441 -7.17 59.19 -61.74
N LEU C 442 -7.11 59.83 -62.90
CA LEU C 442 -7.99 60.96 -63.15
C LEU C 442 -9.46 60.52 -63.22
N LYS C 443 -9.72 59.38 -63.87
CA LYS C 443 -11.08 58.88 -63.96
C LYS C 443 -11.67 58.59 -62.59
N GLN C 444 -10.88 57.99 -61.70
CA GLN C 444 -11.36 57.74 -60.34
C GLN C 444 -11.47 59.02 -59.53
N ALA C 445 -10.55 59.97 -59.75
CA ALA C 445 -10.59 61.21 -58.98
C ALA C 445 -11.79 62.06 -59.33
N LEU C 446 -12.19 62.08 -60.60
CA LEU C 446 -13.31 62.90 -61.03
C LEU C 446 -14.61 62.51 -60.33
N THR C 447 -14.66 61.31 -59.76
CA THR C 447 -15.79 60.86 -58.96
C THR C 447 -15.52 60.90 -57.47
N ILE C 448 -14.30 60.62 -57.03
CA ILE C 448 -14.01 60.61 -55.59
C ILE C 448 -13.88 62.03 -55.05
N VAL C 449 -12.92 62.80 -55.56
CA VAL C 449 -12.65 64.13 -55.02
C VAL C 449 -13.49 65.21 -55.64
N GLY C 450 -14.29 64.89 -56.66
CA GLY C 450 -15.15 65.89 -57.27
C GLY C 450 -16.45 66.13 -56.52
N THR C 451 -16.83 65.24 -55.61
CA THR C 451 -18.10 65.34 -54.91
C THR C 451 -17.98 65.77 -53.46
N LEU C 452 -16.78 65.73 -52.88
CA LEU C 452 -16.63 66.11 -51.47
C LEU C 452 -17.00 67.56 -51.19
N PRO C 453 -16.51 68.56 -51.93
CA PRO C 453 -16.94 69.94 -51.63
C PRO C 453 -18.44 70.14 -51.76
N PHE C 454 -19.08 69.48 -52.73
CA PHE C 454 -20.53 69.61 -52.88
C PHE C 454 -21.26 69.08 -51.66
N THR C 455 -20.86 67.89 -51.17
CA THR C 455 -21.46 67.33 -49.97
C THR C 455 -21.23 68.23 -48.77
N TYR C 456 -20.00 68.71 -48.60
CA TYR C 456 -19.69 69.57 -47.46
C TYR C 456 -20.52 70.84 -47.49
N MET C 457 -20.61 71.48 -48.66
CA MET C 457 -21.38 72.72 -48.76
C MET C 457 -22.86 72.47 -48.51
N LEU C 458 -23.41 71.40 -49.09
CA LEU C 458 -24.84 71.13 -48.90
C LEU C 458 -25.16 70.85 -47.45
N GLU C 459 -24.34 70.01 -46.79
CA GLU C 459 -24.60 69.68 -45.40
C GLU C 459 -24.40 70.89 -44.49
N LYS C 460 -23.39 71.72 -44.77
CA LYS C 460 -23.20 72.92 -43.97
C LYS C 460 -24.37 73.89 -44.13
N TRP C 461 -24.88 74.02 -45.37
CA TRP C 461 -26.03 74.90 -45.59
C TRP C 461 -27.25 74.38 -44.85
N ARG C 462 -27.51 73.07 -44.91
CA ARG C 462 -28.64 72.51 -44.19
C ARG C 462 -28.49 72.67 -42.69
N TRP C 463 -27.27 72.47 -42.17
CA TRP C 463 -27.04 72.64 -40.75
C TRP C 463 -27.28 74.08 -40.31
N MET C 464 -26.83 75.05 -41.10
CA MET C 464 -27.06 76.44 -40.75
C MET C 464 -28.54 76.81 -40.86
N VAL C 465 -29.24 76.25 -41.85
CA VAL C 465 -30.67 76.52 -42.00
C VAL C 465 -31.43 75.99 -40.79
N PHE C 466 -31.13 74.75 -40.39
CA PHE C 466 -31.81 74.17 -39.23
C PHE C 466 -31.43 74.89 -37.94
N LYS C 467 -30.15 75.30 -37.82
CA LYS C 467 -29.71 76.00 -36.62
C LYS C 467 -30.38 77.36 -36.48
N GLY C 468 -30.77 77.99 -37.59
CA GLY C 468 -31.39 79.28 -37.56
C GLY C 468 -30.47 80.46 -37.82
N GLU C 469 -29.21 80.21 -38.20
CA GLU C 469 -28.29 81.30 -38.47
C GLU C 469 -28.67 82.07 -39.72
N ILE C 470 -29.26 81.40 -40.70
CA ILE C 470 -29.66 82.02 -41.96
C ILE C 470 -31.14 82.37 -41.86
N PRO C 471 -31.52 83.64 -41.93
CA PRO C 471 -32.94 83.99 -41.91
C PRO C 471 -33.65 83.47 -43.15
N LYS C 472 -34.97 83.35 -43.04
CA LYS C 472 -35.78 82.82 -44.13
C LYS C 472 -35.72 83.70 -45.38
N ASP C 473 -35.30 84.96 -45.24
CA ASP C 473 -35.23 85.88 -46.36
C ASP C 473 -33.87 85.83 -47.06
N GLN C 474 -32.91 85.05 -46.54
CA GLN C 474 -31.56 85.02 -47.09
C GLN C 474 -31.13 83.59 -47.42
N TRP C 475 -32.08 82.71 -47.73
CA TRP C 475 -31.72 81.33 -48.04
C TRP C 475 -30.94 81.24 -49.35
N MET C 476 -31.47 81.84 -50.41
CA MET C 476 -30.87 81.68 -51.74
C MET C 476 -29.56 82.45 -51.83
N LYS C 477 -29.50 83.64 -51.25
CA LYS C 477 -28.28 84.43 -51.30
C LYS C 477 -27.13 83.71 -50.63
N LYS C 478 -27.36 83.18 -49.42
CA LYS C 478 -26.32 82.41 -48.74
C LYS C 478 -25.99 81.12 -49.46
N TRP C 479 -27.00 80.46 -50.04
CA TRP C 479 -26.74 79.24 -50.79
C TRP C 479 -25.81 79.49 -51.95
N TRP C 480 -26.09 80.51 -52.75
CA TRP C 480 -25.24 80.79 -53.91
C TRP C 480 -23.91 81.39 -53.50
N GLU C 481 -23.85 82.13 -52.38
CA GLU C 481 -22.57 82.60 -51.89
C GLU C 481 -21.67 81.44 -51.49
N MET C 482 -22.23 80.44 -50.80
CA MET C 482 -21.46 79.25 -50.48
C MET C 482 -21.05 78.48 -51.73
N LYS C 483 -21.96 78.42 -52.72
CA LYS C 483 -21.62 77.74 -53.96
C LYS C 483 -20.45 78.41 -54.66
N ARG C 484 -20.43 79.75 -54.67
CA ARG C 484 -19.32 80.48 -55.28
C ARG C 484 -18.03 80.31 -54.47
N GLU C 485 -18.12 80.36 -53.14
CA GLU C 485 -16.91 80.44 -52.32
C GLU C 485 -16.27 79.07 -52.13
N ILE C 486 -17.05 78.06 -51.76
CA ILE C 486 -16.49 76.76 -51.38
C ILE C 486 -16.31 75.87 -52.60
N VAL C 487 -17.34 75.75 -53.43
CA VAL C 487 -17.27 74.84 -54.57
C VAL C 487 -16.64 75.49 -55.80
N GLY C 488 -16.73 76.80 -55.93
CA GLY C 488 -16.25 77.45 -57.12
C GLY C 488 -17.17 77.29 -58.31
N VAL C 489 -18.47 77.19 -58.07
CA VAL C 489 -19.47 77.04 -59.12
C VAL C 489 -20.42 78.23 -59.04
N VAL C 490 -20.63 78.89 -60.18
CA VAL C 490 -21.45 80.09 -60.24
C VAL C 490 -22.70 79.77 -61.06
N GLU C 491 -23.81 80.37 -60.66
CA GLU C 491 -25.07 80.18 -61.35
C GLU C 491 -25.08 80.95 -62.68
N PRO C 492 -25.73 80.41 -63.71
CA PRO C 492 -25.80 81.12 -64.99
C PRO C 492 -26.75 82.30 -64.95
N VAL C 493 -27.91 82.11 -64.30
CA VAL C 493 -28.95 83.15 -64.25
C VAL C 493 -29.33 83.41 -62.81
N PRO C 494 -29.63 84.64 -62.43
CA PRO C 494 -29.95 84.94 -61.03
C PRO C 494 -31.26 84.28 -60.61
N HIS C 495 -31.33 83.95 -59.32
CA HIS C 495 -32.51 83.36 -58.72
C HIS C 495 -32.96 84.22 -57.54
N ASP C 496 -34.26 84.54 -57.50
CA ASP C 496 -34.82 85.31 -56.41
C ASP C 496 -35.08 84.38 -55.22
N GLU C 497 -35.74 84.91 -54.18
CA GLU C 497 -36.02 84.12 -53.00
C GLU C 497 -37.19 83.17 -53.18
N THR C 498 -37.95 83.31 -54.26
CA THR C 498 -39.02 82.35 -54.54
C THR C 498 -38.45 80.98 -54.90
N TYR C 499 -37.30 80.95 -55.55
CA TYR C 499 -36.67 79.69 -55.93
C TYR C 499 -36.14 78.97 -54.70
N CYS C 500 -36.20 77.63 -54.74
CA CYS C 500 -35.57 76.78 -53.73
C CYS C 500 -34.78 75.71 -54.48
N ASP C 501 -33.56 76.06 -54.87
CA ASP C 501 -32.72 75.12 -55.64
C ASP C 501 -32.37 73.87 -54.84
N PRO C 502 -31.93 73.95 -53.58
CA PRO C 502 -31.55 72.72 -52.87
C PRO C 502 -32.68 71.69 -52.75
N ALA C 503 -33.94 72.14 -52.72
CA ALA C 503 -35.05 71.21 -52.63
C ALA C 503 -35.22 70.35 -53.87
N SER C 504 -34.58 70.71 -54.98
CA SER C 504 -34.68 69.91 -56.20
C SER C 504 -33.98 68.56 -56.05
N LEU C 505 -32.95 68.48 -55.20
CA LEU C 505 -32.23 67.24 -55.01
C LEU C 505 -33.11 66.21 -54.32
N PHE C 506 -32.86 64.94 -54.65
CA PHE C 506 -33.67 63.85 -54.10
C PHE C 506 -33.54 63.76 -52.58
N HIS C 507 -32.32 63.88 -52.05
CA HIS C 507 -32.10 63.68 -50.62
C HIS C 507 -32.74 64.78 -49.79
N VAL C 508 -32.65 66.03 -50.24
CA VAL C 508 -33.13 67.16 -49.44
C VAL C 508 -34.65 67.09 -49.27
N SER C 509 -35.37 66.86 -50.37
CA SER C 509 -36.83 66.87 -50.30
C SER C 509 -37.39 65.63 -49.61
N ASN C 510 -36.64 64.52 -49.62
CA ASN C 510 -37.13 63.24 -49.11
C ASN C 510 -36.52 62.86 -47.77
N ASP C 511 -35.99 63.82 -47.00
CA ASP C 511 -35.56 63.61 -45.63
C ASP C 511 -34.46 62.54 -45.54
N TYR C 512 -33.30 62.87 -46.11
CA TYR C 512 -32.15 61.99 -46.06
C TYR C 512 -30.91 62.76 -45.62
N SER C 513 -30.09 62.10 -44.81
CA SER C 513 -28.82 62.65 -44.36
C SER C 513 -27.78 62.54 -45.47
N PHE C 514 -26.71 63.33 -45.35
CA PHE C 514 -25.77 63.46 -46.44
C PHE C 514 -24.29 63.43 -46.04
N ILE C 515 -23.96 63.44 -44.74
CA ILE C 515 -22.57 63.40 -44.31
C ILE C 515 -21.98 62.00 -44.41
N ARG C 516 -22.82 60.99 -44.63
CA ARG C 516 -22.33 59.63 -44.79
C ARG C 516 -21.44 59.51 -46.02
N TYR C 517 -21.77 60.20 -47.09
CA TYR C 517 -20.95 60.16 -48.30
C TYR C 517 -19.63 60.87 -48.11
N TYR C 518 -19.57 61.85 -47.21
CA TYR C 518 -18.30 62.50 -46.89
C TYR C 518 -17.42 61.60 -46.04
N THR C 519 -18.00 60.95 -45.02
CA THR C 519 -17.22 60.06 -44.16
C THR C 519 -16.83 58.76 -44.84
N ARG C 520 -17.60 58.33 -45.85
CA ARG C 520 -17.39 57.03 -46.46
C ARG C 520 -16.04 56.94 -47.16
N THR C 521 -15.68 57.95 -47.94
CA THR C 521 -14.43 57.89 -48.68
C THR C 521 -13.23 57.91 -47.73
N LEU C 522 -13.28 58.71 -46.67
CA LEU C 522 -12.18 58.74 -45.72
C LEU C 522 -12.02 57.39 -45.03
N TYR C 523 -13.14 56.80 -44.58
CA TYR C 523 -13.06 55.47 -43.96
C TYR C 523 -12.56 54.43 -44.96
N GLN C 524 -13.01 54.52 -46.21
CA GLN C 524 -12.59 53.58 -47.24
C GLN C 524 -11.09 53.64 -47.46
N PHE C 525 -10.55 54.85 -47.61
CA PHE C 525 -9.12 54.96 -47.89
C PHE C 525 -8.28 54.60 -46.67
N GLN C 526 -8.74 54.92 -45.46
CA GLN C 526 -8.04 54.48 -44.26
C GLN C 526 -8.00 52.95 -44.19
N PHE C 527 -9.13 52.30 -44.45
CA PHE C 527 -9.18 50.85 -44.42
C PHE C 527 -8.29 50.25 -45.50
N GLN C 528 -8.30 50.85 -46.69
CA GLN C 528 -7.47 50.36 -47.78
C GLN C 528 -6.00 50.46 -47.44
N GLU C 529 -5.57 51.60 -46.89
CA GLU C 529 -4.17 51.76 -46.50
C GLU C 529 -3.79 50.77 -45.40
N ALA C 530 -4.66 50.60 -44.40
CA ALA C 530 -4.34 49.68 -43.32
C ALA C 530 -4.22 48.24 -43.83
N LEU C 531 -5.17 47.81 -44.67
CA LEU C 531 -5.12 46.44 -45.19
C LEU C 531 -3.96 46.24 -46.15
N CYS C 532 -3.56 47.28 -46.89
CA CYS C 532 -2.45 47.15 -47.81
C CYS C 532 -1.11 47.13 -47.08
N GLN C 533 -0.97 47.92 -46.01
CA GLN C 533 0.25 47.85 -45.22
C GLN C 533 0.32 46.57 -44.41
N ALA C 534 -0.84 46.03 -44.00
CA ALA C 534 -0.85 44.75 -43.30
C ALA C 534 -0.45 43.60 -44.24
N ALA C 535 -0.63 43.78 -45.54
CA ALA C 535 -0.32 42.76 -46.52
C ALA C 535 1.10 42.84 -47.04
N LYS C 536 1.92 43.75 -46.52
CA LYS C 536 3.32 43.92 -46.92
C LYS C 536 3.43 44.16 -48.42
N HIS C 537 2.85 45.28 -48.85
CA HIS C 537 2.87 45.71 -50.23
C HIS C 537 3.82 46.87 -50.40
N GLU C 538 4.50 46.91 -51.54
CA GLU C 538 5.48 47.95 -51.85
C GLU C 538 5.08 48.65 -53.14
N GLY C 539 5.26 49.97 -53.16
CA GLY C 539 4.97 50.77 -54.33
C GLY C 539 3.75 51.65 -54.16
N PRO C 540 3.15 52.05 -55.27
CA PRO C 540 1.97 52.91 -55.20
C PRO C 540 0.78 52.20 -54.57
N LEU C 541 -0.08 53.00 -53.95
CA LEU C 541 -1.25 52.47 -53.26
C LEU C 541 -2.33 52.03 -54.24
N HIS C 542 -2.36 52.62 -55.44
CA HIS C 542 -3.42 52.33 -56.41
C HIS C 542 -3.16 51.05 -57.21
N LYS C 543 -1.99 50.44 -57.08
CA LYS C 543 -1.69 49.15 -57.69
C LYS C 543 -1.75 48.00 -56.69
N CYS C 544 -2.21 48.27 -55.47
CA CYS C 544 -2.13 47.31 -54.38
C CYS C 544 -3.31 46.33 -54.42
N ASP C 545 -3.07 45.12 -53.92
CA ASP C 545 -4.09 44.09 -53.87
C ASP C 545 -3.92 43.30 -52.59
N ILE C 546 -5.04 42.92 -51.99
CA ILE C 546 -5.06 42.25 -50.70
C ILE C 546 -5.43 40.77 -50.83
N SER C 547 -5.44 40.24 -52.04
CA SER C 547 -5.73 38.82 -52.23
C SER C 547 -4.58 37.97 -51.73
N ASN C 548 -4.91 36.73 -51.36
CA ASN C 548 -3.94 35.75 -50.85
C ASN C 548 -3.23 36.27 -49.59
N SER C 549 -3.90 37.11 -48.82
CA SER C 549 -3.34 37.68 -47.59
C SER C 549 -4.26 37.31 -46.43
N THR C 550 -3.82 36.34 -45.62
CA THR C 550 -4.65 35.88 -44.51
C THR C 550 -4.65 36.84 -43.33
N GLU C 551 -3.51 37.48 -43.05
CA GLU C 551 -3.42 38.36 -41.89
C GLU C 551 -4.30 39.59 -42.05
N ALA C 552 -4.35 40.15 -43.27
CA ALA C 552 -5.24 41.29 -43.51
C ALA C 552 -6.69 40.88 -43.35
N GLY C 553 -7.06 39.69 -43.84
CA GLY C 553 -8.41 39.20 -43.65
C GLY C 553 -8.76 39.02 -42.18
N GLN C 554 -7.80 38.51 -41.39
CA GLN C 554 -8.04 38.36 -39.96
C GLN C 554 -8.22 39.71 -39.27
N LYS C 555 -7.37 40.68 -39.63
CA LYS C 555 -7.50 42.02 -39.05
C LYS C 555 -8.84 42.64 -39.40
N LEU C 556 -9.28 42.48 -40.65
CA LEU C 556 -10.59 42.99 -41.05
C LEU C 556 -11.71 42.29 -40.29
N PHE C 557 -11.64 40.95 -40.18
CA PHE C 557 -12.69 40.20 -39.52
C PHE C 557 -12.75 40.51 -38.03
N ASN C 558 -11.63 40.95 -37.44
CA ASN C 558 -11.65 41.36 -36.04
C ASN C 558 -12.58 42.54 -35.84
N MET C 559 -12.56 43.50 -36.76
CA MET C 559 -13.47 44.65 -36.70
C MET C 559 -14.88 44.27 -37.15
N LEU C 560 -14.99 43.41 -38.17
CA LEU C 560 -16.29 43.09 -38.73
C LEU C 560 -17.19 42.40 -37.72
N ARG C 561 -16.63 41.51 -36.90
CA ARG C 561 -17.43 40.72 -35.97
C ARG C 561 -17.96 41.54 -34.80
N LEU C 562 -17.50 42.79 -34.63
CA LEU C 562 -17.93 43.59 -33.49
C LEU C 562 -19.38 44.05 -33.64
N GLY C 563 -19.77 44.46 -34.84
CA GLY C 563 -21.10 45.04 -35.01
C GLY C 563 -21.16 46.42 -34.37
N LYS C 564 -22.31 46.71 -33.74
CA LYS C 564 -22.53 47.97 -33.06
C LYS C 564 -22.30 47.86 -31.55
N SER C 565 -21.75 46.74 -31.08
CA SER C 565 -21.56 46.55 -29.64
C SER C 565 -20.58 47.55 -29.06
N GLU C 566 -19.51 47.87 -29.78
CA GLU C 566 -18.45 48.74 -29.30
C GLU C 566 -18.48 50.08 -30.02
N PRO C 567 -17.96 51.14 -29.40
CA PRO C 567 -17.93 52.45 -30.07
C PRO C 567 -17.13 52.40 -31.35
N TRP C 568 -17.57 53.21 -32.32
CA TRP C 568 -16.94 53.22 -33.64
C TRP C 568 -15.49 53.67 -33.60
N THR C 569 -15.10 54.44 -32.57
CA THR C 569 -13.70 54.82 -32.45
C THR C 569 -12.81 53.60 -32.24
N LEU C 570 -13.22 52.69 -31.34
CA LEU C 570 -12.44 51.48 -31.11
C LEU C 570 -12.43 50.59 -32.34
N ALA C 571 -13.55 50.52 -33.07
CA ALA C 571 -13.58 49.75 -34.30
C ALA C 571 -12.63 50.33 -35.34
N LEU C 572 -12.56 51.66 -35.44
CA LEU C 572 -11.61 52.29 -36.36
C LEU C 572 -10.18 52.02 -35.93
N GLU C 573 -9.92 52.06 -34.61
CA GLU C 573 -8.59 51.77 -34.11
C GLU C 573 -8.17 50.33 -34.36
N ASN C 574 -9.13 49.40 -34.33
CA ASN C 574 -8.81 47.99 -34.49
C ASN C 574 -8.23 47.65 -35.86
N VAL C 575 -8.42 48.52 -36.85
CA VAL C 575 -7.88 48.32 -38.19
C VAL C 575 -6.83 49.37 -38.53
N VAL C 576 -7.22 50.64 -38.57
CA VAL C 576 -6.29 51.70 -38.93
C VAL C 576 -5.26 51.93 -37.82
N GLY C 577 -5.71 51.93 -36.57
CA GLY C 577 -4.86 52.27 -35.45
C GLY C 577 -5.02 53.68 -34.92
N ALA C 578 -5.88 54.49 -35.55
CA ALA C 578 -6.14 55.85 -35.11
C ALA C 578 -7.60 55.97 -34.69
N LYS C 579 -7.84 56.71 -33.60
CA LYS C 579 -9.19 56.82 -33.07
C LYS C 579 -10.10 57.59 -34.01
N ASN C 580 -9.62 58.73 -34.52
CA ASN C 580 -10.41 59.59 -35.38
C ASN C 580 -10.02 59.39 -36.84
N MET C 581 -10.91 59.81 -37.73
CA MET C 581 -10.68 59.67 -39.15
C MET C 581 -9.58 60.62 -39.62
N ASN C 582 -8.77 60.14 -40.56
CA ASN C 582 -7.67 60.92 -41.13
C ASN C 582 -7.75 60.85 -42.66
N VAL C 583 -7.38 61.95 -43.31
CA VAL C 583 -7.49 62.06 -44.76
C VAL C 583 -6.13 61.95 -45.45
N ARG C 584 -5.04 61.85 -44.69
CA ARG C 584 -3.73 61.65 -45.31
C ARG C 584 -3.68 60.47 -46.27
N PRO C 585 -4.26 59.31 -45.98
CA PRO C 585 -4.27 58.23 -46.99
C PRO C 585 -4.93 58.62 -48.30
N LEU C 586 -5.96 59.48 -48.24
CA LEU C 586 -6.61 59.92 -49.48
C LEU C 586 -5.64 60.70 -50.35
N LEU C 587 -4.85 61.60 -49.76
CA LEU C 587 -3.86 62.34 -50.53
C LEU C 587 -2.72 61.44 -50.98
N ASN C 588 -2.35 60.46 -50.17
CA ASN C 588 -1.32 59.50 -50.58
C ASN C 588 -1.76 58.69 -51.79
N TYR C 589 -3.06 58.36 -51.87
CA TYR C 589 -3.57 57.64 -53.02
C TYR C 589 -3.42 58.46 -54.30
N PHE C 590 -3.70 59.76 -54.23
CA PHE C 590 -3.72 60.63 -55.39
C PHE C 590 -2.46 61.49 -55.51
N GLU C 591 -1.32 60.95 -55.10
CA GLU C 591 -0.08 61.73 -55.09
C GLU C 591 0.55 61.87 -56.47
N PRO C 592 0.73 60.79 -57.25
CA PRO C 592 1.25 60.99 -58.62
C PRO C 592 0.34 61.87 -59.46
N LEU C 593 -0.97 61.73 -59.30
CA LEU C 593 -1.90 62.59 -60.02
C LEU C 593 -1.73 64.05 -59.59
N PHE C 594 -1.53 64.28 -58.29
CA PHE C 594 -1.29 65.64 -57.81
C PHE C 594 -0.02 66.22 -58.42
N THR C 595 1.05 65.42 -58.47
CA THR C 595 2.29 65.90 -59.07
C THR C 595 2.10 66.22 -60.55
N TRP C 596 1.40 65.35 -61.28
CA TRP C 596 1.16 65.59 -62.69
C TRP C 596 0.32 66.84 -62.91
N LEU C 597 -0.68 67.07 -62.06
CA LEU C 597 -1.50 68.28 -62.16
C LEU C 597 -0.68 69.52 -61.87
N LYS C 598 0.20 69.45 -60.85
CA LYS C 598 1.07 70.58 -60.56
C LYS C 598 1.99 70.88 -61.73
N ASP C 599 2.53 69.84 -62.36
CA ASP C 599 3.34 70.04 -63.56
C ASP C 599 2.51 70.67 -64.68
N GLN C 600 1.28 70.18 -64.87
CA GLN C 600 0.45 70.69 -65.96
C GLN C 600 -0.03 72.11 -65.70
N ASN C 601 -0.36 72.43 -64.45
CA ASN C 601 -0.95 73.72 -64.10
C ASN C 601 0.10 74.73 -63.65
N LYS C 602 1.38 74.47 -63.90
CA LYS C 602 2.42 75.43 -63.56
C LYS C 602 2.26 76.75 -64.31
N ASN C 603 1.61 76.75 -65.47
CA ASN C 603 1.41 77.94 -66.28
C ASN C 603 0.03 78.55 -66.11
N SER C 604 -1.01 77.75 -65.99
CA SER C 604 -2.36 78.26 -65.91
C SER C 604 -2.64 78.83 -64.51
N PHE C 605 -3.68 79.65 -64.44
CA PHE C 605 -4.09 80.24 -63.18
C PHE C 605 -4.69 79.17 -62.27
N VAL C 606 -4.43 79.31 -60.97
CA VAL C 606 -4.98 78.42 -59.95
C VAL C 606 -5.82 79.27 -59.00
N GLY C 607 -7.06 78.85 -58.80
CA GLY C 607 -8.01 79.60 -57.99
C GLY C 607 -9.09 80.25 -58.83
N TRP C 608 -10.09 80.79 -58.14
CA TRP C 608 -11.24 81.40 -58.79
C TRP C 608 -11.57 82.72 -58.13
N SER C 609 -12.24 83.58 -58.90
CA SER C 609 -12.68 84.90 -58.43
C SER C 609 -14.20 84.89 -58.28
N THR C 610 -14.68 85.29 -57.10
CA THR C 610 -16.11 85.24 -56.82
C THR C 610 -16.87 86.31 -57.58
N ASP C 611 -16.21 87.44 -57.89
CA ASP C 611 -16.92 88.58 -58.47
C ASP C 611 -17.50 88.26 -59.84
N TRP C 612 -16.77 87.52 -60.67
CA TRP C 612 -17.21 87.26 -62.03
C TRP C 612 -18.50 86.45 -62.05
N SER C 613 -19.42 86.85 -62.91
CA SER C 613 -20.70 86.18 -63.09
C SER C 613 -20.99 86.06 -64.58
N PRO C 614 -21.72 85.02 -64.99
CA PRO C 614 -22.05 84.89 -66.43
C PRO C 614 -22.85 86.05 -66.97
N TYR C 615 -23.71 86.66 -66.17
CA TYR C 615 -24.53 87.78 -66.62
C TYR C 615 -23.84 89.11 -66.37
N SER D 21 13.04 48.87 -24.39
CA SER D 21 12.26 48.59 -23.19
C SER D 21 12.11 49.84 -22.33
N THR D 22 11.80 49.64 -21.05
CA THR D 22 11.66 50.74 -20.12
C THR D 22 13.03 51.41 -19.87
N ILE D 23 12.99 52.68 -19.49
CA ILE D 23 14.21 53.42 -19.24
C ILE D 23 14.98 52.84 -18.06
N GLU D 24 14.26 52.31 -17.06
CA GLU D 24 14.92 51.76 -15.88
C GLU D 24 15.82 50.58 -16.24
N GLU D 25 15.34 49.68 -17.10
CA GLU D 25 16.13 48.52 -17.50
C GLU D 25 17.36 48.94 -18.28
N GLN D 26 17.20 49.91 -19.20
CA GLN D 26 18.34 50.41 -19.96
C GLN D 26 19.37 51.06 -19.05
N ALA D 27 18.91 51.83 -18.05
CA ALA D 27 19.83 52.45 -17.11
C ALA D 27 20.56 51.40 -16.28
N LYS D 28 19.86 50.34 -15.86
CA LYS D 28 20.51 49.27 -15.14
C LYS D 28 21.59 48.60 -15.98
N THR D 29 21.28 48.33 -17.26
CA THR D 29 22.27 47.73 -18.15
C THR D 29 23.47 48.64 -18.34
N PHE D 30 23.22 49.95 -18.49
CA PHE D 30 24.31 50.90 -18.69
C PHE D 30 25.21 50.97 -17.45
N LEU D 31 24.61 51.00 -16.25
CA LEU D 31 25.40 51.02 -15.03
C LEU D 31 26.20 49.73 -14.88
N ASP D 32 25.59 48.60 -15.23
CA ASP D 32 26.29 47.33 -15.17
C ASP D 32 27.49 47.32 -16.10
N LYS D 33 27.34 47.93 -17.28
CA LYS D 33 28.49 48.07 -18.18
C LYS D 33 29.55 49.00 -17.59
N PHE D 34 29.13 50.12 -17.00
CA PHE D 34 30.10 51.13 -16.59
C PHE D 34 30.96 50.65 -15.43
N ASN D 35 30.32 50.03 -14.42
CA ASN D 35 31.05 49.61 -13.22
C ASN D 35 32.23 48.73 -13.58
N HIS D 36 32.01 47.74 -14.43
CA HIS D 36 33.12 47.03 -15.04
C HIS D 36 33.83 47.96 -16.01
N GLU D 37 35.15 47.88 -16.03
CA GLU D 37 36.06 48.77 -16.75
C GLU D 37 36.15 50.14 -16.08
N ALA D 38 35.17 50.51 -15.25
CA ALA D 38 35.42 51.64 -14.35
C ALA D 38 36.34 51.21 -13.23
N GLU D 39 36.06 50.04 -12.64
CA GLU D 39 36.98 49.45 -11.67
C GLU D 39 38.34 49.21 -12.29
N ASP D 40 38.37 48.76 -13.54
CA ASP D 40 39.65 48.45 -14.19
C ASP D 40 40.49 49.71 -14.39
N LEU D 41 39.91 50.75 -14.96
CA LEU D 41 40.67 51.97 -15.18
C LEU D 41 41.07 52.63 -13.86
N PHE D 42 40.18 52.58 -12.87
CA PHE D 42 40.51 53.11 -11.55
C PHE D 42 41.68 52.37 -10.93
N TYR D 43 41.67 51.04 -11.03
CA TYR D 43 42.77 50.25 -10.48
C TYR D 43 44.07 50.55 -11.19
N GLN D 44 44.03 50.68 -12.52
CA GLN D 44 45.24 51.01 -13.27
C GLN D 44 45.80 52.37 -12.85
N SER D 45 44.93 53.38 -12.75
CA SER D 45 45.38 54.70 -12.35
C SER D 45 45.93 54.69 -10.92
N SER D 46 45.25 53.99 -10.01
CA SER D 46 45.71 53.93 -8.63
C SER D 46 47.04 53.22 -8.52
N LEU D 47 47.23 52.14 -9.29
CA LEU D 47 48.51 51.43 -9.27
C LEU D 47 49.62 52.31 -9.83
N ALA D 48 49.35 53.06 -10.89
CA ALA D 48 50.36 53.98 -11.41
C ALA D 48 50.71 55.05 -10.38
N SER D 49 49.70 55.61 -9.71
CA SER D 49 49.95 56.63 -8.70
C SER D 49 50.77 56.07 -7.54
N TRP D 50 50.43 54.86 -7.09
CA TRP D 50 51.19 54.24 -6.01
C TRP D 50 52.63 53.96 -6.43
N ASN D 51 52.82 53.50 -7.68
CA ASN D 51 54.16 53.24 -8.17
C ASN D 51 54.99 54.52 -8.21
N TYR D 52 54.38 55.63 -8.62
CA TYR D 52 55.09 56.91 -8.59
C TYR D 52 55.40 57.34 -7.17
N ASN D 53 54.44 57.21 -6.25
CA ASN D 53 54.64 57.72 -4.91
C ASN D 53 55.67 56.91 -4.14
N THR D 54 55.60 55.58 -4.25
CA THR D 54 56.53 54.72 -3.53
C THR D 54 57.92 54.75 -4.15
N ASN D 55 58.03 55.12 -5.43
CA ASN D 55 59.31 55.14 -6.12
C ASN D 55 59.28 56.32 -7.09
N ILE D 56 59.83 57.45 -6.65
CA ILE D 56 59.81 58.67 -7.45
C ILE D 56 60.96 58.64 -8.45
N THR D 57 60.64 58.90 -9.71
CA THR D 57 61.64 59.00 -10.77
C THR D 57 60.98 59.68 -11.97
N GLU D 58 61.79 59.98 -12.98
CA GLU D 58 61.27 60.65 -14.17
C GLU D 58 60.30 59.75 -14.93
N GLU D 59 60.59 58.45 -15.00
CA GLU D 59 59.81 57.55 -15.84
C GLU D 59 58.40 57.36 -15.31
N ASN D 60 58.25 57.27 -13.98
CA ASN D 60 56.94 56.97 -13.39
C ASN D 60 55.95 58.11 -13.59
N VAL D 61 56.44 59.36 -13.69
CA VAL D 61 55.54 60.49 -13.85
C VAL D 61 54.76 60.38 -15.15
N GLN D 62 55.42 59.94 -16.22
CA GLN D 62 54.74 59.79 -17.50
C GLN D 62 53.63 58.75 -17.41
N ASN D 63 53.90 57.62 -16.77
CA ASN D 63 52.87 56.60 -16.60
C ASN D 63 51.70 57.12 -15.79
N MET D 64 52.00 57.83 -14.69
CA MET D 64 50.93 58.37 -13.85
C MET D 64 50.07 59.35 -14.63
N ASN D 65 50.70 60.24 -15.39
CA ASN D 65 49.95 61.23 -16.17
C ASN D 65 49.11 60.56 -17.25
N ASN D 66 49.66 59.55 -17.93
CA ASN D 66 48.90 58.86 -18.96
C ASN D 66 47.69 58.15 -18.35
N ALA D 67 47.88 57.48 -17.21
CA ALA D 67 46.76 56.79 -16.57
C ALA D 67 45.69 57.78 -16.14
N GLY D 68 46.10 58.92 -15.55
CA GLY D 68 45.13 59.92 -15.16
C GLY D 68 44.36 60.49 -16.33
N ASP D 69 45.07 60.76 -17.44
CA ASP D 69 44.41 61.30 -18.62
C ASP D 69 43.42 60.30 -19.21
N LYS D 70 43.81 59.03 -19.28
CA LYS D 70 42.91 58.00 -19.78
C LYS D 70 41.67 57.89 -18.91
N TRP D 71 41.85 57.88 -17.58
CA TRP D 71 40.72 57.77 -16.68
C TRP D 71 39.79 58.98 -16.82
N SER D 72 40.35 60.18 -16.92
CA SER D 72 39.54 61.37 -17.07
C SER D 72 38.76 61.35 -18.37
N ALA D 73 39.41 60.95 -19.47
CA ALA D 73 38.72 60.88 -20.76
C ALA D 73 37.58 59.87 -20.71
N PHE D 74 37.82 58.70 -20.11
CA PHE D 74 36.77 57.71 -19.98
C PHE D 74 35.61 58.23 -19.14
N LEU D 75 35.91 58.93 -18.05
CA LEU D 75 34.86 59.47 -17.20
C LEU D 75 34.02 60.52 -17.94
N LYS D 76 34.68 61.41 -18.69
CA LYS D 76 33.93 62.41 -19.45
C LYS D 76 33.06 61.75 -20.51
N GLU D 77 33.59 60.77 -21.23
CA GLU D 77 32.80 60.09 -22.24
C GLU D 77 31.60 59.38 -21.62
N GLN D 78 31.80 58.74 -20.46
CA GLN D 78 30.70 58.04 -19.81
C GLN D 78 29.65 59.01 -19.28
N SER D 79 30.06 60.16 -18.75
CA SER D 79 29.08 61.17 -18.35
C SER D 79 28.29 61.67 -19.55
N THR D 80 28.98 61.90 -20.68
CA THR D 80 28.30 62.32 -21.89
C THR D 80 27.28 61.29 -22.34
N LEU D 81 27.65 60.01 -22.27
CA LEU D 81 26.71 58.95 -22.65
C LEU D 81 25.55 58.86 -21.68
N ALA D 82 25.81 59.05 -20.38
CA ALA D 82 24.77 58.96 -19.37
C ALA D 82 23.83 60.16 -19.37
N GLN D 83 24.23 61.26 -20.02
CA GLN D 83 23.34 62.41 -20.12
C GLN D 83 22.02 62.08 -20.82
N MET D 84 21.98 61.00 -21.60
CA MET D 84 20.78 60.70 -22.39
C MET D 84 19.58 60.32 -21.53
N TYR D 85 19.79 59.52 -20.50
CA TYR D 85 18.67 59.01 -19.71
C TYR D 85 18.01 60.10 -18.88
N PRO D 86 16.71 60.35 -19.04
CA PRO D 86 16.01 61.25 -18.11
C PRO D 86 15.96 60.65 -16.72
N LEU D 87 16.18 61.50 -15.71
CA LEU D 87 16.24 61.03 -14.33
C LEU D 87 14.86 60.77 -13.74
N GLN D 88 13.81 61.37 -14.31
CA GLN D 88 12.47 61.25 -13.74
C GLN D 88 11.94 59.83 -13.83
N GLU D 89 12.26 59.13 -14.92
CA GLU D 89 11.69 57.80 -15.15
C GLU D 89 12.17 56.79 -14.11
N ILE D 90 13.46 56.86 -13.73
CA ILE D 90 13.99 55.91 -12.77
C ILE D 90 13.31 56.10 -11.42
N GLN D 91 12.92 54.98 -10.81
CA GLN D 91 12.20 54.99 -9.53
C GLN D 91 12.78 53.94 -8.58
N ASN D 92 14.10 53.77 -8.62
CA ASN D 92 14.76 52.76 -7.79
C ASN D 92 15.43 53.35 -6.56
N LEU D 93 15.82 54.62 -6.60
CA LEU D 93 16.49 55.35 -5.52
C LEU D 93 17.91 54.86 -5.26
N THR D 94 18.41 53.92 -6.03
CA THR D 94 19.84 53.59 -6.06
C THR D 94 20.42 53.79 -7.45
N VAL D 95 19.73 53.28 -8.48
CA VAL D 95 20.08 53.65 -9.85
C VAL D 95 19.95 55.15 -10.03
N LYS D 96 18.93 55.76 -9.41
CA LYS D 96 18.79 57.20 -9.46
C LYS D 96 19.98 57.90 -8.81
N LEU D 97 20.45 57.41 -7.67
CA LEU D 97 21.61 58.00 -7.02
C LEU D 97 22.86 57.87 -7.88
N GLN D 98 23.07 56.69 -8.47
CA GLN D 98 24.24 56.50 -9.32
C GLN D 98 24.18 57.41 -10.54
N LEU D 99 22.99 57.56 -11.14
CA LEU D 99 22.85 58.47 -12.27
C LEU D 99 23.09 59.92 -11.86
N GLN D 100 22.57 60.31 -10.70
CA GLN D 100 22.79 61.68 -10.22
C GLN D 100 24.27 61.94 -10.01
N ALA D 101 25.00 60.97 -9.48
CA ALA D 101 26.46 61.10 -9.35
C ALA D 101 27.13 61.17 -10.71
N LEU D 102 26.66 60.36 -11.67
CA LEU D 102 27.33 60.26 -12.97
C LEU D 102 27.02 61.45 -13.86
N GLN D 103 25.77 61.92 -13.88
CA GLN D 103 25.40 63.10 -14.66
C GLN D 103 25.74 64.37 -13.87
N GLN D 104 27.05 64.57 -13.68
CA GLN D 104 27.61 65.79 -13.12
C GLN D 104 28.36 66.50 -14.24
N ASN D 105 27.62 67.27 -15.03
CA ASN D 105 28.21 67.98 -16.16
C ASN D 105 29.15 69.10 -15.68
N GLY D 106 28.72 69.87 -14.68
CA GLY D 106 29.63 70.74 -13.96
C GLY D 106 30.29 71.81 -14.83
N SER D 107 31.62 71.82 -14.80
CA SER D 107 32.41 72.91 -15.37
C SER D 107 32.49 72.89 -16.89
N SER D 108 32.05 71.81 -17.54
CA SER D 108 32.09 71.77 -19.00
C SER D 108 31.08 72.71 -19.64
N VAL D 109 30.13 73.24 -18.87
CA VAL D 109 29.19 74.21 -19.42
C VAL D 109 29.92 75.48 -19.85
N LEU D 110 31.02 75.82 -19.18
CA LEU D 110 31.79 77.00 -19.54
C LEU D 110 32.32 76.89 -20.96
N SER D 111 32.48 78.03 -21.61
CA SER D 111 33.07 78.06 -22.94
C SER D 111 34.54 77.66 -22.88
N GLU D 112 35.08 77.32 -24.05
CA GLU D 112 36.47 76.88 -24.11
C GLU D 112 37.42 77.96 -23.62
N ASP D 113 37.20 79.21 -24.06
CA ASP D 113 38.03 80.31 -23.58
C ASP D 113 37.85 80.54 -22.09
N LYS D 114 36.60 80.47 -21.61
CA LYS D 114 36.35 80.64 -20.17
C LYS D 114 36.98 79.52 -19.37
N SER D 115 36.88 78.28 -19.85
CA SER D 115 37.51 77.16 -19.15
C SER D 115 39.02 77.32 -19.12
N LYS D 116 39.62 77.74 -20.24
CA LYS D 116 41.05 77.99 -20.27
C LYS D 116 41.45 79.08 -19.29
N ARG D 117 40.67 80.16 -19.24
CA ARG D 117 40.98 81.25 -18.31
C ARG D 117 40.88 80.79 -16.86
N LEU D 118 39.85 80.00 -16.54
CA LEU D 118 39.69 79.51 -15.17
C LEU D 118 40.83 78.57 -14.79
N ASN D 119 41.22 77.68 -15.71
CA ASN D 119 42.33 76.78 -15.42
C ASN D 119 43.63 77.56 -15.25
N THR D 120 43.85 78.57 -16.07
CA THR D 120 45.05 79.40 -15.92
C THR D 120 45.05 80.13 -14.59
N ILE D 121 43.89 80.64 -14.17
CA ILE D 121 43.79 81.34 -12.89
C ILE D 121 44.13 80.40 -11.74
N LEU D 122 43.55 79.19 -11.77
CA LEU D 122 43.83 78.22 -10.72
C LEU D 122 45.31 77.83 -10.69
N ASN D 123 45.90 77.61 -11.88
CA ASN D 123 47.30 77.24 -11.95
C ASN D 123 48.20 78.36 -11.44
N THR D 124 47.88 79.60 -11.80
CA THR D 124 48.66 80.74 -11.31
C THR D 124 48.55 80.86 -9.80
N MET D 125 47.36 80.67 -9.25
CA MET D 125 47.20 80.70 -7.80
C MET D 125 48.06 79.64 -7.13
N SER D 126 48.00 78.41 -7.65
CA SER D 126 48.78 77.32 -7.06
C SER D 126 50.27 77.62 -7.14
N THR D 127 50.73 78.12 -8.29
CA THR D 127 52.15 78.40 -8.46
C THR D 127 52.61 79.52 -7.54
N ILE D 128 51.83 80.61 -7.45
CA ILE D 128 52.25 81.75 -6.65
C ILE D 128 52.24 81.40 -5.16
N TYR D 129 51.27 80.58 -4.73
CA TYR D 129 51.26 80.17 -3.33
C TYR D 129 52.39 79.19 -3.03
N SER D 130 52.69 78.29 -3.97
CA SER D 130 53.72 77.29 -3.74
C SER D 130 55.10 77.94 -3.59
N THR D 131 55.40 78.95 -4.41
CA THR D 131 56.69 79.63 -4.39
C THR D 131 56.47 81.06 -3.95
N GLY D 132 56.61 81.29 -2.64
CA GLY D 132 56.47 82.62 -2.09
C GLY D 132 57.63 83.01 -1.19
N LYS D 133 58.34 84.07 -1.55
CA LYS D 133 59.50 84.54 -0.80
C LYS D 133 59.22 85.93 -0.26
N VAL D 134 59.53 86.13 1.03
CA VAL D 134 59.39 87.44 1.66
C VAL D 134 60.72 88.14 1.86
N CYS D 135 61.81 87.56 1.35
CA CYS D 135 63.14 88.13 1.52
C CYS D 135 63.29 89.45 0.77
N CYS D 143 65.04 82.42 -0.28
CA CYS D 143 65.31 83.22 0.92
C CYS D 143 64.06 83.33 1.79
N LEU D 144 64.04 82.58 2.89
CA LEU D 144 62.94 82.61 3.86
C LEU D 144 61.61 82.24 3.21
N LEU D 145 61.55 81.00 2.72
CA LEU D 145 60.32 80.46 2.15
C LEU D 145 59.35 80.10 3.27
N LEU D 146 58.12 79.74 2.87
CA LEU D 146 57.06 79.54 3.86
C LEU D 146 57.36 78.37 4.78
N GLU D 147 57.67 77.20 4.22
CA GLU D 147 57.98 76.05 5.06
C GLU D 147 59.43 76.10 5.59
N PRO D 148 60.46 76.38 4.75
CA PRO D 148 61.83 76.52 5.27
C PRO D 148 61.95 77.43 6.48
N GLY D 149 61.59 78.70 6.31
CA GLY D 149 61.57 79.62 7.42
C GLY D 149 60.11 79.99 7.63
N LEU D 150 59.86 81.11 8.32
CA LEU D 150 58.54 81.70 8.43
C LEU D 150 57.72 80.86 9.42
N ASN D 151 57.43 79.60 9.08
CA ASN D 151 56.72 78.72 10.00
C ASN D 151 57.40 78.64 11.36
N GLU D 152 58.69 78.35 11.36
CA GLU D 152 59.43 78.24 12.62
C GLU D 152 59.49 79.58 13.34
N ILE D 153 59.60 80.69 12.59
CA ILE D 153 59.61 82.00 13.21
C ILE D 153 58.28 82.29 13.91
N MET D 154 57.18 81.98 13.22
CA MET D 154 55.85 82.25 13.78
C MET D 154 55.51 81.29 14.91
N ALA D 155 56.22 80.16 15.02
CA ALA D 155 55.93 79.20 16.08
C ALA D 155 56.89 79.26 17.26
N ASN D 156 58.08 79.87 17.10
CA ASN D 156 59.09 79.81 18.16
C ASN D 156 59.87 81.09 18.36
N SER D 157 59.46 82.22 17.76
CA SER D 157 60.24 83.45 17.93
C SER D 157 60.09 84.01 19.34
N LEU D 158 58.86 84.03 19.86
CA LEU D 158 58.55 84.57 21.18
C LEU D 158 58.84 86.06 21.24
N ASP D 159 59.23 86.64 20.10
CA ASP D 159 59.53 88.06 20.01
C ASP D 159 58.44 88.76 19.23
N TYR D 160 57.94 89.88 19.76
CA TYR D 160 56.81 90.58 19.15
C TYR D 160 57.19 91.12 17.77
N ASN D 161 58.33 91.81 17.67
CA ASN D 161 58.70 92.47 16.43
C ASN D 161 58.94 91.46 15.31
N GLU D 162 59.62 90.36 15.62
CA GLU D 162 59.92 89.37 14.58
C GLU D 162 58.65 88.75 14.03
N ARG D 163 57.73 88.37 14.92
CA ARG D 163 56.47 87.77 14.49
C ARG D 163 55.64 88.76 13.68
N LEU D 164 55.58 90.02 14.13
CA LEU D 164 54.83 91.02 13.39
C LEU D 164 55.43 91.25 12.01
N TRP D 165 56.76 91.32 11.93
CA TRP D 165 57.43 91.50 10.65
C TRP D 165 57.14 90.33 9.71
N ALA D 166 57.24 89.10 10.21
CA ALA D 166 56.97 87.95 9.36
C ALA D 166 55.53 87.93 8.88
N TRP D 167 54.58 88.18 9.78
CA TRP D 167 53.17 88.22 9.41
C TRP D 167 52.91 89.26 8.33
N GLU D 168 53.35 90.49 8.56
CA GLU D 168 53.08 91.57 7.61
C GLU D 168 53.78 91.34 6.28
N SER D 169 55.01 90.81 6.32
CA SER D 169 55.74 90.54 5.08
C SER D 169 55.03 89.47 4.25
N TRP D 170 54.62 88.37 4.89
CA TRP D 170 53.92 87.33 4.14
C TRP D 170 52.62 87.85 3.57
N ARG D 171 51.87 88.62 4.38
CA ARG D 171 50.62 89.21 3.89
C ARG D 171 50.88 90.08 2.66
N SER D 172 51.84 91.01 2.77
CA SER D 172 52.09 91.95 1.66
C SER D 172 52.58 91.23 0.42
N GLU D 173 53.39 90.17 0.58
CA GLU D 173 53.91 89.48 -0.60
C GLU D 173 52.86 88.61 -1.26
N VAL D 174 51.93 88.03 -0.50
CA VAL D 174 51.04 87.01 -1.07
C VAL D 174 49.64 87.56 -1.33
N GLY D 175 49.00 88.08 -0.27
CA GLY D 175 47.62 88.51 -0.40
C GLY D 175 47.44 89.71 -1.30
N LYS D 176 48.42 90.60 -1.35
CA LYS D 176 48.33 91.77 -2.23
C LYS D 176 48.34 91.35 -3.69
N GLN D 177 49.11 90.32 -4.03
CA GLN D 177 49.20 89.81 -5.38
C GLN D 177 48.08 88.84 -5.74
N LEU D 178 47.36 88.28 -4.76
CA LEU D 178 46.25 87.38 -5.07
C LEU D 178 44.89 88.07 -5.16
N ARG D 179 44.83 89.40 -5.16
CA ARG D 179 43.53 90.08 -5.17
C ARG D 179 42.79 89.94 -6.49
N PRO D 180 43.31 90.43 -7.64
CA PRO D 180 42.47 90.41 -8.85
C PRO D 180 42.27 89.01 -9.40
N LEU D 181 43.24 88.13 -9.23
CA LEU D 181 43.05 86.74 -9.61
C LEU D 181 41.90 86.13 -8.83
N TYR D 182 41.81 86.43 -7.53
CA TYR D 182 40.69 85.93 -6.73
C TYR D 182 39.36 86.54 -7.19
N GLU D 183 39.37 87.82 -7.56
CA GLU D 183 38.12 88.43 -8.04
C GLU D 183 37.63 87.76 -9.32
N GLU D 184 38.55 87.54 -10.27
CA GLU D 184 38.17 86.86 -11.51
C GLU D 184 37.75 85.42 -11.26
N TYR D 185 38.44 84.74 -10.35
CA TYR D 185 38.02 83.41 -9.94
C TYR D 185 36.59 83.43 -9.40
N VAL D 186 36.27 84.40 -8.54
CA VAL D 186 34.94 84.48 -7.97
C VAL D 186 33.90 84.66 -9.06
N VAL D 187 34.15 85.58 -10.00
CA VAL D 187 33.12 85.86 -10.99
C VAL D 187 32.92 84.67 -11.93
N LEU D 188 34.01 84.06 -12.41
CA LEU D 188 33.86 82.90 -13.29
C LEU D 188 33.21 81.72 -12.57
N LYS D 189 33.63 81.44 -11.33
CA LYS D 189 33.05 80.32 -10.60
C LYS D 189 31.58 80.54 -10.29
N ASN D 190 31.21 81.79 -9.95
CA ASN D 190 29.80 82.08 -9.71
C ASN D 190 28.98 81.89 -10.97
N GLU D 191 29.48 82.37 -12.12
CA GLU D 191 28.74 82.19 -13.36
C GLU D 191 28.62 80.71 -13.73
N MET D 192 29.69 79.94 -13.52
CA MET D 192 29.66 78.51 -13.81
C MET D 192 28.67 77.79 -12.91
N ALA D 193 28.63 78.15 -11.63
CA ALA D 193 27.68 77.54 -10.71
C ALA D 193 26.24 77.89 -11.08
N ARG D 194 26.00 79.14 -11.48
CA ARG D 194 24.67 79.51 -11.94
C ARG D 194 24.30 78.80 -13.23
N ALA D 195 25.29 78.44 -14.05
CA ALA D 195 25.02 77.70 -15.29
C ALA D 195 24.48 76.31 -14.99
N ASN D 196 24.78 75.75 -13.81
CA ASN D 196 24.38 74.40 -13.44
C ASN D 196 23.08 74.37 -12.64
N HIS D 197 22.20 75.35 -12.84
CA HIS D 197 20.92 75.43 -12.13
C HIS D 197 21.12 75.52 -10.62
N TYR D 198 22.18 76.21 -10.20
CA TYR D 198 22.42 76.52 -8.80
C TYR D 198 22.40 78.02 -8.60
N GLU D 199 22.02 78.44 -7.39
CA GLU D 199 21.96 79.87 -7.10
C GLU D 199 23.36 80.50 -7.12
N ASP D 200 24.29 79.90 -6.38
CA ASP D 200 25.63 80.43 -6.21
C ASP D 200 26.62 79.27 -6.18
N TYR D 201 27.91 79.60 -6.03
CA TYR D 201 28.92 78.58 -5.85
C TYR D 201 28.90 78.02 -4.43
N GLY D 202 28.56 78.85 -3.45
CA GLY D 202 28.37 78.35 -2.10
C GLY D 202 27.24 77.34 -2.01
N ASP D 203 26.17 77.57 -2.76
CA ASP D 203 25.09 76.58 -2.82
C ASP D 203 25.58 75.28 -3.44
N TYR D 204 26.42 75.37 -4.47
CA TYR D 204 26.99 74.17 -5.08
C TYR D 204 27.85 73.40 -4.08
N TRP D 205 28.64 74.11 -3.28
CA TRP D 205 29.40 73.45 -2.21
C TRP D 205 28.47 72.81 -1.19
N ARG D 206 27.40 73.51 -0.81
CA ARG D 206 26.45 73.00 0.16
C ARG D 206 25.59 71.86 -0.38
N GLY D 207 25.63 71.61 -1.69
CA GLY D 207 24.85 70.53 -2.26
C GLY D 207 25.21 69.15 -1.73
N ASP D 208 26.39 69.01 -1.12
CA ASP D 208 26.78 67.72 -0.54
C ASP D 208 25.85 67.33 0.61
N TYR D 209 25.52 68.29 1.48
CA TYR D 209 24.61 68.02 2.61
C TYR D 209 23.17 68.22 2.15
N GLU D 210 22.73 67.32 1.28
CA GLU D 210 21.38 67.39 0.73
C GLU D 210 20.93 65.97 0.37
N VAL D 211 19.80 65.54 0.95
CA VAL D 211 19.19 64.26 0.63
C VAL D 211 17.71 64.50 0.34
N ASN D 212 17.25 63.99 -0.80
CA ASN D 212 15.89 64.20 -1.25
C ASN D 212 15.25 62.86 -1.62
N GLY D 213 13.91 62.84 -1.63
CA GLY D 213 13.16 61.68 -2.05
C GLY D 213 12.82 60.69 -0.95
N VAL D 214 13.29 60.90 0.26
CA VAL D 214 13.01 60.00 1.39
C VAL D 214 12.14 60.76 2.39
N ASP D 215 10.97 60.18 2.70
CA ASP D 215 10.06 60.82 3.65
C ASP D 215 10.60 60.67 5.06
N GLY D 216 10.65 61.78 5.79
CA GLY D 216 11.12 61.79 7.16
C GLY D 216 12.63 61.85 7.31
N TYR D 217 13.37 61.86 6.21
CA TYR D 217 14.83 61.91 6.27
C TYR D 217 15.41 62.99 5.36
N ASP D 218 14.57 63.79 4.72
CA ASP D 218 15.05 64.75 3.74
C ASP D 218 15.84 65.88 4.39
N TYR D 219 16.66 66.54 3.57
CA TYR D 219 17.47 67.65 4.01
C TYR D 219 17.58 68.65 2.86
N SER D 220 17.90 69.89 3.21
CA SER D 220 17.95 70.97 2.23
C SER D 220 19.24 71.76 2.37
N ARG D 221 19.66 72.36 1.26
CA ARG D 221 20.86 73.20 1.28
C ARG D 221 20.65 74.46 2.10
N GLY D 222 19.42 74.97 2.16
CA GLY D 222 19.11 76.08 3.02
C GLY D 222 18.98 75.74 4.48
N GLN D 223 19.05 74.46 4.82
CA GLN D 223 19.08 74.04 6.22
C GLN D 223 20.49 74.10 6.79
N LEU D 224 21.52 73.98 5.93
CA LEU D 224 22.90 74.00 6.38
C LEU D 224 23.37 75.41 6.73
N ILE D 225 22.76 76.45 6.16
CA ILE D 225 23.11 77.80 6.57
C ILE D 225 22.71 78.03 8.04
N GLU D 226 21.62 77.40 8.48
CA GLU D 226 21.26 77.32 9.88
C GLU D 226 21.84 76.01 10.42
N ASP D 227 21.56 75.68 11.67
CA ASP D 227 21.97 74.41 12.30
C ASP D 227 23.48 74.38 12.55
N VAL D 228 24.18 75.41 12.07
CA VAL D 228 25.57 75.66 12.44
C VAL D 228 25.70 76.87 13.34
N GLU D 229 24.94 77.93 13.03
CA GLU D 229 24.85 79.07 13.93
C GLU D 229 24.28 78.66 15.29
N HIS D 230 23.31 77.74 15.29
CA HIS D 230 22.73 77.27 16.54
C HIS D 230 23.79 76.61 17.42
N THR D 231 24.57 75.69 16.84
CA THR D 231 25.62 75.03 17.62
C THR D 231 26.70 76.01 18.05
N PHE D 232 27.02 76.99 17.20
CA PHE D 232 28.04 77.97 17.60
C PHE D 232 27.55 78.85 18.75
N GLU D 233 26.27 79.22 18.72
CA GLU D 233 25.68 79.93 19.85
C GLU D 233 25.68 79.07 21.11
N GLU D 234 25.48 77.76 20.96
CA GLU D 234 25.55 76.86 22.10
C GLU D 234 26.95 76.80 22.68
N ILE D 235 27.97 76.79 21.82
CA ILE D 235 29.35 76.56 22.26
C ILE D 235 30.08 77.88 22.48
N LYS D 236 29.36 78.99 22.34
CA LYS D 236 29.98 80.30 22.56
C LYS D 236 30.52 80.49 23.97
N PRO D 237 29.78 80.18 25.05
CA PRO D 237 30.32 80.46 26.39
C PRO D 237 31.63 79.75 26.69
N LEU D 238 31.77 78.49 26.25
CA LEU D 238 33.00 77.76 26.50
C LEU D 238 34.19 78.41 25.79
N TYR D 239 33.99 78.82 24.53
CA TYR D 239 35.05 79.52 23.82
C TYR D 239 35.37 80.86 24.47
N GLU D 240 34.35 81.55 24.98
CA GLU D 240 34.59 82.82 25.67
C GLU D 240 35.44 82.60 26.91
N HIS D 241 35.11 81.58 27.71
CA HIS D 241 35.91 81.27 28.89
C HIS D 241 37.34 80.88 28.51
N LEU D 242 37.49 80.06 27.48
CA LEU D 242 38.82 79.65 27.06
C LEU D 242 39.65 80.84 26.57
N HIS D 243 39.02 81.73 25.79
CA HIS D 243 39.73 82.91 25.29
C HIS D 243 40.13 83.82 26.44
N ALA D 244 39.24 84.00 27.43
CA ALA D 244 39.58 84.81 28.58
C ALA D 244 40.76 84.21 29.34
N TYR D 245 40.74 82.89 29.54
CA TYR D 245 41.84 82.24 30.25
C TYR D 245 43.15 82.34 29.48
N VAL D 246 43.11 82.14 28.16
CA VAL D 246 44.32 82.23 27.35
C VAL D 246 44.88 83.65 27.39
N ARG D 247 44.02 84.66 27.27
CA ARG D 247 44.49 86.04 27.33
C ARG D 247 45.07 86.35 28.71
N ALA D 248 44.42 85.88 29.77
CA ALA D 248 44.93 86.12 31.11
C ALA D 248 46.31 85.49 31.32
N LYS D 249 46.49 84.26 30.85
CA LYS D 249 47.78 83.60 30.98
C LYS D 249 48.83 84.17 30.02
N LEU D 250 48.40 84.80 28.93
CA LEU D 250 49.32 85.34 27.96
C LEU D 250 49.76 86.76 28.30
N MET D 251 48.98 87.51 29.08
CA MET D 251 49.42 88.85 29.47
C MET D 251 50.66 88.83 30.35
N ASN D 252 51.00 87.67 30.93
CA ASN D 252 52.24 87.58 31.70
C ASN D 252 53.45 87.85 30.81
N ALA D 253 53.51 87.20 29.65
CA ALA D 253 54.44 87.57 28.60
C ALA D 253 53.90 88.73 27.80
N TYR D 254 54.76 89.36 27.01
CA TYR D 254 54.40 90.51 26.20
C TYR D 254 53.72 91.57 27.06
N PRO D 255 54.38 92.05 28.12
CA PRO D 255 53.67 92.76 29.18
C PRO D 255 52.93 94.02 28.74
N SER D 256 53.48 94.76 27.77
CA SER D 256 52.93 96.06 27.40
C SER D 256 52.18 96.04 26.07
N TYR D 257 51.86 94.86 25.55
CA TYR D 257 51.19 94.74 24.25
C TYR D 257 49.80 94.13 24.33
N ILE D 258 49.35 93.70 25.50
CA ILE D 258 48.04 93.08 25.66
C ILE D 258 47.23 93.89 26.66
N SER D 259 45.94 94.05 26.37
CA SER D 259 45.02 94.76 27.24
C SER D 259 44.13 93.77 27.99
N PRO D 260 43.73 94.10 29.22
CA PRO D 260 42.80 93.19 29.94
C PRO D 260 41.48 93.01 29.23
N ILE D 261 40.85 94.10 28.79
CA ILE D 261 39.63 94.05 27.99
C ILE D 261 40.00 94.38 26.56
N GLY D 262 39.65 93.49 25.65
CA GLY D 262 39.99 93.66 24.25
C GLY D 262 40.16 92.31 23.58
N CYS D 263 40.69 92.36 22.37
CA CYS D 263 40.89 91.18 21.55
C CYS D 263 42.37 90.79 21.49
N LEU D 264 42.61 89.53 21.22
CA LEU D 264 43.98 89.03 21.12
C LEU D 264 44.60 89.48 19.81
N PRO D 265 45.82 90.04 19.85
CA PRO D 265 46.48 90.44 18.59
C PRO D 265 46.67 89.24 17.67
N ALA D 266 46.55 89.50 16.37
CA ALA D 266 46.42 88.42 15.39
C ALA D 266 47.67 87.55 15.32
N HIS D 267 48.84 88.15 15.44
CA HIS D 267 50.09 87.43 15.23
C HIS D 267 50.59 86.70 16.47
N LEU D 268 49.84 86.75 17.58
CA LEU D 268 50.26 86.13 18.82
C LEU D 268 49.47 84.86 19.14
N LEU D 269 48.95 84.16 18.13
CA LEU D 269 48.18 82.96 18.34
C LEU D 269 48.98 81.68 18.09
N GLY D 270 50.30 81.80 17.92
CA GLY D 270 51.13 80.63 17.70
C GLY D 270 51.07 80.05 16.30
N ASP D 271 50.47 80.76 15.35
CA ASP D 271 50.40 80.29 13.97
C ASP D 271 50.33 81.49 13.05
N MET D 272 50.64 81.25 11.77
CA MET D 272 50.57 82.31 10.77
C MET D 272 49.14 82.79 10.59
N TRP D 273 48.18 81.86 10.57
CA TRP D 273 46.77 82.20 10.42
C TRP D 273 45.98 82.04 11.71
N GLY D 274 46.56 81.42 12.74
CA GLY D 274 45.84 81.19 13.97
C GLY D 274 44.81 80.08 13.88
N ARG D 275 44.98 79.15 12.95
CA ARG D 275 44.01 78.07 12.78
C ARG D 275 43.96 77.18 14.02
N PHE D 276 45.12 76.84 14.58
CA PHE D 276 45.20 76.04 15.79
C PHE D 276 46.00 76.77 16.86
N TRP D 277 45.70 76.44 18.11
CA TRP D 277 46.33 77.06 19.27
C TRP D 277 47.31 76.12 19.96
N THR D 278 47.76 75.08 19.24
CA THR D 278 48.61 74.06 19.85
C THR D 278 49.93 74.65 20.33
N ASN D 279 50.54 75.53 19.54
CA ASN D 279 51.81 76.12 19.91
C ASN D 279 51.71 76.98 21.17
N LEU D 280 50.49 77.38 21.56
CA LEU D 280 50.29 78.16 22.77
C LEU D 280 50.37 77.32 24.04
N TYR D 281 50.44 75.99 23.92
CA TYR D 281 50.42 75.13 25.09
C TYR D 281 51.62 75.38 25.99
N SER D 282 52.80 75.57 25.40
CA SER D 282 54.01 75.74 26.20
C SER D 282 53.91 76.97 27.11
N LEU D 283 53.24 78.02 26.65
CA LEU D 283 53.07 79.21 27.48
C LEU D 283 52.00 79.00 28.56
N THR D 284 50.93 78.31 28.22
CA THR D 284 49.76 78.17 29.10
C THR D 284 49.61 76.70 29.51
N VAL D 285 50.13 76.36 30.68
CA VAL D 285 49.90 75.07 31.31
C VAL D 285 49.29 75.31 32.68
N PRO D 286 48.24 74.56 33.07
CA PRO D 286 47.68 74.75 34.42
C PRO D 286 48.61 74.26 35.51
N PHE D 287 49.10 73.03 35.38
CA PHE D 287 50.02 72.42 36.34
C PHE D 287 51.26 71.98 35.56
N GLY D 288 52.27 72.86 35.52
CA GLY D 288 53.49 72.55 34.79
C GLY D 288 54.41 71.56 35.49
N GLN D 289 54.21 71.35 36.79
CA GLN D 289 55.05 70.41 37.51
C GLN D 289 54.85 68.98 37.03
N LYS D 290 53.61 68.60 36.75
CA LYS D 290 53.30 67.22 36.37
C LYS D 290 53.65 66.99 34.91
N PRO D 291 54.52 66.04 34.60
CA PRO D 291 54.78 65.71 33.19
C PRO D 291 53.58 65.06 32.53
N ASN D 292 53.55 65.13 31.20
CA ASN D 292 52.53 64.45 30.44
C ASN D 292 52.93 62.99 30.20
N ILE D 293 51.96 62.19 29.77
CA ILE D 293 52.21 60.78 29.50
C ILE D 293 52.92 60.64 28.17
N ASP D 294 54.10 60.02 28.18
CA ASP D 294 54.88 59.80 26.97
C ASP D 294 55.58 58.46 27.10
N VAL D 295 55.40 57.59 26.11
CA VAL D 295 55.90 56.23 26.16
C VAL D 295 56.94 55.97 25.08
N THR D 296 57.57 57.02 24.56
CA THR D 296 58.61 56.85 23.55
C THR D 296 59.79 56.07 24.12
N ASP D 297 60.22 56.41 25.34
CA ASP D 297 61.30 55.67 25.99
C ASP D 297 60.88 54.24 26.32
N ALA D 298 59.61 54.04 26.69
CA ALA D 298 59.12 52.68 26.91
C ALA D 298 59.16 51.87 25.62
N MET D 299 58.78 52.49 24.50
CA MET D 299 58.84 51.81 23.21
C MET D 299 60.28 51.47 22.84
N VAL D 300 61.20 52.41 23.08
CA VAL D 300 62.60 52.19 22.73
C VAL D 300 63.20 51.08 23.60
N ASP D 301 62.84 51.04 24.88
CA ASP D 301 63.39 50.04 25.78
C ASP D 301 62.99 48.63 25.35
N GLN D 302 61.74 48.44 24.93
CA GLN D 302 61.29 47.15 24.45
C GLN D 302 61.67 46.90 22.99
N ALA D 303 62.23 47.90 22.31
CA ALA D 303 62.77 47.75 20.96
C ALA D 303 61.69 47.28 19.97
N TRP D 304 60.64 48.10 19.85
CA TRP D 304 59.60 47.82 18.87
C TRP D 304 60.15 48.02 17.46
N ASP D 305 59.74 47.14 16.55
CA ASP D 305 60.34 47.06 15.22
C ASP D 305 59.50 47.73 14.13
N ALA D 306 58.68 48.72 14.51
CA ALA D 306 57.92 49.54 13.57
C ALA D 306 56.83 48.75 12.85
N GLN D 307 56.81 47.44 13.06
CA GLN D 307 55.72 46.59 12.58
C GLN D 307 54.84 46.09 13.71
N ARG D 308 55.41 45.99 14.91
CA ARG D 308 54.59 45.64 16.08
C ARG D 308 53.56 46.73 16.38
N ILE D 309 53.80 47.96 15.93
CA ILE D 309 52.78 49.01 16.08
C ILE D 309 51.55 48.67 15.27
N PHE D 310 51.73 48.30 14.00
CA PHE D 310 50.58 47.88 13.20
C PHE D 310 50.00 46.58 13.71
N LYS D 311 50.84 45.72 14.31
CA LYS D 311 50.33 44.50 14.92
C LYS D 311 49.40 44.83 16.08
N GLU D 312 49.78 45.79 16.92
CA GLU D 312 48.92 46.22 18.03
C GLU D 312 47.65 46.88 17.51
N ALA D 313 47.75 47.65 16.42
CA ALA D 313 46.55 48.23 15.83
C ALA D 313 45.60 47.15 15.34
N GLU D 314 46.12 46.13 14.67
CA GLU D 314 45.29 45.02 14.22
C GLU D 314 44.70 44.27 15.41
N LYS D 315 45.48 44.09 16.47
CA LYS D 315 44.95 43.48 17.69
C LYS D 315 43.80 44.28 18.26
N PHE D 316 43.95 45.61 18.29
CA PHE D 316 42.87 46.47 18.77
C PHE D 316 41.61 46.29 17.93
N PHE D 317 41.74 46.37 16.61
CA PHE D 317 40.55 46.29 15.76
C PHE D 317 39.92 44.89 15.78
N VAL D 318 40.74 43.86 16.01
CA VAL D 318 40.18 42.52 16.17
C VAL D 318 39.44 42.40 17.51
N SER D 319 40.04 42.92 18.58
CA SER D 319 39.40 42.86 19.89
C SER D 319 38.11 43.66 19.91
N VAL D 320 38.04 44.73 19.11
CA VAL D 320 36.79 45.48 18.98
C VAL D 320 35.69 44.60 18.40
N GLY D 321 36.03 43.81 17.39
CA GLY D 321 35.07 42.93 16.76
C GLY D 321 35.11 43.01 15.26
N LEU D 322 35.95 43.89 14.73
CA LEU D 322 36.10 44.05 13.30
C LEU D 322 37.03 42.98 12.74
N PRO D 323 36.88 42.64 11.44
CA PRO D 323 37.63 41.50 10.89
C PRO D 323 39.13 41.73 10.76
N ASN D 324 39.82 40.72 10.23
CA ASN D 324 41.27 40.75 10.09
C ASN D 324 41.69 41.69 8.97
N MET D 325 42.99 41.68 8.68
CA MET D 325 43.56 42.39 7.55
C MET D 325 43.87 41.41 6.43
N THR D 326 43.83 41.92 5.20
CA THR D 326 44.07 41.07 4.03
C THR D 326 45.51 40.57 4.03
N GLN D 327 45.70 39.40 3.39
CA GLN D 327 47.04 38.81 3.33
C GLN D 327 48.01 39.66 2.53
N GLY D 328 47.53 40.28 1.45
CA GLY D 328 48.39 41.12 0.64
C GLY D 328 48.71 42.47 1.25
N PHE D 329 47.99 42.84 2.31
CA PHE D 329 48.27 44.10 2.99
C PHE D 329 49.67 44.13 3.58
N TRP D 330 50.09 43.03 4.21
CA TRP D 330 51.36 43.01 4.93
C TRP D 330 52.56 42.97 3.98
N GLU D 331 52.37 42.47 2.77
CA GLU D 331 53.47 42.34 1.81
C GLU D 331 53.51 43.46 0.78
N ASN D 332 52.36 43.86 0.24
CA ASN D 332 52.32 44.90 -0.78
C ASN D 332 52.68 46.26 -0.20
N SER D 333 52.08 46.61 0.94
CA SER D 333 52.29 47.91 1.55
C SER D 333 53.69 48.04 2.13
N MET D 334 54.20 49.26 2.12
CA MET D 334 55.49 49.59 2.71
C MET D 334 55.26 50.47 3.93
N LEU D 335 55.91 50.13 5.05
CA LEU D 335 55.65 50.77 6.32
C LEU D 335 56.91 51.35 6.96
N THR D 336 57.93 51.63 6.17
CA THR D 336 59.16 52.23 6.68
C THR D 336 59.87 52.90 5.52
N ASP D 337 60.78 53.82 5.86
CA ASP D 337 61.48 54.58 4.84
C ASP D 337 62.27 53.64 3.94
N PRO D 338 62.13 53.73 2.62
CA PRO D 338 62.80 52.76 1.73
C PRO D 338 64.32 52.75 1.86
N GLY D 339 64.93 53.90 2.13
CA GLY D 339 66.36 53.96 2.32
C GLY D 339 66.94 55.13 1.56
N ASN D 340 68.27 55.09 1.40
CA ASN D 340 68.97 56.17 0.72
C ASN D 340 68.93 56.02 -0.80
N VAL D 341 69.02 54.78 -1.30
CA VAL D 341 69.08 54.57 -2.74
C VAL D 341 67.74 54.91 -3.39
N GLN D 342 66.63 54.56 -2.74
CA GLN D 342 65.30 54.81 -3.25
C GLN D 342 64.65 55.93 -2.46
N LYS D 343 64.21 56.97 -3.16
CA LYS D 343 63.53 58.10 -2.54
C LYS D 343 62.03 57.95 -2.71
N ALA D 344 61.28 58.39 -1.70
CA ALA D 344 59.83 58.27 -1.73
C ALA D 344 59.22 59.26 -0.75
N VAL D 345 58.14 59.90 -1.18
CA VAL D 345 57.34 60.71 -0.27
C VAL D 345 56.42 59.78 0.52
N CYS D 346 56.41 59.94 1.84
CA CYS D 346 55.73 59.02 2.74
C CYS D 346 54.88 59.76 3.75
N HIS D 347 54.10 60.74 3.27
CA HIS D 347 53.06 61.32 4.10
C HIS D 347 52.04 60.24 4.44
N PRO D 348 51.58 60.15 5.69
CA PRO D 348 50.67 59.06 6.05
C PRO D 348 49.42 59.07 5.18
N THR D 349 49.13 57.91 4.60
CA THR D 349 48.04 57.77 3.64
C THR D 349 47.55 56.34 3.62
N ALA D 350 46.24 56.17 3.52
CA ALA D 350 45.62 54.86 3.37
C ALA D 350 45.11 54.74 1.94
N TRP D 351 45.49 53.66 1.27
CA TRP D 351 45.21 53.47 -0.15
C TRP D 351 44.11 52.44 -0.35
N ASP D 352 43.12 52.79 -1.15
CA ASP D 352 42.06 51.89 -1.61
C ASP D 352 42.17 51.81 -3.13
N LEU D 353 43.02 50.91 -3.62
CA LEU D 353 43.26 50.79 -5.06
C LEU D 353 42.13 50.06 -5.78
N GLY D 354 41.23 49.42 -5.05
CA GLY D 354 40.21 48.60 -5.66
C GLY D 354 40.69 47.19 -5.95
N LYS D 355 39.77 46.35 -6.43
CA LYS D 355 40.05 44.96 -6.76
C LYS D 355 40.56 44.17 -5.54
N GLY D 356 40.10 44.54 -4.36
CA GLY D 356 40.55 43.87 -3.15
C GLY D 356 41.94 44.25 -2.69
N ASP D 357 42.41 45.44 -3.02
CA ASP D 357 43.77 45.89 -2.70
C ASP D 357 43.70 47.02 -1.69
N PHE D 358 44.37 46.84 -0.55
CA PHE D 358 44.48 47.86 0.48
C PHE D 358 45.94 48.05 0.84
N ARG D 359 46.36 49.31 1.01
CA ARG D 359 47.75 49.61 1.31
C ARG D 359 47.82 50.81 2.24
N ILE D 360 48.97 50.94 2.90
CA ILE D 360 49.24 52.05 3.81
C ILE D 360 50.63 52.59 3.51
N LEU D 361 50.75 53.91 3.36
CA LEU D 361 52.01 54.58 3.06
C LEU D 361 52.42 55.38 4.28
N MET D 362 53.44 54.90 5.00
CA MET D 362 53.85 55.53 6.23
C MET D 362 55.34 55.32 6.47
N CYS D 363 56.00 56.36 7.00
CA CYS D 363 57.38 56.26 7.48
C CYS D 363 57.33 56.07 9.00
N THR D 364 57.05 54.84 9.42
CA THR D 364 56.81 54.56 10.82
C THR D 364 58.10 54.67 11.63
N LYS D 365 58.02 55.39 12.76
CA LYS D 365 59.10 55.48 13.73
C LYS D 365 58.56 55.09 15.10
N VAL D 366 59.46 54.91 16.06
CA VAL D 366 59.09 54.43 17.39
C VAL D 366 58.74 55.67 18.22
N THR D 367 57.51 56.14 18.05
CA THR D 367 57.00 57.27 18.81
C THR D 367 55.51 57.06 19.06
N MET D 368 55.00 57.76 20.08
CA MET D 368 53.57 57.69 20.39
C MET D 368 52.73 58.31 19.28
N ASP D 369 53.22 59.40 18.68
CA ASP D 369 52.50 60.02 17.57
C ASP D 369 52.37 59.06 16.40
N ASP D 370 53.44 58.32 16.10
CA ASP D 370 53.35 57.31 15.05
C ASP D 370 52.37 56.21 15.42
N PHE D 371 52.31 55.84 16.70
CA PHE D 371 51.34 54.85 17.16
C PHE D 371 49.91 55.33 16.91
N LEU D 372 49.61 56.57 17.30
CA LEU D 372 48.25 57.10 17.14
C LEU D 372 47.90 57.28 15.68
N THR D 373 48.84 57.74 14.85
CA THR D 373 48.53 57.91 13.44
C THR D 373 48.42 56.56 12.73
N ALA D 374 49.15 55.54 13.19
CA ALA D 374 48.96 54.19 12.67
C ALA D 374 47.57 53.69 13.01
N HIS D 375 47.10 53.94 14.24
CA HIS D 375 45.73 53.62 14.58
C HIS D 375 44.74 54.36 13.68
N HIS D 376 45.01 55.64 13.41
CA HIS D 376 44.11 56.42 12.57
C HIS D 376 44.02 55.83 11.17
N GLU D 377 45.17 55.58 10.54
CA GLU D 377 45.17 55.02 9.19
C GLU D 377 44.60 53.61 9.16
N MET D 378 44.83 52.82 10.22
CA MET D 378 44.24 51.50 10.28
C MET D 378 42.72 51.58 10.36
N GLY D 379 42.20 52.56 11.10
CA GLY D 379 40.76 52.79 11.09
C GLY D 379 40.26 53.23 9.72
N HIS D 380 41.04 54.05 9.02
CA HIS D 380 40.66 54.44 7.66
C HIS D 380 40.55 53.21 6.76
N ILE D 381 41.52 52.30 6.88
CA ILE D 381 41.51 51.07 6.09
C ILE D 381 40.32 50.20 6.47
N GLN D 382 40.01 50.12 7.76
CA GLN D 382 38.85 49.36 8.20
C GLN D 382 37.55 49.94 7.66
N TYR D 383 37.46 51.27 7.59
CA TYR D 383 36.29 51.90 6.98
C TYR D 383 36.22 51.60 5.48
N ASP D 384 37.38 51.58 4.83
CA ASP D 384 37.41 51.27 3.40
C ASP D 384 36.94 49.84 3.13
N MET D 385 37.32 48.91 4.01
CA MET D 385 36.91 47.51 3.82
C MET D 385 35.42 47.30 3.97
N ALA D 386 34.73 48.22 4.66
CA ALA D 386 33.34 47.96 5.05
C ALA D 386 32.41 47.91 3.84
N TYR D 387 32.51 48.89 2.95
CA TYR D 387 31.57 49.06 1.85
C TYR D 387 32.11 48.56 0.52
N ALA D 388 33.05 47.62 0.53
CA ALA D 388 33.62 47.10 -0.70
C ALA D 388 32.60 46.37 -1.56
N ALA D 389 31.54 45.83 -0.96
CA ALA D 389 30.52 45.11 -1.71
C ALA D 389 29.58 46.04 -2.46
N GLN D 390 29.56 47.33 -2.10
CA GLN D 390 28.69 48.28 -2.77
C GLN D 390 29.19 48.54 -4.19
N PRO D 391 28.33 49.01 -5.08
CA PRO D 391 28.75 49.37 -6.44
C PRO D 391 29.84 50.45 -6.41
N PHE D 392 30.43 50.66 -7.58
CA PHE D 392 31.59 51.56 -7.68
C PHE D 392 31.22 52.98 -7.31
N LEU D 393 30.03 53.44 -7.72
CA LEU D 393 29.66 54.84 -7.48
C LEU D 393 29.31 55.10 -6.02
N LEU D 394 28.99 54.07 -5.24
CA LEU D 394 28.57 54.24 -3.85
C LEU D 394 29.64 53.76 -2.87
N ARG D 395 30.90 53.76 -3.29
CA ARG D 395 32.01 53.37 -2.41
C ARG D 395 32.65 54.63 -1.81
N ASN D 396 31.92 55.22 -0.87
CA ASN D 396 32.36 56.43 -0.19
C ASN D 396 31.60 56.54 1.12
N GLY D 397 32.03 57.50 1.95
CA GLY D 397 31.30 57.79 3.16
C GLY D 397 29.96 58.43 2.88
N ALA D 398 29.14 58.51 3.92
CA ALA D 398 27.82 59.13 3.79
C ALA D 398 27.93 60.58 3.37
N ASN D 399 28.86 61.33 3.98
CA ASN D 399 29.19 62.68 3.55
C ASN D 399 30.69 62.86 3.73
N GLU D 400 31.15 64.12 3.62
CA GLU D 400 32.57 64.41 3.71
C GLU D 400 33.09 64.39 5.14
N GLY D 401 32.20 64.37 6.14
CA GLY D 401 32.63 64.37 7.52
C GLY D 401 32.56 63.03 8.22
N PHE D 402 31.94 62.02 7.60
CA PHE D 402 31.72 60.74 8.25
C PHE D 402 32.97 59.87 8.29
N HIS D 403 34.00 60.21 7.51
CA HIS D 403 35.17 59.36 7.37
C HIS D 403 36.29 59.73 8.34
N GLU D 404 36.66 61.01 8.40
CA GLU D 404 37.75 61.41 9.29
C GLU D 404 37.36 61.19 10.75
N ALA D 405 36.08 61.39 11.09
CA ALA D 405 35.62 61.13 12.44
C ALA D 405 35.76 59.67 12.82
N VAL D 406 35.41 58.76 11.90
CA VAL D 406 35.56 57.33 12.16
C VAL D 406 37.03 56.98 12.32
N GLY D 407 37.89 57.55 11.47
CA GLY D 407 39.32 57.32 11.63
C GLY D 407 39.87 57.84 12.94
N GLU D 408 39.32 58.96 13.43
CA GLU D 408 39.86 59.69 14.57
C GLU D 408 39.39 59.10 15.90
N ILE D 409 38.15 58.63 15.97
CA ILE D 409 37.63 58.04 17.21
C ILE D 409 38.48 56.85 17.62
N MET D 410 39.10 56.17 16.66
CA MET D 410 40.03 55.09 17.00
C MET D 410 41.21 55.62 17.79
N SER D 411 41.77 56.76 17.38
CA SER D 411 42.88 57.35 18.12
C SER D 411 42.43 57.87 19.48
N LEU D 412 41.20 58.42 19.56
CA LEU D 412 40.67 58.80 20.87
C LEU D 412 40.56 57.60 21.80
N SER D 413 40.10 56.46 21.27
CA SER D 413 40.00 55.26 22.10
C SER D 413 41.39 54.73 22.48
N ALA D 414 42.36 54.81 21.57
CA ALA D 414 43.68 54.26 21.82
C ALA D 414 44.58 55.17 22.64
N ALA D 415 44.22 56.44 22.82
CA ALA D 415 45.04 57.38 23.57
C ALA D 415 44.78 57.33 25.06
N THR D 416 43.82 56.54 25.51
CA THR D 416 43.48 56.50 26.92
C THR D 416 44.60 55.85 27.74
N PRO D 417 44.83 56.32 28.96
CA PRO D 417 45.80 55.64 29.84
C PRO D 417 45.43 54.19 30.15
N LYS D 418 44.13 53.87 30.16
CA LYS D 418 43.73 52.50 30.43
C LYS D 418 44.24 51.53 29.36
N HIS D 419 44.15 51.93 28.09
CA HIS D 419 44.64 51.06 27.02
C HIS D 419 46.14 50.89 27.08
N LEU D 420 46.88 51.97 27.33
CA LEU D 420 48.33 51.87 27.42
C LEU D 420 48.76 51.04 28.63
N LYS D 421 47.99 51.10 29.73
CA LYS D 421 48.28 50.24 30.87
C LYS D 421 47.95 48.78 30.56
N SER D 422 46.91 48.54 29.77
CA SER D 422 46.61 47.19 29.32
C SER D 422 47.75 46.63 28.49
N ILE D 423 48.31 47.44 27.60
CA ILE D 423 49.53 47.04 26.90
C ILE D 423 50.70 47.06 27.89
N GLY D 424 51.74 46.30 27.56
CA GLY D 424 52.90 46.23 28.42
C GLY D 424 53.86 47.40 28.35
N LEU D 425 53.60 48.36 27.46
CA LEU D 425 54.50 49.51 27.31
C LEU D 425 54.42 50.46 28.51
N LEU D 426 53.24 50.65 29.08
CA LEU D 426 53.08 51.55 30.21
C LEU D 426 53.39 50.82 31.51
N SER D 427 53.68 51.59 32.55
CA SER D 427 54.01 51.01 33.84
C SER D 427 52.80 50.28 34.41
N PRO D 428 52.99 49.06 34.94
CA PRO D 428 51.86 48.32 35.51
C PRO D 428 51.21 49.04 36.69
N ASP D 429 51.98 49.75 37.49
CA ASP D 429 51.47 50.48 38.66
C ASP D 429 51.60 51.97 38.37
N PHE D 430 50.58 52.53 37.73
CA PHE D 430 50.53 53.95 37.40
C PHE D 430 49.36 54.59 38.14
N GLN D 431 49.65 55.65 38.89
CA GLN D 431 48.64 56.39 39.62
C GLN D 431 48.47 57.75 38.97
N GLU D 432 47.24 58.07 38.58
CA GLU D 432 46.93 59.31 37.86
C GLU D 432 46.20 60.28 38.79
N ASP D 433 46.62 61.54 38.75
CA ASP D 433 45.96 62.61 39.49
C ASP D 433 45.16 63.49 38.53
N ASN D 434 44.21 64.24 39.10
CA ASN D 434 43.38 65.10 38.29
C ASN D 434 44.15 66.27 37.67
N GLU D 435 45.35 66.56 38.18
CA GLU D 435 46.20 67.54 37.51
C GLU D 435 46.56 67.09 36.09
N THR D 436 46.93 65.83 35.94
CA THR D 436 47.18 65.28 34.61
C THR D 436 45.93 65.28 33.76
N GLU D 437 44.77 65.02 34.37
CA GLU D 437 43.50 65.09 33.64
C GLU D 437 43.26 66.50 33.09
N ILE D 438 43.49 67.52 33.93
CA ILE D 438 43.31 68.90 33.49
C ILE D 438 44.30 69.24 32.39
N ASN D 439 45.56 68.82 32.55
CA ASN D 439 46.57 69.06 31.54
C ASN D 439 46.16 68.48 30.20
N PHE D 440 45.76 67.21 30.20
CA PHE D 440 45.36 66.54 28.96
C PHE D 440 44.11 67.20 28.36
N LEU D 441 43.13 67.54 29.19
CA LEU D 441 41.91 68.15 28.68
C LEU D 441 42.19 69.49 28.04
N LEU D 442 43.02 70.32 28.68
CA LEU D 442 43.36 71.61 28.09
C LEU D 442 44.16 71.44 26.81
N LYS D 443 45.10 70.48 26.80
CA LYS D 443 45.91 70.25 25.60
C LYS D 443 45.05 69.83 24.42
N GLN D 444 44.08 68.95 24.67
CA GLN D 444 43.18 68.54 23.60
C GLN D 444 42.22 69.66 23.20
N ALA D 445 41.78 70.47 24.17
CA ALA D 445 40.82 71.53 23.88
C ALA D 445 41.45 72.63 23.02
N LEU D 446 42.73 72.95 23.28
CA LEU D 446 43.40 74.01 22.55
C LEU D 446 43.46 73.72 21.05
N THR D 447 43.28 72.46 20.65
CA THR D 447 43.20 72.07 19.25
C THR D 447 41.77 71.80 18.79
N ILE D 448 40.92 71.23 19.64
CA ILE D 448 39.55 70.93 19.24
C ILE D 448 38.69 72.18 19.18
N VAL D 449 38.53 72.87 20.33
CA VAL D 449 37.61 74.00 20.41
C VAL D 449 38.28 75.31 20.02
N GLY D 450 39.59 75.31 19.78
CA GLY D 450 40.24 76.53 19.36
C GLY D 450 40.11 76.87 17.89
N THR D 451 39.70 75.89 17.07
CA THR D 451 39.64 76.07 15.63
C THR D 451 38.22 76.21 15.08
N LEU D 452 37.20 75.88 15.87
CA LEU D 452 35.83 75.95 15.37
C LEU D 452 35.40 77.37 15.00
N PRO D 453 35.59 78.40 15.85
CA PRO D 453 35.19 79.75 15.42
C PRO D 453 35.92 80.22 14.18
N PHE D 454 37.20 79.87 14.02
CA PHE D 454 37.94 80.27 12.83
C PHE D 454 37.32 79.65 11.57
N THR D 455 37.01 78.35 11.62
CA THR D 455 36.37 77.69 10.49
C THR D 455 35.01 78.31 10.19
N TYR D 456 34.21 78.54 11.23
CA TYR D 456 32.88 79.11 11.04
C TYR D 456 32.96 80.49 10.40
N MET D 457 33.87 81.33 10.91
CA MET D 457 34.00 82.68 10.36
C MET D 457 34.50 82.65 8.92
N LEU D 458 35.49 81.81 8.62
CA LEU D 458 36.04 81.75 7.27
C LEU D 458 34.98 81.27 6.29
N GLU D 459 34.26 80.20 6.64
CA GLU D 459 33.23 79.68 5.75
C GLU D 459 32.08 80.65 5.58
N LYS D 460 31.68 81.34 6.65
CA LYS D 460 30.62 82.32 6.53
C LYS D 460 31.04 83.49 5.64
N TRP D 461 32.29 83.93 5.78
CA TRP D 461 32.79 85.01 4.93
C TRP D 461 32.81 84.58 3.47
N ARG D 462 33.29 83.36 3.18
CA ARG D 462 33.30 82.88 1.81
C ARG D 462 31.89 82.75 1.25
N TRP D 463 30.96 82.25 2.07
CA TRP D 463 29.58 82.12 1.63
C TRP D 463 28.97 83.48 1.30
N MET D 464 29.23 84.49 2.14
CA MET D 464 28.69 85.81 1.86
C MET D 464 29.34 86.43 0.63
N VAL D 465 30.65 86.20 0.44
CA VAL D 465 31.34 86.73 -0.73
C VAL D 465 30.75 86.12 -2.00
N PHE D 466 30.57 84.80 -2.01
CA PHE D 466 30.00 84.14 -3.18
C PHE D 466 28.55 84.54 -3.40
N LYS D 467 27.79 84.71 -2.32
CA LYS D 467 26.39 85.09 -2.44
C LYS D 467 26.23 86.50 -3.00
N GLY D 468 27.22 87.36 -2.77
CA GLY D 468 27.16 88.73 -3.26
C GLY D 468 26.70 89.75 -2.24
N GLU D 469 26.54 89.37 -0.98
CA GLU D 469 26.10 90.33 0.04
C GLU D 469 27.17 91.37 0.34
N ILE D 470 28.44 90.98 0.24
CA ILE D 470 29.56 91.87 0.51
C ILE D 470 30.05 92.45 -0.82
N PRO D 471 29.96 93.76 -1.04
CA PRO D 471 30.49 94.33 -2.27
C PRO D 471 32.00 94.17 -2.36
N LYS D 472 32.52 94.26 -3.58
CA LYS D 472 33.95 94.07 -3.81
C LYS D 472 34.79 95.14 -3.12
N ASP D 473 34.18 96.26 -2.73
CA ASP D 473 34.90 97.34 -2.08
C ASP D 473 34.92 97.20 -0.57
N GLN D 474 34.23 96.18 -0.01
CA GLN D 474 34.12 96.02 1.43
C GLN D 474 34.56 94.63 1.87
N TRP D 475 35.45 93.98 1.12
CA TRP D 475 35.90 92.65 1.49
C TRP D 475 36.70 92.67 2.77
N MET D 476 37.71 93.53 2.84
CA MET D 476 38.64 93.51 3.98
C MET D 476 37.97 94.05 5.24
N LYS D 477 37.14 95.09 5.10
CA LYS D 477 36.47 95.65 6.25
C LYS D 477 35.54 94.63 6.91
N LYS D 478 34.73 93.95 6.09
CA LYS D 478 33.86 92.92 6.64
C LYS D 478 34.65 91.73 7.19
N TRP D 479 35.75 91.36 6.53
CA TRP D 479 36.57 90.27 7.02
C TRP D 479 37.12 90.57 8.41
N TRP D 480 37.69 91.75 8.60
CA TRP D 480 38.24 92.08 9.91
C TRP D 480 37.17 92.37 10.94
N GLU D 481 36.00 92.87 10.51
CA GLU D 481 34.89 93.02 11.44
C GLU D 481 34.43 91.67 11.96
N MET D 482 34.31 90.67 11.08
CA MET D 482 33.97 89.33 11.53
C MET D 482 35.07 88.75 12.42
N LYS D 483 36.33 89.01 12.08
CA LYS D 483 37.43 88.52 12.91
C LYS D 483 37.35 89.10 14.32
N ARG D 484 37.03 90.39 14.42
CA ARG D 484 36.90 91.03 15.73
C ARG D 484 35.68 90.50 16.49
N GLU D 485 34.54 90.33 15.79
CA GLU D 485 33.29 90.05 16.48
C GLU D 485 33.16 88.57 16.86
N ILE D 486 33.43 87.66 15.94
CA ILE D 486 33.17 86.25 16.16
C ILE D 486 34.35 85.56 16.83
N VAL D 487 35.55 85.77 16.31
CA VAL D 487 36.72 85.08 16.83
C VAL D 487 37.35 85.82 18.02
N GLY D 488 37.19 87.14 18.09
CA GLY D 488 37.86 87.90 19.11
C GLY D 488 39.33 88.12 18.85
N VAL D 489 39.72 88.19 17.57
CA VAL D 489 41.11 88.41 17.17
C VAL D 489 41.18 89.71 16.38
N VAL D 490 42.09 90.58 16.77
CA VAL D 490 42.23 91.89 16.16
C VAL D 490 43.56 91.96 15.42
N GLU D 491 43.56 92.64 14.29
CA GLU D 491 44.76 92.80 13.48
C GLU D 491 45.73 93.79 14.15
N PRO D 492 47.04 93.55 14.03
CA PRO D 492 48.00 94.49 14.62
C PRO D 492 48.12 95.79 13.82
N VAL D 493 48.11 95.69 12.50
CA VAL D 493 48.28 96.85 11.64
C VAL D 493 47.13 96.91 10.63
N PRO D 494 46.65 98.09 10.28
CA PRO D 494 45.51 98.17 9.36
C PRO D 494 45.87 97.69 7.97
N HIS D 495 44.86 97.16 7.28
CA HIS D 495 45.01 96.67 5.91
C HIS D 495 43.98 97.37 5.02
N ASP D 496 44.44 97.88 3.89
CA ASP D 496 43.57 98.53 2.93
C ASP D 496 42.87 97.47 2.09
N GLU D 497 42.13 97.90 1.06
CA GLU D 497 41.42 96.96 0.21
C GLU D 497 42.32 96.27 -0.81
N THR D 498 43.56 96.73 -0.97
CA THR D 498 44.49 96.03 -1.84
C THR D 498 44.88 94.67 -1.27
N TYR D 499 44.95 94.57 0.05
CA TYR D 499 45.29 93.30 0.69
C TYR D 499 44.17 92.29 0.55
N CYS D 500 44.54 91.02 0.42
CA CYS D 500 43.60 89.91 0.44
C CYS D 500 44.16 88.87 1.42
N ASP D 501 43.87 89.08 2.71
CA ASP D 501 44.39 88.17 3.73
C ASP D 501 43.84 86.75 3.59
N PRO D 502 42.53 86.52 3.38
CA PRO D 502 42.04 85.13 3.31
C PRO D 502 42.68 84.31 2.19
N ALA D 503 43.10 84.96 1.11
CA ALA D 503 43.74 84.22 0.01
C ALA D 503 45.09 83.65 0.38
N SER D 504 45.69 84.08 1.50
CA SER D 504 46.97 83.54 1.92
C SER D 504 46.85 82.09 2.37
N LEU D 505 45.69 81.69 2.88
CA LEU D 505 45.49 80.33 3.35
C LEU D 505 45.54 79.35 2.17
N PHE D 506 46.00 78.14 2.46
CA PHE D 506 46.14 77.12 1.43
C PHE D 506 44.79 76.74 0.82
N HIS D 507 43.77 76.56 1.65
CA HIS D 507 42.49 76.07 1.16
C HIS D 507 41.78 77.10 0.28
N VAL D 508 41.85 78.37 0.66
CA VAL D 508 41.10 79.40 -0.06
C VAL D 508 41.63 79.56 -1.48
N SER D 509 42.95 79.66 -1.62
CA SER D 509 43.53 79.89 -2.94
C SER D 509 43.47 78.67 -3.84
N ASN D 510 43.41 77.47 -3.25
CA ASN D 510 43.50 76.23 -4.01
C ASN D 510 42.16 75.51 -4.11
N ASP D 511 41.04 76.22 -3.94
CA ASP D 511 39.70 75.69 -4.22
C ASP D 511 39.40 74.45 -3.37
N TYR D 512 39.31 74.68 -2.05
CA TYR D 512 38.96 73.62 -1.12
C TYR D 512 37.85 74.09 -0.18
N SER D 513 36.94 73.15 0.12
CA SER D 513 35.87 73.39 1.07
C SER D 513 36.39 73.31 2.50
N PHE D 514 35.62 73.87 3.43
CA PHE D 514 36.13 74.03 4.79
C PHE D 514 35.13 73.68 5.90
N ILE D 515 33.86 73.40 5.57
CA ILE D 515 32.88 73.05 6.60
C ILE D 515 33.04 71.62 7.07
N ARG D 516 33.85 70.82 6.37
CA ARG D 516 34.09 69.44 6.79
C ARG D 516 34.78 69.39 8.14
N TYR D 517 35.71 70.31 8.40
CA TYR D 517 36.40 70.35 9.67
C TYR D 517 35.48 70.79 10.81
N TYR D 518 34.44 71.56 10.50
CA TYR D 518 33.45 71.92 11.51
C TYR D 518 32.54 70.74 11.83
N THR D 519 32.07 70.03 10.80
CA THR D 519 31.19 68.89 11.03
C THR D 519 31.92 67.68 11.60
N ARG D 520 33.23 67.57 11.36
CA ARG D 520 33.98 66.38 11.74
C ARG D 520 34.01 66.19 13.25
N THR D 521 34.29 67.26 14.00
CA THR D 521 34.39 67.12 15.45
C THR D 521 33.04 66.76 16.07
N LEU D 522 31.95 67.37 15.58
CA LEU D 522 30.63 67.03 16.10
C LEU D 522 30.30 65.56 15.82
N TYR D 523 30.53 65.10 14.59
CA TYR D 523 30.28 63.70 14.29
C TYR D 523 31.17 62.79 15.12
N GLN D 524 32.43 63.17 15.33
CA GLN D 524 33.36 62.37 16.11
C GLN D 524 32.88 62.21 17.54
N PHE D 525 32.47 63.32 18.17
CA PHE D 525 32.05 63.24 19.57
C PHE D 525 30.72 62.53 19.71
N GLN D 526 29.81 62.70 18.75
CA GLN D 526 28.57 61.93 18.79
C GLN D 526 28.85 60.44 18.69
N PHE D 527 29.72 60.05 17.77
CA PHE D 527 30.06 58.64 17.61
C PHE D 527 30.75 58.11 18.86
N GLN D 528 31.64 58.91 19.45
CA GLN D 528 32.34 58.48 20.66
C GLN D 528 31.36 58.27 21.81
N GLU D 529 30.43 59.20 21.99
CA GLU D 529 29.45 59.05 23.07
C GLU D 529 28.56 57.83 22.83
N ALA D 530 28.11 57.63 21.58
CA ALA D 530 27.25 56.50 21.29
C ALA D 530 27.99 55.18 21.53
N LEU D 531 29.23 55.07 21.07
CA LEU D 531 29.99 53.83 21.25
C LEU D 531 30.36 53.60 22.71
N CYS D 532 30.58 54.68 23.48
CA CYS D 532 30.91 54.53 24.88
C CYS D 532 29.70 54.16 25.73
N GLN D 533 28.53 54.70 25.40
CA GLN D 533 27.31 54.29 26.10
C GLN D 533 26.88 52.89 25.69
N ALA D 534 27.16 52.48 24.45
CA ALA D 534 26.87 51.12 24.03
C ALA D 534 27.77 50.12 24.74
N ALA D 535 28.94 50.55 25.19
CA ALA D 535 29.90 49.68 25.86
C ALA D 535 29.71 49.61 27.37
N LYS D 536 28.67 50.27 27.90
CA LYS D 536 28.36 50.27 29.33
C LYS D 536 29.55 50.75 30.16
N HIS D 537 29.91 52.00 29.90
CA HIS D 537 31.01 52.66 30.60
C HIS D 537 30.46 53.67 31.60
N GLU D 538 31.14 53.79 32.74
CA GLU D 538 30.73 54.69 33.81
C GLU D 538 31.85 55.67 34.11
N GLY D 539 31.47 56.93 34.36
CA GLY D 539 32.42 57.95 34.71
C GLY D 539 32.60 58.98 33.61
N PRO D 540 33.75 59.66 33.63
CA PRO D 540 34.00 60.70 32.62
C PRO D 540 34.13 60.09 31.23
N LEU D 541 33.79 60.91 30.23
CA LEU D 541 33.84 60.46 28.85
C LEU D 541 35.27 60.39 28.32
N HIS D 542 36.18 61.18 28.89
CA HIS D 542 37.56 61.25 28.40
C HIS D 542 38.43 60.12 28.91
N LYS D 543 37.94 59.30 29.83
CA LYS D 543 38.65 58.12 30.30
C LYS D 543 38.09 56.83 29.70
N CYS D 544 37.17 56.95 28.75
CA CYS D 544 36.42 55.81 28.25
C CYS D 544 37.20 55.07 27.16
N ASP D 545 36.95 53.77 27.06
CA ASP D 545 37.61 52.93 26.07
C ASP D 545 36.60 51.91 25.56
N ILE D 546 36.68 51.61 24.27
CA ILE D 546 35.73 50.73 23.61
C ILE D 546 36.35 49.39 23.24
N SER D 547 37.54 49.09 23.76
CA SER D 547 38.16 47.81 23.49
C SER D 547 37.42 46.69 24.21
N ASN D 548 37.53 45.48 23.67
CA ASN D 548 36.90 44.28 24.22
C ASN D 548 35.38 44.43 24.29
N SER D 549 34.80 45.23 23.40
CA SER D 549 33.36 45.47 23.36
C SER D 549 32.85 45.05 21.98
N THR D 550 32.17 43.90 21.92
CA THR D 550 31.69 43.38 20.64
C THR D 550 30.45 44.10 20.16
N GLU D 551 29.55 44.48 21.08
CA GLU D 551 28.30 45.11 20.67
C GLU D 551 28.53 46.49 20.05
N ALA D 552 29.46 47.25 20.61
CA ALA D 552 29.81 48.54 20.03
C ALA D 552 30.40 48.37 18.64
N GLY D 553 31.27 47.36 18.46
CA GLY D 553 31.81 47.09 17.16
C GLY D 553 30.74 46.71 16.15
N GLN D 554 29.76 45.91 16.58
CA GLN D 554 28.66 45.55 15.69
C GLN D 554 27.83 46.76 15.31
N LYS D 555 27.53 47.63 16.29
CA LYS D 555 26.76 48.83 16.00
C LYS D 555 27.52 49.73 15.01
N LEU D 556 28.83 49.87 15.20
CA LEU D 556 29.63 50.66 14.27
C LEU D 556 29.63 50.03 12.88
N PHE D 557 29.83 48.72 12.80
CA PHE D 557 29.89 48.03 11.51
C PHE D 557 28.56 48.08 10.79
N ASN D 558 27.45 48.21 11.53
CA ASN D 558 26.15 48.36 10.88
C ASN D 558 26.10 49.63 10.03
N MET D 559 26.66 50.72 10.56
CA MET D 559 26.74 51.97 9.80
C MET D 559 27.84 51.94 8.75
N LEU D 560 28.97 51.30 9.07
CA LEU D 560 30.12 51.30 8.16
C LEU D 560 29.79 50.61 6.84
N ARG D 561 29.05 49.50 6.91
CA ARG D 561 28.78 48.71 5.71
C ARG D 561 27.81 49.39 4.75
N LEU D 562 27.17 50.48 5.17
CA LEU D 562 26.17 51.13 4.30
C LEU D 562 26.84 51.85 3.13
N GLY D 563 27.95 52.54 3.38
CA GLY D 563 28.54 53.34 2.32
C GLY D 563 27.70 54.58 2.05
N LYS D 564 27.59 54.93 0.77
CA LYS D 564 26.79 56.07 0.35
C LYS D 564 25.41 55.66 -0.17
N SER D 565 25.02 54.40 0.03
CA SER D 565 23.74 53.92 -0.50
C SER D 565 22.56 54.63 0.16
N GLU D 566 22.65 54.88 1.47
CA GLU D 566 21.56 55.45 2.23
C GLU D 566 21.87 56.89 2.64
N PRO D 567 20.85 57.71 2.88
CA PRO D 567 21.10 59.10 3.31
C PRO D 567 21.88 59.15 4.61
N TRP D 568 22.73 60.18 4.72
CA TRP D 568 23.59 60.31 5.90
C TRP D 568 22.80 60.51 7.19
N THR D 569 21.57 61.00 7.10
CA THR D 569 20.74 61.11 8.31
C THR D 569 20.45 59.74 8.90
N LEU D 570 20.09 58.77 8.07
CA LEU D 570 19.83 57.42 8.57
C LEU D 570 21.09 56.77 9.09
N ALA D 571 22.24 57.04 8.44
CA ALA D 571 23.50 56.51 8.93
C ALA D 571 23.85 57.09 10.30
N LEU D 572 23.58 58.39 10.50
CA LEU D 572 23.81 59.01 11.80
C LEU D 572 22.87 58.43 12.84
N GLU D 573 21.62 58.18 12.47
CA GLU D 573 20.65 57.59 13.38
C GLU D 573 21.03 56.16 13.77
N ASN D 574 21.64 55.42 12.85
CA ASN D 574 21.97 54.02 13.11
C ASN D 574 22.99 53.85 14.23
N VAL D 575 23.73 54.91 14.59
CA VAL D 575 24.70 54.86 15.68
C VAL D 575 24.28 55.75 16.84
N VAL D 576 24.17 57.06 16.59
CA VAL D 576 23.83 58.00 17.66
C VAL D 576 22.37 57.84 18.06
N GLY D 577 21.48 57.71 17.07
CA GLY D 577 20.05 57.68 17.33
C GLY D 577 19.33 58.98 17.03
N ALA D 578 20.06 60.02 16.63
CA ALA D 578 19.47 61.30 16.28
C ALA D 578 19.73 61.59 14.81
N LYS D 579 18.71 62.14 14.14
CA LYS D 579 18.82 62.39 12.70
C LYS D 579 19.86 63.47 12.40
N ASN D 580 19.81 64.57 13.13
CA ASN D 580 20.70 65.70 12.90
C ASN D 580 21.84 65.70 13.91
N MET D 581 22.91 66.42 13.56
CA MET D 581 24.07 66.50 14.43
C MET D 581 23.76 67.32 15.68
N ASN D 582 24.34 66.90 16.81
CA ASN D 582 24.17 67.55 18.09
C ASN D 582 25.53 67.77 18.72
N VAL D 583 25.67 68.90 19.43
CA VAL D 583 26.95 69.28 20.02
C VAL D 583 26.98 69.07 21.53
N ARG D 584 25.86 68.65 22.14
CA ARG D 584 25.86 68.35 23.56
C ARG D 584 26.95 67.36 23.99
N PRO D 585 27.24 66.28 23.25
CA PRO D 585 28.37 65.43 23.65
C PRO D 585 29.70 66.16 23.70
N LEU D 586 29.91 67.14 22.82
CA LEU D 586 31.15 67.91 22.85
C LEU D 586 31.31 68.66 24.17
N LEU D 587 30.22 69.28 24.65
CA LEU D 587 30.27 69.97 25.93
C LEU D 587 30.38 69.00 27.09
N ASN D 588 29.74 67.83 26.97
CA ASN D 588 29.88 66.81 28.01
C ASN D 588 31.31 66.31 28.13
N TYR D 589 32.03 66.22 27.00
CA TYR D 589 33.43 65.82 27.03
C TYR D 589 34.28 66.82 27.82
N PHE D 590 34.02 68.11 27.63
CA PHE D 590 34.83 69.17 28.21
C PHE D 590 34.18 69.81 29.43
N GLU D 591 33.44 69.03 30.22
CA GLU D 591 32.70 69.56 31.35
C GLU D 591 33.59 69.85 32.57
N PRO D 592 34.44 68.91 33.01
CA PRO D 592 35.34 69.25 34.12
C PRO D 592 36.27 70.41 33.78
N LEU D 593 36.74 70.47 32.53
CA LEU D 593 37.57 71.59 32.11
C LEU D 593 36.79 72.89 32.15
N PHE D 594 35.51 72.86 31.74
CA PHE D 594 34.68 74.05 31.82
C PHE D 594 34.50 74.51 33.26
N THR D 595 34.26 73.56 34.17
CA THR D 595 34.13 73.91 35.59
C THR D 595 35.41 74.52 36.13
N TRP D 596 36.56 73.93 35.78
CA TRP D 596 37.83 74.46 36.26
C TRP D 596 38.08 75.86 35.70
N LEU D 597 37.74 76.09 34.43
CA LEU D 597 37.91 77.41 33.85
C LEU D 597 36.99 78.44 34.52
N LYS D 598 35.75 78.04 34.80
CA LYS D 598 34.83 78.93 35.52
C LYS D 598 35.37 79.28 36.90
N ASP D 599 35.93 78.28 37.60
CA ASP D 599 36.57 78.55 38.89
C ASP D 599 37.75 79.51 38.73
N GLN D 600 38.57 79.29 37.70
CA GLN D 600 39.77 80.11 37.50
C GLN D 600 39.41 81.52 37.06
N ASN D 601 38.39 81.66 36.20
CA ASN D 601 38.04 82.93 35.60
C ASN D 601 36.95 83.67 36.39
N LYS D 602 36.67 83.25 37.61
CA LYS D 602 35.68 83.95 38.44
C LYS D 602 36.09 85.39 38.73
N ASN D 603 37.38 85.70 38.71
CA ASN D 603 37.89 87.03 38.99
C ASN D 603 38.21 87.84 37.73
N SER D 604 38.76 87.19 36.70
CA SER D 604 39.16 87.91 35.51
C SER D 604 37.94 88.26 34.65
N PHE D 605 38.15 89.23 33.75
CA PHE D 605 37.08 89.63 32.84
C PHE D 605 36.81 88.53 31.82
N VAL D 606 35.54 88.39 31.45
CA VAL D 606 35.11 87.44 30.43
C VAL D 606 34.46 88.23 29.30
N GLY D 607 34.92 88.01 28.08
CA GLY D 607 34.46 88.75 26.92
C GLY D 607 35.52 89.71 26.41
N TRP D 608 35.24 90.28 25.24
CA TRP D 608 36.17 91.17 24.57
C TRP D 608 35.42 92.40 24.06
N SER D 609 36.17 93.49 23.89
CA SER D 609 35.65 94.75 23.37
C SER D 609 36.19 94.97 21.96
N THR D 610 35.29 95.22 21.01
CA THR D 610 35.69 95.37 19.62
C THR D 610 36.43 96.68 19.38
N ASP D 611 36.14 97.71 20.17
CA ASP D 611 36.68 99.05 19.90
C ASP D 611 38.20 99.07 20.00
N TRP D 612 38.77 98.38 20.98
CA TRP D 612 40.21 98.46 21.21
C TRP D 612 40.98 97.88 20.04
N SER D 613 42.04 98.58 19.65
CA SER D 613 42.91 98.18 18.56
C SER D 613 44.35 98.39 18.99
N PRO D 614 45.29 97.57 18.48
CA PRO D 614 46.70 97.76 18.84
C PRO D 614 47.26 99.13 18.47
N TYR D 615 46.79 99.71 17.37
CA TYR D 615 47.29 101.01 16.94
C TYR D 615 46.44 102.15 17.52
N ALA E 58 -54.61 -30.45 7.93
CA ALA E 58 -54.14 -31.73 8.46
C ALA E 58 -52.65 -31.92 8.23
N TYR E 59 -51.95 -32.44 9.24
CA TYR E 59 -50.51 -32.64 9.14
C TYR E 59 -50.21 -34.01 8.52
N THR E 60 -50.51 -34.09 7.22
CA THR E 60 -50.18 -35.30 6.48
C THR E 60 -48.67 -35.41 6.29
N ASN E 61 -48.23 -36.62 5.99
CA ASN E 61 -46.81 -36.94 5.94
C ASN E 61 -46.35 -37.06 4.49
N SER E 62 -45.26 -36.37 4.16
CA SER E 62 -44.70 -36.44 2.83
C SER E 62 -44.23 -37.86 2.52
N PHE E 63 -44.52 -38.32 1.30
CA PHE E 63 -44.23 -39.70 0.90
C PHE E 63 -43.43 -39.69 -0.39
N THR E 64 -42.11 -39.58 -0.27
CA THR E 64 -41.18 -39.73 -1.38
C THR E 64 -41.56 -38.85 -2.57
N ARG E 65 -41.64 -37.55 -2.31
CA ARG E 65 -41.89 -36.58 -3.37
C ARG E 65 -41.04 -35.34 -3.12
N GLY E 66 -40.86 -34.55 -4.17
CA GLY E 66 -40.09 -33.34 -4.08
C GLY E 66 -38.65 -33.54 -4.51
N VAL E 67 -38.45 -34.15 -5.68
CA VAL E 67 -37.13 -34.34 -6.26
C VAL E 67 -37.15 -33.79 -7.67
N TYR E 68 -36.16 -32.98 -8.01
CA TYR E 68 -36.13 -32.30 -9.29
C TYR E 68 -34.71 -32.32 -9.85
N TYR E 69 -34.62 -32.41 -11.17
CA TYR E 69 -33.32 -32.34 -11.86
C TYR E 69 -32.65 -31.02 -11.52
N PRO E 70 -31.58 -31.03 -10.72
CA PRO E 70 -31.00 -29.75 -10.29
C PRO E 70 -30.06 -29.13 -11.29
N ASP E 71 -29.59 -29.88 -12.29
CA ASP E 71 -28.57 -29.39 -13.21
C ASP E 71 -28.87 -29.87 -14.62
N LYS E 72 -28.33 -29.14 -15.59
CA LYS E 72 -28.48 -29.48 -17.00
C LYS E 72 -27.34 -30.42 -17.38
N VAL E 73 -27.50 -31.69 -17.04
CA VAL E 73 -26.52 -32.72 -17.34
C VAL E 73 -27.24 -33.91 -17.95
N PHE E 74 -26.46 -34.89 -18.40
CA PHE E 74 -26.98 -36.17 -18.87
C PHE E 74 -26.22 -37.32 -18.23
N ARG E 75 -26.06 -37.27 -16.92
CA ARG E 75 -25.45 -38.38 -16.21
C ARG E 75 -26.25 -39.65 -16.49
N SER E 76 -25.58 -40.70 -16.95
CA SER E 76 -26.25 -41.88 -17.48
C SER E 76 -25.82 -43.12 -16.71
N SER E 77 -26.80 -43.86 -16.19
CA SER E 77 -26.61 -45.18 -15.59
C SER E 77 -25.70 -45.15 -14.36
N VAL E 78 -25.46 -43.97 -13.78
CA VAL E 78 -24.59 -43.84 -12.63
C VAL E 78 -25.36 -43.19 -11.49
N LEU E 79 -24.85 -43.38 -10.29
CA LEU E 79 -25.37 -42.70 -9.11
C LEU E 79 -24.59 -41.41 -8.88
N HIS E 80 -25.19 -40.52 -8.09
CA HIS E 80 -24.63 -39.19 -7.94
C HIS E 80 -25.22 -38.53 -6.72
N SER E 81 -24.39 -37.79 -5.99
CA SER E 81 -24.81 -37.10 -4.78
C SER E 81 -24.67 -35.60 -4.97
N THR E 82 -25.57 -34.84 -4.36
CA THR E 82 -25.64 -33.40 -4.56
C THR E 82 -25.91 -32.68 -3.25
N GLN E 83 -25.61 -31.40 -3.24
CA GLN E 83 -25.90 -30.50 -2.11
C GLN E 83 -26.84 -29.41 -2.63
N ASP E 84 -28.13 -29.55 -2.35
CA ASP E 84 -29.10 -28.59 -2.82
C ASP E 84 -30.34 -28.65 -1.94
N LEU E 85 -31.23 -27.69 -2.16
CA LEU E 85 -32.49 -27.64 -1.43
C LEU E 85 -33.37 -28.80 -1.89
N PHE E 86 -33.95 -29.52 -0.94
CA PHE E 86 -34.83 -30.63 -1.27
C PHE E 86 -35.96 -30.69 -0.25
N LEU E 87 -36.95 -31.53 -0.54
CA LEU E 87 -38.03 -31.77 0.40
C LEU E 87 -37.65 -32.97 1.25
N PRO E 88 -37.41 -32.80 2.55
CA PRO E 88 -37.03 -33.95 3.38
C PRO E 88 -38.11 -35.02 3.36
N PHE E 89 -37.67 -36.27 3.26
CA PHE E 89 -38.59 -37.39 3.25
C PHE E 89 -39.32 -37.47 4.58
N PHE E 90 -40.59 -37.86 4.51
CA PHE E 90 -41.42 -38.08 5.70
C PHE E 90 -41.45 -36.84 6.59
N SER E 91 -42.00 -35.77 6.04
CA SER E 91 -42.19 -34.51 6.76
C SER E 91 -43.67 -34.21 6.90
N ASN E 92 -44.01 -33.57 8.03
CA ASN E 92 -45.39 -33.20 8.30
C ASN E 92 -45.73 -31.96 7.48
N VAL E 93 -46.53 -32.13 6.43
CA VAL E 93 -46.99 -31.02 5.61
C VAL E 93 -48.46 -30.78 5.92
N THR E 94 -48.89 -29.52 5.80
CA THR E 94 -50.21 -29.11 6.22
C THR E 94 -51.20 -29.23 5.07
N TRP E 95 -52.37 -29.80 5.38
CA TRP E 95 -53.46 -29.90 4.43
C TRP E 95 -54.33 -28.66 4.52
N PHE E 96 -54.65 -28.07 3.38
CA PHE E 96 -55.58 -26.95 3.29
C PHE E 96 -56.64 -27.27 2.26
N HIS E 97 -57.90 -26.98 2.60
CA HIS E 97 -59.02 -27.28 1.73
C HIS E 97 -59.66 -26.01 1.21
N PHE E 108 -62.00 -23.33 2.74
CA PHE E 108 -62.09 -22.64 1.46
C PHE E 108 -61.30 -21.33 1.46
N ASP E 109 -61.29 -20.66 2.61
CA ASP E 109 -60.50 -19.44 2.74
C ASP E 109 -59.02 -19.78 2.83
N ASN E 110 -58.19 -18.91 2.25
CA ASN E 110 -56.74 -19.08 2.29
C ASN E 110 -56.11 -17.82 2.87
N PRO E 111 -55.45 -17.90 4.01
CA PRO E 111 -54.71 -16.74 4.53
C PRO E 111 -53.35 -16.60 3.90
N VAL E 112 -52.56 -15.64 4.38
CA VAL E 112 -51.20 -15.45 3.89
C VAL E 112 -50.30 -16.52 4.50
N LEU E 113 -49.54 -17.21 3.66
CA LEU E 113 -48.61 -18.21 4.15
C LEU E 113 -47.17 -17.72 4.00
N PRO E 114 -46.33 -17.93 5.01
CA PRO E 114 -44.98 -17.38 4.97
C PRO E 114 -44.08 -18.10 3.97
N PHE E 115 -43.78 -17.45 2.86
CA PHE E 115 -42.88 -18.02 1.87
C PHE E 115 -41.47 -18.11 2.43
N ASN E 116 -40.77 -19.19 2.07
CA ASN E 116 -39.37 -19.37 2.44
C ASN E 116 -38.60 -19.88 1.23
N ASP E 117 -37.30 -19.98 1.40
CA ASP E 117 -36.44 -20.52 0.35
C ASP E 117 -36.88 -21.93 -0.01
N GLY E 118 -37.43 -22.09 -1.21
CA GLY E 118 -37.97 -23.38 -1.62
C GLY E 118 -39.36 -23.64 -1.06
N VAL E 119 -40.22 -24.22 -1.88
CA VAL E 119 -41.59 -24.50 -1.47
C VAL E 119 -42.17 -25.56 -2.40
N TYR E 120 -42.94 -26.48 -1.83
CA TYR E 120 -43.64 -27.50 -2.58
C TYR E 120 -45.10 -27.11 -2.76
N PHE E 121 -45.73 -27.68 -3.78
CA PHE E 121 -47.14 -27.41 -4.03
C PHE E 121 -47.71 -28.50 -4.94
N ALA E 122 -48.85 -29.04 -4.55
CA ALA E 122 -49.56 -30.03 -5.35
C ALA E 122 -51.05 -29.93 -5.05
N SER E 123 -51.87 -30.21 -6.07
CA SER E 123 -53.31 -30.08 -5.92
C SER E 123 -54.00 -30.95 -6.97
N THR E 124 -55.28 -31.19 -6.75
CA THR E 124 -56.10 -31.97 -7.68
C THR E 124 -57.58 -31.66 -7.49
N SER E 127 -61.52 -29.88 -12.07
CA SER E 127 -61.50 -28.80 -11.09
C SER E 127 -61.10 -27.48 -11.73
N ASN E 128 -59.80 -27.33 -11.98
CA ASN E 128 -59.24 -26.14 -12.61
C ASN E 128 -59.53 -24.87 -11.81
N ILE E 129 -59.73 -25.02 -10.49
CA ILE E 129 -60.01 -23.88 -9.64
C ILE E 129 -58.76 -23.01 -9.52
N ILE E 130 -57.59 -23.62 -9.45
CA ILE E 130 -56.35 -22.87 -9.32
C ILE E 130 -56.16 -21.97 -10.54
N ARG E 131 -55.78 -20.72 -10.27
CA ARG E 131 -55.58 -19.75 -11.33
C ARG E 131 -54.18 -19.15 -11.35
N GLY E 132 -53.54 -18.98 -10.20
CA GLY E 132 -52.21 -18.41 -10.19
C GLY E 132 -51.69 -18.28 -8.77
N TRP E 133 -50.62 -17.49 -8.65
CA TRP E 133 -49.97 -17.27 -7.36
C TRP E 133 -49.57 -15.80 -7.27
N ILE E 134 -49.35 -15.35 -6.04
CA ILE E 134 -48.87 -14.00 -5.79
C ILE E 134 -47.65 -14.09 -4.88
N PHE E 135 -46.77 -13.10 -4.98
CA PHE E 135 -45.55 -13.09 -4.19
C PHE E 135 -45.19 -11.65 -3.84
N GLY E 136 -44.67 -11.46 -2.63
CA GLY E 136 -44.26 -10.15 -2.21
C GLY E 136 -44.11 -10.08 -0.71
N THR E 137 -43.78 -8.89 -0.24
CA THR E 137 -43.61 -8.61 1.18
C THR E 137 -44.65 -7.64 1.72
N THR E 138 -44.77 -6.47 1.11
CA THR E 138 -45.75 -5.48 1.55
C THR E 138 -47.08 -5.61 0.82
N LEU E 139 -47.05 -5.99 -0.47
CA LEU E 139 -48.26 -6.23 -1.26
C LEU E 139 -49.16 -5.00 -1.34
N ASP E 140 -48.55 -3.81 -1.28
CA ASP E 140 -49.31 -2.56 -1.30
C ASP E 140 -48.71 -1.56 -2.27
N SER E 141 -48.18 -2.05 -3.39
CA SER E 141 -47.62 -1.20 -4.44
C SER E 141 -46.53 -0.27 -3.91
N LYS E 142 -45.69 -0.80 -3.00
CA LYS E 142 -44.55 -0.07 -2.48
C LYS E 142 -43.23 -0.70 -2.89
N THR E 143 -43.06 -1.99 -2.63
CA THR E 143 -41.92 -2.75 -3.13
C THR E 143 -42.38 -3.67 -4.25
N GLN E 144 -41.54 -3.83 -5.27
CA GLN E 144 -41.93 -4.57 -6.46
C GLN E 144 -42.34 -5.99 -6.10
N SER E 145 -43.47 -6.44 -6.66
CA SER E 145 -44.00 -7.76 -6.38
C SER E 145 -44.42 -8.42 -7.69
N LEU E 146 -44.24 -9.73 -7.77
CA LEU E 146 -44.54 -10.46 -8.99
C LEU E 146 -45.94 -11.06 -8.93
N LEU E 147 -46.61 -11.07 -10.08
CA LEU E 147 -47.92 -11.69 -10.22
C LEU E 147 -47.87 -12.77 -11.29
N ILE E 148 -48.36 -13.96 -10.94
CA ILE E 148 -48.54 -15.04 -11.89
C ILE E 148 -49.97 -15.53 -11.78
N VAL E 149 -50.64 -15.70 -12.92
CA VAL E 149 -52.04 -16.10 -12.93
C VAL E 149 -52.38 -16.59 -14.33
N ASN E 150 -53.27 -17.57 -14.39
CA ASN E 150 -53.75 -18.10 -15.66
C ASN E 150 -54.91 -17.24 -16.13
N ASN E 151 -54.68 -16.46 -17.18
CA ASN E 151 -55.74 -15.73 -17.85
C ASN E 151 -56.83 -16.68 -18.29
N ALA E 152 -58.05 -16.16 -18.43
CA ALA E 152 -59.15 -16.97 -18.93
C ALA E 152 -58.87 -17.52 -20.32
N THR E 153 -57.99 -16.86 -21.08
CA THR E 153 -57.61 -17.30 -22.42
C THR E 153 -56.11 -17.49 -22.58
N ASN E 154 -55.31 -17.22 -21.54
CA ASN E 154 -53.86 -17.21 -21.66
C ASN E 154 -53.27 -17.43 -20.27
N VAL E 155 -51.98 -17.12 -20.11
CA VAL E 155 -51.32 -17.09 -18.82
C VAL E 155 -50.62 -15.75 -18.67
N VAL E 156 -50.84 -15.08 -17.56
CA VAL E 156 -50.34 -13.72 -17.33
C VAL E 156 -49.08 -13.79 -16.48
N ILE E 157 -48.01 -13.17 -16.97
CA ILE E 157 -46.73 -13.11 -16.27
C ILE E 157 -46.33 -11.65 -16.21
N LYS E 158 -46.70 -10.97 -15.13
CA LYS E 158 -46.46 -9.54 -14.99
C LYS E 158 -45.71 -9.27 -13.70
N VAL E 159 -44.86 -8.25 -13.73
CA VAL E 159 -44.15 -7.75 -12.56
C VAL E 159 -44.58 -6.30 -12.39
N CYS E 160 -45.64 -6.09 -11.61
CA CYS E 160 -46.14 -4.75 -11.34
C CYS E 160 -46.69 -4.74 -9.93
N GLU E 161 -46.06 -3.98 -9.04
CA GLU E 161 -46.55 -3.84 -7.67
C GLU E 161 -47.96 -3.26 -7.69
N PHE E 162 -48.85 -3.84 -6.88
CA PHE E 162 -50.24 -3.45 -6.86
C PHE E 162 -50.70 -3.19 -5.43
N GLN E 163 -51.87 -2.58 -5.32
CA GLN E 163 -52.60 -2.46 -4.06
C GLN E 163 -53.59 -3.63 -4.02
N PHE E 164 -53.19 -4.71 -3.35
CA PHE E 164 -53.96 -5.95 -3.40
C PHE E 164 -55.16 -5.89 -2.47
N CYS E 165 -56.16 -6.71 -2.79
CA CYS E 165 -57.35 -6.84 -1.96
C CYS E 165 -57.12 -7.91 -0.89
N ASN E 166 -58.03 -7.94 0.08
CA ASN E 166 -57.94 -8.95 1.14
C ASN E 166 -58.15 -10.35 0.58
N ASP E 167 -59.14 -10.52 -0.30
CA ASP E 167 -59.45 -11.82 -0.90
C ASP E 167 -59.65 -11.63 -2.41
N PRO E 168 -58.56 -11.40 -3.14
CA PRO E 168 -58.69 -11.29 -4.60
C PRO E 168 -59.17 -12.58 -5.22
N PHE E 169 -59.98 -12.46 -6.27
CA PHE E 169 -60.51 -13.60 -7.01
C PHE E 169 -61.22 -13.06 -8.25
N LEU E 170 -61.75 -13.97 -9.05
CA LEU E 170 -62.53 -13.60 -10.22
C LEU E 170 -63.91 -14.24 -10.17
N PHE E 185 -63.07 -7.91 -12.19
CA PHE E 185 -61.64 -7.93 -11.90
C PHE E 185 -61.38 -7.56 -10.43
N ARG E 186 -61.77 -8.45 -9.53
CA ARG E 186 -61.53 -8.24 -8.10
C ARG E 186 -60.17 -8.83 -7.72
N VAL E 187 -59.11 -8.15 -8.18
CA VAL E 187 -57.76 -8.63 -7.98
C VAL E 187 -56.97 -7.64 -7.12
N TYR E 188 -56.81 -6.41 -7.62
CA TYR E 188 -56.05 -5.41 -6.90
C TYR E 188 -56.68 -4.04 -7.12
N SER E 189 -56.40 -3.13 -6.19
CA SER E 189 -57.02 -1.81 -6.23
C SER E 189 -56.47 -0.97 -7.38
N SER E 190 -55.15 -0.94 -7.53
CA SER E 190 -54.53 -0.03 -8.48
C SER E 190 -53.22 -0.61 -9.00
N ALA E 191 -52.78 -0.09 -10.14
CA ALA E 191 -51.54 -0.51 -10.78
C ALA E 191 -50.49 0.58 -10.60
N ASN E 192 -49.38 0.23 -9.95
CA ASN E 192 -48.29 1.16 -9.72
C ASN E 192 -47.30 1.06 -10.89
N ASN E 193 -46.10 1.62 -10.71
CA ASN E 193 -45.05 1.53 -11.71
C ASN E 193 -44.76 0.07 -12.07
N CYS E 194 -44.18 -0.16 -13.24
CA CYS E 194 -43.96 -1.51 -13.75
C CYS E 194 -42.52 -1.68 -14.21
N THR E 195 -42.04 -2.92 -14.11
CA THR E 195 -40.68 -3.27 -14.49
C THR E 195 -40.63 -4.28 -15.64
N PHE E 196 -41.35 -5.39 -15.53
CA PHE E 196 -41.30 -6.43 -16.55
C PHE E 196 -42.66 -7.06 -16.73
N GLU E 197 -42.98 -7.44 -17.96
CA GLU E 197 -44.21 -8.14 -18.29
C GLU E 197 -43.90 -9.24 -19.28
N TYR E 198 -44.74 -10.28 -19.27
CA TYR E 198 -44.63 -11.36 -20.24
C TYR E 198 -46.01 -11.98 -20.43
N VAL E 199 -46.41 -12.13 -21.69
CA VAL E 199 -47.69 -12.75 -22.03
C VAL E 199 -47.39 -14.09 -22.68
N SER E 200 -47.92 -15.16 -22.09
CA SER E 200 -47.71 -16.49 -22.62
C SER E 200 -48.59 -16.71 -23.84
N GLN E 201 -48.53 -17.93 -24.39
CA GLN E 201 -49.39 -18.27 -25.51
C GLN E 201 -50.84 -18.40 -25.03
N PRO E 202 -51.81 -18.21 -25.93
CA PRO E 202 -53.22 -18.31 -25.52
C PRO E 202 -53.59 -19.69 -25.02
N PHE E 203 -53.91 -19.80 -23.73
CA PHE E 203 -54.28 -21.05 -23.09
C PHE E 203 -55.76 -21.01 -22.74
N LEU E 204 -56.56 -21.72 -23.53
CA LEU E 204 -58.01 -21.74 -23.31
C LEU E 204 -58.39 -22.84 -22.34
N ASN E 216 -56.29 -33.55 -12.48
CA ASN E 216 -55.54 -34.48 -11.64
C ASN E 216 -54.45 -33.75 -10.85
N LEU E 217 -53.32 -34.42 -10.64
CA LEU E 217 -52.25 -33.90 -9.79
C LEU E 217 -51.29 -33.07 -10.62
N ARG E 218 -51.25 -31.77 -10.34
CA ARG E 218 -50.24 -30.86 -10.89
C ARG E 218 -49.32 -30.44 -9.75
N GLU E 219 -48.02 -30.62 -9.94
CA GLU E 219 -47.03 -30.42 -8.89
C GLU E 219 -46.17 -29.21 -9.22
N PHE E 220 -45.91 -28.38 -8.21
CA PHE E 220 -45.14 -27.16 -8.43
C PHE E 220 -44.11 -27.01 -7.31
N VAL E 221 -42.88 -26.68 -7.69
CA VAL E 221 -41.81 -26.39 -6.76
C VAL E 221 -41.11 -25.13 -7.22
N PHE E 222 -40.94 -24.17 -6.31
CA PHE E 222 -40.39 -22.86 -6.63
C PHE E 222 -39.12 -22.61 -5.83
N LYS E 223 -38.05 -22.23 -6.53
CA LYS E 223 -36.83 -21.78 -5.89
C LYS E 223 -36.52 -20.37 -6.36
N ASN E 224 -36.02 -19.53 -5.44
CA ASN E 224 -35.65 -18.16 -5.74
C ASN E 224 -34.23 -17.95 -5.24
N ILE E 225 -33.30 -17.76 -6.17
CA ILE E 225 -31.88 -17.60 -5.83
C ILE E 225 -31.25 -16.61 -6.81
N ASP E 226 -30.54 -15.63 -6.26
CA ASP E 226 -29.77 -14.67 -7.04
C ASP E 226 -30.61 -14.01 -8.12
N GLY E 227 -31.81 -13.56 -7.72
CA GLY E 227 -32.68 -12.89 -8.65
C GLY E 227 -33.23 -13.77 -9.75
N TYR E 228 -33.18 -15.08 -9.57
CA TYR E 228 -33.71 -16.03 -10.54
C TYR E 228 -34.82 -16.83 -9.89
N PHE E 229 -35.99 -16.85 -10.54
CA PHE E 229 -37.13 -17.62 -10.08
C PHE E 229 -37.23 -18.88 -10.94
N LYS E 230 -37.19 -20.03 -10.30
CA LYS E 230 -37.21 -21.31 -11.00
C LYS E 230 -38.52 -22.03 -10.69
N ILE E 231 -39.15 -22.56 -11.73
CA ILE E 231 -40.48 -23.17 -11.63
C ILE E 231 -40.41 -24.58 -12.19
N TYR E 232 -40.89 -25.55 -11.42
CA TYR E 232 -40.87 -26.96 -11.82
C TYR E 232 -42.29 -27.51 -11.79
N SER E 233 -42.68 -28.20 -12.85
CA SER E 233 -44.00 -28.80 -12.94
C SER E 233 -43.89 -30.20 -13.52
N LYS E 234 -44.86 -31.04 -13.19
CA LYS E 234 -44.90 -32.41 -13.71
C LYS E 234 -46.36 -32.84 -13.77
N HIS E 235 -46.89 -32.94 -14.97
CA HIS E 235 -48.24 -33.43 -15.15
C HIS E 235 -48.32 -34.91 -14.81
N THR E 236 -49.41 -35.32 -14.17
CA THR E 236 -49.50 -36.71 -13.73
C THR E 236 -50.95 -37.18 -13.74
N PRO E 237 -51.27 -38.25 -14.49
CA PRO E 237 -52.60 -38.85 -14.39
C PRO E 237 -52.68 -39.70 -13.12
N ILE E 238 -53.76 -39.51 -12.36
CA ILE E 238 -53.91 -40.13 -11.05
C ILE E 238 -55.24 -40.85 -10.97
N ASN E 239 -55.33 -41.76 -10.00
CA ASN E 239 -56.55 -42.50 -9.71
C ASN E 239 -57.00 -42.38 -8.26
N LEU E 240 -56.09 -42.09 -7.33
CA LEU E 240 -56.45 -41.97 -5.93
C LEU E 240 -57.28 -40.72 -5.68
N VAL E 241 -58.11 -40.76 -4.64
CA VAL E 241 -58.94 -39.64 -4.24
C VAL E 241 -58.50 -39.16 -2.87
N ARG E 242 -57.21 -39.30 -2.59
CA ARG E 242 -56.64 -38.97 -1.28
C ARG E 242 -55.45 -38.03 -1.44
N ASP E 243 -54.67 -37.87 -0.38
CA ASP E 243 -53.49 -37.03 -0.41
C ASP E 243 -52.38 -37.74 -1.20
N LEU E 244 -51.17 -37.20 -1.13
CA LEU E 244 -50.01 -37.63 -1.91
C LEU E 244 -49.86 -39.15 -1.89
N PRO E 245 -50.05 -39.82 -3.03
CA PRO E 245 -49.89 -41.27 -3.08
C PRO E 245 -48.43 -41.69 -3.01
N GLN E 246 -48.20 -43.01 -2.95
CA GLN E 246 -46.85 -43.54 -2.80
C GLN E 246 -46.10 -43.65 -4.12
N GLY E 247 -46.72 -43.30 -5.24
CA GLY E 247 -46.01 -43.31 -6.51
C GLY E 247 -44.88 -42.30 -6.52
N PHE E 248 -43.83 -42.63 -7.27
CA PHE E 248 -42.63 -41.81 -7.34
C PHE E 248 -42.49 -41.23 -8.73
N SER E 249 -42.18 -39.93 -8.81
CA SER E 249 -42.08 -39.24 -10.08
C SER E 249 -41.04 -38.14 -9.99
N ALA E 250 -40.57 -37.70 -11.15
CA ALA E 250 -39.57 -36.66 -11.24
C ALA E 250 -40.22 -35.29 -11.47
N LEU E 251 -39.42 -34.25 -11.31
CA LEU E 251 -39.87 -32.88 -11.54
C LEU E 251 -38.95 -32.22 -12.56
N GLU E 252 -39.54 -31.60 -13.57
CA GLU E 252 -38.81 -30.99 -14.66
C GLU E 252 -38.85 -29.46 -14.57
N PRO E 253 -37.80 -28.78 -15.03
CA PRO E 253 -37.81 -27.32 -15.01
C PRO E 253 -38.58 -26.74 -16.18
N LEU E 254 -39.17 -25.56 -15.94
CA LEU E 254 -39.96 -24.89 -16.97
C LEU E 254 -39.35 -23.56 -17.40
N VAL E 255 -39.16 -22.61 -16.49
CA VAL E 255 -38.80 -21.24 -16.86
C VAL E 255 -37.92 -20.66 -15.76
N ASP E 256 -36.92 -19.88 -16.18
CA ASP E 256 -36.15 -19.04 -15.27
C ASP E 256 -36.63 -17.60 -15.41
N LEU E 257 -36.87 -16.94 -14.28
CA LEU E 257 -37.33 -15.56 -14.29
C LEU E 257 -36.23 -14.65 -13.77
N PRO E 258 -35.60 -13.84 -14.61
CA PRO E 258 -34.56 -12.90 -14.17
C PRO E 258 -35.11 -11.59 -13.62
N ILE E 259 -36.08 -11.71 -12.71
CA ILE E 259 -36.74 -10.52 -12.16
C ILE E 259 -35.79 -9.75 -11.25
N GLY E 260 -34.97 -10.45 -10.48
CA GLY E 260 -34.07 -9.79 -9.54
C GLY E 260 -34.78 -9.08 -8.41
N ILE E 261 -35.79 -9.72 -7.81
CA ILE E 261 -36.57 -9.10 -6.74
C ILE E 261 -36.44 -9.93 -5.46
N ASN E 262 -37.04 -9.43 -4.38
CA ASN E 262 -37.01 -10.11 -3.09
C ASN E 262 -38.44 -10.50 -2.71
N ILE E 263 -38.60 -11.74 -2.25
CA ILE E 263 -39.91 -12.29 -1.94
C ILE E 263 -39.86 -12.92 -0.56
N THR E 264 -40.90 -12.68 0.25
CA THR E 264 -40.95 -13.22 1.60
C THR E 264 -42.27 -13.91 1.89
N ARG E 265 -43.34 -13.49 1.20
CA ARG E 265 -44.66 -14.05 1.44
C ARG E 265 -45.34 -14.33 0.11
N PHE E 266 -46.39 -15.14 0.17
CA PHE E 266 -47.11 -15.55 -1.03
C PHE E 266 -48.53 -15.94 -0.66
N GLN E 267 -49.39 -16.02 -1.67
CA GLN E 267 -50.77 -16.44 -1.48
C GLN E 267 -51.31 -17.03 -2.77
N THR E 268 -52.18 -18.02 -2.63
CA THR E 268 -52.78 -18.71 -3.77
C THR E 268 -53.87 -17.86 -4.40
N LEU E 269 -54.00 -17.97 -5.72
CA LEU E 269 -54.99 -17.23 -6.50
C LEU E 269 -56.05 -18.19 -7.01
N LEU E 270 -57.32 -17.86 -6.75
CA LEU E 270 -58.44 -18.68 -7.19
C LEU E 270 -59.52 -17.76 -7.75
N ALA E 271 -60.67 -18.33 -8.05
CA ALA E 271 -61.80 -17.58 -8.59
C ALA E 271 -63.10 -18.27 -8.21
N LEU E 272 -64.18 -17.51 -8.24
CA LEU E 272 -65.50 -18.00 -7.88
C LEU E 272 -66.46 -17.87 -9.06
N HIS E 273 -67.23 -18.92 -9.29
CA HIS E 273 -68.24 -18.92 -10.34
C HIS E 273 -69.54 -18.33 -9.82
N ARG E 274 -70.16 -17.47 -10.63
CA ARG E 274 -71.43 -16.86 -10.27
C ARG E 274 -72.54 -17.27 -11.24
N ALA E 291 -62.25 -28.07 -2.63
CA ALA E 291 -60.91 -27.52 -2.70
C ALA E 291 -59.90 -28.45 -2.04
N ALA E 292 -58.77 -28.67 -2.70
CA ALA E 292 -57.74 -29.57 -2.19
C ALA E 292 -56.39 -29.16 -2.74
N TYR E 293 -55.45 -28.87 -1.85
CA TYR E 293 -54.08 -28.53 -2.24
C TYR E 293 -53.21 -28.66 -1.00
N TYR E 294 -51.90 -28.75 -1.24
CA TYR E 294 -50.95 -28.98 -0.16
C TYR E 294 -49.76 -28.06 -0.31
N VAL E 295 -49.05 -27.85 0.79
CA VAL E 295 -47.86 -27.01 0.82
C VAL E 295 -46.73 -27.76 1.54
N GLY E 296 -45.53 -27.67 0.98
CA GLY E 296 -44.38 -28.28 1.60
C GLY E 296 -43.20 -27.33 1.54
N TYR E 297 -42.35 -27.42 2.55
CA TYR E 297 -41.23 -26.50 2.72
C TYR E 297 -39.90 -27.23 2.58
N LEU E 298 -38.98 -26.63 1.85
CA LEU E 298 -37.70 -27.24 1.53
C LEU E 298 -36.65 -26.87 2.59
N GLN E 299 -35.50 -27.52 2.47
CA GLN E 299 -34.35 -27.25 3.33
C GLN E 299 -33.12 -27.91 2.70
N PRO E 300 -31.93 -27.43 3.03
CA PRO E 300 -30.72 -28.07 2.48
C PRO E 300 -30.52 -29.47 3.06
N ARG E 301 -30.15 -30.39 2.18
CA ARG E 301 -29.96 -31.78 2.56
C ARG E 301 -28.83 -32.37 1.72
N THR E 302 -28.66 -33.69 1.81
CA THR E 302 -27.68 -34.44 1.04
C THR E 302 -28.43 -35.58 0.38
N PHE E 303 -28.93 -35.33 -0.82
CA PHE E 303 -29.76 -36.30 -1.52
C PHE E 303 -28.92 -37.06 -2.54
N LEU E 304 -28.93 -38.38 -2.44
CA LEU E 304 -28.38 -39.22 -3.50
C LEU E 304 -29.39 -39.31 -4.63
N LEU E 305 -28.89 -39.42 -5.85
CA LEU E 305 -29.74 -39.52 -7.03
C LEU E 305 -29.28 -40.65 -7.92
N LYS E 306 -30.23 -41.38 -8.48
CA LYS E 306 -29.95 -42.46 -9.42
C LYS E 306 -30.51 -42.10 -10.78
N TYR E 307 -29.65 -42.08 -11.79
CA TYR E 307 -30.05 -41.82 -13.16
C TYR E 307 -29.93 -43.10 -13.97
N ASN E 308 -30.98 -43.44 -14.72
CA ASN E 308 -30.96 -44.62 -15.56
C ASN E 308 -30.23 -44.30 -16.86
N GLU E 309 -30.25 -45.24 -17.81
CA GLU E 309 -29.62 -45.00 -19.10
C GLU E 309 -30.35 -43.93 -19.89
N ASN E 310 -31.68 -43.96 -19.85
CA ASN E 310 -32.47 -42.96 -20.57
C ASN E 310 -32.17 -41.55 -20.07
N GLY E 311 -31.97 -41.41 -18.76
CA GLY E 311 -31.74 -40.12 -18.14
C GLY E 311 -32.79 -39.72 -17.12
N THR E 312 -33.76 -40.57 -16.83
CA THR E 312 -34.80 -40.27 -15.87
C THR E 312 -34.39 -40.73 -14.48
N ILE E 313 -34.83 -39.98 -13.47
CA ILE E 313 -34.53 -40.28 -12.08
C ILE E 313 -35.48 -41.36 -11.59
N THR E 314 -35.10 -42.62 -11.75
CA THR E 314 -36.01 -43.71 -11.40
C THR E 314 -36.16 -43.86 -9.89
N ASP E 315 -35.13 -43.51 -9.12
CA ASP E 315 -35.22 -43.62 -7.68
C ASP E 315 -34.13 -42.75 -7.04
N ALA E 316 -34.34 -42.42 -5.77
CA ALA E 316 -33.40 -41.60 -5.03
C ALA E 316 -33.44 -42.02 -3.56
N VAL E 317 -32.37 -41.67 -2.84
CA VAL E 317 -32.22 -42.04 -1.45
C VAL E 317 -31.80 -40.80 -0.65
N ASP E 318 -32.50 -40.53 0.43
CA ASP E 318 -32.14 -39.46 1.34
C ASP E 318 -31.11 -39.94 2.36
N CYS E 319 -30.22 -39.05 2.74
CA CYS E 319 -29.25 -39.32 3.80
C CYS E 319 -29.70 -38.62 5.08
N ALA E 320 -29.06 -39.00 6.18
CA ALA E 320 -29.33 -38.46 7.51
C ALA E 320 -30.76 -38.76 7.98
N LEU E 321 -31.43 -39.71 7.34
CA LEU E 321 -32.77 -40.10 7.75
C LEU E 321 -32.74 -41.26 8.74
N ASP E 322 -31.98 -42.30 8.42
CA ASP E 322 -31.88 -43.50 9.24
C ASP E 322 -30.49 -44.08 9.03
N PRO E 323 -29.93 -44.77 10.03
CA PRO E 323 -28.59 -45.34 9.88
C PRO E 323 -28.37 -46.07 8.56
N LEU E 324 -29.32 -46.91 8.17
CA LEU E 324 -29.20 -47.62 6.90
C LEU E 324 -29.11 -46.63 5.74
N SER E 325 -29.85 -45.52 5.83
CA SER E 325 -29.79 -44.52 4.77
C SER E 325 -28.39 -43.91 4.68
N GLU E 326 -27.78 -43.61 5.82
CA GLU E 326 -26.41 -43.08 5.79
C GLU E 326 -25.44 -44.12 5.25
N THR E 327 -25.64 -45.39 5.59
CA THR E 327 -24.79 -46.45 5.06
C THR E 327 -24.85 -46.47 3.54
N LYS E 328 -26.05 -46.40 2.98
CA LYS E 328 -26.19 -46.27 1.54
C LYS E 328 -25.53 -45.00 1.03
N CYS E 329 -25.56 -43.94 1.85
CA CYS E 329 -25.03 -42.65 1.43
C CYS E 329 -23.51 -42.70 1.25
N THR E 330 -22.80 -43.36 2.15
CA THR E 330 -21.34 -43.34 2.11
C THR E 330 -20.81 -44.18 0.94
N LEU E 331 -21.34 -45.38 0.75
CA LEU E 331 -20.78 -46.32 -0.20
C LEU E 331 -21.17 -46.02 -1.65
N LYS E 332 -22.04 -45.05 -1.88
CA LYS E 332 -22.53 -44.73 -3.22
C LYS E 332 -23.13 -45.97 -3.88
N SER E 333 -24.09 -46.58 -3.18
CA SER E 333 -24.75 -47.77 -3.69
C SER E 333 -26.15 -47.86 -3.10
N PHE E 334 -27.03 -48.53 -3.83
CA PHE E 334 -28.40 -48.78 -3.39
C PHE E 334 -28.54 -50.14 -2.72
N THR E 335 -27.44 -50.87 -2.57
CA THR E 335 -27.45 -52.18 -1.95
C THR E 335 -26.17 -52.33 -1.15
N VAL E 336 -26.27 -52.95 0.02
CA VAL E 336 -25.14 -53.10 0.92
C VAL E 336 -25.00 -54.57 1.31
N GLU E 337 -23.78 -55.08 1.26
CA GLU E 337 -23.52 -56.46 1.62
C GLU E 337 -23.46 -56.60 3.14
N LYS E 338 -23.52 -57.85 3.60
CA LYS E 338 -23.43 -58.12 5.03
C LYS E 338 -22.09 -57.64 5.57
N GLY E 339 -22.11 -57.15 6.81
CA GLY E 339 -20.89 -56.73 7.46
C GLY E 339 -20.96 -55.37 8.10
N ILE E 340 -20.02 -55.09 9.00
CA ILE E 340 -19.98 -53.79 9.67
C ILE E 340 -19.51 -52.71 8.69
N TYR E 341 -19.86 -51.47 9.01
CA TYR E 341 -19.37 -50.32 8.26
C TYR E 341 -19.10 -49.18 9.23
N GLN E 342 -18.65 -48.06 8.70
CA GLN E 342 -18.28 -46.90 9.52
C GLN E 342 -18.75 -45.65 8.80
N THR E 343 -19.78 -45.01 9.33
CA THR E 343 -20.41 -43.88 8.66
C THR E 343 -19.82 -42.53 9.09
N SER E 344 -19.95 -42.20 10.37
CA SER E 344 -19.58 -40.88 10.85
C SER E 344 -18.94 -41.02 12.23
N ASN E 345 -18.71 -39.89 12.89
CA ASN E 345 -18.13 -39.85 14.21
C ASN E 345 -19.03 -39.08 15.15
N PHE E 346 -19.03 -39.51 16.42
CA PHE E 346 -19.87 -38.92 17.44
C PHE E 346 -19.07 -37.93 18.29
N ARG E 347 -19.67 -36.79 18.58
CA ARG E 347 -19.03 -35.76 19.39
C ARG E 347 -20.07 -35.16 20.32
N VAL E 348 -19.60 -34.68 21.48
CA VAL E 348 -20.46 -34.06 22.48
C VAL E 348 -20.15 -32.57 22.52
N GLN E 349 -21.19 -31.75 22.43
CA GLN E 349 -20.85 -30.34 22.48
C GLN E 349 -21.08 -29.79 23.89
N PRO E 350 -20.20 -28.91 24.36
CA PRO E 350 -20.42 -28.28 25.66
C PRO E 350 -21.60 -27.31 25.60
N THR E 351 -22.25 -27.12 26.75
CA THR E 351 -23.43 -26.28 26.84
C THR E 351 -23.19 -25.00 27.63
N GLU E 352 -22.54 -25.08 28.79
CA GLU E 352 -22.32 -23.91 29.63
C GLU E 352 -20.91 -23.37 29.42
N SER E 353 -20.61 -22.28 30.11
CA SER E 353 -19.29 -21.65 30.02
C SER E 353 -19.06 -20.88 31.32
N ILE E 354 -18.13 -21.35 32.14
CA ILE E 354 -17.86 -20.75 33.43
C ILE E 354 -16.43 -20.21 33.45
N VAL E 355 -16.26 -19.06 34.07
CA VAL E 355 -14.95 -18.41 34.21
C VAL E 355 -14.81 -17.96 35.65
N ARG E 356 -13.78 -18.45 36.34
CA ARG E 356 -13.54 -18.10 37.73
C ARG E 356 -12.19 -17.43 37.86
N PHE E 357 -12.16 -16.31 38.60
CA PHE E 357 -10.98 -15.48 38.78
C PHE E 357 -10.75 -15.27 40.27
N PRO E 358 -9.54 -14.91 40.67
CA PRO E 358 -9.22 -14.81 42.11
C PRO E 358 -10.08 -13.78 42.81
N ASN E 359 -10.01 -13.83 44.14
CA ASN E 359 -10.83 -12.96 44.97
C ASN E 359 -10.51 -11.49 44.70
N ILE E 360 -11.52 -10.65 44.85
CA ILE E 360 -11.40 -9.22 44.57
C ILE E 360 -11.36 -8.49 45.91
N THR E 361 -10.18 -7.93 46.25
CA THR E 361 -10.01 -7.27 47.53
C THR E 361 -9.15 -6.01 47.45
N ASN E 362 -8.88 -5.49 46.26
CA ASN E 362 -7.98 -4.35 46.08
C ASN E 362 -8.73 -3.04 45.93
N LEU E 363 -9.82 -2.87 46.69
CA LEU E 363 -10.67 -1.68 46.59
C LEU E 363 -9.85 -0.41 46.61
N CYS E 364 -9.92 0.34 45.51
CA CYS E 364 -9.10 1.53 45.36
C CYS E 364 -9.59 2.63 46.30
N PRO E 365 -8.68 3.40 46.90
CA PRO E 365 -9.11 4.47 47.81
C PRO E 365 -9.76 5.64 47.07
N PHE E 366 -11.00 5.46 46.64
CA PHE E 366 -11.73 6.50 45.93
C PHE E 366 -12.73 7.23 46.81
N GLY E 367 -13.04 6.70 48.00
CA GLY E 367 -13.95 7.41 48.89
C GLY E 367 -13.41 8.75 49.34
N GLU E 368 -12.14 8.78 49.75
CA GLU E 368 -11.53 10.00 50.25
C GLU E 368 -11.48 11.09 49.17
N VAL E 369 -11.29 10.70 47.91
CA VAL E 369 -11.26 11.69 46.83
C VAL E 369 -12.60 12.41 46.74
N PHE E 370 -13.70 11.67 46.82
CA PHE E 370 -15.02 12.27 46.71
C PHE E 370 -15.62 12.62 48.06
N ASN E 371 -15.24 11.90 49.12
CA ASN E 371 -15.56 12.32 50.49
C ASN E 371 -14.33 13.03 51.07
N ALA E 372 -14.11 14.24 50.58
CA ALA E 372 -12.96 15.05 50.97
C ALA E 372 -13.44 16.25 51.77
N THR E 373 -12.82 16.46 52.94
CA THR E 373 -13.22 17.58 53.78
C THR E 373 -12.97 18.91 53.08
N ARG E 374 -11.83 19.05 52.40
CA ARG E 374 -11.48 20.28 51.72
C ARG E 374 -11.00 19.98 50.31
N PHE E 375 -11.26 20.92 49.41
CA PHE E 375 -10.74 20.89 48.05
C PHE E 375 -9.71 21.99 47.88
N ALA E 376 -8.66 21.71 47.12
CA ALA E 376 -7.64 22.71 46.85
C ALA E 376 -8.21 23.82 45.98
N SER E 377 -7.64 25.01 46.12
CA SER E 377 -8.05 26.14 45.29
C SER E 377 -7.71 25.87 43.83
N VAL E 378 -8.51 26.45 42.93
CA VAL E 378 -8.38 26.14 41.51
C VAL E 378 -7.05 26.63 40.95
N TYR E 379 -6.56 27.77 41.43
CA TYR E 379 -5.30 28.29 40.90
C TYR E 379 -4.12 27.38 41.26
N ALA E 380 -4.22 26.65 42.36
CA ALA E 380 -3.21 25.67 42.77
C ALA E 380 -3.92 24.35 43.01
N TRP E 381 -4.11 23.58 41.95
CA TRP E 381 -4.83 22.31 42.05
C TRP E 381 -3.91 21.22 42.56
N ASN E 382 -4.49 20.27 43.28
CA ASN E 382 -3.76 19.16 43.88
C ASN E 382 -3.92 17.92 43.02
N ARG E 383 -2.81 17.22 42.77
CA ARG E 383 -2.79 16.03 41.94
C ARG E 383 -2.50 14.80 42.79
N LYS E 384 -3.27 13.73 42.55
CA LYS E 384 -3.11 12.48 43.26
C LYS E 384 -2.98 11.34 42.26
N ARG E 385 -1.96 10.51 42.45
CA ARG E 385 -1.73 9.35 41.60
C ARG E 385 -2.03 8.07 42.38
N ILE E 386 -2.53 7.07 41.67
CA ILE E 386 -2.91 5.79 42.27
C ILE E 386 -2.34 4.66 41.43
N SER E 387 -2.14 3.51 42.07
CA SER E 387 -1.64 2.32 41.40
C SER E 387 -1.98 1.10 42.26
N ASN E 388 -1.91 -0.07 41.61
CA ASN E 388 -2.11 -1.35 42.29
C ASN E 388 -3.45 -1.40 43.02
N CYS E 389 -4.50 -0.95 42.34
CA CYS E 389 -5.85 -0.96 42.88
C CYS E 389 -6.83 -1.27 41.77
N VAL E 390 -8.00 -1.78 42.16
CA VAL E 390 -9.09 -2.02 41.22
C VAL E 390 -10.11 -0.90 41.39
N ALA E 391 -10.49 -0.29 40.27
CA ALA E 391 -11.34 0.89 40.28
C ALA E 391 -12.77 0.49 39.95
N ASP E 392 -13.68 0.73 40.89
CA ASP E 392 -15.11 0.45 40.67
C ASP E 392 -15.70 1.65 39.93
N TYR E 393 -15.43 1.70 38.62
CA TYR E 393 -15.97 2.78 37.80
C TYR E 393 -17.50 2.73 37.76
N SER E 394 -18.09 1.56 37.96
CA SER E 394 -19.54 1.42 37.83
C SER E 394 -20.26 2.24 38.89
N VAL E 395 -19.89 2.06 40.16
CA VAL E 395 -20.62 2.73 41.25
C VAL E 395 -20.48 4.24 41.13
N LEU E 396 -19.31 4.71 40.70
CA LEU E 396 -19.15 6.14 40.45
C LEU E 396 -20.02 6.58 39.29
N TYR E 397 -20.10 5.77 38.24
CA TYR E 397 -20.94 6.09 37.09
C TYR E 397 -22.41 5.88 37.39
N ASN E 398 -22.73 4.96 38.29
CA ASN E 398 -24.12 4.67 38.66
C ASN E 398 -24.56 5.43 39.91
N SER E 399 -23.70 6.28 40.46
CA SER E 399 -24.08 7.07 41.63
C SER E 399 -25.20 8.04 41.30
N ALA E 400 -25.14 8.66 40.12
CA ALA E 400 -26.15 9.60 39.63
C ALA E 400 -26.30 10.81 40.55
N SER E 401 -25.30 11.09 41.38
CA SER E 401 -25.30 12.25 42.26
C SER E 401 -24.36 13.34 41.78
N PHE E 402 -23.90 13.26 40.54
CA PHE E 402 -22.96 14.22 39.98
C PHE E 402 -23.61 14.97 38.84
N SER E 403 -23.45 16.30 38.84
CA SER E 403 -24.06 17.11 37.78
C SER E 403 -23.46 16.78 36.42
N THR E 404 -22.15 16.61 36.36
CA THR E 404 -21.45 16.31 35.10
C THR E 404 -20.52 15.13 35.31
N PHE E 405 -20.57 14.18 34.38
CA PHE E 405 -19.69 13.02 34.41
C PHE E 405 -19.42 12.62 32.96
N LYS E 406 -18.28 13.08 32.43
CA LYS E 406 -17.93 12.88 31.04
C LYS E 406 -16.55 12.24 30.94
N CYS E 407 -16.42 11.26 30.05
CA CYS E 407 -15.15 10.60 29.75
C CYS E 407 -14.75 10.97 28.34
N TYR E 408 -13.51 11.43 28.18
CA TYR E 408 -13.02 11.93 26.90
C TYR E 408 -12.14 10.87 26.24
N GLY E 409 -12.58 10.41 25.07
CA GLY E 409 -11.85 9.40 24.33
C GLY E 409 -12.07 7.97 24.78
N VAL E 410 -12.82 7.77 25.85
CA VAL E 410 -13.06 6.44 26.41
C VAL E 410 -14.53 6.31 26.77
N SER E 411 -15.10 5.12 26.54
CA SER E 411 -16.50 4.83 26.84
C SER E 411 -16.64 4.42 28.30
N PRO E 412 -17.56 5.03 29.04
CA PRO E 412 -17.69 4.69 30.47
C PRO E 412 -18.00 3.22 30.71
N THR E 413 -18.78 2.60 29.83
CA THR E 413 -19.09 1.17 30.00
C THR E 413 -17.85 0.30 29.79
N LYS E 414 -17.07 0.61 28.74
CA LYS E 414 -15.93 -0.25 28.42
C LYS E 414 -14.79 -0.07 29.41
N LEU E 415 -14.61 1.14 29.95
CA LEU E 415 -13.50 1.37 30.88
C LEU E 415 -13.77 0.78 32.26
N ASN E 416 -15.01 0.37 32.54
CA ASN E 416 -15.31 -0.21 33.84
C ASN E 416 -14.51 -1.47 34.11
N ASP E 417 -14.05 -2.16 33.06
CA ASP E 417 -13.14 -3.30 33.20
C ASP E 417 -12.04 -3.13 32.15
N LEU E 418 -10.99 -2.41 32.53
CA LEU E 418 -9.83 -2.19 31.66
C LEU E 418 -8.60 -2.02 32.52
N CYS E 419 -7.44 -2.26 31.92
CA CYS E 419 -6.15 -2.21 32.62
C CYS E 419 -5.36 -1.00 32.13
N PHE E 420 -4.85 -0.21 33.07
CA PHE E 420 -4.06 0.97 32.77
C PHE E 420 -2.77 0.92 33.58
N THR E 421 -1.76 1.63 33.08
CA THR E 421 -0.49 1.71 33.79
C THR E 421 -0.65 2.49 35.10
N ASN E 422 -1.25 3.67 35.03
CA ASN E 422 -1.45 4.50 36.21
C ASN E 422 -2.64 5.42 35.97
N VAL E 423 -3.17 5.95 37.08
CA VAL E 423 -4.31 6.85 37.04
C VAL E 423 -4.02 8.06 37.92
N TYR E 424 -4.33 9.25 37.42
CA TYR E 424 -4.12 10.49 38.14
C TYR E 424 -5.47 11.09 38.54
N ALA E 425 -5.51 11.69 39.73
CA ALA E 425 -6.72 12.31 40.25
C ALA E 425 -6.42 13.74 40.68
N ASP E 426 -7.37 14.64 40.41
CA ASP E 426 -7.24 16.04 40.79
C ASP E 426 -8.56 16.54 41.34
N SER E 427 -8.50 17.45 42.31
CA SER E 427 -9.69 18.02 42.93
C SER E 427 -9.50 19.51 43.14
N PHE E 428 -10.53 20.28 42.78
CA PHE E 428 -10.53 21.72 43.03
C PHE E 428 -11.96 22.21 42.98
N VAL E 429 -12.14 23.46 43.43
CA VAL E 429 -13.46 24.08 43.50
C VAL E 429 -13.49 25.25 42.52
N ILE E 430 -14.53 25.28 41.68
CA ILE E 430 -14.77 26.37 40.74
C ILE E 430 -16.23 26.79 40.88
N ARG E 431 -16.53 27.96 40.33
CA ARG E 431 -17.91 28.42 40.25
C ARG E 431 -18.69 27.56 39.27
N GLY E 432 -19.99 27.42 39.53
CA GLY E 432 -20.83 26.62 38.65
C GLY E 432 -20.86 27.12 37.22
N ASP E 433 -20.66 28.42 37.04
CA ASP E 433 -20.56 28.96 35.68
C ASP E 433 -19.29 28.50 34.98
N GLU E 434 -18.20 28.35 35.72
CA GLU E 434 -16.92 27.97 35.16
C GLU E 434 -16.81 26.47 34.89
N VAL E 435 -17.88 25.72 35.08
CA VAL E 435 -17.82 24.27 34.88
C VAL E 435 -17.50 23.94 33.42
N ARG E 436 -18.13 24.65 32.49
CA ARG E 436 -17.91 24.37 31.06
C ARG E 436 -16.48 24.67 30.63
N GLN E 437 -15.76 25.53 31.35
CA GLN E 437 -14.39 25.84 30.99
C GLN E 437 -13.47 24.63 31.12
N ILE E 438 -13.85 23.64 31.94
CA ILE E 438 -12.98 22.47 32.18
C ILE E 438 -13.32 21.47 31.09
N ALA E 439 -12.66 21.63 29.94
CA ALA E 439 -12.81 20.72 28.82
C ALA E 439 -11.67 20.99 27.84
N PRO E 440 -11.21 19.97 27.12
CA PRO E 440 -10.16 20.20 26.13
C PRO E 440 -10.61 21.17 25.06
N GLY E 441 -9.70 22.04 24.65
CA GLY E 441 -10.00 23.05 23.65
C GLY E 441 -10.72 24.28 24.17
N GLN E 442 -11.00 24.34 25.47
CA GLN E 442 -11.68 25.49 26.05
C GLN E 442 -10.69 26.60 26.41
N THR E 443 -11.23 27.79 26.62
CA THR E 443 -10.43 28.95 26.99
C THR E 443 -11.21 29.78 28.01
N GLY E 444 -10.51 30.23 29.04
CA GLY E 444 -11.14 31.03 30.06
C GLY E 444 -10.14 31.40 31.14
N LYS E 445 -10.61 32.19 32.10
CA LYS E 445 -9.74 32.61 33.19
C LYS E 445 -9.22 31.41 33.96
N ILE E 446 -10.11 30.45 34.26
CA ILE E 446 -9.68 29.20 34.88
C ILE E 446 -8.79 28.42 33.92
N ALA E 447 -9.20 28.32 32.65
CA ALA E 447 -8.46 27.51 31.69
C ALA E 447 -7.06 28.06 31.43
N ASP E 448 -6.92 29.38 31.34
CA ASP E 448 -5.65 29.97 30.93
C ASP E 448 -4.69 30.18 32.10
N TYR E 449 -5.19 30.61 33.27
CA TYR E 449 -4.33 31.03 34.35
C TYR E 449 -4.43 30.15 35.58
N ASN E 450 -5.42 29.27 35.68
CA ASN E 450 -5.61 28.44 36.87
C ASN E 450 -5.36 26.96 36.63
N TYR E 451 -5.83 26.42 35.51
CA TYR E 451 -5.68 25.00 35.23
C TYR E 451 -5.87 24.75 33.74
N LYS E 452 -4.89 24.10 33.12
CA LYS E 452 -4.91 23.86 31.69
C LYS E 452 -5.06 22.37 31.41
N LEU E 453 -5.93 22.04 30.45
CA LEU E 453 -6.18 20.68 30.03
C LEU E 453 -5.58 20.43 28.67
N PRO E 454 -4.74 19.41 28.50
CA PRO E 454 -4.28 19.05 27.16
C PRO E 454 -5.44 18.61 26.30
N ASP E 455 -5.36 18.94 25.00
CA ASP E 455 -6.46 18.62 24.10
C ASP E 455 -6.66 17.12 23.95
N ASP E 456 -5.56 16.36 23.89
CA ASP E 456 -5.63 14.91 23.75
C ASP E 456 -5.82 14.24 25.11
N PHE E 457 -6.93 14.61 25.77
CA PHE E 457 -7.23 14.05 27.07
C PHE E 457 -7.61 12.58 26.95
N THR E 458 -7.13 11.78 27.90
CA THR E 458 -7.37 10.34 27.93
C THR E 458 -7.96 9.91 29.26
N GLY E 459 -8.86 10.73 29.81
CA GLY E 459 -9.48 10.41 31.08
C GLY E 459 -10.94 10.80 31.17
N CYS E 460 -11.39 11.15 32.37
CA CYS E 460 -12.78 11.51 32.60
C CYS E 460 -12.86 12.74 33.49
N VAL E 461 -13.99 13.43 33.41
CA VAL E 461 -14.27 14.62 34.22
C VAL E 461 -15.58 14.41 34.96
N ILE E 462 -15.55 14.61 36.27
CA ILE E 462 -16.72 14.47 37.12
C ILE E 462 -16.97 15.79 37.83
N ALA E 463 -18.21 16.26 37.77
CA ALA E 463 -18.59 17.52 38.40
C ALA E 463 -19.94 17.37 39.09
N TRP E 464 -20.11 18.11 40.19
CA TRP E 464 -21.33 18.10 40.95
C TRP E 464 -21.41 19.38 41.78
N ASN E 465 -22.63 19.72 42.19
CA ASN E 465 -22.83 20.92 43.00
C ASN E 465 -22.20 20.77 44.37
N SER E 466 -21.62 21.87 44.87
CA SER E 466 -21.02 21.89 46.20
C SER E 466 -21.54 23.05 47.03
N ASN E 467 -22.76 23.54 46.74
CA ASN E 467 -23.28 24.71 47.43
C ASN E 467 -23.41 24.46 48.94
N ASN E 468 -23.87 23.27 49.32
CA ASN E 468 -24.04 22.95 50.73
C ASN E 468 -22.72 22.75 51.46
N LEU E 469 -21.59 22.70 50.74
CA LEU E 469 -20.30 22.41 51.34
C LEU E 469 -19.48 23.67 51.61
N ASP E 470 -19.22 24.47 50.57
CA ASP E 470 -18.35 25.63 50.72
C ASP E 470 -19.04 26.93 50.31
N SER E 471 -20.29 27.12 50.73
CA SER E 471 -20.99 28.38 50.54
C SER E 471 -21.72 28.72 51.83
N LYS E 472 -21.32 29.82 52.46
CA LYS E 472 -21.84 30.20 53.77
C LYS E 472 -22.40 31.61 53.71
N VAL E 473 -23.23 31.93 54.70
CA VAL E 473 -23.76 33.28 54.83
C VAL E 473 -22.60 34.24 55.07
N GLY E 474 -22.58 35.34 54.33
CA GLY E 474 -21.47 36.27 54.39
C GLY E 474 -20.36 35.99 53.41
N GLY E 475 -20.45 34.90 52.64
CA GLY E 475 -19.45 34.61 51.64
C GLY E 475 -18.30 33.76 52.16
N ASN E 476 -18.01 32.66 51.48
CA ASN E 476 -16.89 31.79 51.82
C ASN E 476 -15.71 32.20 50.95
N TYR E 477 -14.75 32.92 51.54
CA TYR E 477 -13.63 33.50 50.81
C TYR E 477 -12.33 32.74 51.06
N ASN E 478 -12.42 31.45 51.37
CA ASN E 478 -11.24 30.65 51.61
C ASN E 478 -10.64 30.06 50.34
N TYR E 479 -11.24 30.33 49.18
CA TYR E 479 -10.77 29.81 47.91
C TYR E 479 -10.41 30.95 46.99
N LEU E 480 -9.21 30.88 46.41
CA LEU E 480 -8.69 31.91 45.52
C LEU E 480 -8.68 31.42 44.09
N TYR E 481 -8.50 32.37 43.16
CA TYR E 481 -8.39 32.05 41.75
C TYR E 481 -7.59 33.14 41.06
N ARG E 482 -6.75 32.72 40.10
CA ARG E 482 -5.89 33.64 39.37
C ARG E 482 -6.72 34.36 38.31
N LEU E 483 -6.87 35.68 38.47
CA LEU E 483 -7.56 36.50 37.48
C LEU E 483 -6.60 37.20 36.53
N PHE E 484 -5.38 37.49 36.97
CA PHE E 484 -4.37 38.16 36.16
C PHE E 484 -3.12 37.32 36.11
N ARG E 485 -2.58 37.12 34.91
CA ARG E 485 -1.34 36.39 34.73
C ARG E 485 -0.62 36.94 33.51
N LYS E 486 0.71 36.84 33.53
CA LYS E 486 1.51 37.35 32.42
C LYS E 486 1.21 36.61 31.13
N SER E 487 1.07 35.29 31.20
CA SER E 487 0.82 34.48 30.01
C SER E 487 -0.18 33.38 30.38
N ASN E 488 -0.33 32.40 29.50
CA ASN E 488 -1.22 31.29 29.73
C ASN E 488 -0.50 30.22 30.56
N LEU E 489 -1.12 29.05 30.70
CA LEU E 489 -0.56 27.95 31.45
C LEU E 489 -0.42 26.73 30.55
N LYS E 490 0.70 26.02 30.68
CA LYS E 490 0.87 24.77 29.99
C LYS E 490 -0.03 23.71 30.60
N PRO E 491 -0.38 22.67 29.84
CA PRO E 491 -1.20 21.59 30.41
C PRO E 491 -0.54 20.99 31.64
N PHE E 492 -1.35 20.78 32.69
CA PHE E 492 -0.90 20.19 33.94
C PHE E 492 0.27 20.96 34.55
N GLU E 493 0.13 22.29 34.59
CA GLU E 493 1.13 23.16 35.20
C GLU E 493 0.49 23.86 36.39
N ARG E 494 1.23 23.88 37.51
CA ARG E 494 0.79 24.55 38.73
C ARG E 494 1.56 25.84 38.91
N ASP E 495 0.83 26.94 39.07
CA ASP E 495 1.42 28.25 39.31
C ASP E 495 0.91 28.81 40.64
N ILE E 496 1.84 29.21 41.49
CA ILE E 496 1.50 29.75 42.80
C ILE E 496 2.18 31.10 43.00
N SER E 497 2.59 31.73 41.90
CA SER E 497 3.26 33.01 41.99
C SER E 497 2.31 34.09 42.50
N THR E 498 2.80 34.93 43.40
CA THR E 498 2.01 35.98 44.01
C THR E 498 2.57 37.37 43.73
N GLU E 499 3.41 37.50 42.70
CA GLU E 499 3.95 38.80 42.34
C GLU E 499 2.85 39.71 41.83
N ILE E 500 2.90 40.98 42.25
CA ILE E 500 1.91 41.96 41.80
C ILE E 500 1.96 42.06 40.29
N TYR E 501 0.85 41.70 39.65
CA TYR E 501 0.78 41.76 38.19
C TYR E 501 0.81 43.22 37.73
N GLN E 502 1.65 43.51 36.74
CA GLN E 502 1.83 44.85 36.22
C GLN E 502 1.17 44.97 34.86
N ALA E 503 0.31 45.98 34.72
CA ALA E 503 -0.43 46.20 33.47
C ALA E 503 0.31 47.12 32.52
N GLY E 504 0.70 48.30 32.99
CA GLY E 504 1.40 49.26 32.17
C GLY E 504 2.88 48.97 32.06
N SER E 505 3.58 49.89 31.40
CA SER E 505 5.02 49.74 31.23
C SER E 505 5.79 50.05 32.51
N THR E 506 5.22 50.90 33.37
CA THR E 506 5.93 51.29 34.59
C THR E 506 5.89 50.15 35.62
N PRO E 507 7.05 49.72 36.13
CA PRO E 507 7.05 48.71 37.18
C PRO E 507 6.71 49.29 38.54
N CYS E 508 6.13 48.45 39.39
CA CYS E 508 5.84 48.78 40.77
C CYS E 508 6.56 47.79 41.68
N ASN E 509 7.28 48.31 42.67
CA ASN E 509 8.09 47.48 43.56
C ASN E 509 7.19 46.79 44.57
N GLY E 510 6.36 45.89 44.06
CA GLY E 510 5.44 45.14 44.91
C GLY E 510 4.41 45.99 45.62
N VAL E 511 3.95 47.06 44.97
CA VAL E 511 2.96 47.96 45.55
C VAL E 511 1.76 48.03 44.61
N GLU E 512 0.56 47.86 45.16
CA GLU E 512 -0.64 47.98 44.37
C GLU E 512 -0.92 49.44 44.04
N GLY E 513 -1.50 49.66 42.85
CA GLY E 513 -1.78 51.01 42.42
C GLY E 513 -2.16 51.02 40.94
N PHE E 514 -1.90 52.17 40.32
CA PHE E 514 -2.19 52.33 38.90
C PHE E 514 -1.38 51.35 38.06
N ASN E 515 -2.06 50.66 37.15
CA ASN E 515 -1.43 49.69 36.25
C ASN E 515 -0.70 48.57 37.00
N CYS E 516 -1.17 48.25 38.21
CA CYS E 516 -0.59 47.18 39.02
C CYS E 516 -1.71 46.51 39.77
N TYR E 517 -1.84 45.19 39.62
CA TYR E 517 -2.95 44.45 40.17
C TYR E 517 -2.45 43.16 40.81
N PHE E 518 -3.22 42.65 41.77
CA PHE E 518 -2.90 41.40 42.43
C PHE E 518 -3.36 40.23 41.56
N PRO E 519 -2.48 39.28 41.22
CA PRO E 519 -2.87 38.21 40.28
C PRO E 519 -4.00 37.33 40.80
N LEU E 520 -4.09 37.13 42.10
CA LEU E 520 -5.07 36.21 42.69
C LEU E 520 -6.27 36.99 43.22
N GLN E 521 -7.45 36.40 43.04
CA GLN E 521 -8.69 36.98 43.55
C GLN E 521 -9.43 35.93 44.36
N SER E 522 -10.23 36.40 45.30
CA SER E 522 -11.01 35.53 46.16
C SER E 522 -12.39 35.27 45.57
N TYR E 523 -12.98 34.14 45.97
CA TYR E 523 -14.31 33.76 45.52
C TYR E 523 -15.32 34.03 46.63
N GLY E 524 -16.44 34.63 46.25
CA GLY E 524 -17.57 34.80 47.15
C GLY E 524 -18.61 33.74 46.89
N PHE E 525 -19.05 33.07 47.94
CA PHE E 525 -19.98 31.96 47.83
C PHE E 525 -20.96 32.02 48.99
N GLN E 526 -22.24 32.17 48.66
CA GLN E 526 -23.33 32.20 49.64
C GLN E 526 -24.45 31.29 49.16
N PRO E 527 -25.26 30.78 50.08
CA PRO E 527 -26.41 29.95 49.67
C PRO E 527 -27.40 30.68 48.78
N THR E 528 -27.46 32.01 48.85
CA THR E 528 -28.38 32.80 48.05
C THR E 528 -27.83 33.11 46.66
N TYR E 529 -26.63 32.64 46.34
CA TYR E 529 -26.04 32.93 45.04
C TYR E 529 -26.79 32.17 43.94
N GLY E 530 -26.55 32.60 42.70
CA GLY E 530 -27.19 31.96 41.57
C GLY E 530 -26.70 30.55 41.35
N VAL E 531 -27.47 29.80 40.55
CA VAL E 531 -27.16 28.39 40.31
C VAL E 531 -25.79 28.25 39.67
N GLY E 532 -25.52 29.05 38.64
CA GLY E 532 -24.18 29.09 38.06
C GLY E 532 -23.16 29.77 38.94
N TYR E 533 -23.62 30.61 39.88
CA TYR E 533 -22.72 31.28 40.81
C TYR E 533 -22.39 30.43 42.03
N GLN E 534 -23.07 29.30 42.22
CA GLN E 534 -22.84 28.47 43.39
C GLN E 534 -21.54 27.69 43.25
N PRO E 535 -20.85 27.43 44.37
CA PRO E 535 -19.60 26.68 44.29
C PRO E 535 -19.83 25.23 43.89
N TYR E 536 -18.86 24.69 43.15
CA TYR E 536 -18.94 23.34 42.62
C TYR E 536 -17.64 22.60 42.88
N ARG E 537 -17.76 21.35 43.33
CA ARG E 537 -16.59 20.49 43.54
C ARG E 537 -16.44 19.59 42.32
N VAL E 538 -15.27 19.66 41.68
CA VAL E 538 -15.01 18.97 40.43
C VAL E 538 -13.79 18.09 40.60
N VAL E 539 -13.89 16.84 40.16
CA VAL E 539 -12.78 15.90 40.18
C VAL E 539 -12.54 15.42 38.75
N VAL E 540 -11.29 15.50 38.30
CA VAL E 540 -10.89 15.04 36.98
C VAL E 540 -9.93 13.88 37.15
N LEU E 541 -10.11 12.83 36.35
CA LEU E 541 -9.29 11.63 36.40
C LEU E 541 -8.56 11.45 35.08
N SER E 542 -7.25 11.25 35.16
CA SER E 542 -6.42 11.01 33.98
C SER E 542 -5.81 9.63 34.08
N PHE E 543 -5.71 8.94 32.95
CA PHE E 543 -5.21 7.58 32.88
C PHE E 543 -3.87 7.57 32.16
N GLU E 544 -2.89 6.89 32.75
CA GLU E 544 -1.54 6.80 32.22
C GLU E 544 -1.33 5.41 31.63
N LEU E 545 -0.66 5.34 30.49
CA LEU E 545 -0.36 4.07 29.83
C LEU E 545 1.06 4.12 29.29
N LEU E 546 1.93 3.27 29.83
CA LEU E 546 3.31 3.16 29.36
C LEU E 546 3.67 1.70 29.12
N HIS E 547 4.96 1.44 28.84
CA HIS E 547 5.44 0.09 28.64
C HIS E 547 5.68 -0.66 29.94
N ALA E 548 5.64 0.03 31.08
CA ALA E 548 5.79 -0.63 32.36
C ALA E 548 4.57 -1.52 32.62
N PRO E 549 4.73 -2.56 33.44
CA PRO E 549 3.59 -3.45 33.72
C PRO E 549 2.43 -2.68 34.36
N ALA E 550 1.23 -3.05 33.95
CA ALA E 550 0.03 -2.38 34.45
C ALA E 550 -0.18 -2.69 35.93
N THR E 551 -0.79 -1.75 36.64
CA THR E 551 -1.07 -1.89 38.06
C THR E 551 -2.53 -1.81 38.42
N VAL E 552 -3.34 -1.07 37.67
CA VAL E 552 -4.75 -0.87 37.98
C VAL E 552 -5.58 -1.52 36.89
N CYS E 553 -6.61 -2.26 37.30
CA CYS E 553 -7.47 -2.97 36.36
C CYS E 553 -8.90 -2.97 36.90
N GLY E 554 -9.84 -3.17 35.99
CA GLY E 554 -11.24 -3.23 36.34
C GLY E 554 -11.59 -4.50 37.08
N PRO E 555 -12.65 -4.47 37.89
CA PRO E 555 -13.04 -5.66 38.66
C PRO E 555 -13.58 -6.76 37.77
N LYS E 556 -12.81 -7.84 37.59
CA LYS E 556 -13.26 -8.96 36.77
C LYS E 556 -14.42 -9.68 37.45
N LYS E 557 -15.46 -9.97 36.68
CA LYS E 557 -16.62 -10.66 37.22
C LYS E 557 -16.37 -12.16 37.27
N SER E 558 -16.58 -12.76 38.43
CA SER E 558 -16.32 -14.17 38.65
C SER E 558 -17.63 -14.96 38.55
N THR E 559 -17.64 -15.97 37.70
CA THR E 559 -18.83 -16.77 37.47
C THR E 559 -18.90 -17.91 38.50
N ASN E 560 -19.81 -18.84 38.30
CA ASN E 560 -20.03 -19.93 39.23
C ASN E 560 -19.12 -21.10 38.88
N LEU E 561 -19.32 -22.24 39.55
CA LEU E 561 -18.53 -23.44 39.31
C LEU E 561 -19.45 -24.64 39.19
N VAL E 562 -19.22 -25.47 38.17
CA VAL E 562 -20.03 -26.65 37.91
C VAL E 562 -19.10 -27.83 37.65
N LYS E 563 -19.62 -29.03 37.86
CA LYS E 563 -18.83 -30.25 37.72
C LYS E 563 -19.67 -31.35 37.08
N ASN E 564 -18.97 -32.38 36.61
CA ASN E 564 -19.60 -33.59 36.06
C ASN E 564 -20.51 -33.27 34.87
N LYS E 565 -20.07 -32.33 34.04
CA LYS E 565 -20.84 -31.97 32.85
C LYS E 565 -19.90 -31.24 31.90
N CYS E 566 -19.66 -31.83 30.73
CA CYS E 566 -18.61 -31.35 29.84
C CYS E 566 -18.97 -29.95 29.34
N VAL E 567 -18.28 -28.93 29.85
CA VAL E 567 -18.60 -27.54 29.56
C VAL E 567 -17.32 -26.77 29.30
N ASN E 568 -17.46 -25.65 28.59
CA ASN E 568 -16.35 -24.76 28.37
C ASN E 568 -15.95 -24.08 29.67
N PHE E 569 -14.68 -23.65 29.74
CA PHE E 569 -14.15 -23.08 30.96
C PHE E 569 -13.04 -22.09 30.62
N ASN E 570 -12.66 -21.30 31.63
CA ASN E 570 -11.51 -20.41 31.53
C ASN E 570 -11.08 -20.05 32.93
N PHE E 571 -9.88 -20.47 33.33
CA PHE E 571 -9.35 -20.21 34.67
C PHE E 571 -8.11 -19.34 34.53
N ASN E 572 -8.22 -18.09 35.00
CA ASN E 572 -7.08 -17.18 35.06
C ASN E 572 -6.42 -16.97 33.70
N GLY E 573 -7.20 -17.08 32.63
CA GLY E 573 -6.70 -16.99 31.28
C GLY E 573 -6.45 -18.33 30.62
N LEU E 574 -6.33 -19.40 31.39
CA LEU E 574 -6.20 -20.74 30.83
C LEU E 574 -7.56 -21.20 30.34
N THR E 575 -7.68 -21.37 29.02
CA THR E 575 -8.95 -21.72 28.40
C THR E 575 -9.00 -23.23 28.13
N GLY E 576 -10.02 -23.66 27.41
CA GLY E 576 -10.17 -25.04 27.01
C GLY E 576 -11.55 -25.56 27.31
N THR E 577 -11.74 -26.84 27.01
CA THR E 577 -12.99 -27.54 27.25
C THR E 577 -12.71 -28.90 27.86
N GLY E 578 -13.67 -29.41 28.62
CA GLY E 578 -13.52 -30.71 29.24
C GLY E 578 -14.56 -30.93 30.32
N VAL E 579 -14.25 -31.87 31.20
CA VAL E 579 -15.11 -32.26 32.31
C VAL E 579 -14.39 -31.95 33.61
N LEU E 580 -15.05 -31.25 34.51
CA LEU E 580 -14.45 -30.82 35.76
C LEU E 580 -14.83 -31.77 36.89
N THR E 581 -13.84 -32.22 37.64
CA THR E 581 -14.07 -33.12 38.77
C THR E 581 -12.89 -33.01 39.73
N GLU E 582 -13.11 -33.50 40.94
CA GLU E 582 -12.09 -33.43 41.98
C GLU E 582 -10.98 -34.45 41.70
N SER E 583 -9.87 -34.29 42.40
CA SER E 583 -8.74 -35.19 42.30
C SER E 583 -8.22 -35.46 43.71
N ASN E 584 -7.06 -36.10 43.79
CA ASN E 584 -6.44 -36.44 45.07
C ASN E 584 -5.05 -35.87 45.23
N LYS E 585 -4.26 -35.80 44.17
CA LYS E 585 -2.92 -35.23 44.25
C LYS E 585 -2.99 -33.76 44.65
N LYS E 586 -2.06 -33.33 45.47
CA LYS E 586 -2.05 -31.99 46.03
C LYS E 586 -0.82 -31.24 45.52
N PHE E 587 -1.05 -30.05 44.97
CA PHE E 587 0.06 -29.22 44.53
C PHE E 587 0.81 -28.66 45.72
N LEU E 588 1.98 -28.09 45.45
CA LEU E 588 2.57 -27.21 46.43
C LEU E 588 1.83 -25.87 46.43
N PRO E 589 1.78 -25.17 47.56
CA PRO E 589 0.93 -23.97 47.62
C PRO E 589 1.56 -22.77 46.93
N PHE E 590 2.14 -22.99 45.75
CA PHE E 590 2.52 -21.89 44.88
C PHE E 590 2.34 -22.23 43.41
N GLN E 591 1.75 -23.37 43.08
CA GLN E 591 1.66 -23.84 41.72
C GLN E 591 0.21 -23.89 41.25
N GLN E 592 0.04 -23.67 39.95
CA GLN E 592 -1.23 -23.85 39.26
C GLN E 592 -1.01 -24.83 38.11
N PHE E 593 -2.01 -24.95 37.24
CA PHE E 593 -1.91 -25.73 36.01
C PHE E 593 -1.65 -27.18 36.40
N GLY E 594 -0.69 -27.86 35.77
CA GLY E 594 -0.50 -29.30 35.95
C GLY E 594 -0.42 -29.98 34.61
N ARG E 595 0.62 -30.77 34.40
CA ARG E 595 0.83 -31.35 33.07
C ARG E 595 1.01 -32.86 33.16
N ASP E 596 1.41 -33.48 32.05
CA ASP E 596 1.58 -34.92 31.98
C ASP E 596 2.82 -35.21 31.15
N ILE E 597 2.98 -36.47 30.75
CA ILE E 597 4.07 -36.83 29.85
C ILE E 597 3.92 -36.12 28.52
N ASP E 598 2.69 -35.98 28.04
CA ASP E 598 2.39 -35.30 26.79
C ASP E 598 2.30 -33.79 26.96
N ASP E 599 2.87 -33.26 28.04
CA ASP E 599 2.93 -31.83 28.36
C ASP E 599 1.66 -31.07 27.99
N THR E 600 0.51 -31.68 28.26
CA THR E 600 -0.78 -31.04 28.06
C THR E 600 -1.48 -30.91 29.39
N THR E 601 -2.36 -29.92 29.50
CA THR E 601 -3.01 -29.62 30.77
C THR E 601 -3.77 -30.82 31.29
N ASP E 602 -3.64 -31.07 32.60
CA ASP E 602 -4.26 -32.23 33.23
C ASP E 602 -4.97 -31.89 34.54
N ALA E 603 -4.65 -30.79 35.19
CA ALA E 603 -5.29 -30.42 36.43
C ALA E 603 -5.25 -28.90 36.56
N VAL E 604 -6.00 -28.38 37.53
CA VAL E 604 -6.06 -26.95 37.75
C VAL E 604 -6.64 -26.71 39.15
N ARG E 605 -6.20 -25.62 39.78
CA ARG E 605 -6.68 -25.23 41.10
C ARG E 605 -7.63 -24.05 40.95
N ASP E 606 -8.83 -24.19 41.47
CA ASP E 606 -9.82 -23.13 41.37
C ASP E 606 -9.39 -21.95 42.23
N PRO E 607 -9.14 -20.78 41.66
CA PRO E 607 -8.53 -19.71 42.46
C PRO E 607 -9.53 -18.90 43.28
N GLN E 608 -10.49 -19.56 43.88
CA GLN E 608 -11.26 -18.92 44.95
C GLN E 608 -11.39 -19.82 46.17
N THR E 609 -11.58 -21.12 45.97
CA THR E 609 -11.71 -22.06 47.07
C THR E 609 -10.40 -22.81 47.34
N LEU E 610 -9.41 -22.66 46.47
CA LEU E 610 -8.10 -23.29 46.62
C LEU E 610 -8.24 -24.80 46.79
N GLU E 611 -8.82 -25.43 45.76
CA GLU E 611 -8.99 -26.87 45.73
C GLU E 611 -8.56 -27.39 44.38
N ILE E 612 -8.21 -28.66 44.34
CA ILE E 612 -7.67 -29.30 43.15
C ILE E 612 -8.83 -29.81 42.29
N LEU E 613 -8.74 -29.57 40.99
CA LEU E 613 -9.71 -30.08 40.04
C LEU E 613 -9.01 -30.85 38.94
N ASP E 614 -9.73 -31.79 38.36
CA ASP E 614 -9.22 -32.61 37.26
C ASP E 614 -9.97 -32.26 35.98
N ILE E 615 -9.35 -32.60 34.85
CA ILE E 615 -9.89 -32.28 33.54
C ILE E 615 -9.91 -33.55 32.70
N THR E 616 -10.81 -33.60 31.73
CA THR E 616 -10.94 -34.75 30.85
C THR E 616 -11.76 -34.38 29.61
N PRO E 617 -11.25 -34.65 28.40
CA PRO E 617 -12.02 -34.34 27.20
C PRO E 617 -13.21 -35.27 27.05
N CYS E 618 -14.17 -34.83 26.22
CA CYS E 618 -15.42 -35.56 26.05
C CYS E 618 -15.78 -35.71 24.58
N SER E 619 -14.79 -35.80 23.70
CA SER E 619 -15.01 -35.78 22.26
C SER E 619 -14.53 -37.07 21.58
N PHE E 620 -14.55 -38.18 22.30
CA PHE E 620 -14.18 -39.45 21.69
C PHE E 620 -15.35 -40.02 20.91
N GLY E 621 -15.13 -41.17 20.28
CA GLY E 621 -16.21 -41.94 19.71
C GLY E 621 -16.44 -41.79 18.23
N GLY E 622 -16.29 -42.89 17.50
CA GLY E 622 -16.74 -42.98 16.13
C GLY E 622 -18.03 -43.76 16.05
N VAL E 623 -18.79 -43.52 14.99
CA VAL E 623 -20.10 -44.13 14.82
C VAL E 623 -19.99 -45.25 13.80
N SER E 624 -20.53 -46.42 14.15
CA SER E 624 -20.53 -47.55 13.24
C SER E 624 -21.90 -48.24 13.30
N VAL E 625 -22.23 -48.93 12.22
CA VAL E 625 -23.53 -49.54 12.05
C VAL E 625 -23.35 -50.99 11.60
N ILE E 626 -24.25 -51.86 12.05
CA ILE E 626 -24.20 -53.29 11.75
C ILE E 626 -25.43 -53.64 10.93
N THR E 627 -25.20 -54.30 9.79
CA THR E 627 -26.28 -54.63 8.88
C THR E 627 -26.23 -56.10 8.48
N PRO E 628 -27.32 -56.84 8.64
CA PRO E 628 -27.34 -58.23 8.17
C PRO E 628 -27.48 -58.39 6.67
N GLY E 629 -27.45 -57.28 5.93
CA GLY E 629 -27.57 -57.33 4.49
C GLY E 629 -28.92 -56.86 4.01
N THR E 630 -28.95 -55.79 3.22
CA THR E 630 -30.23 -55.27 2.73
C THR E 630 -30.93 -56.25 1.79
N ASN E 631 -30.22 -57.27 1.31
CA ASN E 631 -30.88 -58.32 0.54
C ASN E 631 -32.00 -58.97 1.35
N THR E 632 -31.80 -59.13 2.65
CA THR E 632 -32.80 -59.69 3.54
C THR E 632 -33.04 -58.72 4.69
N SER E 633 -34.24 -58.12 4.72
CA SER E 633 -34.67 -57.25 5.81
C SER E 633 -33.86 -55.97 5.89
N ASN E 634 -34.29 -55.04 6.74
CA ASN E 634 -33.66 -53.74 6.85
C ASN E 634 -33.29 -53.34 8.27
N GLN E 635 -33.67 -54.12 9.28
CA GLN E 635 -33.36 -53.75 10.65
C GLN E 635 -31.85 -53.74 10.86
N VAL E 636 -31.35 -52.66 11.48
CA VAL E 636 -29.93 -52.47 11.72
C VAL E 636 -29.73 -52.06 13.17
N ALA E 637 -28.48 -52.16 13.61
CA ALA E 637 -28.10 -51.73 14.95
C ALA E 637 -26.88 -50.82 14.87
N VAL E 638 -26.80 -49.89 15.81
CA VAL E 638 -25.77 -48.85 15.81
C VAL E 638 -24.78 -49.14 16.93
N LEU E 639 -23.50 -48.98 16.62
CA LEU E 639 -22.43 -49.22 17.58
C LEU E 639 -21.58 -47.96 17.68
N TYR E 640 -21.47 -47.42 18.90
CA TYR E 640 -20.52 -46.36 19.16
C TYR E 640 -19.18 -46.95 19.59
N GLN E 641 -18.13 -46.14 19.52
CA GLN E 641 -16.78 -46.69 19.67
C GLN E 641 -16.35 -46.80 21.12
N GLY E 642 -16.29 -45.67 21.83
CA GLY E 642 -15.70 -45.69 23.15
C GLY E 642 -16.51 -45.04 24.25
N VAL E 643 -17.62 -44.39 23.89
CA VAL E 643 -18.43 -43.72 24.89
C VAL E 643 -19.07 -44.73 25.83
N ASN E 644 -19.55 -44.24 26.97
CA ASN E 644 -20.28 -45.05 27.92
C ASN E 644 -21.77 -44.75 27.82
N CYS E 645 -22.58 -45.80 27.75
CA CYS E 645 -24.02 -45.62 27.65
C CYS E 645 -24.74 -46.32 28.79
N ASN E 669 -33.30 -51.11 24.04
CA ASN E 669 -32.41 -52.15 24.55
C ASN E 669 -30.95 -51.71 24.47
N VAL E 670 -30.58 -50.79 25.34
CA VAL E 670 -29.21 -50.29 25.40
C VAL E 670 -28.36 -51.31 26.17
N PHE E 671 -27.49 -52.02 25.45
CA PHE E 671 -26.62 -53.02 26.04
C PHE E 671 -25.19 -52.55 25.96
N GLN E 672 -24.40 -52.88 26.99
CA GLN E 672 -23.06 -52.33 27.15
C GLN E 672 -22.01 -53.36 26.74
N THR E 673 -20.99 -52.90 26.02
CA THR E 673 -19.92 -53.73 25.51
C THR E 673 -18.59 -53.10 25.90
N ARG E 674 -17.57 -53.95 26.05
CA ARG E 674 -16.23 -53.46 26.35
C ARG E 674 -15.72 -52.48 25.29
N ALA E 675 -16.24 -52.55 24.07
CA ALA E 675 -15.76 -51.68 23.00
C ALA E 675 -16.85 -50.72 22.53
N GLY E 676 -17.54 -50.09 23.46
CA GLY E 676 -18.59 -49.14 23.16
C GLY E 676 -19.95 -49.65 23.62
N CYS E 677 -20.96 -48.81 23.43
CA CYS E 677 -22.31 -49.15 23.82
C CYS E 677 -23.12 -49.54 22.60
N LEU E 678 -23.80 -50.68 22.68
CA LEU E 678 -24.57 -51.23 21.58
C LEU E 678 -26.04 -50.92 21.77
N ILE E 679 -26.66 -50.35 20.76
CA ILE E 679 -28.10 -50.07 20.78
C ILE E 679 -28.74 -50.77 19.58
N GLY E 680 -30.00 -51.13 19.74
CA GLY E 680 -30.70 -51.81 18.67
C GLY E 680 -30.38 -53.29 18.55
N ALA E 681 -29.72 -53.88 19.54
CA ALA E 681 -29.37 -55.29 19.51
C ALA E 681 -29.73 -55.93 20.84
N GLU E 682 -30.01 -57.22 20.79
CA GLU E 682 -30.46 -57.98 21.95
C GLU E 682 -29.38 -58.95 22.40
N HIS E 683 -29.01 -58.88 23.68
CA HIS E 683 -27.99 -59.76 24.21
C HIS E 683 -28.55 -61.16 24.41
N VAL E 684 -27.66 -62.16 24.33
CA VAL E 684 -28.00 -63.55 24.58
C VAL E 684 -26.90 -64.17 25.44
N ASN E 685 -27.17 -65.39 25.91
CA ASN E 685 -26.22 -66.11 26.76
C ASN E 685 -25.60 -67.32 26.07
N ASN E 686 -25.89 -67.54 24.79
CA ASN E 686 -25.37 -68.69 24.08
C ASN E 686 -23.95 -68.39 23.59
N SER E 687 -23.42 -69.25 22.73
CA SER E 687 -22.11 -69.06 22.14
C SER E 687 -21.99 -69.91 20.89
N TYR E 688 -21.66 -69.27 19.77
CA TYR E 688 -21.47 -69.95 18.50
C TYR E 688 -20.25 -69.37 17.81
N GLU E 689 -19.88 -69.99 16.69
CA GLU E 689 -18.97 -69.32 15.76
C GLU E 689 -19.72 -68.13 15.19
N CYS E 690 -19.02 -67.01 15.05
CA CYS E 690 -19.69 -65.75 14.79
C CYS E 690 -19.46 -65.26 13.38
N ASP E 691 -20.41 -64.47 12.89
CA ASP E 691 -20.47 -64.01 11.51
C ASP E 691 -19.88 -62.62 11.33
N ILE E 692 -20.34 -61.64 12.10
CA ILE E 692 -19.86 -60.27 11.95
C ILE E 692 -19.06 -59.88 13.18
N PRO E 693 -17.73 -59.81 13.09
CA PRO E 693 -16.94 -59.39 14.25
C PRO E 693 -17.20 -57.94 14.60
N ILE E 694 -17.07 -57.64 15.89
CA ILE E 694 -17.32 -56.30 16.39
C ILE E 694 -16.08 -55.77 17.10
N GLY E 695 -15.67 -56.45 18.15
CA GLY E 695 -14.51 -56.04 18.92
C GLY E 695 -14.54 -56.61 20.32
N ALA E 696 -13.36 -56.79 20.92
CA ALA E 696 -13.24 -57.31 22.27
C ALA E 696 -13.99 -58.63 22.43
N GLY E 697 -13.87 -59.49 21.43
CA GLY E 697 -14.50 -60.80 21.50
C GLY E 697 -16.01 -60.76 21.56
N ILE E 698 -16.63 -59.91 20.75
CA ILE E 698 -18.08 -59.81 20.67
C ILE E 698 -18.48 -59.86 19.20
N CYS E 699 -19.48 -60.68 18.90
CA CYS E 699 -19.88 -60.92 17.51
C CYS E 699 -21.39 -60.87 17.39
N ALA E 700 -21.87 -60.29 16.30
CA ALA E 700 -23.29 -60.16 16.03
C ALA E 700 -23.71 -61.10 14.92
N SER E 701 -25.01 -61.39 14.87
CA SER E 701 -25.55 -62.28 13.84
C SER E 701 -27.02 -61.93 13.65
N TYR E 702 -27.72 -62.75 12.87
CA TYR E 702 -29.12 -62.51 12.54
C TYR E 702 -30.06 -63.65 12.90
N GLN E 703 -29.56 -64.86 13.10
CA GLN E 703 -30.45 -66.00 13.35
C GLN E 703 -31.21 -65.80 14.66
N THR E 704 -32.49 -66.15 14.64
CA THR E 704 -33.35 -65.99 15.80
C THR E 704 -34.40 -67.10 15.86
N SER E 717 -40.75 -63.92 14.19
CA SER E 717 -39.86 -62.95 13.53
C SER E 717 -38.40 -63.25 13.85
N GLN E 718 -37.51 -62.43 13.31
CA GLN E 718 -36.09 -62.56 13.55
C GLN E 718 -35.48 -61.17 13.75
N SER E 719 -34.40 -61.13 14.53
CA SER E 719 -33.80 -59.86 14.93
C SER E 719 -32.28 -60.01 14.90
N ILE E 720 -31.60 -59.05 15.50
CA ILE E 720 -30.14 -59.00 15.52
C ILE E 720 -29.67 -59.23 16.96
N ILE E 721 -28.76 -60.18 17.14
CA ILE E 721 -28.30 -60.57 18.46
C ILE E 721 -26.78 -60.44 18.51
N ALA E 722 -26.27 -60.29 19.73
CA ALA E 722 -24.84 -60.19 19.99
C ALA E 722 -24.47 -61.15 21.11
N TYR E 723 -23.22 -61.58 21.12
CA TYR E 723 -22.77 -62.59 22.07
C TYR E 723 -21.25 -62.66 22.05
N THR E 724 -20.70 -63.48 22.92
CA THR E 724 -19.27 -63.75 22.95
C THR E 724 -19.00 -64.96 22.05
N MET E 725 -18.11 -64.80 21.09
CA MET E 725 -17.89 -65.84 20.10
C MET E 725 -17.29 -67.09 20.75
N SER E 726 -17.60 -68.23 20.17
CA SER E 726 -17.07 -69.51 20.61
C SER E 726 -16.03 -69.98 19.60
N LEU E 727 -14.83 -70.32 20.10
CA LEU E 727 -13.75 -70.71 19.22
C LEU E 727 -14.03 -72.01 18.49
N GLY E 728 -15.00 -72.79 18.95
CA GLY E 728 -15.36 -74.02 18.29
C GLY E 728 -15.92 -75.00 19.30
N ALA E 729 -16.01 -76.26 18.87
CA ALA E 729 -16.49 -77.32 19.74
C ALA E 729 -15.37 -77.73 20.69
N GLU E 730 -15.54 -78.84 21.38
CA GLU E 730 -14.52 -79.34 22.29
C GLU E 730 -14.70 -80.84 22.44
N ASN E 731 -13.67 -81.60 22.10
CA ASN E 731 -13.70 -83.05 22.24
C ASN E 731 -12.44 -83.52 22.95
N SER E 732 -12.63 -84.32 24.00
CA SER E 732 -11.48 -84.93 24.66
C SER E 732 -10.95 -86.08 23.81
N VAL E 733 -9.67 -86.39 24.01
CA VAL E 733 -9.01 -87.47 23.29
C VAL E 733 -8.68 -88.56 24.30
N ALA E 734 -9.09 -89.80 23.98
CA ALA E 734 -8.92 -90.92 24.88
C ALA E 734 -7.47 -91.42 24.81
N TYR E 735 -6.56 -90.61 25.32
CA TYR E 735 -5.15 -90.93 25.28
C TYR E 735 -4.80 -91.84 26.45
N SER E 736 -4.37 -93.06 26.14
CA SER E 736 -3.93 -94.02 27.15
C SER E 736 -2.57 -94.56 26.75
N ASN E 737 -1.80 -94.98 27.74
CA ASN E 737 -0.41 -95.37 27.47
C ASN E 737 -0.29 -96.65 26.69
N ASN E 738 -1.39 -97.26 26.20
CA ASN E 738 -1.26 -98.44 25.36
C ASN E 738 -2.27 -98.46 24.21
N SER E 739 -3.03 -97.38 24.01
CA SER E 739 -4.10 -97.34 23.02
C SER E 739 -3.66 -96.52 21.82
N ILE E 740 -3.81 -97.09 20.63
CA ILE E 740 -3.43 -96.45 19.38
C ILE E 740 -4.61 -96.54 18.42
N ALA E 741 -4.71 -95.55 17.53
CA ALA E 741 -5.77 -95.53 16.53
C ALA E 741 -5.14 -95.61 15.14
N ILE E 742 -5.87 -96.23 14.22
CA ILE E 742 -5.36 -96.45 12.87
C ILE E 742 -6.50 -96.25 11.87
N PRO E 743 -6.30 -95.48 10.81
CA PRO E 743 -7.36 -95.34 9.80
C PRO E 743 -7.58 -96.63 9.03
N ILE E 744 -8.80 -96.78 8.51
CA ILE E 744 -9.13 -97.93 7.68
C ILE E 744 -9.58 -97.52 6.28
N ASN E 745 -10.04 -96.30 6.09
CA ASN E 745 -10.51 -95.82 4.79
C ASN E 745 -9.83 -94.50 4.49
N PHE E 746 -9.79 -94.13 3.22
CA PHE E 746 -9.10 -92.91 2.82
C PHE E 746 -9.86 -92.25 1.69
N THR E 747 -10.01 -90.94 1.79
CA THR E 747 -10.63 -90.15 0.72
C THR E 747 -9.56 -89.35 0.00
N ILE E 748 -9.97 -88.71 -1.09
CA ILE E 748 -9.09 -87.82 -1.84
C ILE E 748 -9.86 -86.53 -2.08
N SER E 749 -9.29 -85.42 -1.65
CA SER E 749 -9.92 -84.12 -1.78
C SER E 749 -9.12 -83.23 -2.71
N VAL E 750 -9.72 -82.10 -3.07
CA VAL E 750 -9.04 -81.06 -3.83
C VAL E 750 -9.39 -79.71 -3.22
N THR E 751 -8.52 -78.74 -3.44
CA THR E 751 -8.66 -77.44 -2.80
C THR E 751 -8.03 -76.38 -3.67
N THR E 752 -8.70 -75.24 -3.79
CA THR E 752 -8.19 -74.13 -4.56
C THR E 752 -7.40 -73.17 -3.67
N GLU E 753 -6.66 -72.26 -4.31
CA GLU E 753 -5.87 -71.28 -3.58
C GLU E 753 -5.56 -70.13 -4.54
N ILE E 754 -6.05 -68.94 -4.22
CA ILE E 754 -6.01 -67.80 -5.13
C ILE E 754 -4.79 -66.95 -4.81
N LEU E 755 -4.08 -66.49 -5.83
CA LEU E 755 -2.95 -65.60 -5.61
C LEU E 755 -2.88 -64.51 -6.67
N PRO E 756 -2.75 -63.24 -6.28
CA PRO E 756 -2.48 -62.21 -7.28
C PRO E 756 -1.07 -62.34 -7.83
N VAL E 757 -0.88 -61.84 -9.05
CA VAL E 757 0.43 -61.86 -9.71
C VAL E 757 0.86 -60.48 -10.14
N SER E 758 -0.03 -59.72 -10.76
CA SER E 758 0.31 -58.38 -11.21
C SER E 758 -0.94 -57.50 -11.19
N MET E 759 -0.71 -56.20 -11.12
CA MET E 759 -1.78 -55.22 -11.21
C MET E 759 -1.69 -54.50 -12.55
N THR E 760 -2.55 -53.52 -12.76
CA THR E 760 -2.66 -52.85 -14.04
C THR E 760 -1.51 -51.86 -14.22
N LYS E 761 -0.71 -52.07 -15.27
CA LYS E 761 0.35 -51.12 -15.59
C LYS E 761 -0.25 -49.75 -15.88
N THR E 762 0.40 -48.71 -15.38
CA THR E 762 -0.11 -47.35 -15.54
C THR E 762 1.05 -46.42 -15.84
N SER E 763 0.69 -45.22 -16.30
CA SER E 763 1.64 -44.15 -16.52
C SER E 763 0.89 -42.83 -16.49
N VAL E 764 1.48 -41.82 -15.87
CA VAL E 764 0.87 -40.52 -15.69
C VAL E 764 1.88 -39.47 -16.09
N ASP E 765 1.66 -38.82 -17.24
CA ASP E 765 2.54 -37.75 -17.66
C ASP E 765 2.43 -36.58 -16.69
N CYS E 766 3.59 -36.03 -16.31
CA CYS E 766 3.61 -35.02 -15.27
C CYS E 766 3.01 -33.69 -15.74
N THR E 767 3.62 -33.09 -16.77
CA THR E 767 3.21 -31.76 -17.19
C THR E 767 1.77 -31.74 -17.67
N MET E 768 1.36 -32.75 -18.45
CA MET E 768 0.01 -32.76 -18.99
C MET E 768 -1.04 -32.85 -17.89
N TYR E 769 -0.68 -33.40 -16.74
CA TYR E 769 -1.63 -33.48 -15.64
C TYR E 769 -1.65 -32.18 -14.84
N ILE E 770 -0.48 -31.77 -14.33
CA ILE E 770 -0.43 -30.60 -13.46
C ILE E 770 -0.93 -29.37 -14.20
N CYS E 771 -0.40 -29.13 -15.39
CA CYS E 771 -0.84 -28.02 -16.22
C CYS E 771 -1.77 -28.53 -17.32
N GLY E 772 -2.43 -27.58 -17.97
CA GLY E 772 -3.24 -27.91 -19.14
C GLY E 772 -2.51 -27.54 -20.41
N ASP E 773 -2.86 -26.39 -20.98
CA ASP E 773 -2.16 -25.84 -22.12
C ASP E 773 -1.50 -24.50 -21.80
N SER E 774 -1.59 -24.04 -20.56
CA SER E 774 -0.98 -22.78 -20.14
C SER E 774 0.53 -22.85 -20.26
N THR E 775 1.11 -22.07 -21.18
CA THR E 775 2.54 -22.06 -21.34
C THR E 775 3.25 -21.56 -20.09
N GLU E 776 2.72 -20.50 -19.49
CA GLU E 776 3.32 -19.96 -18.27
C GLU E 776 3.29 -20.97 -17.14
N CYS E 777 2.29 -21.85 -17.13
CA CYS E 777 2.28 -22.94 -16.16
C CYS E 777 3.52 -23.82 -16.33
N SER E 778 3.87 -24.13 -17.58
CA SER E 778 5.09 -24.88 -17.82
C SER E 778 6.32 -24.11 -17.38
N ASN E 779 6.33 -22.79 -17.62
CA ASN E 779 7.47 -21.98 -17.19
C ASN E 779 7.65 -22.04 -15.69
N LEU E 780 6.54 -21.98 -14.94
CA LEU E 780 6.62 -22.11 -13.49
C LEU E 780 7.11 -23.50 -13.09
N LEU E 781 6.61 -24.55 -13.76
CA LEU E 781 7.06 -25.90 -13.45
C LEU E 781 8.53 -26.11 -13.74
N LEU E 782 9.11 -25.34 -14.66
CA LEU E 782 10.54 -25.45 -14.91
C LEU E 782 11.39 -25.00 -13.73
N GLN E 783 10.77 -24.59 -12.61
CA GLN E 783 11.50 -24.37 -11.37
C GLN E 783 11.54 -25.62 -10.50
N TYR E 784 10.82 -26.67 -10.89
CA TYR E 784 10.66 -27.90 -10.12
C TYR E 784 11.12 -29.11 -10.92
N GLY E 785 12.05 -28.88 -11.86
CA GLY E 785 12.22 -29.83 -12.96
C GLY E 785 12.40 -31.30 -12.63
N SER E 786 13.22 -31.61 -11.63
CA SER E 786 13.57 -33.00 -11.37
C SER E 786 12.37 -33.82 -10.90
N PHE E 787 11.34 -33.17 -10.37
CA PHE E 787 10.22 -33.89 -9.78
C PHE E 787 9.49 -34.75 -10.81
N CYS E 788 9.20 -34.16 -11.97
CA CYS E 788 8.47 -34.89 -13.00
C CYS E 788 9.28 -36.07 -13.51
N THR E 789 10.58 -35.87 -13.71
CA THR E 789 11.43 -36.97 -14.15
C THR E 789 11.44 -38.09 -13.12
N GLN E 790 11.55 -37.74 -11.84
CA GLN E 790 11.55 -38.76 -10.79
C GLN E 790 10.25 -39.54 -10.77
N LEU E 791 9.12 -38.85 -10.89
CA LEU E 791 7.83 -39.52 -10.87
C LEU E 791 7.70 -40.47 -12.05
N ASN E 792 8.08 -40.01 -13.25
CA ASN E 792 7.99 -40.88 -14.42
C ASN E 792 8.91 -42.08 -14.28
N ARG E 793 10.11 -41.89 -13.72
CA ARG E 793 11.01 -43.01 -13.53
C ARG E 793 10.42 -44.03 -12.57
N ALA E 794 9.80 -43.55 -11.48
CA ALA E 794 9.17 -44.47 -10.54
C ALA E 794 8.06 -45.28 -11.20
N LEU E 795 7.23 -44.62 -12.01
CA LEU E 795 6.14 -45.34 -12.67
C LEU E 795 6.67 -46.36 -13.65
N THR E 796 7.71 -46.02 -14.40
CA THR E 796 8.31 -47.00 -15.31
C THR E 796 8.88 -48.18 -14.55
N GLY E 797 9.50 -47.92 -13.40
CA GLY E 797 10.00 -49.00 -12.57
C GLY E 797 8.89 -49.93 -12.13
N ILE E 798 7.76 -49.36 -11.71
CA ILE E 798 6.63 -50.19 -11.30
C ILE E 798 6.14 -51.04 -12.47
N ALA E 799 6.05 -50.44 -13.66
CA ALA E 799 5.58 -51.20 -14.81
C ALA E 799 6.49 -52.38 -15.13
N VAL E 800 7.80 -52.13 -15.17
CA VAL E 800 8.71 -53.22 -15.49
C VAL E 800 8.71 -54.26 -14.39
N GLU E 801 8.47 -53.86 -13.15
CA GLU E 801 8.36 -54.84 -12.07
C GLU E 801 7.14 -55.73 -12.27
N GLN E 802 6.02 -55.15 -12.71
CA GLN E 802 4.83 -55.95 -13.00
C GLN E 802 5.14 -56.99 -14.06
N ASP E 803 5.75 -56.55 -15.16
CA ASP E 803 6.06 -57.51 -16.22
C ASP E 803 7.04 -58.58 -15.74
N LYS E 804 8.01 -58.18 -14.91
CA LYS E 804 8.96 -59.16 -14.39
C LYS E 804 8.27 -60.20 -13.54
N ASN E 805 7.31 -59.79 -12.71
CA ASN E 805 6.54 -60.75 -11.93
C ASN E 805 5.84 -61.75 -12.84
N THR E 806 5.11 -61.24 -13.83
CA THR E 806 4.39 -62.16 -14.71
C THR E 806 5.34 -63.11 -15.42
N GLN E 807 6.52 -62.61 -15.81
CA GLN E 807 7.50 -63.46 -16.46
C GLN E 807 8.02 -64.55 -15.53
N GLU E 808 8.33 -64.18 -14.28
CA GLU E 808 8.92 -65.14 -13.35
C GLU E 808 7.94 -66.24 -12.98
N VAL E 809 6.68 -65.88 -12.75
CA VAL E 809 5.77 -66.85 -12.15
C VAL E 809 5.40 -67.97 -13.11
N PHE E 810 5.52 -67.77 -14.42
CA PHE E 810 4.94 -68.70 -15.39
C PHE E 810 5.97 -69.46 -16.21
N ALA E 811 6.88 -68.77 -16.89
CA ALA E 811 7.76 -69.46 -17.84
C ALA E 811 8.82 -70.29 -17.13
N GLN E 812 8.41 -71.39 -16.51
CA GLN E 812 9.33 -72.29 -15.85
C GLN E 812 9.87 -73.37 -16.78
N VAL E 813 9.41 -73.44 -18.02
CA VAL E 813 9.84 -74.47 -18.96
C VAL E 813 10.09 -73.82 -20.31
N LYS E 814 11.14 -74.28 -20.99
CA LYS E 814 11.50 -73.77 -22.31
C LYS E 814 11.30 -74.83 -23.38
N GLN E 815 10.28 -75.67 -23.23
CA GLN E 815 9.98 -76.71 -24.21
C GLN E 815 8.48 -76.97 -24.13
N ILE E 816 7.71 -76.30 -24.99
CA ILE E 816 6.26 -76.41 -24.94
C ILE E 816 5.86 -77.83 -25.31
N TYR E 817 5.26 -78.54 -24.36
CA TYR E 817 4.86 -79.91 -24.59
C TYR E 817 3.46 -79.95 -25.20
N LYS E 818 2.95 -81.16 -25.41
CA LYS E 818 1.66 -81.32 -26.08
C LYS E 818 0.99 -82.59 -25.56
N THR E 819 -0.25 -82.44 -25.12
CA THR E 819 -1.01 -83.59 -24.65
C THR E 819 -1.31 -84.52 -25.83
N PRO E 820 -1.24 -85.84 -25.63
CA PRO E 820 -1.57 -86.76 -26.71
C PRO E 820 -3.06 -86.70 -27.01
N PRO E 821 -3.47 -87.04 -28.24
CA PRO E 821 -4.91 -87.07 -28.54
C PRO E 821 -5.68 -88.06 -27.69
N ILE E 822 -5.07 -89.18 -27.32
CA ILE E 822 -5.74 -90.16 -26.47
C ILE E 822 -5.90 -89.59 -25.06
N LYS E 823 -6.95 -90.02 -24.38
CA LYS E 823 -7.20 -89.64 -22.99
C LYS E 823 -7.19 -90.87 -22.09
N ASP E 824 -6.25 -91.77 -22.33
CA ASP E 824 -6.13 -93.02 -21.55
C ASP E 824 -5.24 -92.75 -20.34
N PHE E 825 -5.84 -92.17 -19.30
CA PHE E 825 -5.14 -91.83 -18.07
C PHE E 825 -5.66 -92.64 -16.89
N GLY E 826 -5.93 -93.92 -17.11
CA GLY E 826 -6.40 -94.77 -16.03
C GLY E 826 -7.68 -94.31 -15.39
N GLY E 827 -8.63 -93.85 -16.19
CA GLY E 827 -9.93 -93.46 -15.66
C GLY E 827 -10.01 -92.08 -15.05
N PHE E 828 -8.95 -91.29 -15.14
CA PHE E 828 -8.97 -89.92 -14.61
C PHE E 828 -9.47 -89.01 -15.72
N ASN E 829 -10.73 -88.58 -15.61
CA ASN E 829 -11.40 -87.83 -16.67
C ASN E 829 -10.85 -86.39 -16.69
N PHE E 830 -9.67 -86.25 -17.27
CA PHE E 830 -9.04 -84.94 -17.44
C PHE E 830 -9.67 -84.23 -18.63
N SER E 831 -10.83 -83.65 -18.40
CA SER E 831 -11.53 -82.92 -19.45
C SER E 831 -11.95 -81.51 -19.05
N GLN E 832 -11.90 -81.16 -17.77
CA GLN E 832 -12.27 -79.83 -17.33
C GLN E 832 -11.08 -78.87 -17.27
N ILE E 833 -9.87 -79.36 -17.49
CA ILE E 833 -8.70 -78.50 -17.41
C ILE E 833 -7.83 -78.67 -18.65
N LEU E 834 -8.34 -79.34 -19.63
CA LEU E 834 -7.48 -79.39 -20.80
C LEU E 834 -8.00 -78.45 -21.87
N PRO E 835 -7.11 -77.92 -22.71
CA PRO E 835 -7.54 -77.02 -23.77
C PRO E 835 -8.51 -77.69 -24.72
N ASP E 836 -9.47 -76.92 -25.21
CA ASP E 836 -10.48 -77.40 -26.14
C ASP E 836 -10.28 -76.76 -27.50
N PRO E 837 -10.16 -77.55 -28.56
CA PRO E 837 -9.99 -76.95 -29.91
C PRO E 837 -11.19 -76.14 -30.37
N SER E 838 -12.36 -76.34 -29.78
CA SER E 838 -13.56 -75.67 -30.25
C SER E 838 -13.42 -74.15 -30.12
N LYS E 839 -13.07 -73.68 -28.93
CA LYS E 839 -12.86 -72.25 -28.73
C LYS E 839 -11.60 -71.80 -29.46
N PRO E 840 -11.57 -70.55 -29.94
CA PRO E 840 -10.38 -70.05 -30.65
C PRO E 840 -9.13 -70.12 -29.79
N SER E 841 -9.16 -69.44 -28.65
CA SER E 841 -8.07 -69.58 -27.69
C SER E 841 -8.11 -70.96 -27.06
N LYS E 842 -6.95 -71.44 -26.62
CA LYS E 842 -6.84 -72.74 -25.98
C LYS E 842 -7.25 -72.71 -24.52
N ARG E 843 -7.97 -71.68 -24.09
CA ARG E 843 -8.47 -71.63 -22.72
C ARG E 843 -9.36 -72.82 -22.43
N SER E 844 -9.09 -73.50 -21.33
CA SER E 844 -9.87 -74.66 -20.96
C SER E 844 -11.18 -74.24 -20.31
N PHE E 845 -11.97 -75.22 -19.87
CA PHE E 845 -13.31 -74.93 -19.38
C PHE E 845 -13.27 -74.16 -18.06
N ILE E 846 -12.47 -74.63 -17.09
CA ILE E 846 -12.45 -73.98 -15.79
C ILE E 846 -11.82 -72.59 -15.90
N GLU E 847 -10.80 -72.45 -16.73
CA GLU E 847 -10.25 -71.11 -16.98
C GLU E 847 -11.30 -70.20 -17.57
N ASP E 848 -12.08 -70.70 -18.52
CA ASP E 848 -13.13 -69.89 -19.14
C ASP E 848 -14.16 -69.46 -18.11
N LEU E 849 -14.59 -70.39 -17.26
CA LEU E 849 -15.55 -70.05 -16.22
C LEU E 849 -14.97 -69.01 -15.26
N LEU E 850 -13.71 -69.18 -14.88
CA LEU E 850 -13.08 -68.27 -13.94
C LEU E 850 -12.90 -66.88 -14.53
N PHE E 851 -12.70 -66.79 -15.84
CA PHE E 851 -12.39 -65.52 -16.46
C PHE E 851 -13.61 -64.60 -16.54
N ASN E 852 -14.82 -65.14 -16.39
CA ASN E 852 -16.02 -64.34 -16.52
C ASN E 852 -16.54 -63.82 -15.18
N LYS E 853 -16.23 -64.50 -14.08
CA LYS E 853 -16.67 -64.03 -12.77
C LYS E 853 -16.08 -62.66 -12.44
N VAL E 854 -14.90 -62.36 -12.96
CA VAL E 854 -14.23 -61.10 -12.68
C VAL E 854 -14.68 -60.06 -13.72
N THR E 855 -15.11 -58.91 -13.24
CA THR E 855 -15.59 -57.85 -14.12
C THR E 855 -14.84 -56.54 -13.84
N PHE E 883 -8.21 -39.88 -20.01
CA PHE E 883 -8.27 -38.54 -20.59
C PHE E 883 -7.03 -37.71 -20.28
N ASN E 884 -6.97 -37.21 -19.05
CA ASN E 884 -5.95 -36.23 -18.66
C ASN E 884 -4.66 -36.94 -18.28
N GLY E 885 -3.93 -37.38 -19.32
CA GLY E 885 -2.61 -37.94 -19.12
C GLY E 885 -2.58 -39.18 -18.26
N LEU E 886 -3.48 -40.13 -18.52
CA LEU E 886 -3.60 -41.36 -17.74
C LEU E 886 -3.50 -42.58 -18.64
N THR E 887 -2.49 -42.60 -19.50
CA THR E 887 -2.32 -43.72 -20.42
C THR E 887 -2.12 -45.01 -19.64
N VAL E 888 -2.67 -46.09 -20.18
CA VAL E 888 -2.58 -47.41 -19.58
C VAL E 888 -1.83 -48.33 -20.54
N LEU E 889 -0.83 -48.97 -20.05
CA LEU E 889 -0.08 -49.80 -20.97
C LEU E 889 -0.54 -51.24 -20.89
N PRO E 890 -0.44 -51.99 -21.98
CA PRO E 890 -0.81 -53.40 -21.95
C PRO E 890 0.39 -54.28 -21.62
N PRO E 891 0.18 -55.44 -21.02
CA PRO E 891 1.29 -56.33 -20.72
C PRO E 891 1.88 -56.89 -21.99
N LEU E 892 3.20 -57.11 -21.97
CA LEU E 892 3.89 -57.63 -23.15
C LEU E 892 3.80 -59.14 -23.26
N LEU E 893 2.84 -59.74 -22.58
CA LEU E 893 2.60 -61.19 -22.66
C LEU E 893 1.09 -61.39 -22.61
N THR E 894 0.47 -61.52 -23.78
CA THR E 894 -0.98 -61.55 -23.87
C THR E 894 -1.53 -62.83 -23.24
N ASP E 895 -2.82 -62.77 -22.89
CA ASP E 895 -3.44 -63.85 -22.13
C ASP E 895 -3.38 -65.18 -22.86
N GLU E 896 -3.41 -65.17 -24.19
CA GLU E 896 -3.36 -66.42 -24.92
C GLU E 896 -2.04 -67.14 -24.68
N MET E 897 -0.94 -66.40 -24.67
CA MET E 897 0.35 -67.02 -24.36
C MET E 897 0.39 -67.54 -22.94
N ILE E 898 -0.26 -66.84 -22.01
CA ILE E 898 -0.33 -67.33 -20.63
C ILE E 898 -1.06 -68.66 -20.57
N ALA E 899 -2.19 -68.76 -21.27
CA ALA E 899 -2.90 -70.03 -21.32
C ALA E 899 -2.06 -71.11 -22.00
N GLN E 900 -1.24 -70.72 -22.98
CA GLN E 900 -0.35 -71.69 -23.61
C GLN E 900 0.66 -72.24 -22.61
N TYR E 901 1.25 -71.36 -21.80
CA TYR E 901 2.18 -71.80 -20.76
C TYR E 901 1.48 -72.74 -19.79
N THR E 902 0.27 -72.39 -19.37
CA THR E 902 -0.44 -73.22 -18.42
C THR E 902 -0.73 -74.61 -19.00
N SER E 903 -1.14 -74.65 -20.26
CA SER E 903 -1.38 -75.94 -20.91
C SER E 903 -0.11 -76.76 -21.00
N ALA E 904 1.01 -76.11 -21.31
CA ALA E 904 2.29 -76.82 -21.37
C ALA E 904 2.62 -77.43 -20.01
N LEU E 905 2.41 -76.66 -18.94
CA LEU E 905 2.68 -77.16 -17.60
C LEU E 905 1.79 -78.35 -17.27
N LEU E 906 0.51 -78.27 -17.65
CA LEU E 906 -0.40 -79.39 -17.41
C LEU E 906 0.06 -80.64 -18.15
N ALA E 907 0.45 -80.50 -19.41
CA ALA E 907 0.92 -81.66 -20.17
C ALA E 907 2.15 -82.26 -19.52
N GLY E 908 3.09 -81.40 -19.11
CA GLY E 908 4.31 -81.91 -18.50
C GLY E 908 4.03 -82.64 -17.20
N THR E 909 3.17 -82.09 -16.35
CA THR E 909 2.90 -82.75 -15.08
C THR E 909 1.96 -83.94 -15.21
N ILE E 910 1.26 -84.08 -16.33
CA ILE E 910 0.39 -85.24 -16.52
C ILE E 910 1.15 -86.41 -17.12
N THR E 911 1.86 -86.20 -18.23
CA THR E 911 2.50 -87.33 -18.89
C THR E 911 3.85 -87.65 -18.26
N SER E 912 4.75 -86.67 -18.22
CA SER E 912 6.15 -86.91 -17.91
C SER E 912 6.43 -86.97 -16.42
N GLY E 913 5.43 -87.24 -15.59
CA GLY E 913 5.68 -87.32 -14.16
C GLY E 913 6.13 -85.99 -13.63
N TRP E 914 7.30 -85.96 -13.01
CA TRP E 914 7.89 -84.72 -12.55
C TRP E 914 9.36 -84.57 -12.93
N THR E 915 9.94 -85.54 -13.62
CA THR E 915 11.33 -85.41 -14.04
C THR E 915 11.53 -84.27 -15.02
N PHE E 916 10.47 -83.83 -15.69
CA PHE E 916 10.61 -82.73 -16.64
C PHE E 916 10.95 -81.42 -15.96
N GLY E 917 10.84 -81.35 -14.63
CA GLY E 917 11.35 -80.21 -13.91
C GLY E 917 12.85 -80.23 -13.70
N ALA E 918 13.50 -81.33 -14.06
CA ALA E 918 14.96 -81.48 -13.93
C ALA E 918 15.49 -82.02 -15.25
N GLY E 919 15.87 -81.13 -16.14
CA GLY E 919 16.48 -81.53 -17.41
C GLY E 919 15.41 -81.83 -18.45
N ALA E 920 15.53 -82.99 -19.08
CA ALA E 920 14.60 -83.39 -20.13
C ALA E 920 13.31 -83.92 -19.51
N ALA E 921 12.36 -84.27 -20.38
CA ALA E 921 11.08 -84.83 -19.96
C ALA E 921 11.08 -86.32 -20.21
N LEU E 922 10.79 -87.10 -19.19
CA LEU E 922 10.84 -88.55 -19.25
C LEU E 922 9.43 -89.12 -19.13
N GLN E 923 9.04 -89.93 -20.10
CA GLN E 923 7.68 -90.44 -20.18
C GLN E 923 7.49 -91.62 -19.23
N ILE E 924 6.30 -91.72 -18.65
CA ILE E 924 5.98 -92.75 -17.67
C ILE E 924 4.46 -92.85 -17.54
N PRO E 925 3.89 -94.04 -17.47
CA PRO E 925 2.43 -94.15 -17.36
C PRO E 925 1.92 -93.51 -16.08
N PHE E 926 0.70 -92.95 -16.17
CA PHE E 926 0.18 -92.15 -15.08
C PHE E 926 -0.05 -92.98 -13.82
N ALA E 927 -0.54 -94.21 -13.97
CA ALA E 927 -0.82 -95.03 -12.81
C ALA E 927 0.44 -95.28 -12.00
N MET E 928 1.55 -95.58 -12.68
CA MET E 928 2.80 -95.77 -11.98
C MET E 928 3.25 -94.50 -11.27
N GLN E 929 2.97 -93.34 -11.84
CA GLN E 929 3.35 -92.09 -11.18
C GLN E 929 2.53 -91.87 -9.91
N MET E 930 1.22 -92.14 -9.97
CA MET E 930 0.42 -92.01 -8.77
C MET E 930 0.90 -93.00 -7.70
N ALA E 931 1.30 -94.19 -8.13
CA ALA E 931 1.89 -95.15 -7.19
C ALA E 931 3.17 -94.59 -6.58
N TYR E 932 4.00 -93.95 -7.40
CA TYR E 932 5.20 -93.29 -6.90
C TYR E 932 4.85 -92.34 -5.77
N ARG E 933 3.89 -91.46 -6.02
CA ARG E 933 3.58 -90.43 -5.02
C ARG E 933 2.96 -91.04 -3.77
N PHE E 934 2.11 -92.07 -3.93
CA PHE E 934 1.58 -92.77 -2.78
C PHE E 934 2.69 -93.37 -1.94
N ASN E 935 3.69 -93.95 -2.60
CA ASN E 935 4.90 -94.35 -1.88
C ASN E 935 5.55 -93.16 -1.20
N GLY E 936 5.49 -92.00 -1.85
CA GLY E 936 6.11 -90.81 -1.29
C GLY E 936 5.54 -90.42 0.06
N ILE E 937 4.20 -90.41 0.17
CA ILE E 937 3.59 -89.97 1.42
C ILE E 937 3.58 -91.05 2.49
N GLY E 938 4.16 -92.20 2.22
CA GLY E 938 4.31 -93.24 3.22
C GLY E 938 3.26 -94.33 3.24
N VAL E 939 2.73 -94.73 2.10
CA VAL E 939 1.87 -95.90 1.99
C VAL E 939 2.33 -96.72 0.79
N THR E 940 2.27 -98.04 0.94
CA THR E 940 2.81 -98.93 -0.07
C THR E 940 2.00 -98.86 -1.36
N GLN E 941 2.62 -99.31 -2.46
CA GLN E 941 2.00 -99.18 -3.77
C GLN E 941 0.69 -99.96 -3.85
N ASN E 942 0.66 -101.15 -3.24
CA ASN E 942 -0.48 -102.04 -3.41
C ASN E 942 -1.79 -101.37 -3.05
N VAL E 943 -1.77 -100.43 -2.11
CA VAL E 943 -2.98 -99.72 -1.73
C VAL E 943 -3.59 -99.02 -2.93
N LEU E 944 -2.75 -98.40 -3.76
CA LEU E 944 -3.26 -97.72 -4.95
C LEU E 944 -3.79 -98.70 -5.97
N TYR E 945 -3.01 -99.74 -6.29
CA TYR E 945 -3.41 -100.68 -7.32
C TYR E 945 -4.69 -101.42 -6.96
N GLU E 946 -4.93 -101.65 -5.68
CA GLU E 946 -6.14 -102.36 -5.29
C GLU E 946 -7.38 -101.49 -5.36
N ASN E 947 -7.26 -100.19 -5.62
CA ASN E 947 -8.42 -99.32 -5.54
C ASN E 947 -8.44 -98.28 -6.66
N GLN E 948 -7.97 -98.64 -7.86
CA GLN E 948 -7.90 -97.67 -8.94
C GLN E 948 -9.28 -97.08 -9.25
N LYS E 949 -10.30 -97.93 -9.32
CA LYS E 949 -11.63 -97.44 -9.65
C LYS E 949 -12.14 -96.48 -8.59
N LEU E 950 -11.98 -96.83 -7.31
CA LEU E 950 -12.45 -95.97 -6.25
C LEU E 950 -11.74 -94.62 -6.27
N ILE E 951 -10.42 -94.64 -6.44
CA ILE E 951 -9.65 -93.40 -6.45
C ILE E 951 -10.07 -92.53 -7.63
N ALA E 952 -10.22 -93.14 -8.82
CA ALA E 952 -10.61 -92.37 -9.99
C ALA E 952 -11.99 -91.76 -9.82
N ASN E 953 -12.94 -92.54 -9.28
CA ASN E 953 -14.27 -92.01 -9.07
C ASN E 953 -14.26 -90.85 -8.09
N GLN E 954 -13.51 -90.98 -7.00
CA GLN E 954 -13.44 -89.90 -6.03
C GLN E 954 -12.81 -88.65 -6.63
N PHE E 955 -11.75 -88.83 -7.43
CA PHE E 955 -11.11 -87.68 -8.05
C PHE E 955 -12.06 -86.96 -9.00
N ASN E 956 -12.78 -87.74 -9.83
CA ASN E 956 -13.71 -87.13 -10.76
C ASN E 956 -14.83 -86.41 -10.03
N SER E 957 -15.36 -87.02 -8.97
CA SER E 957 -16.41 -86.37 -8.20
C SER E 957 -15.90 -85.07 -7.58
N ALA E 958 -14.66 -85.07 -7.10
CA ALA E 958 -14.10 -83.85 -6.53
C ALA E 958 -13.95 -82.76 -7.58
N ILE E 959 -13.51 -83.15 -8.78
CA ILE E 959 -13.38 -82.16 -9.85
C ILE E 959 -14.73 -81.55 -10.18
N GLY E 960 -15.76 -82.41 -10.28
CA GLY E 960 -17.10 -81.89 -10.53
C GLY E 960 -17.59 -81.00 -9.40
N LYS E 961 -17.25 -81.34 -8.16
CA LYS E 961 -17.64 -80.51 -7.04
C LYS E 961 -17.01 -79.12 -7.13
N ILE E 962 -15.73 -79.06 -7.50
CA ILE E 962 -15.09 -77.76 -7.70
C ILE E 962 -15.77 -77.00 -8.83
N GLN E 963 -16.05 -77.69 -9.93
CA GLN E 963 -16.73 -77.04 -11.06
C GLN E 963 -18.04 -76.41 -10.61
N ASP E 964 -18.80 -77.12 -9.79
CA ASP E 964 -20.04 -76.56 -9.26
C ASP E 964 -19.77 -75.38 -8.32
N SER E 965 -18.78 -75.53 -7.43
CA SER E 965 -18.54 -74.52 -6.42
C SER E 965 -18.12 -73.20 -7.03
N LEU E 966 -17.29 -73.24 -8.07
CA LEU E 966 -16.84 -71.99 -8.69
C LEU E 966 -17.93 -71.33 -9.53
N SER E 967 -19.05 -72.01 -9.76
CA SER E 967 -20.15 -71.43 -10.52
C SER E 967 -21.02 -70.50 -9.68
N SER E 968 -20.58 -70.13 -8.48
CA SER E 968 -21.35 -69.21 -7.64
C SER E 968 -20.43 -68.50 -6.65
N LEU E 973 -13.60 -65.05 -5.05
CA LEU E 973 -12.44 -64.47 -5.72
C LEU E 973 -12.18 -63.05 -5.24
N GLY E 974 -12.36 -62.83 -3.95
CA GLY E 974 -12.14 -61.50 -3.40
C GLY E 974 -10.70 -61.04 -3.56
N LYS E 975 -9.75 -61.95 -3.34
CA LYS E 975 -8.34 -61.58 -3.40
C LYS E 975 -7.94 -61.13 -4.80
N LEU E 976 -8.60 -61.63 -5.83
CA LEU E 976 -8.29 -61.25 -7.19
C LEU E 976 -9.07 -60.03 -7.68
N GLN E 977 -10.03 -59.54 -6.89
CA GLN E 977 -10.85 -58.41 -7.31
C GLN E 977 -10.60 -57.15 -6.50
N ASP E 978 -10.25 -57.28 -5.22
CA ASP E 978 -9.97 -56.09 -4.43
C ASP E 978 -8.77 -55.32 -4.96
N VAL E 979 -7.86 -55.99 -5.68
CA VAL E 979 -6.75 -55.29 -6.32
C VAL E 979 -7.28 -54.30 -7.34
N VAL E 980 -8.16 -54.76 -8.23
CA VAL E 980 -8.75 -53.88 -9.23
C VAL E 980 -9.58 -52.80 -8.55
N ASN E 981 -10.29 -53.16 -7.49
CA ASN E 981 -11.09 -52.17 -6.78
C ASN E 981 -10.22 -51.06 -6.21
N GLN E 982 -9.10 -51.42 -5.57
CA GLN E 982 -8.22 -50.42 -5.00
C GLN E 982 -7.59 -49.56 -6.08
N ASN E 983 -7.19 -50.16 -7.20
CA ASN E 983 -6.64 -49.36 -8.29
C ASN E 983 -7.67 -48.35 -8.79
N ALA E 984 -8.92 -48.80 -8.97
CA ALA E 984 -9.96 -47.89 -9.42
C ALA E 984 -10.17 -46.76 -8.41
N GLN E 985 -10.19 -47.09 -7.12
CA GLN E 985 -10.38 -46.05 -6.11
C GLN E 985 -9.24 -45.05 -6.13
N ALA E 986 -8.01 -45.52 -6.24
CA ALA E 986 -6.87 -44.60 -6.26
C ALA E 986 -6.93 -43.66 -7.45
N LEU E 987 -7.16 -44.22 -8.64
CA LEU E 987 -7.22 -43.37 -9.83
C LEU E 987 -8.40 -42.40 -9.77
N ASN E 988 -9.54 -42.86 -9.26
CA ASN E 988 -10.70 -41.99 -9.14
C ASN E 988 -10.44 -40.84 -8.18
N THR E 989 -9.80 -41.12 -7.04
CA THR E 989 -9.47 -40.04 -6.11
C THR E 989 -8.47 -39.08 -6.71
N LEU E 990 -7.50 -39.59 -7.48
CA LEU E 990 -6.55 -38.70 -8.13
C LEU E 990 -7.25 -37.79 -9.13
N VAL E 991 -8.16 -38.34 -9.93
CA VAL E 991 -8.85 -37.55 -10.94
C VAL E 991 -9.73 -36.50 -10.28
N LYS E 992 -10.57 -36.94 -9.33
CA LYS E 992 -11.50 -36.02 -8.68
C LYS E 992 -10.79 -34.93 -7.91
N GLN E 993 -9.54 -35.17 -7.51
CA GLN E 993 -8.81 -34.14 -6.78
C GLN E 993 -8.56 -32.90 -7.63
N LEU E 994 -8.63 -33.03 -8.95
CA LEU E 994 -8.46 -31.87 -9.82
C LEU E 994 -9.47 -30.79 -9.53
N SER E 995 -10.68 -31.16 -9.11
CA SER E 995 -11.76 -30.20 -8.95
C SER E 995 -11.43 -29.16 -7.88
N SER E 996 -10.83 -29.59 -6.77
CA SER E 996 -10.63 -28.69 -5.64
C SER E 996 -9.70 -27.55 -6.02
N ASN E 997 -9.99 -26.37 -5.44
CA ASN E 997 -9.21 -25.18 -5.73
C ASN E 997 -7.89 -25.11 -4.95
N PHE E 998 -7.67 -26.03 -4.02
CA PHE E 998 -6.46 -26.03 -3.19
C PHE E 998 -6.27 -24.69 -2.49
N GLY E 999 -7.38 -24.10 -2.04
CA GLY E 999 -7.32 -22.83 -1.37
C GLY E 999 -7.09 -21.63 -2.26
N ALA E 1000 -7.22 -21.81 -3.58
CA ALA E 1000 -7.11 -20.70 -4.51
C ALA E 1000 -8.48 -20.07 -4.73
N ILE E 1001 -8.59 -19.19 -5.71
CA ILE E 1001 -9.85 -18.50 -5.95
C ILE E 1001 -10.78 -19.29 -6.87
N SER E 1002 -10.24 -20.12 -7.76
CA SER E 1002 -11.06 -20.95 -8.64
C SER E 1002 -10.22 -22.10 -9.13
N SER E 1003 -10.89 -23.06 -9.79
CA SER E 1003 -10.23 -24.28 -10.22
C SER E 1003 -9.50 -24.09 -11.54
N VAL E 1004 -10.22 -23.72 -12.59
CA VAL E 1004 -9.66 -23.72 -13.94
C VAL E 1004 -8.59 -22.64 -14.07
N LEU E 1005 -7.44 -23.02 -14.61
CA LEU E 1005 -6.36 -22.05 -14.83
C LEU E 1005 -6.77 -21.00 -15.87
N ASN E 1006 -7.52 -21.41 -16.88
CA ASN E 1006 -7.90 -20.48 -17.95
C ASN E 1006 -8.72 -19.32 -17.41
N ASP E 1007 -9.66 -19.60 -16.51
CA ASP E 1007 -10.45 -18.53 -15.92
C ASP E 1007 -9.58 -17.57 -15.11
N ILE E 1008 -8.63 -18.13 -14.36
CA ILE E 1008 -7.77 -17.28 -13.53
C ILE E 1008 -6.91 -16.38 -14.39
N LEU E 1009 -6.26 -16.93 -15.41
CA LEU E 1009 -5.38 -16.13 -16.24
C LEU E 1009 -6.17 -15.09 -17.03
N ALA E 1010 -7.37 -15.46 -17.50
CA ALA E 1010 -8.17 -14.53 -18.29
C ALA E 1010 -8.75 -13.41 -17.45
N ARG E 1011 -8.78 -13.54 -16.13
CA ARG E 1011 -9.40 -12.55 -15.27
C ARG E 1011 -8.41 -11.75 -14.43
N LEU E 1012 -7.14 -12.17 -14.39
CA LEU E 1012 -6.14 -11.47 -13.60
C LEU E 1012 -4.82 -11.45 -14.36
N ASP E 1013 -4.00 -10.45 -14.05
CA ASP E 1013 -2.69 -10.31 -14.66
C ASP E 1013 -1.69 -11.22 -13.96
N PRO E 1014 -0.58 -11.55 -14.61
CA PRO E 1014 0.41 -12.47 -14.02
C PRO E 1014 0.90 -12.00 -12.66
N PRO E 1015 1.20 -10.71 -12.45
CA PRO E 1015 1.77 -10.31 -11.16
C PRO E 1015 0.88 -10.60 -9.96
N GLU E 1016 -0.43 -10.72 -10.15
CA GLU E 1016 -1.32 -11.10 -9.06
C GLU E 1016 -1.88 -12.51 -9.20
N ALA E 1017 -1.83 -13.10 -10.40
CA ALA E 1017 -2.34 -14.44 -10.60
C ALA E 1017 -1.29 -15.52 -10.35
N GLU E 1018 -0.01 -15.15 -10.27
CA GLU E 1018 1.02 -16.15 -10.08
C GLU E 1018 0.87 -16.87 -8.74
N VAL E 1019 0.35 -16.18 -7.73
CA VAL E 1019 0.16 -16.82 -6.43
C VAL E 1019 -0.89 -17.92 -6.52
N GLN E 1020 -2.01 -17.63 -7.18
CA GLN E 1020 -3.02 -18.67 -7.37
C GLN E 1020 -2.45 -19.82 -8.20
N ILE E 1021 -1.70 -19.49 -9.25
CA ILE E 1021 -1.16 -20.52 -10.12
C ILE E 1021 -0.23 -21.45 -9.34
N ASP E 1022 0.69 -20.89 -8.56
CA ASP E 1022 1.66 -21.75 -7.88
C ASP E 1022 1.02 -22.48 -6.72
N ARG E 1023 -0.02 -21.91 -6.09
CA ARG E 1023 -0.75 -22.66 -5.09
C ARG E 1023 -1.42 -23.89 -5.70
N LEU E 1024 -2.04 -23.72 -6.87
CA LEU E 1024 -2.57 -24.88 -7.58
C LEU E 1024 -1.46 -25.87 -7.91
N ILE E 1025 -0.30 -25.37 -8.33
CA ILE E 1025 0.81 -26.24 -8.70
C ILE E 1025 1.22 -27.10 -7.50
N THR E 1026 1.33 -26.47 -6.33
CA THR E 1026 1.66 -27.21 -5.12
C THR E 1026 0.62 -28.26 -4.81
N GLY E 1027 -0.65 -27.92 -5.00
CA GLY E 1027 -1.70 -28.91 -4.77
C GLY E 1027 -1.56 -30.14 -5.66
N ARG E 1028 -1.36 -29.90 -6.96
CA ARG E 1028 -1.24 -31.03 -7.88
C ARG E 1028 0.00 -31.86 -7.55
N LEU E 1029 1.10 -31.20 -7.20
CA LEU E 1029 2.31 -31.94 -6.85
C LEU E 1029 2.08 -32.82 -5.62
N GLN E 1030 1.39 -32.29 -4.62
CA GLN E 1030 1.10 -33.10 -3.44
C GLN E 1030 0.26 -34.32 -3.80
N SER E 1031 -0.75 -34.12 -4.65
CA SER E 1031 -1.59 -35.25 -5.05
C SER E 1031 -0.78 -36.32 -5.76
N LEU E 1032 0.08 -35.91 -6.71
CA LEU E 1032 0.89 -36.89 -7.42
C LEU E 1032 1.85 -37.60 -6.47
N GLN E 1033 2.45 -36.88 -5.54
CA GLN E 1033 3.36 -37.51 -4.60
C GLN E 1033 2.64 -38.58 -3.78
N THR E 1034 1.46 -38.24 -3.28
CA THR E 1034 0.70 -39.20 -2.49
C THR E 1034 0.36 -40.44 -3.30
N TYR E 1035 -0.14 -40.24 -4.53
CA TYR E 1035 -0.54 -41.38 -5.34
C TYR E 1035 0.66 -42.26 -5.67
N VAL E 1036 1.81 -41.64 -5.96
CA VAL E 1036 3.01 -42.41 -6.30
C VAL E 1036 3.46 -43.25 -5.10
N THR E 1037 3.43 -42.65 -3.90
CA THR E 1037 3.82 -43.43 -2.73
C THR E 1037 2.91 -44.62 -2.51
N GLN E 1038 1.59 -44.41 -2.65
CA GLN E 1038 0.66 -45.53 -2.50
C GLN E 1038 0.95 -46.61 -3.52
N GLN E 1039 1.22 -46.21 -4.77
CA GLN E 1039 1.50 -47.20 -5.81
C GLN E 1039 2.76 -47.98 -5.49
N LEU E 1040 3.80 -47.31 -4.99
CA LEU E 1040 5.04 -48.02 -4.66
C LEU E 1040 4.80 -49.07 -3.59
N ILE E 1041 4.06 -48.70 -2.54
CA ILE E 1041 3.83 -49.67 -1.46
C ILE E 1041 3.01 -50.85 -1.96
N ARG E 1042 1.95 -50.58 -2.73
CA ARG E 1042 1.14 -51.67 -3.26
C ARG E 1042 1.97 -52.58 -4.17
N ALA E 1043 2.86 -51.99 -4.97
CA ALA E 1043 3.70 -52.78 -5.84
C ALA E 1043 4.65 -53.68 -5.04
N ALA E 1044 5.18 -53.17 -3.93
CA ALA E 1044 6.03 -54.00 -3.08
C ALA E 1044 5.24 -55.20 -2.55
N GLU E 1045 4.03 -54.95 -2.08
CA GLU E 1045 3.21 -56.06 -1.60
C GLU E 1045 2.94 -57.08 -2.70
N ILE E 1046 2.61 -56.59 -3.89
CA ILE E 1046 2.31 -57.49 -5.01
C ILE E 1046 3.54 -58.31 -5.37
N ARG E 1047 4.72 -57.70 -5.33
CA ARG E 1047 5.93 -58.45 -5.61
C ARG E 1047 6.14 -59.56 -4.60
N ALA E 1048 5.88 -59.27 -3.32
CA ALA E 1048 5.98 -60.34 -2.31
C ALA E 1048 5.03 -61.49 -2.63
N SER E 1049 3.79 -61.15 -3.01
CA SER E 1049 2.83 -62.19 -3.35
C SER E 1049 3.28 -62.99 -4.57
N ALA E 1050 3.85 -62.32 -5.55
CA ALA E 1050 4.30 -63.01 -6.76
C ALA E 1050 5.46 -63.94 -6.47
N ASN E 1051 6.38 -63.53 -5.60
CA ASN E 1051 7.47 -64.43 -5.23
C ASN E 1051 6.95 -65.65 -4.49
N LEU E 1052 5.97 -65.45 -3.60
CA LEU E 1052 5.35 -66.61 -2.97
C LEU E 1052 4.71 -67.52 -4.00
N ALA E 1053 4.06 -66.93 -5.01
CA ALA E 1053 3.43 -67.74 -6.06
C ALA E 1053 4.46 -68.53 -6.83
N ALA E 1054 5.59 -67.90 -7.17
CA ALA E 1054 6.63 -68.62 -7.88
C ALA E 1054 7.16 -69.78 -7.05
N THR E 1055 7.36 -69.57 -5.76
CA THR E 1055 7.83 -70.65 -4.92
C THR E 1055 6.83 -71.80 -4.87
N LYS E 1056 5.53 -71.47 -4.74
CA LYS E 1056 4.52 -72.52 -4.75
C LYS E 1056 4.50 -73.25 -6.08
N MET E 1057 4.67 -72.53 -7.18
CA MET E 1057 4.66 -73.17 -8.49
C MET E 1057 5.83 -74.14 -8.63
N SER E 1058 7.00 -73.75 -8.14
CA SER E 1058 8.17 -74.59 -8.31
C SER E 1058 8.27 -75.71 -7.29
N GLU E 1059 7.53 -75.62 -6.17
CA GLU E 1059 7.62 -76.67 -5.17
C GLU E 1059 6.38 -77.53 -5.02
N CYS E 1060 5.26 -77.16 -5.64
CA CYS E 1060 4.07 -77.99 -5.64
C CYS E 1060 3.84 -78.68 -6.97
N VAL E 1061 3.83 -77.92 -8.07
CA VAL E 1061 3.58 -78.50 -9.39
C VAL E 1061 4.65 -79.52 -9.74
N LEU E 1062 5.91 -79.14 -9.60
CA LEU E 1062 7.02 -80.04 -9.85
C LEU E 1062 7.43 -80.71 -8.55
N GLY E 1063 7.60 -82.02 -8.59
CA GLY E 1063 7.98 -82.74 -7.41
C GLY E 1063 6.85 -82.83 -6.39
N GLN E 1064 7.24 -83.24 -5.20
CA GLN E 1064 6.33 -83.37 -4.08
C GLN E 1064 6.89 -82.61 -2.90
N SER E 1065 6.01 -82.15 -2.02
CA SER E 1065 6.41 -81.30 -0.91
C SER E 1065 6.21 -82.03 0.42
N LYS E 1066 7.27 -82.09 1.22
CA LYS E 1066 7.17 -82.56 2.59
C LYS E 1066 6.87 -81.43 3.57
N ARG E 1067 6.90 -80.18 3.12
CA ARG E 1067 6.55 -79.06 3.99
C ARG E 1067 5.07 -79.14 4.30
N VAL E 1068 4.75 -79.55 5.53
CA VAL E 1068 3.36 -79.77 5.88
C VAL E 1068 2.57 -78.47 5.78
N ASP E 1069 1.35 -78.57 5.27
CA ASP E 1069 0.43 -77.44 5.15
C ASP E 1069 0.95 -76.36 4.22
N PHE E 1070 1.83 -76.70 3.28
CA PHE E 1070 2.22 -75.75 2.25
C PHE E 1070 1.37 -75.92 1.00
N CYS E 1071 1.47 -77.08 0.36
CA CYS E 1071 0.69 -77.36 -0.84
C CYS E 1071 -0.63 -78.01 -0.44
N GLY E 1072 -1.52 -77.18 0.09
CA GLY E 1072 -2.85 -77.64 0.45
C GLY E 1072 -2.90 -78.38 1.77
N LYS E 1073 -4.03 -78.29 2.46
CA LYS E 1073 -4.17 -78.96 3.75
C LYS E 1073 -4.13 -80.47 3.59
N GLY E 1074 -3.47 -81.14 4.53
CA GLY E 1074 -3.30 -82.58 4.46
C GLY E 1074 -2.09 -82.97 3.65
N TYR E 1075 -1.92 -84.29 3.49
CA TYR E 1075 -0.83 -84.80 2.71
C TYR E 1075 -1.00 -84.43 1.24
N HIS E 1076 0.10 -84.29 0.53
CA HIS E 1076 0.10 -83.73 -0.82
C HIS E 1076 0.51 -84.79 -1.84
N LEU E 1077 -0.17 -84.78 -2.99
CA LEU E 1077 0.07 -85.73 -4.07
C LEU E 1077 0.47 -85.08 -5.38
N MET E 1078 -0.18 -84.00 -5.79
CA MET E 1078 0.12 -83.32 -7.04
C MET E 1078 -0.58 -81.96 -7.03
N SER E 1079 -0.54 -81.28 -8.16
CA SER E 1079 -1.18 -79.98 -8.29
C SER E 1079 -1.47 -79.72 -9.76
N PHE E 1080 -2.33 -78.74 -10.01
CA PHE E 1080 -2.67 -78.37 -11.38
C PHE E 1080 -2.86 -76.87 -11.47
N PRO E 1081 -1.92 -76.15 -12.08
CA PRO E 1081 -2.07 -74.70 -12.21
C PRO E 1081 -3.20 -74.35 -13.16
N GLN E 1082 -3.79 -73.18 -12.93
CA GLN E 1082 -4.78 -72.62 -13.83
C GLN E 1082 -4.60 -71.12 -13.87
N SER E 1083 -4.91 -70.52 -15.01
CA SER E 1083 -4.74 -69.09 -15.19
C SER E 1083 -5.97 -68.33 -14.70
N ALA E 1084 -5.84 -67.02 -14.64
CA ALA E 1084 -6.88 -66.13 -14.16
C ALA E 1084 -6.51 -64.69 -14.50
N PRO E 1085 -7.47 -63.79 -14.64
CA PRO E 1085 -7.12 -62.40 -14.99
C PRO E 1085 -6.29 -61.77 -13.90
N HIS E 1086 -5.05 -61.43 -14.24
CA HIS E 1086 -4.10 -60.85 -13.29
C HIS E 1086 -3.88 -61.75 -12.08
N GLY E 1087 -3.93 -63.06 -12.29
CA GLY E 1087 -3.80 -63.96 -11.16
C GLY E 1087 -3.43 -65.36 -11.60
N VAL E 1088 -3.42 -66.26 -10.62
CA VAL E 1088 -3.11 -67.66 -10.86
C VAL E 1088 -3.86 -68.48 -9.82
N VAL E 1089 -4.32 -69.67 -10.23
CA VAL E 1089 -5.19 -70.49 -9.41
C VAL E 1089 -4.66 -71.92 -9.44
N PHE E 1090 -4.44 -72.49 -8.26
CA PHE E 1090 -3.94 -73.85 -8.14
C PHE E 1090 -5.07 -74.79 -7.71
N LEU E 1091 -4.97 -76.04 -8.14
CA LEU E 1091 -5.90 -77.09 -7.76
C LEU E 1091 -5.10 -78.21 -7.11
N HIS E 1092 -4.90 -78.12 -5.80
CA HIS E 1092 -4.14 -79.12 -5.09
C HIS E 1092 -4.96 -80.40 -4.96
N VAL E 1093 -4.26 -81.53 -4.84
CA VAL E 1093 -4.88 -82.84 -4.68
C VAL E 1093 -4.28 -83.48 -3.43
N THR E 1094 -5.10 -83.67 -2.42
CA THR E 1094 -4.60 -84.01 -1.08
C THR E 1094 -5.19 -85.32 -0.60
N TYR E 1095 -4.31 -86.25 -0.23
CA TYR E 1095 -4.71 -87.45 0.48
C TYR E 1095 -5.14 -87.10 1.90
N VAL E 1096 -6.26 -87.65 2.34
CA VAL E 1096 -6.79 -87.37 3.67
C VAL E 1096 -7.34 -88.66 4.29
N PRO E 1097 -6.97 -88.96 5.54
CA PRO E 1097 -7.51 -90.17 6.19
C PRO E 1097 -8.99 -90.09 6.48
N ALA E 1098 -9.54 -91.16 7.03
CA ALA E 1098 -10.97 -91.31 7.25
C ALA E 1098 -11.19 -92.16 8.50
N GLN E 1099 -12.37 -92.77 8.61
CA GLN E 1099 -12.76 -93.58 9.76
C GLN E 1099 -11.61 -94.43 10.28
N GLU E 1100 -11.48 -94.48 11.59
CA GLU E 1100 -10.40 -95.16 12.28
C GLU E 1100 -10.96 -96.29 13.14
N LYS E 1101 -10.08 -96.90 13.94
CA LYS E 1101 -10.46 -98.02 14.78
C LYS E 1101 -9.52 -98.07 15.97
N ASN E 1102 -10.08 -98.26 17.17
CA ASN E 1102 -9.24 -98.37 18.36
C ASN E 1102 -8.43 -99.65 18.33
N PHE E 1103 -7.26 -99.60 18.95
CA PHE E 1103 -6.39 -100.76 19.04
C PHE E 1103 -5.53 -100.67 20.29
N THR E 1104 -4.92 -101.79 20.66
CA THR E 1104 -3.96 -101.85 21.75
C THR E 1104 -2.59 -102.12 21.16
N THR E 1105 -1.55 -101.58 21.79
CA THR E 1105 -0.21 -101.70 21.24
C THR E 1105 0.83 -101.62 22.34
N ALA E 1106 2.04 -102.06 22.01
CA ALA E 1106 3.18 -102.05 22.89
C ALA E 1106 4.41 -101.99 22.01
N PRO E 1107 5.41 -101.20 22.37
CA PRO E 1107 6.56 -100.98 21.48
C PRO E 1107 7.32 -102.25 21.13
N ALA E 1108 7.83 -102.96 22.13
CA ALA E 1108 8.73 -104.07 21.90
C ALA E 1108 7.99 -105.40 21.93
N ILE E 1109 8.67 -106.43 21.42
CA ILE E 1109 8.19 -107.80 21.48
C ILE E 1109 9.32 -108.68 22.00
N CYS E 1110 9.03 -109.48 23.03
CA CYS E 1110 10.01 -110.36 23.62
C CYS E 1110 9.74 -111.78 23.16
N HIS E 1111 10.75 -112.41 22.55
CA HIS E 1111 10.60 -113.75 21.98
C HIS E 1111 11.45 -114.78 22.69
N ASP E 1112 12.77 -114.58 22.77
CA ASP E 1112 13.69 -115.50 23.44
C ASP E 1112 14.59 -114.73 24.39
N GLY E 1113 13.99 -113.86 25.20
CA GLY E 1113 14.79 -113.01 26.04
C GLY E 1113 15.48 -111.89 25.30
N LYS E 1114 15.10 -111.64 24.05
CA LYS E 1114 15.67 -110.59 23.23
C LYS E 1114 14.55 -109.77 22.62
N ALA E 1115 14.83 -108.50 22.36
CA ALA E 1115 13.80 -107.58 21.92
C ALA E 1115 13.48 -107.79 20.45
N HIS E 1116 12.43 -107.10 20.00
CA HIS E 1116 12.01 -107.11 18.61
C HIS E 1116 11.33 -105.79 18.31
N PHE E 1117 11.83 -105.06 17.32
CA PHE E 1117 11.23 -103.79 16.94
C PHE E 1117 10.86 -103.81 15.46
N PRO E 1118 9.74 -103.19 15.09
CA PRO E 1118 9.31 -103.23 13.69
C PRO E 1118 10.25 -102.45 12.80
N ARG E 1119 10.44 -102.96 11.58
CA ARG E 1119 11.21 -102.21 10.60
C ARG E 1119 10.45 -100.98 10.12
N GLU E 1120 9.18 -101.16 9.76
CA GLU E 1120 8.29 -100.05 9.41
C GLU E 1120 6.89 -100.40 9.90
N GLY E 1121 6.40 -99.65 10.88
CA GLY E 1121 5.04 -99.81 11.35
C GLY E 1121 4.99 -99.94 12.85
N VAL E 1122 3.84 -100.40 13.34
CA VAL E 1122 3.62 -100.58 14.77
C VAL E 1122 2.94 -101.92 15.00
N PHE E 1123 2.81 -102.29 16.27
CA PHE E 1123 2.28 -103.59 16.68
C PHE E 1123 0.86 -103.39 17.21
N VAL E 1124 -0.12 -103.49 16.31
CA VAL E 1124 -1.51 -103.36 16.72
C VAL E 1124 -1.99 -104.70 17.27
N SER E 1125 -3.02 -104.64 18.13
CA SER E 1125 -3.55 -105.81 18.81
C SER E 1125 -4.90 -106.20 18.21
N ASN E 1126 -4.99 -107.44 17.74
CA ASN E 1126 -6.27 -108.04 17.40
C ASN E 1126 -7.19 -108.12 18.61
N GLY E 1127 -6.63 -108.04 19.82
CA GLY E 1127 -7.28 -108.45 21.03
C GLY E 1127 -6.99 -109.87 21.43
N THR E 1128 -6.52 -110.70 20.50
CA THR E 1128 -6.08 -112.07 20.71
C THR E 1128 -4.70 -112.33 20.14
N HIS E 1129 -4.38 -111.74 18.98
CA HIS E 1129 -3.11 -111.93 18.30
C HIS E 1129 -2.39 -110.59 18.21
N TRP E 1130 -1.28 -110.59 17.48
CA TRP E 1130 -0.50 -109.38 17.25
C TRP E 1130 -0.18 -109.27 15.77
N PHE E 1131 0.03 -108.03 15.31
CA PHE E 1131 0.26 -107.77 13.91
C PHE E 1131 1.23 -106.60 13.77
N VAL E 1132 1.79 -106.46 12.57
CA VAL E 1132 2.55 -105.28 12.19
C VAL E 1132 1.89 -104.70 10.94
N THR E 1133 1.65 -103.40 10.95
CA THR E 1133 0.89 -102.76 9.88
C THR E 1133 1.54 -101.43 9.52
N GLN E 1134 1.17 -100.93 8.34
CA GLN E 1134 1.66 -99.63 7.91
C GLN E 1134 1.17 -98.55 8.85
N ARG E 1135 1.89 -97.42 8.84
CA ARG E 1135 1.63 -96.35 9.80
C ARG E 1135 0.40 -95.53 9.46
N ASN E 1136 -0.12 -95.64 8.24
CA ASN E 1136 -1.22 -94.79 7.81
C ASN E 1136 -2.36 -95.51 7.13
N PHE E 1137 -2.34 -96.84 7.07
CA PHE E 1137 -3.44 -97.58 6.45
C PHE E 1137 -3.42 -99.00 6.99
N TYR E 1138 -4.53 -99.42 7.58
CA TYR E 1138 -4.61 -100.71 8.25
C TYR E 1138 -4.32 -101.86 7.29
N GLU E 1139 -3.20 -102.54 7.48
CA GLU E 1139 -2.86 -103.73 6.71
C GLU E 1139 -2.19 -104.73 7.66
N PRO E 1140 -2.97 -105.66 8.21
CA PRO E 1140 -2.39 -106.63 9.13
C PRO E 1140 -1.51 -107.64 8.39
N GLN E 1141 -0.33 -107.92 8.97
CA GLN E 1141 0.56 -108.94 8.48
C GLN E 1141 0.98 -109.84 9.63
N ILE E 1142 1.70 -110.90 9.30
CA ILE E 1142 2.19 -111.86 10.28
C ILE E 1142 3.60 -111.47 10.68
N ILE E 1143 3.85 -111.39 11.98
CA ILE E 1143 5.14 -110.95 12.50
C ILE E 1143 6.20 -111.99 12.22
N THR E 1144 7.05 -111.74 11.23
CA THR E 1144 8.16 -112.61 10.90
C THR E 1144 9.48 -111.94 11.26
N THR E 1145 10.57 -112.60 10.93
CA THR E 1145 11.88 -111.98 11.04
C THR E 1145 12.17 -111.01 9.91
N HIS E 1146 11.34 -111.00 8.87
CA HIS E 1146 11.51 -110.07 7.76
C HIS E 1146 10.84 -108.72 8.00
N ASN E 1147 10.21 -108.54 9.16
CA ASN E 1147 9.61 -107.26 9.51
C ASN E 1147 10.22 -106.65 10.76
N THR E 1148 11.08 -107.36 11.47
CA THR E 1148 11.63 -106.86 12.73
C THR E 1148 13.12 -107.15 12.78
N PHE E 1149 13.82 -106.37 13.60
CA PHE E 1149 15.23 -106.59 13.88
C PHE E 1149 15.45 -106.50 15.38
N VAL E 1150 16.48 -107.19 15.86
CA VAL E 1150 16.67 -107.41 17.29
C VAL E 1150 17.83 -106.55 17.78
N SER E 1151 17.75 -106.16 19.05
CA SER E 1151 18.82 -105.40 19.69
C SER E 1151 18.63 -105.49 21.20
N GLY E 1152 19.58 -106.10 21.89
CA GLY E 1152 19.54 -106.17 23.33
C GLY E 1152 18.55 -107.20 23.86
N ASN E 1153 18.56 -107.35 25.18
CA ASN E 1153 17.70 -108.32 25.84
C ASN E 1153 16.33 -107.70 26.13
N CYS E 1154 15.53 -108.40 26.94
CA CYS E 1154 14.20 -107.94 27.31
C CYS E 1154 14.16 -107.27 28.68
N ASP E 1155 15.33 -107.03 29.29
CA ASP E 1155 15.41 -106.59 30.67
C ASP E 1155 15.52 -105.08 30.82
N VAL E 1156 15.47 -104.31 29.74
CA VAL E 1156 15.69 -102.87 29.82
C VAL E 1156 14.54 -102.05 29.26
N VAL E 1157 13.72 -102.59 28.36
CA VAL E 1157 12.66 -101.80 27.75
C VAL E 1157 11.57 -101.52 28.79
N ILE E 1158 10.98 -100.34 28.71
CA ILE E 1158 9.99 -99.94 29.71
C ILE E 1158 8.70 -100.73 29.56
N GLY E 1159 8.32 -101.10 28.35
CA GLY E 1159 7.11 -101.86 28.13
C GLY E 1159 7.30 -102.91 27.06
N ILE E 1160 6.74 -104.11 27.26
CA ILE E 1160 6.99 -105.22 26.38
C ILE E 1160 5.89 -106.25 26.55
N VAL E 1161 5.73 -107.12 25.56
CA VAL E 1161 4.70 -108.14 25.56
C VAL E 1161 5.31 -109.47 25.15
N ASN E 1162 4.97 -110.53 25.86
CA ASN E 1162 5.37 -111.88 25.48
C ASN E 1162 4.65 -112.31 24.22
N ASN E 1163 5.37 -112.91 23.28
CA ASN E 1163 4.78 -113.51 22.09
C ASN E 1163 5.86 -114.31 21.38
N THR E 1164 5.49 -114.90 20.24
CA THR E 1164 6.37 -115.71 19.44
C THR E 1164 6.41 -115.18 18.02
N VAL E 1165 7.61 -115.05 17.47
CA VAL E 1165 7.81 -114.57 16.11
C VAL E 1165 8.00 -115.79 15.21
N TYR E 1166 7.09 -115.97 14.26
CA TYR E 1166 7.22 -117.06 13.31
C TYR E 1166 8.45 -116.85 12.43
N ASP E 1167 9.05 -117.95 12.00
CA ASP E 1167 10.22 -117.91 11.15
C ASP E 1167 9.93 -118.57 9.82
N PRO E 1168 10.32 -117.97 8.70
CA PRO E 1168 10.03 -118.58 7.39
C PRO E 1168 10.86 -119.81 7.11
N LEU E 1169 12.07 -119.90 7.64
CA LEU E 1169 12.98 -120.98 7.25
C LEU E 1169 12.55 -122.32 7.83
N GLN E 1170 11.97 -122.34 9.02
CA GLN E 1170 11.69 -123.60 9.71
C GLN E 1170 10.76 -124.51 8.93
N PRO E 1171 9.59 -124.06 8.44
CA PRO E 1171 8.75 -124.97 7.65
C PRO E 1171 9.43 -125.48 6.40
N GLU E 1172 10.27 -124.66 5.77
CA GLU E 1172 10.98 -125.09 4.58
C GLU E 1172 12.14 -126.02 4.91
N LEU E 1173 12.55 -126.08 6.17
CA LEU E 1173 13.67 -126.94 6.57
C LEU E 1173 13.31 -128.42 6.55
N ASP E 1174 12.13 -128.82 6.08
CA ASP E 1174 11.75 -130.23 6.03
C ASP E 1174 12.54 -130.98 4.97
N ALA F 58 37.86 -15.50 47.73
CA ALA F 58 38.35 -16.80 47.29
C ALA F 58 37.48 -17.36 46.17
N TYR F 59 38.12 -17.97 45.17
CA TYR F 59 37.40 -18.53 44.02
C TYR F 59 36.98 -19.97 44.33
N THR F 60 36.02 -20.08 45.24
CA THR F 60 35.44 -21.38 45.54
C THR F 60 34.59 -21.86 44.38
N ASN F 61 34.35 -23.17 44.37
CA ASN F 61 33.70 -23.83 43.23
C ASN F 61 32.26 -24.18 43.59
N SER F 62 31.33 -23.80 42.70
CA SER F 62 29.93 -24.11 42.91
C SER F 62 29.71 -25.61 42.91
N PHE F 63 28.89 -26.08 43.84
CA PHE F 63 28.66 -27.51 44.04
C PHE F 63 27.17 -27.79 44.01
N THR F 64 26.62 -27.99 42.81
CA THR F 64 25.27 -28.45 42.59
C THR F 64 24.25 -27.61 43.36
N ARG F 65 24.27 -26.31 43.07
CA ARG F 65 23.30 -25.38 43.62
C ARG F 65 22.88 -24.38 42.57
N GLY F 66 21.74 -23.74 42.81
CA GLY F 66 21.23 -22.75 41.88
C GLY F 66 20.22 -23.33 40.91
N VAL F 67 19.24 -24.05 41.44
CA VAL F 67 18.15 -24.60 40.64
C VAL F 67 16.83 -24.18 41.27
N TYR F 68 15.93 -23.66 40.44
CA TYR F 68 14.68 -23.11 40.93
C TYR F 68 13.54 -23.52 40.01
N TYR F 69 12.36 -23.72 40.61
CA TYR F 69 11.17 -24.03 39.84
C TYR F 69 10.89 -22.89 38.87
N PRO F 70 11.08 -23.10 37.57
CA PRO F 70 10.95 -21.98 36.63
C PRO F 70 9.52 -21.68 36.22
N ASP F 71 8.58 -22.59 36.46
CA ASP F 71 7.22 -22.43 35.96
C ASP F 71 6.23 -22.93 37.00
N LYS F 72 5.01 -22.43 36.90
CA LYS F 72 3.92 -22.84 37.79
C LYS F 72 3.23 -24.04 37.18
N VAL F 73 3.84 -25.21 37.37
CA VAL F 73 3.31 -26.47 36.86
C VAL F 73 3.34 -27.50 37.99
N PHE F 74 2.78 -28.66 37.71
CA PHE F 74 2.85 -29.80 38.62
C PHE F 74 3.25 -31.06 37.85
N ARG F 75 4.30 -30.95 37.06
CA ARG F 75 4.84 -32.13 36.39
C ARG F 75 5.21 -33.17 37.43
N SER F 76 4.69 -34.38 37.27
CA SER F 76 4.77 -35.41 38.31
C SER F 76 5.46 -36.65 37.78
N SER F 77 6.51 -37.09 38.49
CA SER F 77 7.18 -38.36 38.25
C SER F 77 7.81 -38.46 36.87
N VAL F 78 7.98 -37.33 36.17
CA VAL F 78 8.55 -37.34 34.83
C VAL F 78 9.76 -36.43 34.81
N LEU F 79 10.61 -36.66 33.81
CA LEU F 79 11.74 -35.78 33.54
C LEU F 79 11.34 -34.70 32.55
N HIS F 80 12.13 -33.64 32.50
CA HIS F 80 11.74 -32.47 31.72
C HIS F 80 12.96 -31.60 31.49
N SER F 81 13.07 -31.03 30.29
CA SER F 81 14.18 -30.17 29.92
C SER F 81 13.66 -28.77 29.63
N THR F 82 14.47 -27.77 29.96
CA THR F 82 14.06 -26.38 29.87
C THR F 82 15.20 -25.53 29.31
N GLN F 83 14.82 -24.35 28.83
CA GLN F 83 15.76 -23.33 28.37
C GLN F 83 15.56 -22.09 29.22
N ASP F 84 16.43 -21.88 30.21
CA ASP F 84 16.29 -20.75 31.10
C ASP F 84 17.64 -20.44 31.71
N LEU F 85 17.70 -19.31 32.41
CA LEU F 85 18.90 -18.90 33.11
C LEU F 85 19.13 -19.84 34.29
N PHE F 86 20.36 -20.32 34.44
CA PHE F 86 20.70 -21.21 35.55
C PHE F 86 22.12 -20.91 36.00
N LEU F 87 22.48 -21.50 37.14
CA LEU F 87 23.85 -21.40 37.63
C LEU F 87 24.63 -22.59 37.10
N PRO F 88 25.61 -22.38 36.22
CA PRO F 88 26.36 -23.52 35.68
C PRO F 88 27.04 -24.31 36.80
N PHE F 89 26.98 -25.62 36.68
CA PHE F 89 27.62 -26.48 37.69
C PHE F 89 29.13 -26.29 37.65
N PHE F 90 29.74 -26.35 38.83
CA PHE F 90 31.19 -26.27 38.98
C PHE F 90 31.74 -24.99 38.35
N SER F 91 31.32 -23.86 38.91
CA SER F 91 31.80 -22.56 38.48
C SER F 91 32.57 -21.89 39.60
N ASN F 92 33.57 -21.11 39.24
CA ASN F 92 34.38 -20.38 40.20
C ASN F 92 33.60 -19.16 40.68
N VAL F 93 33.11 -19.21 41.91
CA VAL F 93 32.40 -18.08 42.52
C VAL F 93 33.32 -17.47 43.57
N THR F 94 33.17 -16.17 43.76
CA THR F 94 34.07 -15.41 44.61
C THR F 94 33.57 -15.36 46.05
N TRP F 95 34.49 -15.60 46.98
CA TRP F 95 34.20 -15.51 48.41
C TRP F 95 34.46 -14.08 48.88
N PHE F 96 33.51 -13.53 49.61
CA PHE F 96 33.66 -12.23 50.25
C PHE F 96 33.32 -12.34 51.72
N HIS F 97 34.16 -11.75 52.56
CA HIS F 97 33.99 -11.82 54.00
C HIS F 97 33.61 -10.46 54.58
N PHE F 108 35.52 -7.18 55.33
CA PHE F 108 34.32 -6.60 55.92
C PHE F 108 33.72 -5.53 55.03
N ASP F 109 34.58 -4.80 54.32
CA ASP F 109 34.10 -3.80 53.37
C ASP F 109 33.55 -4.48 52.13
N ASN F 110 32.49 -3.89 51.56
CA ASN F 110 31.87 -4.40 50.34
C ASN F 110 31.85 -3.30 49.30
N PRO F 111 32.53 -3.46 48.17
CA PRO F 111 32.43 -2.47 47.10
C PRO F 111 31.21 -2.72 46.22
N VAL F 112 31.09 -1.94 45.15
CA VAL F 112 29.99 -2.14 44.20
C VAL F 112 30.30 -3.34 43.31
N LEU F 113 29.34 -4.26 43.21
CA LEU F 113 29.51 -5.42 42.36
C LEU F 113 28.62 -5.31 41.12
N PRO F 114 29.14 -5.63 39.95
CA PRO F 114 28.37 -5.45 38.71
C PRO F 114 27.22 -6.44 38.58
N PHE F 115 26.00 -5.96 38.77
CA PHE F 115 24.83 -6.81 38.60
C PHE F 115 24.66 -7.20 37.13
N ASN F 116 24.24 -8.43 36.91
CA ASN F 116 23.94 -8.94 35.57
C ASN F 116 22.63 -9.69 35.61
N ASP F 117 22.18 -10.11 34.43
CA ASP F 117 20.96 -10.91 34.32
C ASP F 117 21.13 -12.20 35.13
N GLY F 118 20.38 -12.31 36.23
CA GLY F 118 20.52 -13.45 37.11
C GLY F 118 21.68 -13.32 38.05
N VAL F 119 21.50 -13.74 39.30
CA VAL F 119 22.55 -13.65 40.30
C VAL F 119 22.21 -14.59 41.45
N TYR F 120 23.24 -15.25 41.98
CA TYR F 120 23.11 -16.13 43.12
C TYR F 120 23.56 -15.40 44.39
N PHE F 121 23.08 -15.87 45.54
CA PHE F 121 23.47 -15.29 46.81
C PHE F 121 23.16 -16.26 47.94
N ALA F 122 24.14 -16.48 48.81
CA ALA F 122 23.95 -17.32 49.99
C ALA F 122 24.89 -16.84 51.08
N SER F 123 24.44 -16.99 52.33
CA SER F 123 25.23 -16.51 53.46
C SER F 123 24.80 -17.25 54.72
N THR F 124 25.65 -17.15 55.74
CA THR F 124 25.36 -17.77 57.03
C THR F 124 26.16 -17.10 58.14
N SER F 127 23.71 -14.76 63.46
CA SER F 127 24.36 -13.65 62.76
C SER F 127 23.37 -12.52 62.50
N ASN F 128 22.52 -12.71 61.50
CA ASN F 128 21.48 -11.74 61.12
C ASN F 128 22.09 -10.38 60.75
N ILE F 129 23.34 -10.39 60.30
CA ILE F 129 23.99 -9.15 59.90
C ILE F 129 23.35 -8.60 58.62
N ILE F 130 22.98 -9.47 57.71
CA ILE F 130 22.37 -9.04 56.46
C ILE F 130 21.07 -8.31 56.74
N ARG F 131 20.88 -7.18 56.08
CA ARG F 131 19.69 -6.36 56.25
C ARG F 131 18.91 -6.13 54.97
N GLY F 132 19.57 -6.03 53.83
CA GLY F 132 18.85 -5.80 52.59
C GLY F 132 19.80 -5.70 51.42
N TRP F 133 19.27 -5.19 50.31
CA TRP F 133 20.04 -5.04 49.08
C TRP F 133 19.66 -3.71 48.43
N ILE F 134 20.53 -3.24 47.55
CA ILE F 134 20.27 -2.03 46.78
C ILE F 134 20.50 -2.35 45.32
N PHE F 135 19.83 -1.61 44.44
CA PHE F 135 19.93 -1.85 43.01
C PHE F 135 19.79 -0.53 42.28
N GLY F 136 20.55 -0.37 41.20
CA GLY F 136 20.48 0.83 40.41
C GLY F 136 21.71 0.96 39.52
N THR F 137 21.73 2.09 38.79
CA THR F 137 22.83 2.42 37.90
C THR F 137 23.59 3.65 38.35
N THR F 138 22.91 4.77 38.55
CA THR F 138 23.56 5.99 38.99
C THR F 138 23.57 6.14 40.51
N LEU F 139 22.52 5.67 41.18
CA LEU F 139 22.45 5.67 42.64
C LEU F 139 22.56 7.07 43.22
N ASP F 140 22.12 8.08 42.48
CA ASP F 140 22.23 9.47 42.91
C ASP F 140 20.92 10.22 42.71
N SER F 141 19.79 9.54 42.91
CA SER F 141 18.46 10.13 42.79
C SER F 141 18.25 10.80 41.44
N LYS F 142 18.73 10.15 40.38
CA LYS F 142 18.51 10.62 39.01
C LYS F 142 17.66 9.66 38.20
N THR F 143 18.04 8.39 38.16
CA THR F 143 17.22 7.34 37.57
C THR F 143 16.64 6.48 38.69
N GLN F 144 15.39 6.04 38.51
CA GLN F 144 14.69 5.33 39.57
C GLN F 144 15.45 4.09 39.98
N SER F 145 15.57 3.88 41.30
CA SER F 145 16.32 2.76 41.85
C SER F 145 15.51 2.13 42.97
N LEU F 146 15.60 0.81 43.09
CA LEU F 146 14.82 0.09 44.08
C LEU F 146 15.63 -0.14 45.35
N LEU F 147 14.96 -0.08 46.49
CA LEU F 147 15.57 -0.36 47.78
C LEU F 147 14.82 -1.50 48.46
N ILE F 148 15.57 -2.51 48.90
CA ILE F 148 15.03 -3.58 49.73
C ILE F 148 15.90 -3.70 50.97
N VAL F 149 15.25 -3.78 52.14
CA VAL F 149 15.98 -3.82 53.40
C VAL F 149 15.02 -4.32 54.47
N ASN F 150 15.57 -5.06 55.44
CA ASN F 150 14.79 -5.55 56.57
C ASN F 150 14.77 -4.46 57.64
N ASN F 151 13.60 -3.85 57.82
CA ASN F 151 13.39 -2.92 58.93
C ASN F 151 13.70 -3.62 60.25
N ALA F 152 14.04 -2.83 61.26
CA ALA F 152 14.28 -3.38 62.59
C ALA F 152 13.04 -4.08 63.13
N THR F 153 11.86 -3.72 62.65
CA THR F 153 10.62 -4.34 63.07
C THR F 153 9.81 -4.89 61.90
N ASN F 154 10.27 -4.76 60.67
CA ASN F 154 9.49 -5.11 59.50
C ASN F 154 10.46 -5.36 58.33
N VAL F 155 9.94 -5.37 57.11
CA VAL F 155 10.74 -5.41 55.90
C VAL F 155 10.28 -4.27 55.00
N VAL F 156 11.23 -3.48 54.50
CA VAL F 156 10.93 -2.28 53.74
C VAL F 156 11.09 -2.59 52.26
N ILE F 157 10.05 -2.28 51.48
CA ILE F 157 10.04 -2.49 50.03
C ILE F 157 9.64 -1.16 49.41
N LYS F 158 10.62 -0.34 49.07
CA LYS F 158 10.37 0.99 48.54
C LYS F 158 11.08 1.17 47.21
N VAL F 159 10.45 1.95 46.33
CA VAL F 159 11.05 2.34 45.06
C VAL F 159 11.13 3.86 45.07
N CYS F 160 12.25 4.38 45.55
CA CYS F 160 12.47 5.82 45.60
C CYS F 160 13.95 6.07 45.37
N GLU F 161 14.28 6.72 44.25
CA GLU F 161 15.67 7.08 43.97
C GLU F 161 16.20 7.98 45.07
N PHE F 162 17.42 7.70 45.52
CA PHE F 162 18.02 8.41 46.63
C PHE F 162 19.42 8.89 46.26
N GLN F 163 19.95 9.77 47.09
CA GLN F 163 21.36 10.15 47.05
C GLN F 163 22.08 9.28 48.08
N PHE F 164 22.67 8.19 47.60
CA PHE F 164 23.22 7.18 48.50
C PHE F 164 24.58 7.60 49.04
N CYS F 165 24.92 7.03 50.19
CA CYS F 165 26.21 7.25 50.82
C CYS F 165 27.23 6.24 50.29
N ASN F 166 28.50 6.51 50.57
CA ASN F 166 29.56 5.60 50.15
C ASN F 166 29.44 4.25 50.85
N ASP F 167 29.18 4.25 52.15
CA ASP F 167 29.04 3.04 52.95
C ASP F 167 27.80 3.15 53.83
N PRO F 168 26.60 3.05 53.23
CA PRO F 168 25.38 3.08 54.05
C PRO F 168 25.32 1.89 55.00
N PHE F 169 24.76 2.14 56.18
CA PHE F 169 24.60 1.11 57.20
C PHE F 169 23.76 1.71 58.33
N LEU F 170 23.48 0.89 59.34
CA LEU F 170 22.76 1.36 60.53
C LEU F 170 23.57 1.09 61.79
N PHE F 185 20.26 6.85 60.96
CA PHE F 185 19.84 6.50 59.60
C PHE F 185 20.91 6.90 58.58
N ARG F 186 22.04 6.21 58.62
CA ARG F 186 23.13 6.46 57.67
C ARG F 186 22.92 5.59 56.43
N VAL F 187 21.91 5.96 55.65
CA VAL F 187 21.53 5.17 54.48
C VAL F 187 21.72 6.00 53.22
N TYR F 188 21.00 7.11 53.11
CA TYR F 188 21.07 7.95 51.92
C TYR F 188 20.93 9.41 52.33
N SER F 189 21.43 10.28 51.46
CA SER F 189 21.44 11.71 51.78
C SER F 189 20.04 12.30 51.73
N SER F 190 19.28 12.00 50.68
CA SER F 190 17.99 12.66 50.48
C SER F 190 17.05 11.73 49.72
N ALA F 191 15.76 12.04 49.82
CA ALA F 191 14.70 11.29 49.16
C ALA F 191 14.16 12.09 47.99
N ASN F 192 14.27 11.54 46.79
CA ASN F 192 13.78 12.18 45.59
C ASN F 192 12.33 11.76 45.34
N ASN F 193 11.82 12.02 44.14
CA ASN F 193 10.48 11.59 43.75
C ASN F 193 10.31 10.09 43.95
N CYS F 194 9.06 9.64 44.07
CA CYS F 194 8.77 8.24 44.38
C CYS F 194 7.73 7.68 43.42
N THR F 195 7.82 6.38 43.18
CA THR F 195 6.93 5.67 42.28
C THR F 195 6.10 4.60 42.98
N PHE F 196 6.73 3.71 43.73
CA PHE F 196 6.02 2.62 44.38
C PHE F 196 6.63 2.34 45.74
N GLU F 197 5.77 1.95 46.69
CA GLU F 197 6.20 1.54 48.02
C GLU F 197 5.40 0.33 48.45
N TYR F 198 5.99 -0.46 49.34
CA TYR F 198 5.31 -1.62 49.91
C TYR F 198 5.90 -1.88 51.29
N VAL F 199 5.04 -2.03 52.28
CA VAL F 199 5.45 -2.34 53.65
C VAL F 199 5.01 -3.76 53.96
N SER F 200 5.96 -4.62 54.30
CA SER F 200 5.65 -6.00 54.63
C SER F 200 5.04 -6.08 56.02
N GLN F 201 4.77 -7.31 56.46
CA GLN F 201 4.28 -7.53 57.81
C GLN F 201 5.38 -7.26 58.82
N PRO F 202 5.03 -6.90 60.06
CA PRO F 202 6.07 -6.62 61.06
C PRO F 202 6.93 -7.83 61.37
N PHE F 203 8.21 -7.76 61.02
CA PHE F 203 9.17 -8.83 61.23
C PHE F 203 10.15 -8.40 62.31
N LEU F 204 9.98 -8.94 63.51
CA LEU F 204 10.85 -8.60 64.63
C LEU F 204 12.08 -9.50 64.67
N ASN F 216 21.59 -19.62 59.86
CA ASN F 216 22.14 -20.64 58.97
C ASN F 216 22.18 -20.14 57.52
N LEU F 217 21.96 -21.05 56.57
CA LEU F 217 22.10 -20.74 55.16
C LEU F 217 20.77 -20.24 54.60
N ARG F 218 20.75 -18.97 54.20
CA ARG F 218 19.64 -18.38 53.46
C ARG F 218 20.11 -18.12 52.03
N GLU F 219 19.37 -18.62 51.06
CA GLU F 219 19.78 -18.59 49.67
C GLU F 219 18.87 -17.66 48.88
N PHE F 220 19.46 -16.84 48.01
CA PHE F 220 18.70 -15.87 47.25
C PHE F 220 19.14 -15.89 45.80
N VAL F 221 18.18 -15.90 44.89
CA VAL F 221 18.43 -15.81 43.46
C VAL F 221 17.46 -14.80 42.86
N PHE F 222 17.99 -13.84 42.10
CA PHE F 222 17.22 -12.73 41.57
C PHE F 222 17.27 -12.75 40.04
N LYS F 223 16.10 -12.70 39.42
CA LYS F 223 15.99 -12.51 37.98
C LYS F 223 15.18 -11.25 37.71
N ASN F 224 15.58 -10.50 36.68
CA ASN F 224 14.89 -9.29 36.27
C ASN F 224 14.62 -9.39 34.77
N ILE F 225 13.35 -9.51 34.41
CA ILE F 225 12.95 -9.68 33.02
C ILE F 225 11.63 -8.95 32.80
N ASP F 226 11.59 -8.12 31.75
CA ASP F 226 10.37 -7.46 31.31
C ASP F 226 9.71 -6.69 32.45
N GLY F 227 10.53 -5.93 33.18
CA GLY F 227 10.01 -5.14 34.28
C GLY F 227 9.49 -5.94 35.44
N TYR F 228 9.86 -7.21 35.54
CA TYR F 228 9.45 -8.07 36.64
C TYR F 228 10.68 -8.52 37.40
N PHE F 229 10.66 -8.30 38.72
CA PHE F 229 11.74 -8.73 39.59
C PHE F 229 11.28 -9.98 40.32
N LYS F 230 12.02 -11.07 40.19
CA LYS F 230 11.66 -12.35 40.78
C LYS F 230 12.68 -12.70 41.85
N ILE F 231 12.18 -13.14 43.00
CA ILE F 231 13.00 -13.40 44.18
C ILE F 231 12.74 -14.81 44.66
N TYR F 232 13.81 -15.58 44.85
CA TYR F 232 13.73 -16.96 45.28
C TYR F 232 14.52 -17.16 46.57
N SER F 233 13.91 -17.81 47.54
CA SER F 233 14.56 -18.07 48.82
C SER F 233 14.27 -19.50 49.26
N LYS F 234 15.16 -20.05 50.07
CA LYS F 234 15.00 -21.39 50.60
C LYS F 234 15.71 -21.46 51.94
N HIS F 235 14.93 -21.52 53.03
CA HIS F 235 15.50 -21.67 54.34
C HIS F 235 16.10 -23.06 54.49
N THR F 236 17.24 -23.15 55.17
CA THR F 236 17.93 -24.43 55.29
C THR F 236 18.69 -24.53 56.60
N PRO F 237 18.39 -25.54 57.43
CA PRO F 237 19.22 -25.79 58.62
C PRO F 237 20.50 -26.50 58.21
N ILE F 238 21.63 -25.99 58.71
CA ILE F 238 22.95 -26.46 58.29
C ILE F 238 23.77 -26.82 59.51
N ASN F 239 24.82 -27.61 59.26
CA ASN F 239 25.78 -28.00 60.28
C ASN F 239 27.22 -27.65 59.92
N LEU F 240 27.54 -27.53 58.63
CA LEU F 240 28.90 -27.22 58.23
C LEU F 240 29.27 -25.79 58.58
N VAL F 241 30.56 -25.56 58.77
CA VAL F 241 31.09 -24.23 59.09
C VAL F 241 31.98 -23.78 57.94
N ARG F 242 31.64 -24.21 56.72
CA ARG F 242 32.44 -23.92 55.54
C ARG F 242 31.57 -23.33 54.44
N ASP F 243 32.10 -23.28 53.22
CA ASP F 243 31.35 -22.75 52.08
C ASP F 243 30.30 -23.77 51.67
N LEU F 244 29.68 -23.54 50.51
CA LEU F 244 28.55 -24.31 49.99
C LEU F 244 28.78 -25.81 50.12
N PRO F 245 28.00 -26.49 50.96
CA PRO F 245 28.17 -27.94 51.11
C PRO F 245 27.62 -28.71 49.91
N GLN F 246 27.80 -30.03 49.91
CA GLN F 246 27.39 -30.85 48.79
C GLN F 246 25.92 -31.25 48.83
N GLY F 247 25.19 -30.84 49.86
CA GLY F 247 23.76 -31.12 49.89
C GLY F 247 23.04 -30.42 48.76
N PHE F 248 21.96 -31.05 48.29
CA PHE F 248 21.18 -30.56 47.16
C PHE F 248 19.80 -30.14 47.63
N SER F 249 19.36 -28.96 47.17
CA SER F 249 18.08 -28.42 47.61
C SER F 249 17.47 -27.60 46.49
N ALA F 250 16.16 -27.38 46.59
CA ALA F 250 15.42 -26.62 45.60
C ALA F 250 15.28 -25.16 46.03
N LEU F 251 14.84 -24.34 45.08
CA LEU F 251 14.60 -22.92 45.33
C LEU F 251 13.17 -22.59 44.95
N GLU F 252 12.46 -21.91 45.84
CA GLU F 252 11.05 -21.59 45.65
C GLU F 252 10.87 -20.10 45.37
N PRO F 253 9.85 -19.73 44.60
CA PRO F 253 9.60 -18.31 44.33
C PRO F 253 8.86 -17.64 45.47
N LEU F 254 9.10 -16.35 45.64
CA LEU F 254 8.46 -15.58 46.70
C LEU F 254 7.55 -14.48 46.17
N VAL F 255 8.08 -13.54 45.39
CA VAL F 255 7.34 -12.34 45.02
C VAL F 255 7.77 -11.91 43.62
N ASP F 256 6.80 -11.43 42.84
CA ASP F 256 7.07 -10.73 41.59
C ASP F 256 6.90 -9.24 41.82
N LEU F 257 7.86 -8.45 41.35
CA LEU F 257 7.81 -7.01 41.49
C LEU F 257 7.58 -6.36 40.14
N PRO F 258 6.40 -5.78 39.89
CA PRO F 258 6.12 -5.11 38.62
C PRO F 258 6.62 -3.66 38.58
N ILE F 259 7.88 -3.48 38.97
CA ILE F 259 8.44 -2.13 39.05
C ILE F 259 8.64 -1.54 37.65
N GLY F 260 9.05 -2.36 36.69
CA GLY F 260 9.32 -1.87 35.35
C GLY F 260 10.49 -0.92 35.26
N ILE F 261 11.60 -1.25 35.93
CA ILE F 261 12.78 -0.38 35.96
C ILE F 261 13.97 -1.12 35.36
N ASN F 262 15.10 -0.41 35.23
CA ASN F 262 16.32 -0.97 34.69
C ASN F 262 17.40 -0.97 35.78
N ILE F 263 18.09 -2.10 35.92
CA ILE F 263 19.08 -2.28 36.96
C ILE F 263 20.38 -2.80 36.34
N THR F 264 21.50 -2.26 36.79
CA THR F 264 22.80 -2.66 36.24
C THR F 264 23.79 -2.98 37.35
N ARG F 265 23.63 -2.37 38.52
CA ARG F 265 24.56 -2.56 39.62
C ARG F 265 23.77 -2.77 40.91
N PHE F 266 24.47 -3.29 41.92
CA PHE F 266 23.84 -3.60 43.20
C PHE F 266 24.90 -3.60 44.28
N GLN F 267 24.44 -3.55 45.54
CA GLN F 267 25.33 -3.61 46.68
C GLN F 267 24.58 -4.14 47.88
N THR F 268 25.30 -4.87 48.73
CA THR F 268 24.71 -5.48 49.93
C THR F 268 24.52 -4.44 51.02
N LEU F 269 23.46 -4.61 51.80
CA LEU F 269 23.13 -3.71 52.90
C LEU F 269 23.36 -4.42 54.23
N LEU F 270 24.11 -3.77 55.12
CA LEU F 270 24.42 -4.32 56.43
C LEU F 270 24.26 -3.20 57.46
N ALA F 271 24.64 -3.50 58.70
CA ALA F 271 24.56 -2.53 59.79
C ALA F 271 25.63 -2.86 60.82
N LEU F 272 25.97 -1.86 61.63
CA LEU F 272 27.00 -1.99 62.65
C LEU F 272 26.39 -1.71 64.02
N HIS F 273 26.76 -2.56 64.99
CA HIS F 273 26.32 -2.38 66.37
C HIS F 273 27.27 -1.46 67.11
N ARG F 274 26.71 -0.55 67.89
CA ARG F 274 27.49 0.39 68.67
C ARG F 274 27.24 0.19 70.17
N ALA F 291 31.88 -12.11 59.06
CA ALA F 291 31.09 -11.92 57.85
C ALA F 291 31.36 -13.01 56.83
N ALA F 292 30.30 -13.55 56.24
CA ALA F 292 30.43 -14.64 55.27
C ALA F 292 29.24 -14.62 54.33
N TYR F 293 29.51 -14.50 53.04
CA TYR F 293 28.48 -14.53 52.01
C TYR F 293 29.16 -14.79 50.68
N TYR F 294 28.37 -15.21 49.69
CA TYR F 294 28.90 -15.58 48.39
C TYR F 294 28.03 -14.99 47.29
N VAL F 295 28.62 -14.89 46.10
CA VAL F 295 27.93 -14.35 44.92
C VAL F 295 28.15 -15.30 43.75
N GLY F 296 27.09 -15.56 43.00
CA GLY F 296 27.20 -16.38 41.81
C GLY F 296 26.42 -15.75 40.67
N TYR F 297 26.91 -15.97 39.46
CA TYR F 297 26.37 -15.34 38.27
C TYR F 297 25.76 -16.39 37.34
N LEU F 298 24.58 -16.08 36.81
CA LEU F 298 23.83 -17.01 35.99
C LEU F 298 24.18 -16.84 34.51
N GLN F 299 23.67 -17.76 33.70
CA GLN F 299 23.82 -17.70 32.25
C GLN F 299 22.82 -18.69 31.64
N PRO F 300 22.46 -18.51 30.38
CA PRO F 300 21.54 -19.45 29.73
C PRO F 300 22.20 -20.81 29.53
N ARG F 301 21.43 -21.86 29.80
CA ARG F 301 21.93 -23.23 29.70
C ARG F 301 20.79 -24.13 29.27
N THR F 302 21.04 -25.43 29.31
CA THR F 302 20.05 -26.47 28.99
C THR F 302 20.04 -27.43 30.17
N PHE F 303 19.19 -27.17 31.15
CA PHE F 303 19.16 -27.95 32.37
C PHE F 303 18.03 -28.96 32.30
N LEU F 304 18.36 -30.23 32.49
CA LEU F 304 17.35 -31.25 32.70
C LEU F 304 16.87 -31.18 34.14
N LEU F 305 15.59 -31.50 34.34
CA LEU F 305 14.99 -31.48 35.66
C LEU F 305 14.22 -32.76 35.91
N LYS F 306 14.31 -33.27 37.13
CA LYS F 306 13.57 -34.45 37.54
C LYS F 306 12.59 -34.07 38.63
N TYR F 307 11.31 -34.34 38.40
CA TYR F 307 10.27 -34.09 39.38
C TYR F 307 9.75 -35.42 39.91
N ASN F 308 9.66 -35.54 41.22
CA ASN F 308 9.15 -36.76 41.83
C ASN F 308 7.62 -36.73 41.81
N GLU F 309 6.99 -37.70 42.47
CA GLU F 309 5.53 -37.72 42.53
C GLU F 309 4.99 -36.57 43.36
N ASN F 310 5.65 -36.26 44.47
CA ASN F 310 5.21 -35.16 45.33
C ASN F 310 5.25 -33.84 44.57
N GLY F 311 6.25 -33.65 43.72
CA GLY F 311 6.44 -32.40 43.00
C GLY F 311 7.73 -31.70 43.31
N THR F 312 8.60 -32.26 44.14
CA THR F 312 9.87 -31.62 44.49
C THR F 312 10.96 -32.07 43.53
N ILE F 313 11.90 -31.17 43.26
CA ILE F 313 13.01 -31.43 42.37
C ILE F 313 14.09 -32.19 43.13
N THR F 314 13.99 -33.52 43.11
CA THR F 314 14.92 -34.33 43.89
C THR F 314 16.33 -34.32 43.30
N ASP F 315 16.44 -34.17 41.98
CA ASP F 315 17.76 -34.14 41.35
C ASP F 315 17.63 -33.53 39.96
N ALA F 316 18.77 -33.06 39.45
CA ALA F 316 18.82 -32.45 38.14
C ALA F 316 20.18 -32.72 37.51
N VAL F 317 20.24 -32.60 36.19
CA VAL F 317 21.45 -32.88 35.43
C VAL F 317 21.70 -31.74 34.46
N ASP F 318 22.92 -31.22 34.46
CA ASP F 318 23.33 -30.20 33.51
C ASP F 318 23.82 -30.84 32.22
N CYS F 319 23.57 -30.17 31.12
CA CYS F 319 24.08 -30.58 29.82
C CYS F 319 25.26 -29.71 29.43
N ALA F 320 25.98 -30.16 28.41
CA ALA F 320 27.17 -29.47 27.89
C ALA F 320 28.28 -29.36 28.92
N LEU F 321 28.23 -30.16 29.97
CA LEU F 321 29.29 -30.19 30.99
C LEU F 321 30.34 -31.23 30.66
N ASP F 322 29.91 -32.46 30.36
CA ASP F 322 30.80 -33.57 30.07
C ASP F 322 30.07 -34.49 29.11
N PRO F 323 30.80 -35.22 28.24
CA PRO F 323 30.14 -36.11 27.29
C PRO F 323 29.04 -36.97 27.88
N LEU F 324 29.30 -37.58 29.04
CA LEU F 324 28.28 -38.38 29.69
C LEU F 324 27.05 -37.54 30.01
N SER F 325 27.26 -36.28 30.41
CA SER F 325 26.13 -35.41 30.70
C SER F 325 25.29 -35.18 29.46
N GLU F 326 25.93 -34.94 28.32
CA GLU F 326 25.17 -34.77 27.08
C GLU F 326 24.44 -36.05 26.69
N THR F 327 25.07 -37.20 26.92
CA THR F 327 24.40 -38.47 26.65
C THR F 327 23.12 -38.59 27.46
N LYS F 328 23.19 -38.28 28.76
CA LYS F 328 21.99 -38.23 29.56
C LYS F 328 21.00 -37.20 29.03
N CYS F 329 21.52 -36.10 28.46
CA CYS F 329 20.67 -35.02 27.99
C CYS F 329 19.81 -35.45 26.81
N THR F 330 20.39 -36.21 25.87
CA THR F 330 19.66 -36.54 24.65
C THR F 330 18.56 -37.57 24.93
N LEU F 331 18.88 -38.61 25.69
CA LEU F 331 17.95 -39.73 25.85
C LEU F 331 16.84 -39.46 26.85
N LYS F 332 16.87 -38.32 27.54
CA LYS F 332 15.88 -37.99 28.57
C LYS F 332 15.82 -39.10 29.62
N SER F 333 16.99 -39.40 30.19
CA SER F 333 17.07 -40.42 31.22
C SER F 333 18.25 -40.12 32.12
N PHE F 334 18.16 -40.61 33.36
CA PHE F 334 19.23 -40.49 34.33
C PHE F 334 20.12 -41.71 34.37
N THR F 335 19.88 -42.68 33.49
CA THR F 335 20.67 -43.90 33.42
C THR F 335 20.79 -44.29 31.96
N VAL F 336 21.96 -44.78 31.56
CA VAL F 336 22.23 -45.14 30.18
C VAL F 336 22.78 -46.56 30.14
N GLU F 337 22.25 -47.36 29.22
CA GLU F 337 22.70 -48.72 29.05
C GLU F 337 24.02 -48.76 28.28
N LYS F 338 24.67 -49.92 28.31
CA LYS F 338 25.91 -50.09 27.58
C LYS F 338 25.67 -49.92 26.08
N GLY F 339 26.66 -49.34 25.40
CA GLY F 339 26.57 -49.19 23.97
C GLY F 339 26.90 -47.80 23.46
N ILE F 340 27.18 -47.69 22.17
CA ILE F 340 27.49 -46.40 21.58
C ILE F 340 26.24 -45.55 21.47
N TYR F 341 26.43 -44.24 21.39
CA TYR F 341 25.35 -43.30 21.14
C TYR F 341 25.86 -42.20 20.23
N GLN F 342 24.97 -41.26 19.90
CA GLN F 342 25.29 -40.17 18.98
C GLN F 342 24.66 -38.91 19.53
N THR F 343 25.48 -37.98 20.02
CA THR F 343 24.99 -36.79 20.70
C THR F 343 24.83 -35.61 19.75
N SER F 344 25.94 -35.17 19.16
CA SER F 344 25.94 -33.94 18.36
C SER F 344 26.86 -34.13 17.16
N ASN F 345 27.10 -33.03 16.45
CA ASN F 345 27.96 -33.05 15.28
C ASN F 345 29.06 -32.00 15.45
N PHE F 346 30.23 -32.31 14.89
CA PHE F 346 31.40 -31.46 14.98
C PHE F 346 31.58 -30.65 13.71
N ARG F 347 31.89 -29.36 13.88
CA ARG F 347 32.10 -28.47 12.75
C ARG F 347 33.28 -27.56 13.06
N VAL F 348 33.97 -27.14 12.00
CA VAL F 348 35.13 -26.25 12.11
C VAL F 348 34.74 -24.89 11.57
N GLN F 349 34.99 -23.84 12.35
CA GLN F 349 34.61 -22.55 11.79
C GLN F 349 35.84 -21.87 11.19
N PRO F 350 35.67 -21.19 10.06
CA PRO F 350 36.78 -20.43 9.50
C PRO F 350 37.10 -19.21 10.35
N THR F 351 38.35 -18.79 10.28
CA THR F 351 38.84 -17.67 11.09
C THR F 351 39.16 -16.43 10.28
N GLU F 352 39.87 -16.58 9.17
CA GLU F 352 40.28 -15.44 8.35
C GLU F 352 39.34 -15.28 7.17
N SER F 353 39.59 -14.25 6.37
CA SER F 353 38.79 -13.97 5.18
C SER F 353 39.64 -13.18 4.22
N ILE F 354 40.02 -13.80 3.09
CA ILE F 354 40.90 -13.19 2.11
C ILE F 354 40.15 -13.02 0.80
N VAL F 355 40.38 -11.90 0.13
CA VAL F 355 39.76 -11.59 -1.15
C VAL F 355 40.85 -11.08 -2.08
N ARG F 356 41.07 -11.75 -3.20
CA ARG F 356 42.10 -11.36 -4.16
C ARG F 356 41.45 -11.03 -5.50
N PHE F 357 41.85 -9.91 -6.09
CA PHE F 357 41.32 -9.38 -7.32
C PHE F 357 42.45 -9.12 -8.29
N PRO F 358 42.16 -9.04 -9.60
CA PRO F 358 43.23 -8.91 -10.59
C PRO F 358 44.06 -7.65 -10.38
N ASN F 359 45.17 -7.61 -11.11
CA ASN F 359 46.12 -6.51 -10.97
C ASN F 359 45.46 -5.19 -11.38
N ILE F 360 45.90 -4.12 -10.74
CA ILE F 360 45.35 -2.79 -10.95
C ILE F 360 46.35 -2.00 -11.79
N THR F 361 45.99 -1.72 -13.04
CA THR F 361 46.89 -1.02 -13.95
C THR F 361 46.19 -0.02 -14.86
N ASN F 362 44.93 0.33 -14.59
CA ASN F 362 44.15 1.19 -15.47
C ASN F 362 44.12 2.64 -14.99
N LEU F 363 45.25 3.12 -14.47
CA LEU F 363 45.35 4.47 -13.90
C LEU F 363 44.73 5.49 -14.84
N CYS F 364 43.69 6.16 -14.36
CA CYS F 364 42.96 7.10 -15.19
C CYS F 364 43.79 8.36 -15.44
N PRO F 365 43.74 8.91 -16.65
CA PRO F 365 44.52 10.13 -16.93
C PRO F 365 43.97 11.36 -16.21
N PHE F 366 44.22 11.45 -14.90
CA PHE F 366 43.75 12.59 -14.13
C PHE F 366 44.85 13.60 -13.84
N GLY F 367 46.12 13.27 -14.07
CA GLY F 367 47.18 14.24 -13.86
C GLY F 367 47.05 15.43 -14.79
N GLU F 368 46.81 15.17 -16.07
CA GLU F 368 46.73 16.26 -17.05
C GLU F 368 45.58 17.21 -16.75
N VAL F 369 44.47 16.69 -16.22
CA VAL F 369 43.34 17.55 -15.87
C VAL F 369 43.76 18.58 -14.82
N PHE F 370 44.48 18.13 -13.80
CA PHE F 370 44.89 19.03 -12.73
C PHE F 370 46.28 19.61 -12.95
N ASN F 371 47.14 18.91 -13.67
CA ASN F 371 48.39 19.50 -14.15
C ASN F 371 48.20 19.92 -15.61
N ALA F 372 47.44 21.01 -15.78
CA ALA F 372 47.09 21.54 -17.09
C ALA F 372 47.79 22.87 -17.29
N THR F 373 48.46 23.01 -18.43
CA THR F 373 49.16 24.25 -18.72
C THR F 373 48.20 25.43 -18.82
N ARG F 374 47.06 25.22 -19.47
CA ARG F 374 46.07 26.29 -19.65
C ARG F 374 44.68 25.77 -19.29
N PHE F 375 43.85 26.68 -18.79
CA PHE F 375 42.44 26.42 -18.55
C PHE F 375 41.60 27.22 -19.54
N ALA F 376 40.52 26.62 -20.00
CA ALA F 376 39.61 27.33 -20.90
C ALA F 376 38.92 28.47 -20.18
N SER F 377 38.55 29.50 -20.94
CA SER F 377 37.82 30.62 -20.39
C SER F 377 36.45 30.17 -19.91
N VAL F 378 35.94 30.86 -18.88
CA VAL F 378 34.72 30.42 -18.22
C VAL F 378 33.52 30.53 -19.16
N TYR F 379 33.48 31.54 -20.02
CA TYR F 379 32.34 31.70 -20.91
C TYR F 379 32.27 30.56 -21.92
N ALA F 380 33.41 29.96 -22.26
CA ALA F 380 33.46 28.79 -23.16
C ALA F 380 34.25 27.70 -22.44
N TRP F 381 33.57 26.93 -21.61
CA TRP F 381 34.22 25.89 -20.83
C TRP F 381 34.45 24.64 -21.68
N ASN F 382 35.52 23.92 -21.37
CA ASN F 382 35.89 22.71 -22.10
C ASN F 382 35.46 21.49 -21.31
N ARG F 383 34.85 20.53 -22.01
CA ARG F 383 34.35 19.31 -21.40
C ARG F 383 35.18 18.12 -21.85
N LYS F 384 35.52 17.25 -20.89
CA LYS F 384 36.30 16.05 -21.17
C LYS F 384 35.58 14.85 -20.58
N ARG F 385 35.42 13.81 -21.38
CA ARG F 385 34.80 12.57 -20.96
C ARG F 385 35.85 11.46 -20.87
N ILE F 386 35.66 10.56 -19.90
CA ILE F 386 36.59 9.47 -19.66
C ILE F 386 35.80 8.16 -19.53
N SER F 387 36.49 7.06 -19.82
CA SER F 387 35.90 5.74 -19.69
C SER F 387 37.01 4.71 -19.62
N ASN F 388 36.65 3.51 -19.15
CA ASN F 388 37.56 2.37 -19.10
C ASN F 388 38.84 2.71 -18.31
N CYS F 389 38.64 3.34 -17.16
CA CYS F 389 39.75 3.70 -16.28
C CYS F 389 39.30 3.56 -14.83
N VAL F 390 40.28 3.38 -13.95
CA VAL F 390 40.03 3.35 -12.51
C VAL F 390 40.44 4.69 -11.93
N ALA F 391 39.54 5.30 -11.16
CA ALA F 391 39.74 6.64 -10.64
C ALA F 391 40.19 6.57 -9.20
N ASP F 392 41.38 7.11 -8.92
CA ASP F 392 41.90 7.18 -7.57
C ASP F 392 41.32 8.42 -6.90
N TYR F 393 40.06 8.31 -6.49
CA TYR F 393 39.41 9.41 -5.82
C TYR F 393 40.09 9.74 -4.49
N SER F 394 40.76 8.76 -3.87
CA SER F 394 41.35 8.98 -2.56
C SER F 394 42.45 10.02 -2.62
N VAL F 395 43.41 9.86 -3.53
CA VAL F 395 44.56 10.76 -3.56
C VAL F 395 44.11 12.18 -3.90
N LEU F 396 43.11 12.32 -4.77
CA LEU F 396 42.55 13.64 -5.03
C LEU F 396 41.88 14.20 -3.78
N TYR F 397 41.16 13.35 -3.05
CA TYR F 397 40.49 13.78 -1.83
C TYR F 397 41.49 13.96 -0.69
N ASN F 398 42.59 13.21 -0.70
CA ASN F 398 43.61 13.31 0.34
C ASN F 398 44.75 14.24 -0.04
N SER F 399 44.67 14.90 -1.20
CA SER F 399 45.71 15.84 -1.59
C SER F 399 45.77 17.03 -0.65
N ALA F 400 44.61 17.52 -0.21
CA ALA F 400 44.48 18.64 0.71
C ALA F 400 45.12 19.92 0.18
N SER F 401 45.32 20.00 -1.14
CA SER F 401 45.87 21.19 -1.78
C SER F 401 44.81 21.97 -2.53
N PHE F 402 43.53 21.70 -2.29
CA PHE F 402 42.43 22.36 -2.99
C PHE F 402 41.61 23.15 -1.99
N SER F 403 41.29 24.40 -2.35
CA SER F 403 40.50 25.25 -1.47
C SER F 403 39.11 24.68 -1.23
N THR F 404 38.47 24.19 -2.29
CA THR F 404 37.13 23.64 -2.20
C THR F 404 37.08 22.28 -2.88
N PHE F 405 36.49 21.31 -2.21
CA PHE F 405 36.31 19.96 -2.77
C PHE F 405 35.01 19.41 -2.22
N LYS F 406 33.93 19.54 -2.99
CA LYS F 406 32.60 19.15 -2.56
C LYS F 406 32.00 18.18 -3.57
N CYS F 407 31.35 17.13 -3.07
CA CYS F 407 30.61 16.18 -3.88
C CYS F 407 29.13 16.32 -3.59
N TYR F 408 28.32 16.44 -4.63
CA TYR F 408 26.91 16.72 -4.50
C TYR F 408 26.12 15.43 -4.73
N GLY F 409 25.40 14.99 -3.70
CA GLY F 409 24.60 13.79 -3.77
C GLY F 409 25.36 12.51 -3.56
N VAL F 410 26.68 12.56 -3.41
CA VAL F 410 27.52 11.38 -3.26
C VAL F 410 28.55 11.65 -2.16
N SER F 411 28.83 10.61 -1.36
CA SER F 411 29.79 10.71 -0.28
C SER F 411 31.20 10.46 -0.80
N PRO F 412 32.17 11.33 -0.49
CA PRO F 412 33.52 11.13 -1.03
C PRO F 412 34.15 9.80 -0.64
N THR F 413 33.87 9.33 0.57
CA THR F 413 34.42 8.05 0.99
C THR F 413 33.82 6.89 0.21
N LYS F 414 32.50 6.90 0.02
CA LYS F 414 31.85 5.77 -0.64
C LYS F 414 32.14 5.74 -2.14
N LEU F 415 32.28 6.91 -2.77
CA LEU F 415 32.54 6.92 -4.21
C LEU F 415 33.95 6.52 -4.56
N ASN F 416 34.86 6.46 -3.58
CA ASN F 416 36.24 6.06 -3.87
C ASN F 416 36.33 4.67 -4.47
N ASP F 417 35.33 3.82 -4.22
CA ASP F 417 35.24 2.51 -4.85
C ASP F 417 33.79 2.32 -5.30
N LEU F 418 33.48 2.78 -6.51
CA LEU F 418 32.16 2.64 -7.09
C LEU F 418 32.29 2.57 -8.60
N CYS F 419 31.27 2.01 -9.24
CA CYS F 419 31.26 1.81 -10.68
C CYS F 419 30.24 2.73 -11.33
N PHE F 420 30.67 3.45 -12.36
CA PHE F 420 29.82 4.37 -13.10
C PHE F 420 29.92 4.07 -14.59
N THR F 421 28.88 4.47 -15.32
CA THR F 421 28.89 4.29 -16.78
C THR F 421 29.94 5.18 -17.42
N ASN F 422 29.95 6.47 -17.10
CA ASN F 422 30.91 7.41 -17.66
C ASN F 422 31.10 8.57 -16.70
N VAL F 423 32.20 9.29 -16.87
CA VAL F 423 32.53 10.44 -16.05
C VAL F 423 32.93 11.60 -16.96
N TYR F 424 32.43 12.78 -16.65
CA TYR F 424 32.72 13.99 -17.40
C TYR F 424 33.58 14.94 -16.57
N ALA F 425 34.52 15.62 -17.22
CA ALA F 425 35.42 16.55 -16.56
C ALA F 425 35.38 17.89 -17.29
N ASP F 426 35.43 18.97 -16.51
CA ASP F 426 35.43 20.32 -17.06
C ASP F 426 36.44 21.17 -16.29
N SER F 427 37.07 22.10 -16.99
CA SER F 427 38.06 22.98 -16.39
C SER F 427 37.87 24.41 -16.91
N PHE F 428 37.91 25.37 -16.00
CA PHE F 428 37.85 26.78 -16.38
C PHE F 428 38.39 27.61 -15.23
N VAL F 429 38.63 28.89 -15.51
CA VAL F 429 39.19 29.83 -14.54
C VAL F 429 38.14 30.88 -14.22
N ILE F 430 37.90 31.11 -12.93
CA ILE F 430 37.00 32.15 -12.45
C ILE F 430 37.72 32.93 -11.36
N ARG F 431 37.17 34.09 -11.03
CA ARG F 431 37.66 34.86 -9.90
C ARG F 431 37.34 34.14 -8.60
N GLY F 432 38.20 34.35 -7.60
CA GLY F 432 37.99 33.71 -6.31
C GLY F 432 36.66 34.10 -5.67
N ASP F 433 36.17 35.29 -5.98
CA ASP F 433 34.86 35.69 -5.47
C ASP F 433 33.74 34.88 -6.12
N GLU F 434 33.90 34.52 -7.39
CA GLU F 434 32.88 33.80 -8.14
C GLU F 434 32.87 32.30 -7.84
N VAL F 435 33.68 31.85 -6.87
CA VAL F 435 33.74 30.42 -6.58
C VAL F 435 32.40 29.92 -6.07
N ARG F 436 31.75 30.68 -5.19
CA ARG F 436 30.48 30.25 -4.62
C ARG F 436 29.38 30.16 -5.67
N GLN F 437 29.51 30.88 -6.79
CA GLN F 437 28.49 30.80 -7.83
C GLN F 437 28.41 29.42 -8.46
N ILE F 438 29.46 28.62 -8.37
CA ILE F 438 29.49 27.30 -9.03
C ILE F 438 28.89 26.32 -8.02
N ALA F 439 27.57 26.24 -8.03
CA ALA F 439 26.83 25.31 -7.18
C ALA F 439 25.41 25.21 -7.71
N PRO F 440 24.75 24.06 -7.57
CA PRO F 440 23.36 23.95 -8.01
C PRO F 440 22.47 24.92 -7.26
N GLY F 441 21.52 25.51 -7.98
CA GLY F 441 20.62 26.48 -7.41
C GLY F 441 21.17 27.88 -7.28
N GLN F 442 22.41 28.11 -7.70
CA GLN F 442 23.02 29.44 -7.61
C GLN F 442 22.66 30.28 -8.82
N THR F 443 22.87 31.58 -8.68
CA THR F 443 22.61 32.54 -9.74
C THR F 443 23.69 33.61 -9.74
N GLY F 444 24.18 33.95 -10.92
CA GLY F 444 25.21 34.97 -11.04
C GLY F 444 25.59 35.15 -12.49
N LYS F 445 26.49 36.10 -12.71
CA LYS F 445 26.96 36.38 -14.07
C LYS F 445 27.60 35.15 -14.67
N ILE F 446 28.45 34.46 -13.91
CA ILE F 446 29.02 33.19 -14.36
C ILE F 446 27.92 32.15 -14.49
N ALA F 447 27.03 32.06 -13.51
CA ALA F 447 26.01 31.03 -13.50
C ALA F 447 25.04 31.19 -14.67
N ASP F 448 24.64 32.43 -14.96
CA ASP F 448 23.59 32.65 -15.95
C ASP F 448 24.10 32.71 -17.38
N TYR F 449 25.26 33.34 -17.60
CA TYR F 449 25.73 33.61 -18.95
C TYR F 449 27.00 32.88 -19.34
N ASN F 450 27.71 32.28 -18.38
CA ASN F 450 28.97 31.61 -18.66
C ASN F 450 28.93 30.11 -18.50
N TYR F 451 28.28 29.61 -17.45
CA TYR F 451 28.24 28.18 -17.18
C TYR F 451 27.08 27.88 -16.24
N LYS F 452 26.21 26.96 -16.65
CA LYS F 452 25.02 26.62 -15.88
C LYS F 452 25.13 25.19 -15.34
N LEU F 453 24.77 25.02 -14.08
CA LEU F 453 24.79 23.73 -13.41
C LEU F 453 23.36 23.24 -13.20
N PRO F 454 23.03 22.04 -13.65
CA PRO F 454 21.72 21.48 -13.31
C PRO F 454 21.59 21.27 -11.81
N ASP F 455 20.37 21.47 -11.30
CA ASP F 455 20.16 21.38 -9.86
C ASP F 455 20.41 19.96 -9.35
N ASP F 456 19.99 18.95 -10.12
CA ASP F 456 20.17 17.56 -9.74
C ASP F 456 21.56 17.06 -10.13
N PHE F 457 22.58 17.74 -9.59
CA PHE F 457 23.95 17.36 -9.87
C PHE F 457 24.30 16.02 -9.24
N THR F 458 25.04 15.20 -9.97
CA THR F 458 25.44 13.88 -9.53
C THR F 458 26.96 13.71 -9.62
N GLY F 459 27.69 14.76 -9.27
CA GLY F 459 29.14 14.69 -9.32
C GLY F 459 29.83 15.44 -8.19
N CYS F 460 31.01 15.98 -8.47
CA CYS F 460 31.80 16.69 -7.47
C CYS F 460 32.37 17.95 -8.06
N VAL F 461 32.72 18.89 -7.19
CA VAL F 461 33.30 20.17 -7.56
C VAL F 461 34.60 20.35 -6.78
N ILE F 462 35.69 20.64 -7.50
CA ILE F 462 37.00 20.85 -6.89
C ILE F 462 37.48 22.24 -7.27
N ALA F 463 37.91 23.00 -6.26
CA ALA F 463 38.41 24.35 -6.48
C ALA F 463 39.67 24.59 -5.66
N TRP F 464 40.55 25.43 -6.19
CA TRP F 464 41.79 25.78 -5.52
C TRP F 464 42.29 27.10 -6.10
N ASN F 465 43.16 27.75 -5.34
CA ASN F 465 43.73 29.03 -5.77
C ASN F 465 44.65 28.83 -6.97
N SER F 466 44.61 29.78 -7.90
CA SER F 466 45.47 29.77 -9.08
C SER F 466 46.22 31.07 -9.25
N ASN F 467 46.44 31.81 -8.16
CA ASN F 467 47.07 33.12 -8.27
C ASN F 467 48.47 33.03 -8.86
N ASN F 468 49.24 32.02 -8.45
CA ASN F 468 50.60 31.86 -8.96
C ASN F 468 50.64 31.41 -10.41
N LEU F 469 49.50 31.03 -11.00
CA LEU F 469 49.47 30.48 -12.34
C LEU F 469 49.08 31.52 -13.39
N ASP F 470 47.92 32.15 -13.24
CA ASP F 470 47.44 33.06 -14.25
C ASP F 470 47.16 34.45 -13.69
N SER F 471 48.08 34.97 -12.88
CA SER F 471 47.99 36.35 -12.41
C SER F 471 49.39 36.95 -12.49
N LYS F 472 49.55 37.97 -13.34
CA LYS F 472 50.85 38.56 -13.61
C LYS F 472 50.80 40.06 -13.35
N VAL F 473 51.99 40.65 -13.20
CA VAL F 473 52.08 42.09 -13.06
C VAL F 473 51.58 42.75 -14.34
N GLY F 474 50.73 43.75 -14.18
CA GLY F 474 50.09 44.39 -15.31
C GLY F 474 48.77 43.77 -15.72
N GLY F 475 48.35 42.69 -15.07
CA GLY F 475 47.07 42.07 -15.36
C GLY F 475 47.13 41.02 -16.45
N ASN F 476 46.62 39.83 -16.15
CA ASN F 476 46.54 38.74 -17.13
C ASN F 476 45.16 38.79 -17.77
N TYR F 477 45.10 39.29 -19.00
CA TYR F 477 43.83 39.52 -19.69
C TYR F 477 43.58 38.49 -20.79
N ASN F 478 44.13 37.29 -20.64
CA ASN F 478 43.94 36.23 -21.62
C ASN F 478 42.67 35.44 -21.39
N TYR F 479 41.90 35.75 -20.35
CA TYR F 479 40.68 35.03 -20.02
C TYR F 479 39.49 35.98 -20.08
N LEU F 480 38.46 35.57 -20.79
CA LEU F 480 37.26 36.38 -20.98
C LEU F 480 36.10 35.80 -20.18
N TYR F 481 35.04 36.59 -20.04
CA TYR F 481 33.82 36.15 -19.37
C TYR F 481 32.65 36.96 -19.90
N ARG F 482 31.51 36.28 -20.06
CA ARG F 482 30.30 36.90 -20.59
C ARG F 482 29.64 37.72 -19.49
N LEU F 483 29.61 39.04 -19.66
CA LEU F 483 28.92 39.93 -18.74
C LEU F 483 27.52 40.30 -19.20
N PHE F 484 27.28 40.31 -20.51
CA PHE F 484 25.98 40.66 -21.07
C PHE F 484 25.51 39.53 -21.98
N ARG F 485 24.25 39.12 -21.79
CA ARG F 485 23.65 38.09 -22.63
C ARG F 485 22.16 38.35 -22.73
N LYS F 486 21.57 37.93 -23.85
CA LYS F 486 20.14 38.15 -24.08
C LYS F 486 19.31 37.40 -23.04
N SER F 487 19.68 36.18 -22.72
CA SER F 487 18.92 35.36 -21.78
C SER F 487 19.91 34.58 -20.91
N ASN F 488 19.40 33.59 -20.19
CA ASN F 488 20.23 32.75 -19.34
C ASN F 488 20.80 31.60 -20.18
N LEU F 489 21.43 30.65 -19.52
CA LEU F 489 22.02 29.49 -20.18
C LEU F 489 21.41 28.21 -19.62
N LYS F 490 21.12 27.26 -20.51
CA LYS F 490 20.68 25.96 -20.09
C LYS F 490 21.83 25.20 -19.45
N PRO F 491 21.54 24.22 -18.60
CA PRO F 491 22.61 23.43 -17.98
C PRO F 491 23.48 22.77 -19.05
N PHE F 492 24.79 22.86 -18.86
CA PHE F 492 25.78 22.27 -19.76
C PHE F 492 25.61 22.77 -21.19
N GLU F 493 25.47 24.09 -21.32
CA GLU F 493 25.37 24.75 -22.62
C GLU F 493 26.56 25.66 -22.81
N ARG F 494 27.18 25.58 -23.99
CA ARG F 494 28.32 26.43 -24.34
C ARG F 494 27.86 27.50 -25.31
N ASP F 495 28.15 28.76 -24.97
CA ASP F 495 27.83 29.90 -25.82
C ASP F 495 29.11 30.66 -26.14
N ILE F 496 29.35 30.88 -27.44
CA ILE F 496 30.54 31.59 -27.89
C ILE F 496 30.14 32.73 -28.81
N SER F 497 28.88 33.17 -28.72
CA SER F 497 28.39 34.25 -29.56
C SER F 497 29.09 35.56 -29.18
N THR F 498 29.48 36.32 -30.21
CA THR F 498 30.18 37.58 -30.03
C THR F 498 29.41 38.76 -30.59
N GLU F 499 28.10 38.60 -30.83
CA GLU F 499 27.30 39.70 -31.34
C GLU F 499 27.21 40.82 -30.30
N ILE F 500 27.31 42.06 -30.78
CA ILE F 500 27.21 43.21 -29.89
C ILE F 500 25.86 43.18 -29.20
N TYR F 501 25.89 43.06 -27.87
CA TYR F 501 24.65 43.03 -27.11
C TYR F 501 23.97 44.39 -27.16
N GLN F 502 22.67 44.39 -27.42
CA GLN F 502 21.89 45.61 -27.56
C GLN F 502 21.00 45.78 -26.33
N ALA F 503 21.09 46.96 -25.71
CA ALA F 503 20.32 47.25 -24.51
C ALA F 503 18.97 47.89 -24.81
N GLY F 504 18.98 48.97 -25.60
CA GLY F 504 17.76 49.67 -25.94
C GLY F 504 17.03 49.02 -27.10
N SER F 505 15.96 49.68 -27.52
CA SER F 505 15.17 49.18 -28.64
C SER F 505 15.86 49.39 -29.98
N THR F 506 16.71 50.40 -30.09
CA THR F 506 17.36 50.70 -31.36
C THR F 506 18.47 49.69 -31.64
N PRO F 507 18.45 49.03 -32.80
CA PRO F 507 19.55 48.13 -33.15
C PRO F 507 20.77 48.88 -33.63
N CYS F 508 21.93 48.27 -33.41
CA CYS F 508 23.20 48.77 -33.91
C CYS F 508 23.84 47.70 -34.80
N ASN F 509 24.25 48.11 -36.00
CA ASN F 509 24.80 47.17 -36.99
C ASN F 509 26.23 46.80 -36.60
N GLY F 510 26.35 46.09 -35.49
CA GLY F 510 27.64 45.65 -35.00
C GLY F 510 28.58 46.79 -34.63
N VAL F 511 28.04 47.88 -34.10
CA VAL F 511 28.84 49.04 -33.70
C VAL F 511 28.57 49.33 -32.24
N GLU F 512 29.64 49.50 -31.46
CA GLU F 512 29.50 49.85 -30.06
C GLU F 512 29.07 51.31 -29.92
N GLY F 513 28.28 51.57 -28.88
CA GLY F 513 27.77 52.91 -28.66
C GLY F 513 26.68 52.91 -27.61
N PHE F 514 25.80 53.91 -27.72
CA PHE F 514 24.69 54.03 -26.79
C PHE F 514 23.76 52.82 -26.89
N ASN F 515 23.42 52.24 -25.74
CA ASN F 515 22.53 51.08 -25.66
C ASN F 515 23.05 49.88 -26.46
N CYS F 516 24.37 49.78 -26.60
CA CYS F 516 25.00 48.66 -27.30
C CYS F 516 26.31 48.33 -26.61
N TYR F 517 26.47 47.09 -26.20
CA TYR F 517 27.61 46.69 -25.39
C TYR F 517 28.16 45.36 -25.91
N PHE F 518 29.45 45.14 -25.64
CA PHE F 518 30.10 43.89 -26.02
C PHE F 518 29.78 42.81 -24.98
N PRO F 519 29.25 41.66 -25.40
CA PRO F 519 28.83 40.65 -24.41
C PRO F 519 29.97 40.11 -23.57
N LEU F 520 31.18 40.03 -24.10
CA LEU F 520 32.30 39.43 -23.40
C LEU F 520 33.18 40.51 -22.78
N GLN F 521 33.69 40.23 -21.58
CA GLN F 521 34.60 41.13 -20.89
C GLN F 521 35.85 40.36 -20.48
N SER F 522 36.95 41.08 -20.34
CA SER F 522 38.21 40.48 -19.97
C SER F 522 38.39 40.52 -18.44
N TYR F 523 39.22 39.62 -17.95
CA TYR F 523 39.54 39.54 -16.53
C TYR F 523 40.92 40.14 -16.27
N GLY F 524 41.00 40.95 -15.23
CA GLY F 524 42.28 41.47 -14.75
C GLY F 524 42.73 40.67 -13.54
N PHE F 525 43.97 40.21 -13.59
CA PHE F 525 44.53 39.36 -12.54
C PHE F 525 45.97 39.75 -12.29
N GLN F 526 46.27 40.18 -11.07
CA GLN F 526 47.60 40.54 -10.64
C GLN F 526 47.89 39.91 -9.30
N PRO F 527 49.15 39.69 -8.97
CA PRO F 527 49.48 39.12 -7.65
C PRO F 527 49.06 40.01 -6.49
N THR F 528 48.90 41.31 -6.72
CA THR F 528 48.49 42.24 -5.67
C THR F 528 46.98 42.31 -5.51
N TYR F 529 46.22 41.54 -6.28
CA TYR F 529 44.77 41.56 -6.18
C TYR F 529 44.30 40.94 -4.86
N GLY F 530 43.04 41.20 -4.53
CA GLY F 530 42.48 40.66 -3.31
C GLY F 530 42.33 39.15 -3.36
N VAL F 531 42.13 38.56 -2.19
CA VAL F 531 42.05 37.11 -2.08
C VAL F 531 40.88 36.58 -2.90
N GLY F 532 39.71 37.22 -2.76
CA GLY F 532 38.58 36.88 -3.61
C GLY F 532 38.74 37.36 -5.04
N TYR F 533 39.60 38.35 -5.26
CA TYR F 533 39.87 38.85 -6.60
C TYR F 533 40.93 38.04 -7.34
N GLN F 534 41.61 37.12 -6.65
CA GLN F 534 42.67 36.35 -7.29
C GLN F 534 42.09 35.28 -8.19
N PRO F 535 42.78 34.93 -9.27
CA PRO F 535 42.26 33.90 -10.19
C PRO F 535 42.29 32.52 -9.54
N TYR F 536 41.30 31.71 -9.88
CA TYR F 536 41.14 30.39 -9.31
C TYR F 536 40.89 29.37 -10.43
N ARG F 537 41.55 28.22 -10.32
CA ARG F 537 41.36 27.12 -11.26
C ARG F 537 40.41 26.12 -10.63
N VAL F 538 39.29 25.86 -11.32
CA VAL F 538 38.21 25.03 -10.79
C VAL F 538 37.95 23.90 -11.77
N VAL F 539 37.85 22.68 -11.24
CA VAL F 539 37.53 21.49 -12.02
C VAL F 539 36.27 20.87 -11.43
N VAL F 540 35.28 20.59 -12.28
CA VAL F 540 34.04 19.96 -11.87
C VAL F 540 33.94 18.61 -12.58
N LEU F 541 33.53 17.59 -11.84
CA LEU F 541 33.43 16.23 -12.35
C LEU F 541 31.98 15.78 -12.27
N SER F 542 31.47 15.27 -13.39
CA SER F 542 30.11 14.75 -13.47
C SER F 542 30.16 13.26 -13.80
N PHE F 543 29.26 12.50 -13.18
CA PHE F 543 29.22 11.05 -13.34
C PHE F 543 27.97 10.66 -14.12
N GLU F 544 28.16 9.81 -15.13
CA GLU F 544 27.08 9.35 -15.99
C GLU F 544 26.74 7.91 -15.64
N LEU F 545 25.44 7.59 -15.62
CA LEU F 545 24.96 6.25 -15.33
C LEU F 545 23.83 5.90 -16.27
N LEU F 546 24.05 4.90 -17.13
CA LEU F 546 23.02 4.42 -18.05
C LEU F 546 22.91 2.90 -17.98
N HIS F 547 22.12 2.33 -18.88
CA HIS F 547 21.97 0.88 -18.96
C HIS F 547 23.13 0.20 -19.68
N ALA F 548 23.99 0.97 -20.34
CA ALA F 548 25.16 0.38 -20.97
C ALA F 548 26.12 -0.16 -19.91
N PRO F 549 26.94 -1.14 -20.27
CA PRO F 549 27.88 -1.70 -19.30
C PRO F 549 28.83 -0.63 -18.76
N ALA F 550 29.12 -0.71 -17.46
CA ALA F 550 29.98 0.26 -16.82
C ALA F 550 31.41 0.12 -17.32
N THR F 551 32.14 1.24 -17.32
CA THR F 551 33.52 1.27 -17.78
C THR F 551 34.51 1.74 -16.72
N VAL F 552 34.10 2.59 -15.79
CA VAL F 552 34.98 3.16 -14.79
C VAL F 552 34.55 2.65 -13.42
N CYS F 553 35.53 2.21 -12.63
CA CYS F 553 35.26 1.66 -11.30
C CYS F 553 36.38 2.06 -10.36
N GLY F 554 36.07 2.03 -9.07
CA GLY F 554 37.05 2.34 -8.05
C GLY F 554 38.09 1.25 -7.90
N PRO F 555 39.27 1.61 -7.40
CA PRO F 555 40.34 0.61 -7.24
C PRO F 555 40.03 -0.39 -6.14
N LYS F 556 39.73 -1.63 -6.52
CA LYS F 556 39.44 -2.66 -5.54
C LYS F 556 40.69 -3.03 -4.76
N LYS F 557 40.57 -3.12 -3.44
CA LYS F 557 41.71 -3.45 -2.59
C LYS F 557 41.91 -4.97 -2.58
N SER F 558 43.13 -5.41 -2.87
CA SER F 558 43.46 -6.82 -2.95
C SER F 558 44.13 -7.26 -1.66
N THR F 559 43.58 -8.30 -1.04
CA THR F 559 44.10 -8.80 0.23
C THR F 559 45.22 -9.81 -0.04
N ASN F 560 45.65 -10.50 1.02
CA ASN F 560 46.77 -11.43 0.93
C ASN F 560 46.25 -12.82 0.54
N LEU F 561 47.14 -13.81 0.57
CA LEU F 561 46.79 -15.19 0.22
C LEU F 561 47.33 -16.13 1.28
N VAL F 562 46.50 -17.06 1.74
CA VAL F 562 46.87 -18.02 2.76
C VAL F 562 46.43 -19.41 2.31
N LYS F 563 47.07 -20.44 2.87
CA LYS F 563 46.82 -21.81 2.48
C LYS F 563 46.85 -22.72 3.70
N ASN F 564 46.32 -23.92 3.53
CA ASN F 564 46.36 -24.98 4.54
C ASN F 564 45.71 -24.53 5.85
N LYS F 565 44.61 -23.80 5.73
CA LYS F 565 43.87 -23.35 6.90
C LYS F 565 42.47 -22.95 6.45
N CYS F 566 41.46 -23.66 6.93
CA CYS F 566 40.11 -23.53 6.40
C CYS F 566 39.59 -22.13 6.73
N VAL F 567 39.52 -21.27 5.70
CA VAL F 567 39.15 -19.87 5.88
C VAL F 567 38.18 -19.46 4.78
N ASN F 568 37.44 -18.39 5.06
CA ASN F 568 36.55 -17.82 4.06
C ASN F 568 37.36 -17.16 2.95
N PHE F 569 36.76 -17.06 1.76
CA PHE F 569 37.45 -16.53 0.60
C PHE F 569 36.46 -15.88 -0.34
N ASN F 570 37.00 -15.14 -1.30
CA ASN F 570 36.21 -14.56 -2.39
C ASN F 570 37.16 -14.21 -3.52
N PHE F 571 37.02 -14.88 -4.66
CA PHE F 571 37.87 -14.67 -5.81
C PHE F 571 37.02 -14.13 -6.96
N ASN F 572 37.24 -12.87 -7.32
CA ASN F 572 36.59 -12.26 -8.48
C ASN F 572 35.07 -12.33 -8.40
N GLY F 573 34.53 -12.31 -7.18
CA GLY F 573 33.12 -12.45 -6.96
C GLY F 573 32.67 -13.85 -6.60
N LEU F 574 33.49 -14.86 -6.89
CA LEU F 574 33.18 -16.23 -6.50
C LEU F 574 33.47 -16.39 -5.02
N THR F 575 32.44 -16.61 -4.22
CA THR F 575 32.55 -16.70 -2.77
C THR F 575 32.62 -18.15 -2.34
N GLY F 576 32.56 -18.38 -1.03
CA GLY F 576 32.54 -19.71 -0.47
C GLY F 576 33.55 -19.85 0.65
N THR F 577 33.61 -21.07 1.18
CA THR F 577 34.53 -21.41 2.26
C THR F 577 35.19 -22.75 1.95
N GLY F 578 36.38 -22.94 2.48
CA GLY F 578 37.08 -24.19 2.27
C GLY F 578 38.55 -24.08 2.65
N VAL F 579 39.34 -25.00 2.12
CA VAL F 579 40.78 -25.07 2.37
C VAL F 579 41.50 -24.86 1.04
N LEU F 580 42.47 -23.95 1.04
CA LEU F 580 43.18 -23.58 -0.18
C LEU F 580 44.50 -24.33 -0.23
N THR F 581 44.78 -24.96 -1.37
CA THR F 581 46.03 -25.67 -1.59
C THR F 581 46.29 -25.79 -3.08
N GLU F 582 47.53 -26.12 -3.41
CA GLU F 582 47.92 -26.23 -4.81
C GLU F 582 47.35 -27.50 -5.43
N SER F 583 47.41 -27.55 -6.76
CA SER F 583 46.97 -28.73 -7.50
C SER F 583 48.00 -29.01 -8.59
N ASN F 584 47.64 -29.89 -9.51
CA ASN F 584 48.52 -30.28 -10.60
C ASN F 584 47.90 -30.05 -11.98
N LYS F 585 46.60 -30.27 -12.12
CA LYS F 585 45.95 -30.04 -13.40
C LYS F 585 46.04 -28.56 -13.79
N LYS F 586 46.24 -28.33 -15.09
CA LYS F 586 46.45 -26.98 -15.60
C LYS F 586 45.31 -26.59 -16.52
N PHE F 587 44.72 -25.42 -16.27
CA PHE F 587 43.67 -24.93 -17.13
C PHE F 587 44.24 -24.48 -18.47
N LEU F 588 43.35 -24.24 -19.42
CA LEU F 588 43.77 -23.46 -20.57
C LEU F 588 43.86 -21.98 -20.17
N PRO F 589 44.73 -21.21 -20.82
CA PRO F 589 44.95 -19.85 -20.34
C PRO F 589 43.84 -18.88 -20.73
N PHE F 590 42.59 -19.32 -20.61
CA PHE F 590 41.45 -18.42 -20.69
C PHE F 590 40.33 -18.82 -19.75
N GLN F 591 40.55 -19.80 -18.88
CA GLN F 591 39.49 -20.34 -18.05
C GLN F 591 39.77 -20.07 -16.57
N GLN F 592 38.69 -19.90 -15.81
CA GLN F 592 38.72 -19.82 -14.36
C GLN F 592 37.80 -20.91 -13.81
N PHE F 593 37.54 -20.84 -12.51
CA PHE F 593 36.58 -21.72 -11.84
C PHE F 593 37.06 -23.16 -11.99
N GLY F 594 36.20 -24.10 -12.38
CA GLY F 594 36.54 -25.51 -12.37
C GLY F 594 35.46 -26.28 -11.64
N ARG F 595 34.94 -27.33 -12.29
CA ARG F 595 33.81 -28.05 -11.71
C ARG F 595 34.07 -29.54 -11.63
N ASP F 596 33.05 -30.32 -11.32
CA ASP F 596 33.17 -31.76 -11.17
C ASP F 596 31.92 -32.41 -11.77
N ILE F 597 31.74 -33.69 -11.47
CA ILE F 597 30.53 -34.38 -11.89
C ILE F 597 29.31 -33.76 -11.22
N ASP F 598 29.45 -33.36 -9.96
CA ASP F 598 28.38 -32.71 -9.21
C ASP F 598 28.29 -31.22 -9.47
N ASP F 599 28.86 -30.76 -10.60
CA ASP F 599 28.84 -29.38 -11.06
C ASP F 599 28.98 -28.36 -9.93
N THR F 600 29.86 -28.65 -8.98
CA THR F 600 30.17 -27.73 -7.90
C THR F 600 31.63 -27.33 -7.99
N THR F 601 31.95 -26.14 -7.47
CA THR F 601 33.29 -25.61 -7.62
C THR F 601 34.33 -26.54 -7.01
N ASP F 602 35.43 -26.71 -7.73
CA ASP F 602 36.49 -27.63 -7.31
C ASP F 602 37.88 -27.04 -7.41
N ALA F 603 38.09 -26.00 -8.20
CA ALA F 603 39.40 -25.39 -8.34
C ALA F 603 39.21 -23.92 -8.71
N VAL F 604 40.29 -23.17 -8.65
CA VAL F 604 40.26 -21.75 -8.97
C VAL F 604 41.68 -21.27 -9.22
N ARG F 605 41.82 -20.28 -10.09
CA ARG F 605 43.12 -19.68 -10.40
C ARG F 605 43.21 -18.32 -9.73
N ASP F 606 44.25 -18.12 -8.96
CA ASP F 606 44.42 -16.86 -8.25
C ASP F 606 44.76 -15.76 -9.24
N PRO F 607 43.93 -14.74 -9.39
CA PRO F 607 44.13 -13.79 -10.48
C PRO F 607 45.16 -12.70 -10.20
N GLN F 608 46.26 -13.06 -9.56
CA GLN F 608 47.41 -12.18 -9.55
C GLN F 608 48.70 -12.91 -9.88
N THR F 609 48.86 -14.13 -9.40
CA THR F 609 50.03 -14.94 -9.68
C THR F 609 49.80 -15.95 -10.78
N LEU F 610 48.56 -16.12 -11.22
CA LEU F 610 48.20 -17.04 -12.29
C LEU F 610 48.69 -18.45 -11.99
N GLU F 611 48.18 -19.00 -10.88
CA GLU F 611 48.50 -20.35 -10.47
C GLU F 611 47.23 -21.07 -10.06
N ILE F 612 47.27 -22.38 -10.12
CA ILE F 612 46.11 -23.22 -9.86
C ILE F 612 46.00 -23.49 -8.37
N LEU F 613 44.79 -23.38 -7.85
CA LEU F 613 44.52 -23.70 -6.46
C LEU F 613 43.38 -24.71 -6.37
N ASP F 614 43.39 -25.50 -5.30
CA ASP F 614 42.36 -26.48 -5.04
C ASP F 614 41.55 -26.06 -3.82
N ILE F 615 40.35 -26.62 -3.73
CA ILE F 615 39.40 -26.28 -2.67
C ILE F 615 38.91 -27.57 -2.02
N THR F 616 38.51 -27.47 -0.76
CA THR F 616 38.01 -28.61 0.00
C THR F 616 37.27 -28.16 1.24
N PRO F 617 36.05 -28.63 1.46
CA PRO F 617 35.31 -28.23 2.65
C PRO F 617 35.90 -28.85 3.91
N CYS F 618 35.55 -28.26 5.05
CA CYS F 618 36.13 -28.67 6.33
C CYS F 618 35.05 -28.84 7.39
N SER F 619 33.85 -29.23 7.00
CA SER F 619 32.70 -29.27 7.91
C SER F 619 32.14 -30.68 8.07
N PHE F 620 32.97 -31.69 7.92
CA PHE F 620 32.50 -33.06 8.12
C PHE F 620 32.49 -33.38 9.62
N GLY F 621 32.04 -34.59 9.94
CA GLY F 621 32.21 -35.11 11.28
C GLY F 621 31.01 -35.02 12.19
N GLY F 622 30.50 -36.18 12.61
CA GLY F 622 29.56 -36.27 13.69
C GLY F 622 30.24 -36.71 14.98
N VAL F 623 29.64 -36.37 16.10
CA VAL F 623 30.21 -36.65 17.41
C VAL F 623 29.50 -37.84 18.02
N SER F 624 30.26 -38.80 18.51
CA SER F 624 29.69 -39.97 19.16
C SER F 624 30.50 -40.29 20.41
N VAL F 625 29.85 -40.97 21.35
CA VAL F 625 30.43 -41.25 22.66
C VAL F 625 30.22 -42.73 22.99
N ILE F 626 31.20 -43.31 23.67
CA ILE F 626 31.18 -44.73 24.02
C ILE F 626 31.11 -44.84 25.53
N THR F 627 30.15 -45.62 26.03
CA THR F 627 29.93 -45.72 27.46
C THR F 627 29.83 -47.19 27.86
N PRO F 628 30.61 -47.64 28.86
CA PRO F 628 30.48 -49.01 29.35
C PRO F 628 29.27 -49.23 30.24
N GLY F 629 28.41 -48.23 30.39
CA GLY F 629 27.23 -48.37 31.22
C GLY F 629 27.37 -47.61 32.53
N THR F 630 26.50 -46.62 32.75
CA THR F 630 26.58 -45.85 33.99
C THR F 630 26.28 -46.69 35.22
N ASN F 631 25.73 -47.89 35.05
CA ASN F 631 25.56 -48.80 36.17
C ASN F 631 26.89 -49.10 36.84
N THR F 632 27.96 -49.20 36.04
CA THR F 632 29.31 -49.44 36.54
C THR F 632 30.23 -48.35 36.02
N SER F 633 30.71 -47.48 36.91
CA SER F 633 31.68 -46.45 36.58
C SER F 633 31.14 -45.40 35.62
N ASN F 634 31.90 -44.33 35.41
CA ASN F 634 31.45 -43.21 34.58
C ASN F 634 32.44 -42.82 33.49
N GLN F 635 33.63 -43.41 33.45
CA GLN F 635 34.61 -43.02 32.43
C GLN F 635 34.07 -43.35 31.04
N VAL F 636 34.18 -42.39 30.13
CA VAL F 636 33.69 -42.55 28.76
C VAL F 636 34.76 -42.09 27.80
N ALA F 637 34.59 -42.44 26.53
CA ALA F 637 35.48 -42.03 25.46
C ALA F 637 34.67 -41.45 24.32
N VAL F 638 35.27 -40.50 23.61
CA VAL F 638 34.59 -39.75 22.56
C VAL F 638 35.15 -40.18 21.22
N LEU F 639 34.26 -40.38 20.25
CA LEU F 639 34.62 -40.80 18.90
C LEU F 639 34.09 -39.77 17.90
N TYR F 640 34.98 -39.20 17.12
CA TYR F 640 34.57 -38.37 15.99
C TYR F 640 34.42 -39.25 14.75
N GLN F 641 33.72 -38.73 13.75
CA GLN F 641 33.32 -39.56 12.63
C GLN F 641 34.39 -39.66 11.55
N GLY F 642 34.77 -38.54 10.95
CA GLY F 642 35.64 -38.60 9.79
C GLY F 642 36.85 -37.69 9.82
N VAL F 643 36.94 -36.83 10.82
CA VAL F 643 38.05 -35.89 10.90
C VAL F 643 39.36 -36.65 11.15
N ASN F 644 40.47 -35.97 10.91
CA ASN F 644 41.79 -36.51 11.19
C ASN F 644 42.34 -35.86 12.46
N CYS F 645 42.85 -36.68 13.37
CA CYS F 645 43.40 -36.16 14.61
C CYS F 645 44.86 -36.58 14.77
N ASN F 669 45.64 -39.47 25.25
CA ASN F 669 45.86 -40.65 24.42
C ASN F 669 45.04 -40.59 23.15
N VAL F 670 45.44 -39.73 22.24
CA VAL F 670 44.76 -39.58 20.95
C VAL F 670 45.22 -40.71 20.04
N PHE F 671 44.32 -41.66 19.77
CA PHE F 671 44.61 -42.80 18.92
C PHE F 671 43.77 -42.71 17.66
N GLN F 672 44.36 -43.13 16.54
CA GLN F 672 43.78 -42.92 15.22
C GLN F 672 43.12 -44.20 14.72
N THR F 673 41.93 -44.05 14.14
CA THR F 673 41.15 -45.16 13.62
C THR F 673 40.74 -44.86 12.18
N ARG F 674 40.54 -45.92 11.39
CA ARG F 674 40.09 -45.75 10.01
C ARG F 674 38.76 -44.99 9.94
N ALA F 675 37.95 -45.03 11.00
CA ALA F 675 36.65 -44.40 10.98
C ALA F 675 36.57 -43.23 11.97
N GLY F 676 37.59 -42.39 11.97
CA GLY F 676 37.64 -41.24 12.85
C GLY F 676 38.78 -41.36 13.86
N CYS F 677 38.92 -40.32 14.67
CA CYS F 677 39.97 -40.28 15.69
C CYS F 677 39.35 -40.56 17.05
N LEU F 678 39.95 -41.49 17.78
CA LEU F 678 39.46 -41.91 19.08
C LEU F 678 40.27 -41.24 20.19
N ILE F 679 39.57 -40.60 21.12
CA ILE F 679 40.21 -39.99 22.28
C ILE F 679 39.60 -40.58 23.53
N GLY F 680 40.39 -40.61 24.60
CA GLY F 680 39.94 -41.19 25.84
C GLY F 680 39.94 -42.70 25.89
N ALA F 681 40.60 -43.36 24.94
CA ALA F 681 40.67 -44.81 24.91
C ALA F 681 42.11 -45.24 24.66
N GLU F 682 42.45 -46.43 25.15
CA GLU F 682 43.80 -46.96 25.09
C GLU F 682 43.85 -48.13 24.12
N HIS F 683 44.77 -48.05 23.15
CA HIS F 683 44.93 -49.12 22.18
C HIS F 683 45.62 -50.32 22.80
N VAL F 684 45.32 -51.50 22.26
CA VAL F 684 45.96 -52.74 22.68
C VAL F 684 46.29 -53.54 21.43
N ASN F 685 47.05 -54.63 21.63
CA ASN F 685 47.48 -55.49 20.54
C ASN F 685 46.80 -56.87 20.56
N ASN F 686 45.89 -57.11 21.48
CA ASN F 686 45.24 -58.41 21.60
C ASN F 686 44.10 -58.50 20.58
N SER F 687 43.27 -59.53 20.72
CA SER F 687 42.11 -59.71 19.86
C SER F 687 41.13 -60.64 20.53
N TYR F 688 39.89 -60.18 20.69
CA TYR F 688 38.83 -61.00 21.28
C TYR F 688 37.55 -60.79 20.49
N GLU F 689 36.53 -61.56 20.84
CA GLU F 689 35.18 -61.21 20.43
C GLU F 689 34.81 -59.92 21.13
N CYS F 690 34.16 -59.01 20.41
CA CYS F 690 34.02 -57.64 20.88
C CYS F 690 32.59 -57.34 21.31
N ASP F 691 32.48 -56.38 22.22
CA ASP F 691 31.23 -56.02 22.87
C ASP F 691 30.52 -54.84 22.22
N ILE F 692 31.22 -53.72 22.05
CA ILE F 692 30.62 -52.52 21.48
C ILE F 692 31.23 -52.26 20.11
N PRO F 693 30.52 -52.52 19.02
CA PRO F 693 31.07 -52.22 17.69
C PRO F 693 31.23 -50.73 17.49
N ILE F 694 32.23 -50.37 16.68
CA ILE F 694 32.53 -48.96 16.41
C ILE F 694 32.45 -48.70 14.91
N GLY F 695 33.30 -49.39 14.15
CA GLY F 695 33.35 -49.21 12.72
C GLY F 695 34.68 -49.66 12.15
N ALA F 696 34.67 -50.07 10.88
CA ALA F 696 35.89 -50.50 10.19
C ALA F 696 36.62 -51.58 10.98
N GLY F 697 35.86 -52.53 11.53
CA GLY F 697 36.46 -53.64 12.27
C GLY F 697 37.21 -53.22 13.51
N ILE F 698 36.64 -52.31 14.29
CA ILE F 698 37.23 -51.86 15.54
C ILE F 698 36.16 -51.92 16.62
N CYS F 699 36.51 -52.50 17.77
CA CYS F 699 35.56 -52.74 18.83
C CYS F 699 36.16 -52.32 20.17
N ALA F 700 35.33 -51.72 21.02
CA ALA F 700 35.74 -51.26 22.33
C ALA F 700 35.14 -52.16 23.41
N SER F 701 35.76 -52.13 24.59
CA SER F 701 35.30 -52.93 25.73
C SER F 701 35.75 -52.24 27.01
N TYR F 702 35.55 -52.93 28.14
CA TYR F 702 35.89 -52.38 29.44
C TYR F 702 36.84 -53.23 30.26
N GLN F 703 37.01 -54.50 29.95
CA GLN F 703 37.85 -55.36 30.77
C GLN F 703 39.31 -54.89 30.74
N THR F 704 39.95 -54.92 31.91
CA THR F 704 41.32 -54.46 32.03
C THR F 704 42.07 -55.26 33.08
N SER F 717 43.00 -50.77 38.74
CA SER F 717 41.84 -50.11 38.15
C SER F 717 41.49 -50.72 36.80
N GLN F 718 40.45 -50.18 36.16
CA GLN F 718 40.02 -50.64 34.87
C GLN F 718 39.66 -49.44 34.00
N SER F 719 39.81 -49.60 32.69
CA SER F 719 39.64 -48.50 31.76
C SER F 719 38.93 -49.02 30.51
N ILE F 720 38.95 -48.20 29.46
CA ILE F 720 38.28 -48.50 28.20
C ILE F 720 39.35 -48.74 27.13
N ILE F 721 39.26 -49.87 26.44
CA ILE F 721 40.24 -50.26 25.45
C ILE F 721 39.56 -50.50 24.12
N ALA F 722 40.34 -50.39 23.04
CA ALA F 722 39.88 -50.63 21.69
C ALA F 722 40.85 -51.56 20.99
N TYR F 723 40.36 -52.28 19.99
CA TYR F 723 41.16 -53.29 19.31
C TYR F 723 40.44 -53.73 18.05
N THR F 724 41.09 -54.59 17.28
CA THR F 724 40.49 -55.21 16.11
C THR F 724 39.82 -56.50 16.54
N MET F 725 38.53 -56.63 16.23
CA MET F 725 37.77 -57.78 16.72
C MET F 725 38.29 -59.07 16.11
N SER F 726 38.13 -60.16 16.87
CA SER F 726 38.51 -61.48 16.43
C SER F 726 37.25 -62.28 16.12
N LEU F 727 37.18 -62.85 14.93
CA LEU F 727 35.99 -63.57 14.50
C LEU F 727 35.73 -64.81 15.34
N GLY F 728 36.71 -65.28 16.08
CA GLY F 728 36.54 -66.45 16.92
C GLY F 728 37.86 -67.17 17.06
N ALA F 729 37.77 -68.39 17.58
CA ALA F 729 38.94 -69.24 17.74
C ALA F 729 39.31 -69.83 16.38
N GLU F 730 40.19 -70.83 16.39
CA GLU F 730 40.60 -71.49 15.15
C GLU F 730 41.08 -72.88 15.49
N ASN F 731 40.46 -73.89 14.92
CA ASN F 731 40.87 -75.28 15.13
C ASN F 731 40.98 -75.99 13.79
N SER F 732 42.11 -76.64 13.56
CA SER F 732 42.27 -77.45 12.38
C SER F 732 41.51 -78.76 12.55
N VAL F 733 41.12 -79.35 11.43
CA VAL F 733 40.39 -80.62 11.41
C VAL F 733 41.32 -81.68 10.83
N ALA F 734 41.46 -82.79 11.55
CA ALA F 734 42.38 -83.86 11.14
C ALA F 734 41.72 -84.70 10.05
N TYR F 735 41.59 -84.10 8.88
CA TYR F 735 40.95 -84.76 7.75
C TYR F 735 41.97 -85.64 7.03
N SER F 736 41.73 -86.94 7.03
CA SER F 736 42.57 -87.90 6.33
C SER F 736 41.69 -88.79 5.47
N ASN F 737 42.27 -89.31 4.39
CA ASN F 737 41.45 -90.04 3.42
C ASN F 737 40.97 -91.38 3.94
N ASN F 738 41.16 -91.73 5.21
CA ASN F 738 40.59 -92.96 5.74
C ASN F 738 40.08 -92.81 7.16
N SER F 739 40.07 -91.61 7.72
CA SER F 739 39.69 -91.39 9.11
C SER F 739 38.30 -90.79 9.19
N ILE F 740 37.45 -91.39 10.01
CA ILE F 740 36.08 -90.96 10.20
C ILE F 740 35.82 -90.82 11.70
N ALA F 741 34.92 -89.92 12.05
CA ALA F 741 34.54 -89.72 13.44
C ALA F 741 33.06 -90.05 13.62
N ILE F 742 32.72 -90.55 14.80
CA ILE F 742 31.35 -90.97 15.08
C ILE F 742 30.99 -90.59 16.51
N PRO F 743 29.83 -89.98 16.74
CA PRO F 743 29.43 -89.65 18.11
C PRO F 743 29.11 -90.90 18.91
N ILE F 744 29.26 -90.78 20.23
CA ILE F 744 28.92 -91.87 21.13
C ILE F 744 27.84 -91.48 22.14
N ASN F 745 27.66 -90.19 22.41
CA ASN F 745 26.67 -89.72 23.36
C ASN F 745 25.85 -88.63 22.70
N PHE F 746 24.67 -88.38 23.25
CA PHE F 746 23.77 -87.40 22.64
C PHE F 746 23.03 -86.66 23.73
N THR F 747 22.94 -85.34 23.59
CA THR F 747 22.16 -84.52 24.49
C THR F 747 20.89 -84.06 23.80
N ILE F 748 20.02 -83.42 24.58
CA ILE F 748 18.79 -82.83 24.06
C ILE F 748 18.70 -81.41 24.59
N SER F 749 18.60 -80.45 23.70
CA SER F 749 18.54 -79.05 24.08
C SER F 749 17.20 -78.46 23.69
N VAL F 750 16.95 -77.24 24.19
CA VAL F 750 15.79 -76.46 23.80
C VAL F 750 16.23 -75.02 23.57
N THR F 751 15.45 -74.32 22.76
CA THR F 751 15.84 -72.98 22.34
C THR F 751 14.58 -72.16 22.05
N THR F 752 14.59 -70.91 22.47
CA THR F 752 13.47 -70.03 22.23
C THR F 752 13.70 -69.22 20.94
N GLU F 753 12.63 -68.57 20.48
CA GLU F 753 12.70 -67.75 19.28
C GLU F 753 11.52 -66.80 19.28
N ILE F 754 11.80 -65.51 19.34
CA ILE F 754 10.78 -64.48 19.56
C ILE F 754 10.33 -63.94 18.21
N LEU F 755 9.02 -63.73 18.03
CA LEU F 755 8.53 -63.14 16.80
C LEU F 755 7.37 -62.19 17.08
N PRO F 756 7.41 -60.97 16.55
CA PRO F 756 6.23 -60.10 16.64
C PRO F 756 5.12 -60.61 15.74
N VAL F 757 3.89 -60.28 16.09
CA VAL F 757 2.71 -60.67 15.32
C VAL F 757 1.87 -59.46 14.91
N SER F 758 1.61 -58.56 15.86
CA SER F 758 0.82 -57.38 15.55
C SER F 758 1.25 -56.23 16.45
N MET F 759 0.97 -55.02 15.98
CA MET F 759 1.21 -53.81 16.77
C MET F 759 -0.13 -53.25 17.23
N THR F 760 -0.08 -52.10 17.90
CA THR F 760 -1.27 -51.52 18.50
C THR F 760 -2.13 -50.86 17.44
N LYS F 761 -3.38 -51.34 17.32
CA LYS F 761 -4.33 -50.71 16.43
C LYS F 761 -4.56 -49.27 16.83
N THR F 762 -4.62 -48.37 15.84
CA THR F 762 -4.78 -46.95 16.12
C THR F 762 -5.75 -46.35 15.12
N SER F 763 -6.21 -45.14 15.45
CA SER F 763 -7.05 -44.35 14.56
C SER F 763 -6.90 -42.89 14.95
N VAL F 764 -6.83 -42.02 13.95
CA VAL F 764 -6.63 -40.59 14.16
C VAL F 764 -7.65 -39.85 13.32
N ASP F 765 -8.65 -39.26 13.96
CA ASP F 765 -9.64 -38.48 13.23
C ASP F 765 -8.96 -37.25 12.63
N CYS F 766 -9.28 -36.96 11.37
CA CYS F 766 -8.56 -35.91 10.65
C CYS F 766 -8.95 -34.53 11.17
N THR F 767 -10.23 -34.18 11.06
CA THR F 767 -10.64 -32.81 11.38
C THR F 767 -10.40 -32.47 12.84
N MET F 768 -10.70 -33.42 13.75
CA MET F 768 -10.53 -33.13 15.16
C MET F 768 -9.07 -32.87 15.52
N TYR F 769 -8.14 -33.42 14.74
CA TYR F 769 -6.73 -33.17 15.01
C TYR F 769 -6.27 -31.85 14.40
N ILE F 770 -6.45 -31.70 13.09
CA ILE F 770 -5.94 -30.52 12.40
C ILE F 770 -6.58 -29.26 12.97
N CYS F 771 -7.90 -29.24 13.08
CA CYS F 771 -8.62 -28.13 13.67
C CYS F 771 -9.04 -28.47 15.10
N GLY F 772 -9.47 -27.46 15.82
CA GLY F 772 -10.03 -27.66 17.13
C GLY F 772 -11.55 -27.57 17.08
N ASP F 773 -12.08 -26.42 17.48
CA ASP F 773 -13.51 -26.15 17.34
C ASP F 773 -13.78 -24.99 16.40
N SER F 774 -12.75 -24.43 15.77
CA SER F 774 -12.91 -23.33 14.82
C SER F 774 -13.71 -23.78 13.61
N THR F 775 -14.91 -23.24 13.44
CA THR F 775 -15.74 -23.60 12.30
C THR F 775 -15.08 -23.18 10.99
N GLU F 776 -14.51 -21.98 10.95
CA GLU F 776 -13.84 -21.52 9.74
C GLU F 776 -12.65 -22.39 9.38
N CYS F 777 -12.02 -23.01 10.38
CA CYS F 777 -10.97 -23.98 10.09
C CYS F 777 -11.53 -25.15 9.28
N SER F 778 -12.72 -25.63 9.66
CA SER F 778 -13.37 -26.68 8.88
C SER F 778 -13.70 -26.19 7.48
N ASN F 779 -14.15 -24.94 7.36
CA ASN F 779 -14.47 -24.41 6.05
C ASN F 779 -13.24 -24.39 5.15
N LEU F 780 -12.09 -24.01 5.70
CA LEU F 780 -10.86 -24.05 4.93
C LEU F 780 -10.48 -25.49 4.56
N LEU F 781 -10.62 -26.42 5.51
CA LEU F 781 -10.31 -27.81 5.21
C LEU F 781 -11.23 -28.40 4.15
N LEU F 782 -12.43 -27.87 3.98
CA LEU F 782 -13.29 -28.33 2.90
C LEU F 782 -12.74 -28.03 1.51
N GLN F 783 -11.58 -27.39 1.40
CA GLN F 783 -10.88 -27.27 0.14
C GLN F 783 -9.92 -28.41 -0.11
N TYR F 784 -9.73 -29.28 0.87
CA TYR F 784 -8.76 -30.38 0.84
C TYR F 784 -9.43 -31.71 1.07
N GLY F 785 -10.71 -31.80 0.71
CA GLY F 785 -11.57 -32.83 1.28
C GLY F 785 -11.10 -34.27 1.22
N SER F 786 -10.56 -34.69 0.08
CA SER F 786 -10.24 -36.11 -0.10
C SER F 786 -9.13 -36.58 0.83
N PHE F 787 -8.31 -35.64 1.33
CA PHE F 787 -7.13 -36.03 2.10
C PHE F 787 -7.53 -36.75 3.39
N CYS F 788 -8.51 -36.21 4.11
CA CYS F 788 -8.91 -36.81 5.37
C CYS F 788 -9.52 -38.19 5.15
N THR F 789 -10.33 -38.33 4.12
CA THR F 789 -10.90 -39.63 3.80
C THR F 789 -9.82 -40.65 3.47
N GLN F 790 -8.82 -40.22 2.68
CA GLN F 790 -7.73 -41.14 2.33
C GLN F 790 -6.97 -41.58 3.57
N LEU F 791 -6.66 -40.63 4.46
CA LEU F 791 -5.92 -40.98 5.67
C LEU F 791 -6.70 -41.94 6.54
N ASN F 792 -7.99 -41.68 6.74
CA ASN F 792 -8.81 -42.58 7.55
C ASN F 792 -8.89 -43.97 6.90
N ARG F 793 -9.00 -44.03 5.58
CA ARG F 793 -9.05 -45.32 4.90
C ARG F 793 -7.76 -46.09 5.11
N ALA F 794 -6.62 -45.40 5.02
CA ALA F 794 -5.34 -46.07 5.23
C ALA F 794 -5.24 -46.61 6.66
N LEU F 795 -5.66 -45.83 7.64
CA LEU F 795 -5.59 -46.32 9.02
C LEU F 795 -6.51 -47.51 9.25
N THR F 796 -7.71 -47.49 8.68
CA THR F 796 -8.58 -48.65 8.80
C THR F 796 -7.98 -49.87 8.14
N GLY F 797 -7.32 -49.69 6.99
CA GLY F 797 -6.64 -50.80 6.34
C GLY F 797 -5.56 -51.39 7.23
N ILE F 798 -4.77 -50.53 7.89
CA ILE F 798 -3.74 -51.03 8.78
C ILE F 798 -4.36 -51.81 9.93
N ALA F 799 -5.46 -51.30 10.50
CA ALA F 799 -6.10 -52.00 11.61
C ALA F 799 -6.57 -53.39 11.20
N VAL F 800 -7.27 -53.47 10.06
CA VAL F 800 -7.78 -54.77 9.64
C VAL F 800 -6.62 -55.70 9.28
N GLU F 801 -5.51 -55.15 8.78
CA GLU F 801 -4.34 -56.00 8.53
C GLU F 801 -3.78 -56.57 9.81
N GLN F 802 -3.75 -55.76 10.87
CA GLN F 802 -3.30 -56.27 12.17
C GLN F 802 -4.16 -57.43 12.63
N ASP F 803 -5.47 -57.25 12.57
CA ASP F 803 -6.36 -58.33 13.01
C ASP F 803 -6.21 -59.56 12.13
N LYS F 804 -6.01 -59.36 10.83
CA LYS F 804 -5.84 -60.49 9.92
C LYS F 804 -4.57 -61.28 10.28
N ASN F 805 -3.49 -60.57 10.61
CA ASN F 805 -2.28 -61.26 11.03
C ASN F 805 -2.55 -62.11 12.26
N THR F 806 -3.16 -61.53 13.29
CA THR F 806 -3.41 -62.29 14.51
C THR F 806 -4.29 -63.51 14.22
N GLN F 807 -5.27 -63.35 13.32
CA GLN F 807 -6.13 -64.46 12.96
C GLN F 807 -5.37 -65.56 12.24
N GLU F 808 -4.51 -65.19 11.29
CA GLU F 808 -3.81 -66.18 10.49
C GLU F 808 -2.82 -66.98 11.34
N VAL F 809 -2.10 -66.32 12.23
CA VAL F 809 -0.98 -66.99 12.87
C VAL F 809 -1.42 -68.05 13.88
N PHE F 810 -2.65 -67.98 14.39
CA PHE F 810 -3.04 -68.80 15.52
C PHE F 810 -4.09 -69.85 15.19
N ALA F 811 -5.23 -69.47 14.63
CA ALA F 811 -6.33 -70.41 14.48
C ALA F 811 -6.06 -71.42 13.38
N GLN F 812 -5.13 -72.34 13.61
CA GLN F 812 -4.82 -73.39 12.66
C GLN F 812 -5.67 -74.64 12.83
N VAL F 813 -6.52 -74.68 13.87
CA VAL F 813 -7.34 -75.85 14.15
C VAL F 813 -8.75 -75.39 14.50
N LYS F 814 -9.74 -76.14 14.02
CA LYS F 814 -11.14 -75.84 14.29
C LYS F 814 -11.79 -76.89 15.18
N GLN F 815 -11.02 -77.45 16.12
CA GLN F 815 -11.53 -78.45 17.04
C GLN F 815 -10.70 -78.33 18.32
N ILE F 816 -11.22 -77.56 19.28
CA ILE F 816 -10.47 -77.31 20.51
C ILE F 816 -10.34 -78.61 21.29
N TYR F 817 -9.11 -79.08 21.45
CA TYR F 817 -8.86 -80.32 22.15
C TYR F 817 -8.73 -80.06 23.64
N LYS F 818 -8.44 -81.12 24.39
CA LYS F 818 -8.39 -81.01 25.85
C LYS F 818 -7.40 -82.03 26.39
N THR F 819 -6.46 -81.55 27.20
CA THR F 819 -5.49 -82.44 27.82
C THR F 819 -6.19 -83.36 28.82
N PRO F 820 -5.80 -84.64 28.88
CA PRO F 820 -6.41 -85.52 29.87
C PRO F 820 -5.98 -85.13 31.27
N PRO F 821 -6.79 -85.44 32.29
CA PRO F 821 -6.38 -85.14 33.67
C PRO F 821 -5.10 -85.85 34.08
N ILE F 822 -4.86 -87.06 33.58
CA ILE F 822 -3.63 -87.78 33.89
C ILE F 822 -2.44 -87.08 33.22
N LYS F 823 -1.28 -87.18 33.85
CA LYS F 823 -0.03 -86.65 33.31
C LYS F 823 0.98 -87.77 33.07
N ASP F 824 0.50 -88.90 32.54
CA ASP F 824 1.35 -90.06 32.27
C ASP F 824 1.93 -89.93 30.86
N PHE F 825 2.99 -89.15 30.75
CA PHE F 825 3.67 -88.90 29.49
C PHE F 825 5.08 -89.47 29.49
N GLY F 826 5.26 -90.66 30.05
CA GLY F 826 6.56 -91.28 30.05
C GLY F 826 7.64 -90.46 30.74
N GLY F 827 7.30 -89.85 31.88
CA GLY F 827 8.29 -89.12 32.65
C GLY F 827 8.60 -87.72 32.16
N PHE F 828 7.88 -87.22 31.17
CA PHE F 828 8.09 -85.85 30.68
C PHE F 828 7.20 -84.93 31.50
N ASN F 829 7.80 -84.20 32.44
CA ASN F 829 7.06 -83.39 33.39
C ASN F 829 6.53 -82.15 32.69
N PHE F 830 5.44 -82.33 31.95
CA PHE F 830 4.75 -81.23 31.27
C PHE F 830 3.89 -80.50 32.28
N SER F 831 4.52 -79.62 33.05
CA SER F 831 3.80 -78.82 34.03
C SER F 831 4.08 -77.34 33.95
N GLN F 832 5.10 -76.91 33.21
CA GLN F 832 5.41 -75.50 33.06
C GLN F 832 4.74 -74.86 31.86
N ILE F 833 4.06 -75.65 31.03
CA ILE F 833 3.42 -75.10 29.83
C ILE F 833 1.97 -75.56 29.75
N LEU F 834 1.49 -76.17 30.78
CA LEU F 834 0.09 -76.52 30.65
C LEU F 834 -0.78 -75.56 31.45
N PRO F 835 -2.01 -75.32 31.01
CA PRO F 835 -2.90 -74.42 31.75
C PRO F 835 -3.13 -74.91 33.18
N ASP F 836 -3.25 -73.96 34.10
CA ASP F 836 -3.50 -74.25 35.49
C ASP F 836 -4.88 -73.78 35.89
N PRO F 837 -5.71 -74.65 36.46
CA PRO F 837 -7.06 -74.22 36.88
C PRO F 837 -7.05 -73.19 37.98
N SER F 838 -5.95 -73.05 38.72
CA SER F 838 -5.91 -72.13 39.86
C SER F 838 -6.15 -70.69 39.40
N LYS F 839 -5.37 -70.23 38.43
CA LYS F 839 -5.57 -68.89 37.91
C LYS F 839 -6.87 -68.81 37.12
N PRO F 840 -7.54 -67.65 37.11
CA PRO F 840 -8.80 -67.53 36.36
C PRO F 840 -8.64 -67.83 34.89
N SER F 841 -7.76 -67.07 34.22
CA SER F 841 -7.41 -67.40 32.85
C SER F 841 -6.58 -68.68 32.81
N LYS F 842 -6.67 -69.39 31.69
CA LYS F 842 -5.92 -70.63 31.52
C LYS F 842 -4.48 -70.40 31.13
N ARG F 843 -3.95 -69.19 31.35
CA ARG F 843 -2.56 -68.90 31.08
C ARG F 843 -1.66 -69.82 31.89
N SER F 844 -0.71 -70.46 31.23
CA SER F 844 0.20 -71.37 31.92
C SER F 844 1.29 -70.58 32.62
N PHE F 845 2.21 -71.31 33.26
CA PHE F 845 3.21 -70.66 34.10
C PHE F 845 4.19 -69.83 33.27
N ILE F 846 4.74 -70.40 32.20
CA ILE F 846 5.73 -69.69 31.41
C ILE F 846 5.10 -68.51 30.69
N GLU F 847 3.86 -68.68 30.21
CA GLU F 847 3.14 -67.55 29.63
C GLU F 847 2.96 -66.44 30.65
N ASP F 848 2.61 -66.81 31.89
CA ASP F 848 2.40 -65.81 32.93
C ASP F 848 3.70 -65.07 33.22
N LEU F 849 4.81 -65.80 33.34
CA LEU F 849 6.09 -65.15 33.57
C LEU F 849 6.44 -64.22 32.42
N LEU F 850 6.22 -64.67 31.18
CA LEU F 850 6.57 -63.88 30.02
C LEU F 850 5.72 -62.62 29.93
N PHE F 851 4.47 -62.68 30.39
CA PHE F 851 3.56 -61.56 30.20
C PHE F 851 3.89 -60.39 31.12
N ASN F 852 4.68 -60.61 32.16
CA ASN F 852 4.99 -59.54 33.11
C ASN F 852 6.29 -58.82 32.79
N LYS F 853 7.22 -59.46 32.10
CA LYS F 853 8.47 -58.79 31.75
C LYS F 853 8.23 -57.60 30.84
N VAL F 854 7.17 -57.64 30.04
CA VAL F 854 6.85 -56.56 29.11
C VAL F 854 5.98 -55.53 29.82
N THR F 855 6.39 -54.27 29.76
CA THR F 855 5.66 -53.20 30.41
C THR F 855 5.29 -52.09 29.40
N PHE F 883 -6.24 -38.08 23.89
CA PHE F 883 -6.96 -36.81 24.01
C PHE F 883 -7.43 -36.29 22.66
N ASN F 884 -6.49 -35.73 21.90
CA ASN F 884 -6.80 -35.00 20.67
C ASN F 884 -6.95 -35.98 19.51
N GLY F 885 -8.11 -36.65 19.48
CA GLY F 885 -8.45 -37.52 18.37
C GLY F 885 -7.48 -38.66 18.13
N LEU F 886 -7.12 -39.37 19.19
CA LEU F 886 -6.16 -40.46 19.12
C LEU F 886 -6.75 -41.73 19.71
N THR F 887 -7.97 -42.07 19.28
CA THR F 887 -8.63 -43.26 19.78
C THR F 887 -7.81 -44.51 19.45
N VAL F 888 -7.82 -45.46 20.39
CA VAL F 888 -7.10 -46.71 20.24
C VAL F 888 -8.11 -47.84 20.24
N LEU F 889 -8.03 -48.67 19.26
CA LEU F 889 -9.03 -49.73 19.22
C LEU F 889 -8.48 -51.01 19.84
N PRO F 890 -9.33 -51.85 20.42
CA PRO F 890 -8.86 -53.11 20.98
C PRO F 890 -8.98 -54.22 19.94
N PRO F 891 -8.13 -55.24 20.03
CA PRO F 891 -8.24 -56.35 19.08
C PRO F 891 -9.51 -57.15 19.32
N LEU F 892 -10.07 -57.68 18.23
CA LEU F 892 -11.31 -58.43 18.32
C LEU F 892 -11.09 -59.88 18.71
N LEU F 893 -9.93 -60.18 19.31
CA LEU F 893 -9.64 -61.52 19.80
C LEU F 893 -8.84 -61.34 21.10
N THR F 894 -9.54 -61.40 22.23
CA THR F 894 -8.92 -61.09 23.51
C THR F 894 -7.88 -62.13 23.89
N ASP F 895 -6.99 -61.74 24.80
CA ASP F 895 -5.84 -62.57 25.14
C ASP F 895 -6.25 -63.94 25.69
N GLU F 896 -7.38 -64.01 26.37
CA GLU F 896 -7.81 -65.29 26.91
C GLU F 896 -8.09 -66.30 25.81
N MET F 897 -8.73 -65.84 24.72
CA MET F 897 -8.95 -66.73 23.59
C MET F 897 -7.65 -67.14 22.93
N ILE F 898 -6.66 -66.24 22.91
CA ILE F 898 -5.35 -66.59 22.37
C ILE F 898 -4.71 -67.70 23.19
N ALA F 899 -4.76 -67.56 24.51
CA ALA F 899 -4.25 -68.63 25.37
C ALA F 899 -5.02 -69.92 25.18
N GLN F 900 -6.32 -69.82 24.90
CA GLN F 900 -7.11 -71.02 24.63
C GLN F 900 -6.61 -71.73 23.37
N TYR F 901 -6.37 -70.96 22.31
CA TYR F 901 -5.81 -71.53 21.09
C TYR F 901 -4.47 -72.20 21.36
N THR F 902 -3.61 -71.53 22.11
CA THR F 902 -2.29 -72.09 22.39
C THR F 902 -2.40 -73.40 23.17
N SER F 903 -3.30 -73.45 24.16
CA SER F 903 -3.51 -74.67 24.91
C SER F 903 -4.04 -75.78 24.02
N ALA F 904 -4.95 -75.45 23.11
CA ALA F 904 -5.45 -76.47 22.18
C ALA F 904 -4.32 -77.02 21.33
N LEU F 905 -3.44 -76.15 20.84
CA LEU F 905 -2.32 -76.61 20.03
C LEU F 905 -1.39 -77.51 20.83
N LEU F 906 -1.14 -77.14 22.09
CA LEU F 906 -0.31 -77.98 22.94
C LEU F 906 -0.92 -79.36 23.14
N ALA F 907 -2.22 -79.41 23.41
CA ALA F 907 -2.88 -80.71 23.60
C ALA F 907 -2.78 -81.54 22.33
N GLY F 908 -3.03 -80.92 21.18
CA GLY F 908 -2.97 -81.65 19.93
C GLY F 908 -1.59 -82.21 19.65
N THR F 909 -0.55 -81.39 19.86
CA THR F 909 0.80 -81.86 19.57
C THR F 909 1.34 -82.80 20.64
N ILE F 910 0.72 -82.86 21.82
CA ILE F 910 1.19 -83.76 22.85
C ILE F 910 0.53 -85.13 22.72
N THR F 911 -0.80 -85.19 22.64
CA THR F 911 -1.46 -86.48 22.62
C THR F 911 -1.49 -87.08 21.21
N SER F 912 -2.05 -86.34 20.26
CA SER F 912 -2.39 -86.89 18.95
C SER F 912 -1.23 -86.91 17.99
N GLY F 913 0.00 -86.87 18.48
CA GLY F 913 1.14 -86.89 17.57
C GLY F 913 1.13 -85.67 16.67
N TRP F 914 1.12 -85.89 15.37
CA TRP F 914 1.01 -84.80 14.42
C TRP F 914 -0.03 -85.04 13.35
N THR F 915 -0.72 -86.18 13.37
CA THR F 915 -1.75 -86.43 12.37
C THR F 915 -2.91 -85.45 12.49
N PHE F 916 -3.08 -84.81 13.64
CA PHE F 916 -4.16 -83.85 13.80
C PHE F 916 -3.98 -82.62 12.94
N GLY F 917 -2.80 -82.42 12.37
CA GLY F 917 -2.62 -81.40 11.36
C GLY F 917 -3.15 -81.76 10.00
N ALA F 918 -3.55 -83.02 9.81
CA ALA F 918 -4.09 -83.50 8.54
C ALA F 918 -5.38 -84.26 8.84
N GLY F 919 -6.50 -83.56 8.80
CA GLY F 919 -7.79 -84.18 8.99
C GLY F 919 -8.15 -84.30 10.46
N ALA F 920 -8.52 -85.50 10.88
CA ALA F 920 -8.92 -85.72 12.26
C ALA F 920 -7.69 -85.88 13.16
N ALA F 921 -7.92 -86.05 14.45
CA ALA F 921 -6.86 -86.24 15.42
C ALA F 921 -6.81 -87.71 15.81
N LEU F 922 -5.64 -88.31 15.68
CA LEU F 922 -5.45 -89.73 15.93
C LEU F 922 -4.58 -89.92 17.16
N GLN F 923 -5.08 -90.68 18.13
CA GLN F 923 -4.42 -90.85 19.40
C GLN F 923 -3.29 -91.88 19.30
N ILE F 924 -2.21 -91.63 20.05
CA ILE F 924 -1.02 -92.48 20.01
C ILE F 924 -0.18 -92.19 21.25
N PRO F 925 0.37 -93.21 21.92
CA PRO F 925 1.16 -92.94 23.12
C PRO F 925 2.38 -92.10 22.81
N PHE F 926 2.77 -91.28 23.78
CA PHE F 926 3.82 -90.28 23.55
C PHE F 926 5.17 -90.93 23.25
N ALA F 927 5.49 -92.01 23.97
CA ALA F 927 6.79 -92.66 23.77
C ALA F 927 6.94 -93.14 22.33
N MET F 928 5.89 -93.75 21.79
CA MET F 928 5.94 -94.19 20.40
C MET F 928 6.12 -93.03 19.45
N GLN F 929 5.52 -91.87 19.77
CA GLN F 929 5.69 -90.70 18.90
C GLN F 929 7.12 -90.21 18.92
N MET F 930 7.74 -90.16 20.10
CA MET F 930 9.13 -89.74 20.16
C MET F 930 10.01 -90.73 19.41
N ALA F 931 9.68 -92.02 19.48
CA ALA F 931 10.40 -93.00 18.69
C ALA F 931 10.21 -92.74 17.20
N TYR F 932 9.00 -92.39 16.79
CA TYR F 932 8.74 -92.00 15.41
C TYR F 932 9.69 -90.90 14.97
N ARG F 933 9.79 -89.84 15.75
CA ARG F 933 10.60 -88.71 15.33
C ARG F 933 12.09 -89.04 15.36
N PHE F 934 12.52 -89.84 16.33
CA PHE F 934 13.91 -90.30 16.34
C PHE F 934 14.22 -91.09 15.08
N ASN F 935 13.29 -91.94 14.65
CA ASN F 935 13.42 -92.58 13.35
C ASN F 935 13.48 -91.53 12.25
N GLY F 936 12.73 -90.43 12.42
CA GLY F 936 12.71 -89.41 11.39
C GLY F 936 14.07 -88.78 11.16
N ILE F 937 14.78 -88.44 12.23
CA ILE F 937 16.06 -87.77 12.04
C ILE F 937 17.19 -88.73 11.70
N GLY F 938 16.92 -90.01 11.56
CA GLY F 938 17.90 -90.97 11.11
C GLY F 938 18.60 -91.76 12.18
N VAL F 939 17.94 -92.11 13.28
CA VAL F 939 18.46 -93.04 14.27
C VAL F 939 17.37 -94.03 14.61
N THR F 940 17.78 -95.28 14.83
CA THR F 940 16.81 -96.36 15.03
C THR F 940 16.06 -96.18 16.34
N GLN F 941 14.91 -96.84 16.44
CA GLN F 941 14.05 -96.67 17.61
C GLN F 941 14.73 -97.12 18.89
N ASN F 942 15.50 -98.20 18.82
CA ASN F 942 16.06 -98.81 20.03
C ASN F 942 16.85 -97.81 20.85
N VAL F 943 17.48 -96.83 20.19
CA VAL F 943 18.25 -95.82 20.90
C VAL F 943 17.35 -95.09 21.90
N LEU F 944 16.13 -94.76 21.49
CA LEU F 944 15.22 -94.06 22.39
C LEU F 944 14.76 -94.96 23.53
N TYR F 945 14.32 -96.18 23.20
CA TYR F 945 13.78 -97.07 24.23
C TYR F 945 14.82 -97.44 25.27
N GLU F 946 16.09 -97.51 24.87
CA GLU F 946 17.14 -97.87 25.82
C GLU F 946 17.49 -96.74 26.77
N ASN F 947 16.96 -95.53 26.56
CA ASN F 947 17.41 -94.39 27.35
C ASN F 947 16.27 -93.46 27.75
N GLN F 948 15.08 -94.02 28.01
CA GLN F 948 13.94 -93.18 28.32
C GLN F 948 14.21 -92.30 29.53
N LYS F 949 14.78 -92.88 30.59
CA LYS F 949 15.02 -92.10 31.80
C LYS F 949 16.00 -90.97 31.54
N LEU F 950 17.09 -91.25 30.82
CA LEU F 950 18.07 -90.21 30.53
C LEU F 950 17.47 -89.08 29.71
N ILE F 951 16.71 -89.44 28.68
CA ILE F 951 16.10 -88.43 27.81
C ILE F 951 15.12 -87.58 28.60
N ALA F 952 14.28 -88.22 29.42
CA ALA F 952 13.31 -87.47 30.20
C ALA F 952 13.99 -86.53 31.18
N ASN F 953 15.04 -87.01 31.86
CA ASN F 953 15.74 -86.16 32.80
C ASN F 953 16.37 -84.97 32.08
N GLN F 954 17.00 -85.20 30.93
CA GLN F 954 17.60 -84.09 30.20
C GLN F 954 16.54 -83.09 29.75
N PHE F 955 15.40 -83.58 29.28
CA PHE F 955 14.35 -82.67 28.83
C PHE F 955 13.84 -81.82 29.99
N ASN F 956 13.60 -82.45 31.14
CA ASN F 956 13.11 -81.70 32.30
C ASN F 956 14.14 -80.68 32.76
N SER F 957 15.41 -81.06 32.79
CA SER F 957 16.45 -80.11 33.17
C SER F 957 16.51 -78.94 32.21
N ALA F 958 16.35 -79.20 30.92
CA ALA F 958 16.36 -78.13 29.93
C ALA F 958 15.17 -77.19 30.15
N ILE F 959 13.99 -77.75 30.44
CA ILE F 959 12.82 -76.92 30.69
C ILE F 959 13.06 -76.02 31.89
N GLY F 960 13.61 -76.59 32.96
CA GLY F 960 13.93 -75.80 34.14
C GLY F 960 14.96 -74.73 33.84
N LYS F 961 15.93 -75.05 32.99
CA LYS F 961 16.95 -74.06 32.62
C LYS F 961 16.31 -72.89 31.89
N ILE F 962 15.38 -73.17 30.98
CA ILE F 962 14.67 -72.08 30.29
C ILE F 962 13.87 -71.26 31.29
N GLN F 963 13.17 -71.95 32.22
CA GLN F 963 12.40 -71.24 33.23
C GLN F 963 13.28 -70.28 34.01
N ASP F 964 14.48 -70.71 34.37
CA ASP F 964 15.41 -69.82 35.06
C ASP F 964 15.87 -68.69 34.15
N SER F 965 16.21 -69.00 32.90
CA SER F 965 16.79 -68.01 32.02
C SER F 965 15.81 -66.87 31.73
N LEU F 966 14.53 -67.19 31.55
CA LEU F 966 13.55 -66.15 31.26
C LEU F 966 13.21 -65.31 32.47
N SER F 967 13.68 -65.70 33.66
CA SER F 967 13.43 -64.94 34.87
C SER F 967 14.38 -63.76 35.04
N SER F 968 15.15 -63.42 34.01
CA SER F 968 16.06 -62.28 34.07
C SER F 968 16.35 -61.73 32.68
N LEU F 973 13.88 -59.96 25.47
CA LEU F 973 12.66 -59.72 24.72
C LEU F 973 12.68 -58.39 24.00
N GLY F 974 13.85 -58.03 23.48
CA GLY F 974 13.98 -56.76 22.78
C GLY F 974 13.08 -56.68 21.56
N LYS F 975 12.99 -57.78 20.80
CA LYS F 975 12.21 -57.76 19.57
C LYS F 975 10.73 -57.53 19.84
N LEU F 976 10.25 -57.93 21.01
CA LEU F 976 8.84 -57.74 21.36
C LEU F 976 8.57 -56.42 22.06
N GLN F 977 9.60 -55.64 22.38
CA GLN F 977 9.42 -54.39 23.08
C GLN F 977 9.77 -53.16 22.26
N ASP F 978 10.73 -53.28 21.34
CA ASP F 978 11.07 -52.14 20.50
C ASP F 978 9.89 -51.74 19.61
N VAL F 979 8.98 -52.66 19.31
CA VAL F 979 7.77 -52.30 18.57
C VAL F 979 6.95 -51.29 19.34
N VAL F 980 6.68 -51.59 20.62
CA VAL F 980 5.94 -50.67 21.46
C VAL F 980 6.70 -49.37 21.63
N ASN F 981 8.03 -49.46 21.78
CA ASN F 981 8.83 -48.25 21.93
C ASN F 981 8.70 -47.35 20.71
N GLN F 982 8.81 -47.93 19.51
CA GLN F 982 8.70 -47.14 18.29
C GLN F 982 7.31 -46.54 18.14
N ASN F 983 6.26 -47.31 18.47
CA ASN F 983 4.92 -46.74 18.41
C ASN F 983 4.78 -45.55 19.35
N ALA F 984 5.29 -45.69 20.58
CA ALA F 984 5.23 -44.59 21.52
C ALA F 984 5.98 -43.38 21.01
N GLN F 985 7.16 -43.59 20.44
CA GLN F 985 7.94 -42.47 19.92
C GLN F 985 7.20 -41.77 18.78
N ALA F 986 6.61 -42.54 17.87
CA ALA F 986 5.90 -41.94 16.75
C ALA F 986 4.72 -41.10 17.23
N LEU F 987 3.91 -41.67 18.13
CA LEU F 987 2.75 -40.93 18.62
C LEU F 987 3.17 -39.70 19.41
N ASN F 988 4.24 -39.82 20.20
CA ASN F 988 4.71 -38.69 20.98
C ASN F 988 5.20 -37.57 20.07
N THR F 989 5.94 -37.91 19.02
CA THR F 989 6.39 -36.88 18.08
C THR F 989 5.22 -36.24 17.36
N LEU F 990 4.20 -37.03 17.01
CA LEU F 990 3.03 -36.45 16.37
C LEU F 990 2.32 -35.48 17.31
N VAL F 991 2.16 -35.85 18.57
CA VAL F 991 1.46 -34.98 19.51
C VAL F 991 2.25 -33.71 19.76
N LYS F 992 3.55 -33.86 20.06
CA LYS F 992 4.37 -32.69 20.39
C LYS F 992 4.51 -31.75 19.20
N GLN F 993 4.31 -32.25 17.98
CA GLN F 993 4.41 -31.39 16.81
C GLN F 993 3.33 -30.31 16.81
N LEU F 994 2.23 -30.52 17.55
CA LEU F 994 1.18 -29.51 17.64
C LEU F 994 1.73 -28.18 18.15
N SER F 995 2.72 -28.23 19.04
CA SER F 995 3.18 -27.01 19.71
C SER F 995 3.76 -26.01 18.72
N SER F 996 4.52 -26.49 17.73
CA SER F 996 5.23 -25.59 16.84
C SER F 996 4.25 -24.73 16.04
N ASN F 997 4.67 -23.49 15.78
CA ASN F 997 3.84 -22.55 15.04
C ASN F 997 3.88 -22.74 13.54
N PHE F 998 4.75 -23.61 13.04
CA PHE F 998 4.90 -23.85 11.61
C PHE F 998 5.18 -22.55 10.86
N GLY F 999 5.96 -21.68 11.47
CA GLY F 999 6.28 -20.40 10.85
C GLY F 999 5.17 -19.38 10.91
N ALA F 1000 4.13 -19.62 11.70
CA ALA F 1000 3.06 -18.64 11.87
C ALA F 1000 3.41 -17.71 13.03
N ILE F 1001 2.45 -16.91 13.46
CA ILE F 1001 2.69 -15.95 14.53
C ILE F 1001 2.49 -16.56 15.91
N SER F 1002 1.63 -17.56 16.05
CA SER F 1002 1.41 -18.21 17.32
C SER F 1002 0.79 -19.59 17.06
N SER F 1003 0.72 -20.39 18.13
CA SER F 1003 0.27 -21.77 18.00
C SER F 1003 -1.25 -21.87 18.00
N VAL F 1004 -1.90 -21.40 19.07
CA VAL F 1004 -3.32 -21.64 19.27
C VAL F 1004 -4.12 -20.87 18.23
N LEU F 1005 -5.07 -21.56 17.59
CA LEU F 1005 -5.94 -20.90 16.62
C LEU F 1005 -6.84 -19.87 17.29
N ASN F 1006 -7.29 -20.15 18.51
CA ASN F 1006 -8.22 -19.25 19.20
C ASN F 1006 -7.57 -17.89 19.41
N ASP F 1007 -6.31 -17.86 19.82
CA ASP F 1007 -5.62 -16.59 20.01
C ASP F 1007 -5.51 -15.82 18.70
N ILE F 1008 -5.21 -16.52 17.61
CA ILE F 1008 -5.03 -15.86 16.32
C ILE F 1008 -6.35 -15.25 15.86
N LEU F 1009 -7.43 -16.02 15.91
CA LEU F 1009 -8.72 -15.52 15.44
C LEU F 1009 -9.23 -14.39 16.32
N ALA F 1010 -9.00 -14.49 17.64
CA ALA F 1010 -9.48 -13.45 18.55
C ALA F 1010 -8.70 -12.16 18.43
N ARG F 1011 -7.52 -12.19 17.82
CA ARG F 1011 -6.67 -11.01 17.74
C ARG F 1011 -6.56 -10.43 16.33
N LEU F 1012 -7.03 -11.13 15.31
CA LEU F 1012 -6.95 -10.64 13.95
C LEU F 1012 -8.23 -11.00 13.20
N ASP F 1013 -8.53 -10.20 12.18
CA ASP F 1013 -9.70 -10.44 11.33
C ASP F 1013 -9.38 -11.52 10.30
N PRO F 1014 -10.42 -12.16 9.75
CA PRO F 1014 -10.19 -13.25 8.77
C PRO F 1014 -9.34 -12.82 7.59
N PRO F 1015 -9.54 -11.62 7.01
CA PRO F 1015 -8.76 -11.28 5.80
C PRO F 1015 -7.26 -11.25 6.01
N GLU F 1016 -6.78 -11.06 7.25
CA GLU F 1016 -5.36 -11.12 7.53
C GLU F 1016 -4.95 -12.35 8.33
N ALA F 1017 -5.90 -13.02 8.99
CA ALA F 1017 -5.58 -14.22 9.76
C ALA F 1017 -5.65 -15.49 8.93
N GLU F 1018 -6.26 -15.44 7.74
CA GLU F 1018 -6.39 -16.65 6.94
C GLU F 1018 -5.04 -17.21 6.52
N VAL F 1019 -4.04 -16.34 6.34
CA VAL F 1019 -2.71 -16.82 5.97
C VAL F 1019 -2.10 -17.63 7.10
N GLN F 1020 -2.19 -17.13 8.34
CA GLN F 1020 -1.69 -17.89 9.47
C GLN F 1020 -2.46 -19.20 9.60
N ILE F 1021 -3.78 -19.15 9.42
CA ILE F 1021 -4.59 -20.34 9.58
C ILE F 1021 -4.18 -21.41 8.57
N ASP F 1022 -4.05 -21.04 7.30
CA ASP F 1022 -3.75 -22.05 6.29
C ASP F 1022 -2.30 -22.52 6.37
N ARG F 1023 -1.39 -21.66 6.85
CA ARG F 1023 -0.03 -22.13 7.11
C ARG F 1023 -0.03 -23.21 8.20
N LEU F 1024 -0.78 -22.98 9.28
CA LEU F 1024 -0.93 -24.02 10.29
C LEU F 1024 -1.55 -25.27 9.68
N ILE F 1025 -2.54 -25.10 8.82
CA ILE F 1025 -3.21 -26.25 8.21
C ILE F 1025 -2.22 -27.09 7.42
N THR F 1026 -1.38 -26.42 6.63
CA THR F 1026 -0.35 -27.13 5.87
C THR F 1026 0.59 -27.87 6.80
N GLY F 1027 0.97 -27.24 7.91
CA GLY F 1027 1.85 -27.93 8.86
C GLY F 1027 1.24 -29.20 9.39
N ARG F 1028 -0.02 -29.13 9.84
CA ARG F 1028 -0.66 -30.32 10.39
C ARG F 1028 -0.81 -31.40 9.32
N LEU F 1029 -1.14 -31.00 8.09
CA LEU F 1029 -1.27 -31.99 7.02
C LEU F 1029 0.06 -32.68 6.76
N GLN F 1030 1.16 -31.93 6.76
CA GLN F 1030 2.45 -32.56 6.56
C GLN F 1030 2.76 -33.55 7.66
N SER F 1031 2.47 -33.18 8.91
CA SER F 1031 2.73 -34.10 10.02
C SER F 1031 1.94 -35.38 9.88
N LEU F 1032 0.64 -35.26 9.55
CA LEU F 1032 -0.18 -36.46 9.38
C LEU F 1032 0.33 -37.31 8.23
N GLN F 1033 0.72 -36.69 7.12
CA GLN F 1033 1.23 -37.46 5.99
C GLN F 1033 2.45 -38.25 6.39
N THR F 1034 3.39 -37.60 7.08
CA THR F 1034 4.61 -38.29 7.49
C THR F 1034 4.28 -39.47 8.41
N TYR F 1035 3.43 -39.23 9.40
CA TYR F 1035 3.11 -40.30 10.35
C TYR F 1035 2.43 -41.47 9.64
N VAL F 1036 1.53 -41.18 8.71
CA VAL F 1036 0.84 -42.24 8.00
C VAL F 1036 1.81 -43.06 7.17
N THR F 1037 2.74 -42.40 6.49
CA THR F 1037 3.72 -43.15 5.70
C THR F 1037 4.56 -44.06 6.59
N GLN F 1038 5.02 -43.55 7.73
CA GLN F 1038 5.79 -44.38 8.64
C GLN F 1038 4.96 -45.58 9.10
N GLN F 1039 3.70 -45.35 9.43
CA GLN F 1039 2.85 -46.46 9.87
C GLN F 1039 2.68 -47.51 8.79
N LEU F 1040 2.50 -47.07 7.53
CA LEU F 1040 2.34 -48.03 6.45
C LEU F 1040 3.57 -48.91 6.30
N ILE F 1041 4.76 -48.30 6.35
CA ILE F 1041 5.97 -49.09 6.17
C ILE F 1041 6.14 -50.07 7.33
N ARG F 1042 5.92 -49.61 8.56
CA ARG F 1042 6.05 -50.50 9.71
C ARG F 1042 5.05 -51.64 9.62
N ALA F 1043 3.83 -51.35 9.15
CA ALA F 1043 2.83 -52.40 9.01
C ALA F 1043 3.25 -53.43 7.97
N ALA F 1044 3.86 -52.98 6.86
CA ALA F 1044 4.35 -53.95 5.88
C ALA F 1044 5.40 -54.86 6.48
N GLU F 1045 6.33 -54.29 7.25
CA GLU F 1045 7.34 -55.12 7.89
C GLU F 1045 6.69 -56.13 8.85
N ILE F 1046 5.73 -55.67 9.64
CA ILE F 1046 5.08 -56.55 10.61
C ILE F 1046 4.34 -57.67 9.90
N ARG F 1047 3.71 -57.37 8.75
CA ARG F 1047 3.03 -58.42 8.01
C ARG F 1047 4.02 -59.46 7.52
N ALA F 1048 5.19 -59.02 7.05
CA ALA F 1048 6.22 -59.99 6.65
C ALA F 1048 6.59 -60.89 7.82
N SER F 1049 6.80 -60.29 9.00
CA SER F 1049 7.14 -61.09 10.17
C SER F 1049 6.03 -62.06 10.53
N ALA F 1050 4.78 -61.62 10.42
CA ALA F 1050 3.66 -62.49 10.77
C ALA F 1050 3.53 -63.66 9.79
N ASN F 1051 3.78 -63.43 8.51
CA ASN F 1051 3.76 -64.53 7.55
C ASN F 1051 4.87 -65.52 7.85
N LEU F 1052 6.06 -65.03 8.20
CA LEU F 1052 7.12 -65.95 8.61
C LEU F 1052 6.69 -66.75 9.84
N ALA F 1053 6.02 -66.10 10.79
CA ALA F 1053 5.56 -66.80 11.98
C ALA F 1053 4.54 -67.88 11.63
N ALA F 1054 3.62 -67.58 10.73
CA ALA F 1054 2.64 -68.59 10.33
C ALA F 1054 3.32 -69.77 9.68
N THR F 1055 4.32 -69.51 8.82
CA THR F 1055 5.02 -70.62 8.19
C THR F 1055 5.75 -71.46 9.22
N LYS F 1056 6.39 -70.83 10.21
CA LYS F 1056 7.06 -71.60 11.26
C LYS F 1056 6.06 -72.40 12.05
N MET F 1057 4.90 -71.83 12.34
CA MET F 1057 3.89 -72.55 13.10
C MET F 1057 3.39 -73.77 12.36
N SER F 1058 3.20 -73.65 11.05
CA SER F 1058 2.65 -74.77 10.29
C SER F 1058 3.71 -75.79 9.89
N GLU F 1059 5.00 -75.44 9.96
CA GLU F 1059 6.02 -76.40 9.55
C GLU F 1059 6.87 -76.91 10.69
N CYS F 1060 6.81 -76.32 11.88
CA CYS F 1060 7.52 -76.84 13.04
C CYS F 1060 6.60 -77.55 14.02
N VAL F 1061 5.51 -76.90 14.44
CA VAL F 1061 4.61 -77.50 15.42
C VAL F 1061 3.99 -78.77 14.86
N LEU F 1062 3.45 -78.70 13.65
CA LEU F 1062 2.89 -79.87 13.00
C LEU F 1062 3.94 -80.51 12.11
N GLY F 1063 4.06 -81.82 12.23
CA GLY F 1063 5.04 -82.53 11.44
C GLY F 1063 6.46 -82.25 11.90
N GLN F 1064 7.40 -82.66 11.05
CA GLN F 1064 8.81 -82.48 11.30
C GLN F 1064 9.43 -81.79 10.09
N SER F 1065 10.51 -81.05 10.33
CA SER F 1065 11.13 -80.26 9.28
C SER F 1065 12.50 -80.81 8.92
N LYS F 1066 12.70 -81.07 7.63
CA LYS F 1066 14.02 -81.39 7.11
C LYS F 1066 14.80 -80.16 6.68
N ARG F 1067 14.17 -78.99 6.65
CA ARG F 1067 14.87 -77.76 6.33
C ARG F 1067 15.84 -77.44 7.44
N VAL F 1068 17.14 -77.67 7.18
CA VAL F 1068 18.14 -77.51 8.23
C VAL F 1068 18.17 -76.08 8.70
N ASP F 1069 18.33 -75.91 10.01
CA ASP F 1069 18.45 -74.60 10.66
C ASP F 1069 17.19 -73.75 10.49
N PHE F 1070 16.04 -74.38 10.28
CA PHE F 1070 14.79 -73.63 10.29
C PHE F 1070 14.13 -73.68 11.66
N CYS F 1071 13.75 -74.87 12.10
CA CYS F 1071 13.12 -75.04 13.40
C CYS F 1071 14.21 -75.32 14.45
N GLY F 1072 14.94 -74.26 14.79
CA GLY F 1072 15.96 -74.35 15.81
C GLY F 1072 17.26 -74.95 15.33
N LYS F 1073 18.36 -74.54 15.93
CA LYS F 1073 19.67 -75.05 15.54
C LYS F 1073 19.79 -76.54 15.84
N GLY F 1074 20.42 -77.27 14.93
CA GLY F 1074 20.55 -78.71 15.08
C GLY F 1074 19.35 -79.45 14.53
N TYR F 1075 19.39 -80.77 14.69
CA TYR F 1075 18.28 -81.60 14.24
C TYR F 1075 17.04 -81.31 15.07
N HIS F 1076 15.88 -81.50 14.44
CA HIS F 1076 14.61 -81.06 15.02
C HIS F 1076 13.73 -82.26 15.37
N LEU F 1077 13.05 -82.17 16.51
CA LEU F 1077 12.19 -83.23 17.01
C LEU F 1077 10.74 -82.79 17.21
N MET F 1078 10.50 -81.62 17.78
CA MET F 1078 9.15 -81.13 18.03
C MET F 1078 9.23 -79.65 18.38
N SER F 1079 8.10 -79.08 18.79
CA SER F 1079 8.06 -77.67 19.16
C SER F 1079 6.87 -77.47 20.09
N PHE F 1080 6.87 -76.33 20.78
CA PHE F 1080 5.79 -76.00 21.69
C PHE F 1080 5.51 -74.50 21.63
N PRO F 1081 4.42 -74.08 21.01
CA PRO F 1081 4.11 -72.65 20.95
C PRO F 1081 3.74 -72.11 22.32
N GLN F 1082 4.00 -70.82 22.50
CA GLN F 1082 3.59 -70.10 23.69
C GLN F 1082 3.18 -68.70 23.28
N SER F 1083 2.23 -68.13 24.01
CA SER F 1083 1.74 -66.80 23.71
C SER F 1083 2.59 -65.74 24.37
N ALA F 1084 2.34 -64.49 23.99
CA ALA F 1084 3.08 -63.33 24.49
C ALA F 1084 2.35 -62.07 24.09
N PRO F 1085 2.50 -60.97 24.82
CA PRO F 1085 1.78 -59.74 24.46
C PRO F 1085 2.22 -59.24 23.09
N HIS F 1086 1.28 -59.24 22.14
CA HIS F 1086 1.54 -58.84 20.76
C HIS F 1086 2.65 -59.68 20.14
N GLY F 1087 2.74 -60.95 20.51
CA GLY F 1087 3.82 -61.77 20.00
C GLY F 1087 3.53 -63.25 20.15
N VAL F 1088 4.54 -64.05 19.82
CA VAL F 1088 4.45 -65.49 19.92
C VAL F 1088 5.85 -66.02 20.19
N VAL F 1089 5.93 -67.08 20.98
CA VAL F 1089 7.19 -67.62 21.46
C VAL F 1089 7.19 -69.12 21.27
N PHE F 1090 8.22 -69.64 20.60
CA PHE F 1090 8.34 -71.07 20.36
C PHE F 1090 9.41 -71.67 21.26
N LEU F 1091 9.22 -72.93 21.62
CA LEU F 1091 10.18 -73.69 22.41
C LEU F 1091 10.58 -74.92 21.60
N HIS F 1092 11.60 -74.77 20.76
CA HIS F 1092 12.05 -75.89 19.94
C HIS F 1092 12.79 -76.91 20.78
N VAL F 1093 12.77 -78.16 20.34
CA VAL F 1093 13.44 -79.26 21.02
C VAL F 1093 14.35 -79.92 20.00
N THR F 1094 15.66 -79.84 20.22
CA THR F 1094 16.63 -80.18 19.19
C THR F 1094 17.57 -81.28 19.67
N TYR F 1095 17.65 -82.37 18.91
CA TYR F 1095 18.68 -83.37 19.11
C TYR F 1095 20.04 -82.82 18.70
N VAL F 1096 21.05 -83.05 19.55
CA VAL F 1096 22.39 -82.55 19.28
C VAL F 1096 23.42 -83.61 19.66
N PRO F 1097 24.38 -83.90 18.78
CA PRO F 1097 25.41 -84.89 19.13
C PRO F 1097 26.35 -84.42 20.22
N ALA F 1098 27.29 -85.28 20.61
CA ALA F 1098 28.17 -85.05 21.75
C ALA F 1098 29.50 -85.74 21.45
N GLN F 1099 30.27 -86.03 22.51
CA GLN F 1099 31.59 -86.63 22.41
C GLN F 1099 31.67 -87.69 21.32
N GLU F 1100 32.75 -87.67 20.56
CA GLU F 1100 32.96 -88.54 19.42
C GLU F 1100 34.18 -89.44 19.67
N LYS F 1101 34.58 -90.17 18.64
CA LYS F 1101 35.69 -91.10 18.74
C LYS F 1101 36.28 -91.30 17.35
N ASN F 1102 37.61 -91.25 17.26
CA ASN F 1102 38.27 -91.47 15.98
C ASN F 1102 38.10 -92.92 15.53
N PHE F 1103 38.08 -93.11 14.22
CA PHE F 1103 37.97 -94.44 13.64
C PHE F 1103 38.64 -94.45 12.27
N THR F 1104 38.88 -95.65 11.78
CA THR F 1104 39.38 -95.87 10.42
C THR F 1104 38.27 -96.51 9.60
N THR F 1105 38.24 -96.19 8.31
CA THR F 1105 37.16 -96.69 7.47
C THR F 1105 37.60 -96.78 6.02
N ALA F 1106 36.83 -97.53 5.24
CA ALA F 1106 37.05 -97.72 3.83
C ALA F 1106 35.71 -98.04 3.21
N PRO F 1107 35.41 -97.49 2.04
CA PRO F 1107 34.06 -97.63 1.47
C PRO F 1107 33.63 -99.07 1.22
N ALA F 1108 34.39 -99.79 0.42
CA ALA F 1108 33.97 -101.12 -0.04
C ALA F 1108 34.59 -102.22 0.80
N ILE F 1109 34.04 -103.42 0.67
CA ILE F 1109 34.57 -104.62 1.29
C ILE F 1109 34.65 -105.70 0.23
N CYS F 1110 35.82 -106.32 0.10
CA CYS F 1110 36.03 -107.38 -0.89
C CYS F 1110 36.03 -108.73 -0.17
N HIS F 1111 35.14 -109.62 -0.61
CA HIS F 1111 34.97 -110.92 0.03
C HIS F 1111 35.38 -112.08 -0.86
N ASP F 1112 34.80 -112.20 -2.05
CA ASP F 1112 35.11 -113.26 -3.00
C ASP F 1112 35.37 -112.67 -4.37
N GLY F 1113 36.19 -111.62 -4.43
CA GLY F 1113 36.38 -110.92 -5.67
C GLY F 1113 35.21 -110.06 -6.08
N LYS F 1114 34.26 -109.84 -5.18
CA LYS F 1114 33.10 -109.02 -5.45
C LYS F 1114 32.93 -108.00 -4.33
N ALA F 1115 32.35 -106.85 -4.67
CA ALA F 1115 32.28 -105.75 -3.74
C ALA F 1115 31.20 -105.98 -2.69
N HIS F 1116 31.17 -105.10 -1.70
CA HIS F 1116 30.16 -105.11 -0.65
C HIS F 1116 29.98 -103.68 -0.16
N PHE F 1117 28.76 -103.17 -0.20
CA PHE F 1117 28.48 -101.82 0.26
C PHE F 1117 27.37 -101.87 1.32
N PRO F 1118 27.46 -101.02 2.34
CA PRO F 1118 26.46 -101.06 3.41
C PRO F 1118 25.11 -100.60 2.92
N ARG F 1119 24.05 -101.23 3.45
CA ARG F 1119 22.70 -100.77 3.16
C ARG F 1119 22.42 -99.44 3.83
N GLU F 1120 22.75 -99.33 5.12
CA GLU F 1120 22.65 -98.06 5.84
C GLU F 1120 23.79 -98.02 6.85
N GLY F 1121 24.73 -97.10 6.66
CA GLY F 1121 25.80 -96.90 7.61
C GLY F 1121 27.14 -96.90 6.92
N VAL F 1122 28.19 -97.01 7.73
CA VAL F 1122 29.57 -97.02 7.24
C VAL F 1122 30.33 -98.14 7.94
N PHE F 1123 31.55 -98.37 7.47
CA PHE F 1123 32.40 -99.46 7.96
C PHE F 1123 33.48 -98.88 8.86
N VAL F 1124 33.19 -98.80 10.15
CA VAL F 1124 34.17 -98.32 11.11
C VAL F 1124 35.12 -99.45 11.49
N SER F 1125 36.32 -99.07 11.92
CA SER F 1125 37.37 -100.02 12.24
C SER F 1125 37.56 -100.11 13.74
N ASN F 1126 37.43 -101.32 14.28
CA ASN F 1126 37.85 -101.61 15.65
C ASN F 1126 39.35 -101.38 15.83
N GLY F 1127 40.11 -101.35 14.73
CA GLY F 1127 41.54 -101.49 14.77
C GLY F 1127 42.01 -102.91 14.56
N THR F 1128 41.14 -103.88 14.78
CA THR F 1128 41.38 -105.30 14.54
C THR F 1128 40.27 -105.95 13.71
N HIS F 1129 39.03 -105.54 13.90
CA HIS F 1129 37.88 -106.08 13.19
C HIS F 1129 37.21 -104.97 12.39
N TRP F 1130 36.05 -105.30 11.81
CA TRP F 1130 35.27 -104.34 11.05
C TRP F 1130 33.82 -104.41 11.50
N PHE F 1131 33.10 -103.30 11.33
CA PHE F 1131 31.73 -103.22 11.79
C PHE F 1131 30.94 -102.33 10.83
N VAL F 1132 29.62 -102.42 10.92
CA VAL F 1132 28.72 -101.50 10.26
C VAL F 1132 27.83 -100.88 11.33
N THR F 1133 27.71 -99.56 11.31
CA THR F 1133 27.03 -98.83 12.37
C THR F 1133 26.16 -97.73 11.78
N GLN F 1134 25.22 -97.25 12.58
CA GLN F 1134 24.38 -96.14 12.15
C GLN F 1134 25.23 -94.90 11.90
N ARG F 1135 24.66 -93.99 11.11
CA ARG F 1135 25.41 -92.83 10.65
C ARG F 1135 25.55 -91.76 11.73
N ASN F 1136 24.76 -91.83 12.81
CA ASN F 1136 24.73 -90.77 13.79
C ASN F 1136 24.82 -91.24 15.23
N PHE F 1137 25.01 -92.53 15.47
CA PHE F 1137 25.12 -93.03 16.84
C PHE F 1137 25.84 -94.36 16.81
N TYR F 1138 26.95 -94.46 17.53
CA TYR F 1138 27.81 -95.64 17.49
C TYR F 1138 27.06 -96.88 17.94
N GLU F 1139 26.83 -97.80 17.01
CA GLU F 1139 26.22 -99.09 17.30
C GLU F 1139 26.92 -100.14 16.45
N PRO F 1140 27.92 -100.82 16.99
CA PRO F 1140 28.62 -101.83 16.22
C PRO F 1140 27.77 -103.08 16.01
N GLN F 1141 27.77 -103.59 14.77
CA GLN F 1141 27.11 -104.84 14.44
C GLN F 1141 28.08 -105.72 13.68
N ILE F 1142 27.65 -106.94 13.42
CA ILE F 1142 28.45 -107.92 12.67
C ILE F 1142 28.06 -107.85 11.20
N ILE F 1143 29.06 -107.75 10.34
CA ILE F 1143 28.81 -107.59 8.91
C ILE F 1143 28.27 -108.89 8.33
N THR F 1144 26.98 -108.92 8.06
CA THR F 1144 26.33 -110.06 7.43
C THR F 1144 25.90 -109.70 6.02
N THR F 1145 25.22 -110.63 5.36
CA THR F 1145 24.60 -110.34 4.09
C THR F 1145 23.30 -109.57 4.23
N HIS F 1146 22.79 -109.43 5.45
CA HIS F 1146 21.58 -108.66 5.71
C HIS F 1146 21.85 -107.18 5.91
N ASN F 1147 23.11 -106.76 5.84
CA ASN F 1147 23.45 -105.35 5.95
C ASN F 1147 24.14 -104.81 4.71
N THR F 1148 24.49 -105.65 3.74
CA THR F 1148 25.21 -105.21 2.57
C THR F 1148 24.62 -105.86 1.31
N PHE F 1149 24.85 -105.21 0.18
CA PHE F 1149 24.48 -105.74 -1.12
C PHE F 1149 25.66 -105.60 -2.07
N VAL F 1150 25.72 -106.48 -3.06
CA VAL F 1150 26.90 -106.63 -3.89
C VAL F 1150 26.63 -106.05 -5.27
N SER F 1151 27.68 -105.56 -5.90
CA SER F 1151 27.60 -105.04 -7.26
C SER F 1151 29.00 -104.96 -7.84
N GLY F 1152 29.28 -105.74 -8.88
CA GLY F 1152 30.54 -105.69 -9.56
C GLY F 1152 31.66 -106.39 -8.80
N ASN F 1153 32.82 -106.44 -9.43
CA ASN F 1153 33.98 -107.12 -8.87
C ASN F 1153 34.75 -106.17 -7.96
N CYS F 1154 35.95 -106.57 -7.55
CA CYS F 1154 36.81 -105.78 -6.69
C CYS F 1154 37.89 -105.03 -7.46
N ASP F 1155 37.82 -105.04 -8.79
CA ASP F 1155 38.90 -104.52 -9.62
C ASP F 1155 38.70 -103.08 -10.07
N VAL F 1156 37.64 -102.41 -9.62
CA VAL F 1156 37.35 -101.07 -10.10
C VAL F 1156 37.24 -100.03 -8.99
N VAL F 1157 36.94 -100.42 -7.76
CA VAL F 1157 36.77 -99.45 -6.69
C VAL F 1157 38.12 -98.83 -6.33
N ILE F 1158 38.12 -97.54 -5.99
CA ILE F 1158 39.37 -96.85 -5.72
C ILE F 1158 39.99 -97.30 -4.41
N GLY F 1159 39.18 -97.64 -3.42
CA GLY F 1159 39.71 -98.11 -2.15
C GLY F 1159 38.89 -99.25 -1.60
N ILE F 1160 39.56 -100.25 -1.01
CA ILE F 1160 38.87 -101.47 -0.59
C ILE F 1160 39.73 -102.17 0.44
N VAL F 1161 39.11 -103.05 1.23
CA VAL F 1161 39.79 -103.79 2.28
C VAL F 1161 39.38 -105.26 2.20
N ASN F 1162 40.37 -106.14 2.32
CA ASN F 1162 40.10 -107.57 2.41
C ASN F 1162 39.43 -107.90 3.73
N ASN F 1163 38.39 -108.73 3.68
CA ASN F 1163 37.75 -109.25 4.88
C ASN F 1163 36.78 -110.35 4.46
N THR F 1164 36.08 -110.90 5.45
CA THR F 1164 35.13 -111.98 5.24
C THR F 1164 33.78 -111.57 5.83
N VAL F 1165 32.72 -111.79 5.05
CA VAL F 1165 31.36 -111.49 5.48
C VAL F 1165 30.72 -112.77 5.99
N TYR F 1166 30.36 -112.80 7.26
CA TYR F 1166 29.67 -113.95 7.82
C TYR F 1166 28.31 -114.11 7.17
N ASP F 1167 27.86 -115.35 7.06
CA ASP F 1167 26.57 -115.67 6.48
C ASP F 1167 25.68 -116.34 7.52
N PRO F 1168 24.41 -115.93 7.64
CA PRO F 1168 23.54 -116.55 8.64
C PRO F 1168 23.13 -117.97 8.30
N LEU F 1169 23.04 -118.31 7.01
CA LEU F 1169 22.48 -119.61 6.63
C LEU F 1169 23.43 -120.75 6.94
N GLN F 1170 24.74 -120.53 6.84
CA GLN F 1170 25.69 -121.63 6.96
C GLN F 1170 25.62 -122.35 8.31
N PRO F 1171 25.67 -121.66 9.46
CA PRO F 1171 25.55 -122.40 10.73
C PRO F 1171 24.24 -123.15 10.87
N GLU F 1172 23.16 -122.61 10.32
CA GLU F 1172 21.87 -123.28 10.39
C GLU F 1172 21.79 -124.45 9.41
N LEU F 1173 22.69 -124.51 8.43
CA LEU F 1173 22.68 -125.59 7.44
C LEU F 1173 23.11 -126.93 8.01
N ASP F 1174 23.31 -127.06 9.32
CA ASP F 1174 23.72 -128.33 9.91
C ASP F 1174 22.57 -129.33 9.90
#